data_2BMA
#
_entry.id   2BMA
#
_cell.length_a   167.612
_cell.length_b   96.851
_cell.length_c   196.192
_cell.angle_alpha   90.00
_cell.angle_beta   91.72
_cell.angle_gamma   90.00
#
_symmetry.space_group_name_H-M   'C 1 2 1'
#
_entity_poly.entity_id   1
_entity_poly.type   'polypeptide(L)'
_entity_poly.pdbx_seq_one_letter_code
;MSALKDKTGRFVVLDKNASNYESLVDQEMNNVYERVMKLDPNQVEFLQAFHEILYSLKPLFMEEPKYLPIIETLSEPERA
IQFRVCWLDDNGVQRKNRCFRVQYNSALGPYKGGLRFHPSVNLSIVKFLGFEQIFKNSLTGLSMGGGKGGSDFDPKGKSD
NEILKFCQAFMNELYRHIGPCTDVPAGDIGVGGREIGYLYGQYKKIVNSFNGTLTGKNVKWGGSNLRVEATGYGLVYFVL
EVLKSLNIPVEKQTAVVSGSGNVALYCVQKLLHLNVKVLTLSDSNGYVYEPNGFTHENLEFLIDLKEEKKGRIKEYLNHS
STAKYFPNEKPWGVPCTLAFPCATQNDVDLDQAKLLQKNGCILVGEGANMPSTVDAINLFKSNNIIYCPSKAANAGGVAI
SGLEMSQNFQFSHWTRETVDEKLKEIMRNIFIACSENALKYTKNKYDLQAGANIAGFLKVAESYIEQGCF
;
_entity_poly.pdbx_strand_id   A,B,C,D,E,F
#
# COMPACT_ATOMS: atom_id res chain seq x y z
N LEU A 4 0.59 20.75 -40.77
CA LEU A 4 -0.48 19.73 -40.57
C LEU A 4 -0.51 19.23 -39.11
N LYS A 5 0.65 19.25 -38.44
CA LYS A 5 0.73 18.82 -37.04
C LYS A 5 1.77 19.64 -36.25
N ASP A 6 1.72 19.57 -34.92
CA ASP A 6 2.67 20.33 -34.10
C ASP A 6 4.02 19.62 -33.99
N LYS A 7 4.95 20.21 -33.24
CA LYS A 7 6.29 19.62 -33.06
C LYS A 7 6.19 18.16 -32.64
N THR A 8 5.14 17.89 -31.88
CA THR A 8 4.85 16.57 -31.32
C THR A 8 4.19 15.62 -32.32
N GLY A 9 3.55 16.19 -33.33
CA GLY A 9 2.88 15.36 -34.32
C GLY A 9 1.72 14.60 -33.71
N ARG A 10 1.20 15.09 -32.58
CA ARG A 10 0.09 14.44 -31.91
C ARG A 10 -1.21 15.18 -32.09
N PHE A 11 -1.12 16.48 -32.35
CA PHE A 11 -2.30 17.31 -32.57
C PHE A 11 -2.32 17.81 -34.00
N VAL A 12 -3.49 18.19 -34.49
CA VAL A 12 -3.57 18.70 -35.85
C VAL A 12 -3.65 20.22 -35.90
N VAL A 13 -2.62 20.82 -36.49
CA VAL A 13 -2.53 22.27 -36.63
C VAL A 13 -3.40 22.70 -37.81
N LEU A 14 -4.04 23.86 -37.67
CA LEU A 14 -4.93 24.36 -38.69
C LEU A 14 -4.26 24.97 -39.94
N ASP A 15 -3.04 25.47 -39.77
CA ASP A 15 -2.28 26.12 -40.85
C ASP A 15 -2.58 27.60 -40.66
N LYS A 16 -1.66 28.30 -40.01
CA LYS A 16 -1.86 29.72 -39.73
C LYS A 16 -1.58 30.56 -40.98
N ASN A 17 -1.26 29.89 -42.09
CA ASN A 17 -0.98 30.59 -43.32
C ASN A 17 -1.76 30.03 -44.52
N ALA A 18 -3.05 29.79 -44.30
CA ALA A 18 -3.94 29.31 -45.35
C ALA A 18 -4.83 30.54 -45.53
N SER A 19 -5.40 30.75 -46.73
CA SER A 19 -6.25 31.93 -46.97
C SER A 19 -7.44 32.01 -45.99
N ASN A 20 -8.28 30.98 -46.02
CA ASN A 20 -9.45 30.86 -45.19
C ASN A 20 -9.17 30.90 -43.66
N TYR A 21 -7.98 30.45 -43.25
CA TYR A 21 -7.58 30.36 -41.84
C TYR A 21 -8.51 30.97 -40.74
N GLU A 22 -8.65 32.30 -40.69
CA GLU A 22 -9.52 32.91 -39.68
C GLU A 22 -10.91 32.27 -39.59
N SER A 23 -11.38 31.65 -40.67
CA SER A 23 -12.69 31.00 -40.65
C SER A 23 -12.58 29.65 -39.95
N LEU A 24 -11.51 28.93 -40.25
CA LEU A 24 -11.26 27.63 -39.64
C LEU A 24 -11.16 27.78 -38.11
N VAL A 25 -10.50 28.83 -37.63
CA VAL A 25 -10.39 29.05 -36.19
C VAL A 25 -11.78 29.33 -35.61
N ASP A 26 -12.69 29.81 -36.46
CA ASP A 26 -14.05 30.09 -36.02
C ASP A 26 -14.94 28.85 -36.14
N GLN A 27 -14.67 28.02 -37.15
CA GLN A 27 -15.46 26.82 -37.35
C GLN A 27 -14.98 25.73 -36.38
N GLU A 28 -13.69 25.39 -36.42
CA GLU A 28 -13.18 24.35 -35.52
C GLU A 28 -13.54 24.63 -34.07
N MET A 29 -13.62 25.91 -33.69
CA MET A 29 -13.97 26.28 -32.32
C MET A 29 -15.43 25.91 -32.15
N ASN A 30 -16.22 26.23 -33.17
CA ASN A 30 -17.64 25.92 -33.15
C ASN A 30 -17.73 24.40 -33.07
N ASN A 31 -16.81 23.71 -33.73
CA ASN A 31 -16.82 22.25 -33.70
C ASN A 31 -16.47 21.67 -32.32
N VAL A 32 -15.53 22.32 -31.63
CA VAL A 32 -15.12 21.87 -30.31
C VAL A 32 -16.26 21.99 -29.30
N TYR A 33 -17.11 23.00 -29.46
CA TYR A 33 -18.23 23.18 -28.55
C TYR A 33 -19.35 22.22 -28.90
N GLU A 34 -19.30 21.69 -30.11
CA GLU A 34 -20.33 20.78 -30.61
C GLU A 34 -20.25 19.45 -29.90
N ARG A 35 -19.09 18.84 -30.08
CA ARG A 35 -18.83 17.56 -29.49
C ARG A 35 -18.93 17.65 -27.98
N VAL A 36 -18.39 18.73 -27.41
CA VAL A 36 -18.43 18.95 -25.97
C VAL A 36 -19.88 18.93 -25.50
N MET A 37 -20.73 19.64 -26.24
CA MET A 37 -22.15 19.74 -25.91
C MET A 37 -22.87 18.41 -26.07
N LYS A 38 -22.62 17.71 -27.17
CA LYS A 38 -23.24 16.39 -27.40
C LYS A 38 -22.80 15.39 -26.35
N LEU A 39 -21.63 15.60 -25.74
CA LEU A 39 -21.12 14.73 -24.71
C LEU A 39 -21.93 14.91 -23.43
N ASP A 40 -22.09 16.18 -23.02
CA ASP A 40 -22.84 16.57 -21.82
C ASP A 40 -24.01 17.48 -22.22
N PRO A 41 -24.99 16.96 -22.97
CA PRO A 41 -26.16 17.71 -23.44
C PRO A 41 -26.89 18.58 -22.43
N ASN A 42 -26.91 18.18 -21.16
CA ASN A 42 -27.65 18.96 -20.17
C ASN A 42 -26.92 19.54 -18.97
N GLN A 43 -25.62 19.63 -19.06
CA GLN A 43 -24.86 20.23 -17.99
C GLN A 43 -24.89 21.70 -18.37
N VAL A 44 -25.97 22.38 -18.00
CA VAL A 44 -26.10 23.79 -18.35
C VAL A 44 -24.95 24.66 -17.85
N GLU A 45 -24.76 24.71 -16.54
CA GLU A 45 -23.70 25.54 -15.98
C GLU A 45 -22.32 25.21 -16.58
N PHE A 46 -22.03 23.91 -16.73
CA PHE A 46 -20.75 23.47 -17.28
C PHE A 46 -20.52 23.99 -18.69
N LEU A 47 -21.43 23.70 -19.61
CA LEU A 47 -21.27 24.15 -20.99
C LEU A 47 -21.09 25.67 -21.08
N GLN A 48 -21.62 26.39 -20.10
CA GLN A 48 -21.51 27.85 -20.13
C GLN A 48 -20.11 28.33 -19.78
N ALA A 49 -19.53 27.77 -18.73
CA ALA A 49 -18.19 28.16 -18.33
C ALA A 49 -17.20 27.73 -19.40
N PHE A 50 -17.49 26.63 -20.09
CA PHE A 50 -16.60 26.15 -21.14
C PHE A 50 -16.66 27.06 -22.36
N HIS A 51 -17.86 27.18 -22.94
CA HIS A 51 -18.07 28.02 -24.12
C HIS A 51 -17.48 29.39 -23.84
N GLU A 52 -17.69 29.86 -22.63
CA GLU A 52 -17.24 31.17 -22.20
C GLU A 52 -15.72 31.29 -22.27
N ILE A 53 -15.02 30.29 -21.74
CA ILE A 53 -13.56 30.30 -21.78
C ILE A 53 -13.12 30.03 -23.22
N LEU A 54 -13.80 29.08 -23.88
CA LEU A 54 -13.48 28.72 -25.24
C LEU A 54 -13.30 29.96 -26.11
N TYR A 55 -14.37 30.73 -26.25
CA TYR A 55 -14.33 31.94 -27.07
C TYR A 55 -13.42 33.08 -26.58
N SER A 56 -13.25 33.20 -25.26
CA SER A 56 -12.38 34.24 -24.74
C SER A 56 -10.92 33.97 -25.18
N LEU A 57 -10.62 32.70 -25.45
CA LEU A 57 -9.29 32.26 -25.85
C LEU A 57 -8.96 32.30 -27.34
N LYS A 58 -9.89 32.78 -28.14
CA LYS A 58 -9.66 32.89 -29.58
C LYS A 58 -8.38 33.67 -29.92
N PRO A 59 -8.02 34.67 -29.11
CA PRO A 59 -6.79 35.43 -29.38
C PRO A 59 -5.57 34.49 -29.34
N LEU A 60 -5.61 33.53 -28.40
CA LEU A 60 -4.56 32.55 -28.21
C LEU A 60 -4.55 31.47 -29.28
N PHE A 61 -5.72 31.10 -29.79
CA PHE A 61 -5.78 30.07 -30.83
C PHE A 61 -5.23 30.65 -32.12
N MET A 62 -5.61 31.90 -32.40
CA MET A 62 -5.16 32.61 -33.60
C MET A 62 -3.67 32.37 -33.84
N GLU A 63 -2.85 32.57 -32.80
CA GLU A 63 -1.42 32.35 -32.93
C GLU A 63 -1.11 30.86 -32.92
N GLU A 64 -1.64 30.18 -31.90
CA GLU A 64 -1.43 28.75 -31.68
C GLU A 64 -2.71 27.93 -31.82
N PRO A 65 -2.95 27.33 -33.00
CA PRO A 65 -4.17 26.53 -33.17
C PRO A 65 -4.04 25.12 -32.58
N LYS A 66 -2.83 24.76 -32.15
CA LYS A 66 -2.64 23.45 -31.57
C LYS A 66 -3.47 23.35 -30.31
N TYR A 67 -3.76 24.51 -29.71
CA TYR A 67 -4.53 24.59 -28.45
C TYR A 67 -6.04 24.36 -28.58
N LEU A 68 -6.54 24.10 -29.78
CA LEU A 68 -7.96 23.84 -29.92
C LEU A 68 -8.21 22.39 -29.48
N PRO A 69 -7.47 21.42 -30.06
CA PRO A 69 -7.60 20.00 -29.73
C PRO A 69 -7.40 19.79 -28.23
N ILE A 70 -6.47 20.56 -27.66
CA ILE A 70 -6.17 20.49 -26.24
C ILE A 70 -7.30 20.94 -25.31
N ILE A 71 -7.77 22.18 -25.44
CA ILE A 71 -8.85 22.64 -24.58
C ILE A 71 -10.00 21.64 -24.68
N GLU A 72 -10.19 21.07 -25.85
CA GLU A 72 -11.27 20.09 -25.99
C GLU A 72 -11.02 18.89 -25.09
N THR A 73 -9.76 18.46 -24.98
CA THR A 73 -9.39 17.32 -24.16
C THR A 73 -9.39 17.64 -22.67
N LEU A 74 -8.95 18.84 -22.32
CA LEU A 74 -8.90 19.27 -20.93
C LEU A 74 -10.29 19.60 -20.38
N SER A 75 -11.28 19.72 -21.25
CA SER A 75 -12.64 20.02 -20.83
C SER A 75 -13.22 18.79 -20.15
N GLU A 76 -12.55 17.67 -20.33
CA GLU A 76 -12.97 16.39 -19.78
C GLU A 76 -12.09 16.08 -18.59
N PRO A 77 -12.72 15.95 -17.41
CA PRO A 77 -12.06 15.65 -16.13
C PRO A 77 -11.18 14.42 -16.29
N GLU A 78 -9.99 14.46 -15.71
CA GLU A 78 -9.09 13.34 -15.79
C GLU A 78 -9.73 12.18 -15.05
N ARG A 79 -10.52 12.54 -14.03
CA ARG A 79 -11.22 11.57 -13.21
C ARG A 79 -12.39 12.28 -12.53
N ALA A 80 -13.55 11.64 -12.47
CA ALA A 80 -14.71 12.26 -11.85
C ALA A 80 -15.49 11.23 -11.04
N ILE A 81 -15.21 11.18 -9.73
CA ILE A 81 -15.85 10.22 -8.82
C ILE A 81 -17.14 10.70 -8.19
N GLN A 82 -18.20 9.92 -8.37
CA GLN A 82 -19.52 10.20 -7.82
C GLN A 82 -19.75 9.04 -6.86
N PHE A 83 -20.30 9.32 -5.69
CA PHE A 83 -20.51 8.25 -4.73
C PHE A 83 -21.67 8.45 -3.77
N ARG A 84 -22.24 7.34 -3.35
CA ARG A 84 -23.35 7.40 -2.42
C ARG A 84 -22.77 7.45 -1.01
N VAL A 85 -23.49 8.12 -0.13
CA VAL A 85 -23.10 8.24 1.26
C VAL A 85 -24.36 8.11 2.09
N CYS A 86 -24.35 7.21 3.06
CA CYS A 86 -25.49 7.03 3.95
C CYS A 86 -25.08 7.32 5.39
N TRP A 87 -25.89 8.13 6.07
CA TRP A 87 -25.64 8.52 7.44
C TRP A 87 -26.92 8.50 8.25
N LEU A 88 -26.80 8.23 9.55
CA LEU A 88 -27.96 8.22 10.42
C LEU A 88 -28.24 9.67 10.81
N ASP A 89 -29.51 10.08 10.80
CA ASP A 89 -29.83 11.44 11.20
C ASP A 89 -30.05 11.40 12.70
N ASP A 90 -30.48 12.50 13.29
CA ASP A 90 -30.66 12.51 14.73
C ASP A 90 -31.82 11.65 15.21
N ASN A 91 -32.83 11.47 14.37
CA ASN A 91 -33.96 10.67 14.77
C ASN A 91 -33.63 9.20 14.63
N GLY A 92 -32.41 8.91 14.17
CA GLY A 92 -32.01 7.53 13.98
C GLY A 92 -32.30 7.00 12.59
N VAL A 93 -32.99 7.80 11.77
CA VAL A 93 -33.31 7.37 10.41
C VAL A 93 -32.09 7.40 9.49
N GLN A 94 -31.94 6.36 8.67
CA GLN A 94 -30.81 6.29 7.75
C GLN A 94 -31.07 7.18 6.55
N ARG A 95 -30.15 8.09 6.26
CA ARG A 95 -30.27 9.03 5.15
C ARG A 95 -29.29 8.78 4.02
N LYS A 96 -29.55 9.37 2.86
CA LYS A 96 -28.69 9.20 1.67
C LYS A 96 -28.42 10.53 0.99
N ASN A 97 -27.27 10.60 0.33
CA ASN A 97 -26.89 11.80 -0.40
C ASN A 97 -25.88 11.46 -1.48
N ARG A 98 -25.96 12.18 -2.58
CA ARG A 98 -25.05 11.97 -3.69
C ARG A 98 -23.84 12.83 -3.41
N CYS A 99 -22.65 12.34 -3.75
CA CYS A 99 -21.45 13.10 -3.52
C CYS A 99 -20.53 13.16 -4.74
N PHE A 100 -19.58 14.08 -4.75
CA PHE A 100 -18.68 14.24 -5.88
C PHE A 100 -17.27 14.65 -5.54
N ARG A 101 -16.39 14.41 -6.51
CA ARG A 101 -15.01 14.82 -6.42
C ARG A 101 -14.48 14.72 -7.82
N VAL A 102 -14.51 15.85 -8.51
CA VAL A 102 -14.03 15.89 -9.88
C VAL A 102 -12.57 16.32 -9.89
N GLN A 103 -11.68 15.37 -10.17
CA GLN A 103 -10.26 15.69 -10.25
C GLN A 103 -10.07 16.07 -11.71
N TYR A 104 -10.09 17.38 -11.98
CA TYR A 104 -10.01 17.91 -13.32
C TYR A 104 -8.70 17.89 -14.10
N ASN A 105 -7.66 18.46 -13.51
CA ASN A 105 -6.40 18.54 -14.22
C ASN A 105 -5.27 18.52 -13.21
N SER A 106 -4.17 17.85 -13.54
CA SER A 106 -3.04 17.76 -12.65
C SER A 106 -1.74 18.06 -13.39
N ALA A 107 -1.76 19.10 -14.21
CA ALA A 107 -0.57 19.46 -14.94
C ALA A 107 0.39 20.29 -14.07
N LEU A 108 -0.12 21.32 -13.41
CA LEU A 108 0.73 22.19 -12.59
C LEU A 108 0.88 21.73 -11.16
N GLY A 109 0.19 20.66 -10.79
CA GLY A 109 0.27 20.16 -9.44
C GLY A 109 -0.86 19.23 -9.07
N PRO A 110 -1.00 18.84 -7.79
CA PRO A 110 -2.06 17.95 -7.31
C PRO A 110 -3.39 18.62 -7.56
N TYR A 111 -4.48 17.87 -7.49
CA TYR A 111 -5.78 18.48 -7.68
C TYR A 111 -6.15 19.38 -6.50
N LYS A 112 -6.58 20.60 -6.80
CA LYS A 112 -6.99 21.57 -5.76
C LYS A 112 -8.39 22.09 -6.01
N GLY A 113 -9.16 22.16 -4.94
CA GLY A 113 -10.52 22.64 -5.05
C GLY A 113 -11.37 22.33 -3.82
N GLY A 114 -12.22 23.28 -3.47
CA GLY A 114 -13.09 23.10 -2.32
C GLY A 114 -14.21 22.12 -2.56
N LEU A 115 -14.99 21.90 -1.52
CA LEU A 115 -16.13 21.00 -1.56
C LEU A 115 -17.33 21.88 -1.25
N ARG A 116 -18.49 21.57 -1.80
CA ARG A 116 -19.66 22.37 -1.56
C ARG A 116 -20.83 21.47 -1.21
N PHE A 117 -21.53 21.79 -0.13
CA PHE A 117 -22.69 21.00 0.29
C PHE A 117 -23.93 21.86 0.18
N HIS A 118 -24.58 21.81 -0.98
CA HIS A 118 -25.77 22.60 -1.24
C HIS A 118 -26.80 21.71 -1.92
N PRO A 119 -28.08 21.82 -1.54
CA PRO A 119 -29.11 21.00 -2.14
C PRO A 119 -29.07 21.13 -3.66
N SER A 120 -28.47 22.21 -4.12
CA SER A 120 -28.37 22.48 -5.55
C SER A 120 -27.25 21.72 -6.25
N VAL A 121 -26.23 21.31 -5.52
CA VAL A 121 -25.08 20.61 -6.11
C VAL A 121 -25.39 19.38 -6.98
N ASN A 122 -24.61 19.26 -8.05
CA ASN A 122 -24.73 18.16 -8.98
C ASN A 122 -23.49 18.14 -9.87
N LEU A 123 -23.41 17.19 -10.79
CA LEU A 123 -22.24 17.07 -11.65
C LEU A 123 -21.95 18.30 -12.51
N SER A 124 -22.99 18.86 -13.12
CA SER A 124 -22.84 20.05 -13.96
C SER A 124 -22.24 21.20 -13.15
N ILE A 125 -22.83 21.47 -11.99
CA ILE A 125 -22.32 22.54 -11.14
C ILE A 125 -20.89 22.25 -10.70
N VAL A 126 -20.65 21.04 -10.20
CA VAL A 126 -19.31 20.68 -9.75
C VAL A 126 -18.28 20.83 -10.86
N LYS A 127 -18.63 20.39 -12.08
CA LYS A 127 -17.73 20.48 -13.21
C LYS A 127 -17.44 21.93 -13.62
N PHE A 128 -18.49 22.76 -13.60
CA PHE A 128 -18.36 24.17 -13.93
C PHE A 128 -17.42 24.83 -12.92
N LEU A 129 -17.69 24.62 -11.64
CA LEU A 129 -16.85 25.18 -10.58
C LEU A 129 -15.46 24.58 -10.66
N GLY A 130 -15.42 23.27 -10.94
CA GLY A 130 -14.16 22.57 -11.06
C GLY A 130 -13.33 23.00 -12.24
N PHE A 131 -13.95 23.08 -13.43
CA PHE A 131 -13.20 23.51 -14.60
C PHE A 131 -12.51 24.85 -14.34
N GLU A 132 -13.27 25.86 -13.92
CA GLU A 132 -12.69 27.16 -13.68
C GLU A 132 -11.58 27.10 -12.64
N GLN A 133 -11.71 26.21 -11.64
CA GLN A 133 -10.68 26.10 -10.61
C GLN A 133 -9.29 25.91 -11.22
N ILE A 134 -9.23 25.14 -12.29
CA ILE A 134 -7.97 24.88 -12.96
C ILE A 134 -7.22 26.19 -13.20
N PHE A 135 -7.66 26.90 -14.22
CA PHE A 135 -7.07 28.17 -14.62
C PHE A 135 -6.89 29.12 -13.44
N LYS A 136 -7.92 29.25 -12.61
CA LYS A 136 -7.81 30.14 -11.46
C LYS A 136 -6.60 29.75 -10.63
N ASN A 137 -6.46 28.45 -10.38
CA ASN A 137 -5.35 27.97 -9.59
C ASN A 137 -4.06 28.06 -10.39
N SER A 138 -4.19 28.25 -11.70
CA SER A 138 -3.03 28.37 -12.58
C SER A 138 -2.38 29.76 -12.46
N LEU A 139 -3.23 30.78 -12.36
CA LEU A 139 -2.77 32.16 -12.26
C LEU A 139 -2.09 32.53 -10.93
N THR A 140 -2.28 31.69 -9.90
CA THR A 140 -1.65 31.93 -8.60
C THR A 140 -0.14 31.78 -8.72
N GLY A 141 0.30 30.96 -9.67
CA GLY A 141 1.72 30.72 -9.84
C GLY A 141 2.21 29.55 -9.01
N LEU A 142 1.37 29.06 -8.10
CA LEU A 142 1.74 27.94 -7.25
C LEU A 142 1.50 26.64 -8.00
N SER A 143 1.87 25.50 -7.37
CA SER A 143 1.70 24.20 -8.03
C SER A 143 0.36 23.56 -7.68
N MET A 144 -0.72 24.13 -8.22
CA MET A 144 -2.04 23.62 -7.92
C MET A 144 -2.88 23.21 -9.14
N GLY A 145 -3.25 21.94 -9.18
CA GLY A 145 -4.07 21.43 -10.26
C GLY A 145 -5.51 21.81 -9.94
N GLY A 146 -6.45 21.40 -10.76
CA GLY A 146 -7.83 21.77 -10.49
C GLY A 146 -8.81 20.68 -10.13
N GLY A 147 -9.74 21.01 -9.25
CA GLY A 147 -10.75 20.06 -8.86
C GLY A 147 -11.80 20.69 -7.99
N LYS A 148 -13.00 20.09 -7.97
CA LYS A 148 -14.10 20.59 -7.15
C LYS A 148 -14.83 19.37 -6.62
N GLY A 149 -15.47 19.49 -5.45
CA GLY A 149 -16.19 18.36 -4.88
C GLY A 149 -17.50 18.77 -4.22
N GLY A 150 -18.02 17.93 -3.33
CA GLY A 150 -19.26 18.29 -2.67
C GLY A 150 -20.35 17.24 -2.64
N SER A 151 -21.51 17.65 -2.14
CA SER A 151 -22.66 16.76 -2.04
C SER A 151 -23.95 17.57 -2.09
N ASP A 152 -25.05 16.93 -2.45
CA ASP A 152 -26.34 17.61 -2.50
C ASP A 152 -26.92 17.65 -1.09
N PHE A 153 -26.02 17.49 -0.12
CA PHE A 153 -26.37 17.49 1.29
C PHE A 153 -26.59 18.92 1.79
N ASP A 154 -27.61 19.10 2.61
CA ASP A 154 -27.92 20.41 3.13
C ASP A 154 -27.75 20.55 4.65
N PRO A 155 -26.73 21.33 5.10
CA PRO A 155 -26.44 21.56 6.52
C PRO A 155 -27.59 22.31 7.21
N LYS A 156 -28.14 23.30 6.53
CA LYS A 156 -29.24 24.07 7.08
C LYS A 156 -30.28 23.12 7.67
N GLY A 157 -30.49 23.23 8.98
CA GLY A 157 -31.47 22.38 9.63
C GLY A 157 -30.85 21.21 10.36
N LYS A 158 -29.60 20.91 10.04
CA LYS A 158 -28.90 19.81 10.66
C LYS A 158 -28.25 20.21 11.99
N SER A 159 -28.09 19.24 12.87
CA SER A 159 -27.46 19.49 14.17
C SER A 159 -25.96 19.42 13.92
N ASP A 160 -25.19 19.81 14.93
CA ASP A 160 -23.75 19.75 14.76
C ASP A 160 -23.39 18.28 14.65
N ASN A 161 -24.13 17.42 15.36
CA ASN A 161 -23.89 15.98 15.34
C ASN A 161 -24.14 15.36 13.99
N GLU A 162 -25.16 15.88 13.30
CA GLU A 162 -25.50 15.39 11.99
C GLU A 162 -24.42 15.76 10.96
N ILE A 163 -23.89 16.98 11.07
CA ILE A 163 -22.86 17.43 10.15
C ILE A 163 -21.56 16.62 10.37
N LEU A 164 -21.40 16.08 11.58
CA LEU A 164 -20.23 15.26 11.88
C LEU A 164 -20.43 13.87 11.25
N LYS A 165 -21.58 13.25 11.52
CA LYS A 165 -21.92 11.93 10.98
C LYS A 165 -21.83 11.96 9.47
N PHE A 166 -22.28 13.04 8.85
CA PHE A 166 -22.21 13.14 7.40
C PHE A 166 -20.79 13.33 6.91
N CYS A 167 -20.00 14.11 7.63
CA CYS A 167 -18.62 14.38 7.22
C CYS A 167 -17.77 13.13 7.31
N GLN A 168 -17.99 12.33 8.36
CA GLN A 168 -17.21 11.12 8.54
C GLN A 168 -17.61 10.12 7.47
N ALA A 169 -18.89 10.10 7.16
CA ALA A 169 -19.40 9.21 6.14
C ALA A 169 -18.81 9.63 4.79
N PHE A 170 -18.75 10.94 4.56
CA PHE A 170 -18.22 11.50 3.31
C PHE A 170 -16.79 11.06 3.09
N MET A 171 -15.97 11.28 4.11
CA MET A 171 -14.55 10.94 4.12
C MET A 171 -14.24 9.42 4.08
N ASN A 172 -15.17 8.59 4.53
CA ASN A 172 -14.96 7.15 4.53
C ASN A 172 -14.86 6.64 3.10
N GLU A 173 -15.32 7.47 2.16
CA GLU A 173 -15.25 7.13 0.77
C GLU A 173 -14.20 7.99 0.07
N LEU A 174 -14.24 9.29 0.35
CA LEU A 174 -13.32 10.22 -0.26
C LEU A 174 -11.84 10.08 0.12
N TYR A 175 -11.52 9.43 1.24
CA TYR A 175 -10.12 9.34 1.63
C TYR A 175 -9.23 8.58 0.65
N ARG A 176 -9.82 7.58 -0.01
CA ARG A 176 -9.10 6.74 -0.96
C ARG A 176 -8.77 7.48 -2.28
N HIS A 177 -9.42 8.62 -2.50
CA HIS A 177 -9.20 9.39 -3.71
C HIS A 177 -8.42 10.67 -3.53
N ILE A 178 -8.14 11.06 -2.30
CA ILE A 178 -7.43 12.31 -2.02
C ILE A 178 -6.15 12.08 -1.23
N GLY A 179 -5.33 13.12 -1.15
CA GLY A 179 -4.07 13.03 -0.42
C GLY A 179 -3.12 14.18 -0.65
N PRO A 180 -2.21 14.46 0.31
CA PRO A 180 -1.21 15.53 0.29
C PRO A 180 -0.65 15.88 -1.06
N CYS A 181 -0.38 14.86 -1.87
CA CYS A 181 0.17 15.04 -3.19
C CYS A 181 -0.74 14.44 -4.27
N THR A 182 -2.03 14.32 -3.98
CA THR A 182 -2.99 13.76 -4.94
C THR A 182 -4.14 14.73 -5.11
N ASP A 183 -4.90 14.94 -4.05
CA ASP A 183 -6.04 15.85 -4.07
C ASP A 183 -6.15 16.53 -2.70
N VAL A 184 -6.12 17.85 -2.67
CA VAL A 184 -6.25 18.57 -1.42
C VAL A 184 -7.56 19.34 -1.41
N PRO A 185 -8.66 18.70 -0.97
CA PRO A 185 -9.94 19.42 -0.96
C PRO A 185 -9.88 20.64 -0.05
N ALA A 186 -10.94 21.43 -0.07
CA ALA A 186 -10.97 22.61 0.77
C ALA A 186 -12.39 22.93 1.16
N GLY A 187 -12.58 24.08 1.78
CA GLY A 187 -13.92 24.48 2.18
C GLY A 187 -14.60 25.20 1.04
N ASP A 188 -15.88 25.53 1.22
CA ASP A 188 -16.66 26.22 0.21
C ASP A 188 -18.02 26.47 0.82
N ILE A 189 -19.05 26.66 -0.02
CA ILE A 189 -20.38 26.90 0.50
C ILE A 189 -20.92 25.63 1.11
N GLY A 190 -21.05 25.63 2.44
CA GLY A 190 -21.56 24.46 3.13
C GLY A 190 -20.44 23.80 3.92
N VAL A 191 -19.24 23.86 3.38
CA VAL A 191 -18.10 23.28 4.07
C VAL A 191 -17.33 24.45 4.68
N GLY A 192 -17.46 24.60 6.00
CA GLY A 192 -16.78 25.67 6.69
C GLY A 192 -15.69 25.08 7.58
N GLY A 193 -15.02 25.95 8.34
CA GLY A 193 -13.96 25.50 9.23
C GLY A 193 -14.36 24.32 10.12
N ARG A 194 -15.66 24.22 10.42
CA ARG A 194 -16.14 23.13 11.23
C ARG A 194 -16.12 21.84 10.40
N GLU A 195 -16.79 21.89 9.25
CA GLU A 195 -16.88 20.72 8.38
C GLU A 195 -15.52 20.20 7.90
N ILE A 196 -14.55 21.11 7.77
CA ILE A 196 -13.20 20.75 7.36
C ILE A 196 -12.54 20.09 8.56
N GLY A 197 -12.92 20.54 9.75
CA GLY A 197 -12.35 19.97 10.96
C GLY A 197 -12.90 18.58 11.19
N TYR A 198 -14.18 18.38 10.90
CA TYR A 198 -14.79 17.07 11.08
C TYR A 198 -14.36 16.09 10.00
N LEU A 199 -14.10 16.61 8.81
CA LEU A 199 -13.62 15.77 7.71
C LEU A 199 -12.15 15.40 7.98
N TYR A 200 -11.36 16.39 8.36
CA TYR A 200 -9.95 16.15 8.65
C TYR A 200 -9.84 15.14 9.78
N GLY A 201 -10.85 15.16 10.65
CA GLY A 201 -10.86 14.24 11.77
C GLY A 201 -11.04 12.80 11.32
N GLN A 202 -11.97 12.59 10.41
CA GLN A 202 -12.20 11.23 9.92
C GLN A 202 -11.03 10.77 9.06
N TYR A 203 -10.56 11.66 8.18
CA TYR A 203 -9.43 11.35 7.32
C TYR A 203 -8.21 10.88 8.11
N LYS A 204 -7.93 11.60 9.19
CA LYS A 204 -6.78 11.26 10.02
C LYS A 204 -7.03 9.96 10.77
N LYS A 205 -8.27 9.74 11.20
CA LYS A 205 -8.61 8.54 11.94
C LYS A 205 -8.47 7.28 11.10
N ILE A 206 -8.94 7.34 9.85
CA ILE A 206 -8.85 6.17 9.00
C ILE A 206 -7.46 5.94 8.44
N VAL A 207 -6.91 6.94 7.77
CA VAL A 207 -5.58 6.82 7.18
C VAL A 207 -4.42 6.82 8.21
N ASN A 208 -4.66 7.33 9.42
CA ASN A 208 -3.64 7.38 10.47
C ASN A 208 -2.44 8.21 10.03
N SER A 209 -2.72 9.39 9.50
CA SER A 209 -1.66 10.26 9.03
C SER A 209 -2.05 11.73 9.23
N PHE A 210 -1.15 12.50 9.82
CA PHE A 210 -1.41 13.90 10.06
C PHE A 210 -0.70 14.60 8.93
N ASN A 211 -1.44 15.31 8.09
CA ASN A 211 -0.84 16.04 6.99
C ASN A 211 -1.81 17.06 6.41
N GLY A 212 -1.39 17.75 5.35
CA GLY A 212 -2.21 18.77 4.72
C GLY A 212 -3.05 18.32 3.54
N THR A 213 -3.86 17.29 3.76
CA THR A 213 -4.75 16.74 2.74
C THR A 213 -5.86 17.73 2.42
N LEU A 214 -6.11 18.64 3.37
CA LEU A 214 -7.15 19.66 3.23
C LEU A 214 -6.57 21.00 3.65
N THR A 215 -7.02 22.07 3.01
CA THR A 215 -6.58 23.41 3.40
C THR A 215 -7.82 24.01 4.07
N GLY A 216 -7.61 24.98 4.96
CA GLY A 216 -8.74 25.60 5.63
C GLY A 216 -8.88 25.07 7.03
N LYS A 217 -7.84 24.40 7.50
CA LYS A 217 -7.83 23.84 8.83
C LYS A 217 -7.63 24.93 9.89
N ASN A 218 -7.95 24.61 11.14
CA ASN A 218 -7.78 25.56 12.24
C ASN A 218 -6.27 25.76 12.39
N VAL A 219 -5.85 26.92 12.90
CA VAL A 219 -4.42 27.19 13.03
C VAL A 219 -3.73 26.33 14.06
N LYS A 220 -4.49 25.78 15.00
CA LYS A 220 -3.91 24.94 16.02
C LYS A 220 -3.38 23.61 15.47
N TRP A 221 -3.91 23.17 14.31
CA TRP A 221 -3.47 21.91 13.71
C TRP A 221 -3.25 21.92 12.20
N GLY A 222 -2.57 22.93 11.69
CA GLY A 222 -2.31 22.99 10.27
C GLY A 222 -2.77 24.25 9.61
N GLY A 223 -3.71 24.95 10.26
CA GLY A 223 -4.22 26.19 9.70
C GLY A 223 -3.13 27.20 9.41
N SER A 224 -3.49 28.29 8.75
CA SER A 224 -2.54 29.34 8.41
C SER A 224 -3.12 30.72 8.73
N ASN A 225 -2.26 31.66 9.12
CA ASN A 225 -2.72 33.01 9.42
C ASN A 225 -3.17 33.61 8.10
N LEU A 226 -4.06 34.59 8.16
CA LEU A 226 -4.59 35.23 6.95
C LEU A 226 -5.49 34.33 6.13
N ARG A 227 -6.02 33.30 6.76
CA ARG A 227 -6.88 32.33 6.10
C ARG A 227 -8.24 32.94 5.77
N VAL A 228 -8.72 33.78 6.68
CA VAL A 228 -10.00 34.43 6.54
C VAL A 228 -9.94 35.69 5.69
N GLU A 229 -8.77 36.31 5.59
CA GLU A 229 -8.61 37.55 4.83
C GLU A 229 -7.98 37.40 3.45
N ALA A 230 -7.34 36.27 3.18
CA ALA A 230 -6.65 36.07 1.90
C ALA A 230 -7.42 36.50 0.66
N THR A 231 -8.68 36.10 0.54
CA THR A 231 -9.46 36.47 -0.63
C THR A 231 -9.72 37.98 -0.74
N GLY A 232 -10.44 38.53 0.25
CA GLY A 232 -10.73 39.96 0.25
C GLY A 232 -9.46 40.77 0.08
N TYR A 233 -8.45 40.44 0.90
CA TYR A 233 -7.16 41.11 0.84
C TYR A 233 -6.57 41.18 -0.56
N GLY A 234 -6.47 40.03 -1.21
CA GLY A 234 -5.91 39.96 -2.55
C GLY A 234 -6.73 40.71 -3.58
N LEU A 235 -8.03 40.79 -3.34
CA LEU A 235 -8.92 41.49 -4.25
C LEU A 235 -8.46 42.95 -4.29
N VAL A 236 -8.28 43.52 -3.10
CA VAL A 236 -7.82 44.90 -2.98
C VAL A 236 -6.38 44.95 -3.47
N TYR A 237 -5.56 43.99 -3.06
CA TYR A 237 -4.19 43.97 -3.49
C TYR A 237 -4.08 43.91 -5.01
N PHE A 238 -5.04 43.25 -5.66
CA PHE A 238 -5.00 43.17 -7.12
C PHE A 238 -5.37 44.53 -7.70
N VAL A 239 -6.48 45.11 -7.25
CA VAL A 239 -6.89 46.42 -7.74
C VAL A 239 -5.83 47.48 -7.41
N LEU A 240 -5.39 47.51 -6.16
CA LEU A 240 -4.36 48.46 -5.73
C LEU A 240 -3.19 48.36 -6.68
N GLU A 241 -3.03 47.18 -7.28
CA GLU A 241 -1.95 46.95 -8.23
C GLU A 241 -2.36 47.46 -9.61
N VAL A 242 -3.64 47.33 -9.94
CA VAL A 242 -4.13 47.79 -11.24
C VAL A 242 -4.06 49.31 -11.30
N LEU A 243 -4.48 49.95 -10.22
CA LEU A 243 -4.46 51.40 -10.15
C LEU A 243 -3.03 51.92 -10.32
N LYS A 244 -2.09 51.37 -9.53
CA LYS A 244 -0.69 51.81 -9.64
C LYS A 244 -0.22 51.91 -11.09
N SER A 245 -0.37 50.83 -11.85
CA SER A 245 0.08 50.81 -13.26
C SER A 245 -0.61 51.91 -14.07
N LEU A 246 -1.66 52.49 -13.51
CA LEU A 246 -2.39 53.54 -14.21
C LEU A 246 -2.05 54.90 -13.61
N ASN A 247 -1.37 54.85 -12.47
CA ASN A 247 -0.97 56.04 -11.75
C ASN A 247 -2.18 56.74 -11.14
N ILE A 248 -3.10 55.92 -10.65
CA ILE A 248 -4.31 56.41 -10.02
C ILE A 248 -4.18 56.14 -8.52
N PRO A 249 -4.05 57.22 -7.71
CA PRO A 249 -3.91 57.18 -6.24
C PRO A 249 -5.02 56.43 -5.49
N VAL A 250 -4.72 55.21 -5.05
CA VAL A 250 -5.70 54.39 -4.35
C VAL A 250 -6.43 55.11 -3.19
N GLU A 251 -5.69 55.93 -2.44
CA GLU A 251 -6.29 56.65 -1.30
C GLU A 251 -7.18 57.83 -1.72
N LYS A 252 -7.54 57.88 -3.00
CA LYS A 252 -8.40 58.96 -3.50
C LYS A 252 -9.62 58.47 -4.26
N GLN A 253 -10.08 57.26 -3.97
CA GLN A 253 -11.27 56.73 -4.62
C GLN A 253 -12.36 56.38 -3.61
N THR A 254 -13.57 56.20 -4.11
CA THR A 254 -14.69 55.83 -3.25
C THR A 254 -15.13 54.44 -3.71
N ALA A 255 -15.44 53.57 -2.75
CA ALA A 255 -15.83 52.21 -3.10
C ALA A 255 -17.14 51.72 -2.49
N VAL A 256 -18.02 51.24 -3.36
CA VAL A 256 -19.29 50.69 -2.93
C VAL A 256 -19.02 49.19 -2.99
N VAL A 257 -19.31 48.49 -1.91
CA VAL A 257 -19.04 47.05 -1.85
C VAL A 257 -20.17 46.21 -1.27
N SER A 258 -20.41 45.05 -1.89
CA SER A 258 -21.48 44.14 -1.46
C SER A 258 -20.97 42.85 -0.81
N GLY A 259 -21.54 42.54 0.35
CA GLY A 259 -21.17 41.34 1.06
C GLY A 259 -21.17 41.41 2.57
N SER A 260 -20.71 40.33 3.19
CA SER A 260 -20.63 40.19 4.64
C SER A 260 -19.85 38.92 4.90
N GLY A 261 -19.47 38.26 3.83
CA GLY A 261 -18.68 37.05 3.93
C GLY A 261 -17.26 37.52 4.15
N ASN A 262 -16.32 36.60 4.25
CA ASN A 262 -14.94 37.03 4.48
C ASN A 262 -14.42 37.91 3.36
N VAL A 263 -14.81 37.62 2.13
CA VAL A 263 -14.36 38.39 0.98
C VAL A 263 -14.66 39.89 1.14
N ALA A 264 -15.89 40.22 1.52
CA ALA A 264 -16.28 41.61 1.68
C ALA A 264 -15.73 42.22 2.97
N LEU A 265 -16.05 41.56 4.08
CA LEU A 265 -15.63 42.02 5.42
C LEU A 265 -14.16 42.41 5.53
N TYR A 266 -13.29 41.84 4.69
CA TYR A 266 -11.87 42.18 4.76
C TYR A 266 -11.44 42.96 3.53
N CYS A 267 -12.29 42.96 2.51
CA CYS A 267 -12.00 43.73 1.30
C CYS A 267 -12.04 45.15 1.87
N VAL A 268 -13.07 45.39 2.67
CA VAL A 268 -13.25 46.68 3.31
C VAL A 268 -12.09 46.97 4.27
N GLN A 269 -11.75 46.00 5.11
CA GLN A 269 -10.67 46.19 6.07
C GLN A 269 -9.36 46.59 5.43
N LYS A 270 -9.14 46.19 4.18
CA LYS A 270 -7.89 46.60 3.54
C LYS A 270 -8.09 47.92 2.80
N LEU A 271 -9.30 48.10 2.26
CA LEU A 271 -9.64 49.33 1.57
C LEU A 271 -9.48 50.50 2.52
N LEU A 272 -9.97 50.34 3.74
CA LEU A 272 -9.89 51.40 4.75
C LEU A 272 -8.44 51.62 5.19
N HIS A 273 -7.70 50.54 5.35
CA HIS A 273 -6.31 50.61 5.77
C HIS A 273 -5.46 51.40 4.75
N LEU A 274 -5.91 51.45 3.49
CA LEU A 274 -5.17 52.20 2.48
C LEU A 274 -5.78 53.59 2.36
N ASN A 275 -6.72 53.87 3.26
CA ASN A 275 -7.42 55.14 3.32
C ASN A 275 -8.53 55.26 2.27
N VAL A 276 -8.95 54.14 1.69
CA VAL A 276 -10.03 54.16 0.71
C VAL A 276 -11.34 54.29 1.50
N LYS A 277 -12.24 55.16 1.06
CA LYS A 277 -13.52 55.34 1.77
C LYS A 277 -14.56 54.36 1.26
N VAL A 278 -15.05 53.49 2.13
CA VAL A 278 -16.06 52.52 1.74
C VAL A 278 -17.39 52.95 2.33
N LEU A 279 -18.35 53.20 1.45
CA LEU A 279 -19.66 53.66 1.88
C LEU A 279 -20.69 52.56 2.14
N THR A 280 -20.46 51.34 1.65
CA THR A 280 -21.45 50.28 1.83
C THR A 280 -20.98 48.87 2.13
N LEU A 281 -21.93 48.04 2.54
CA LEU A 281 -21.72 46.62 2.87
C LEU A 281 -23.09 45.98 2.72
N SER A 282 -23.15 44.83 2.07
CA SER A 282 -24.45 44.20 1.82
C SER A 282 -24.80 42.90 2.53
N ASP A 283 -26.04 42.46 2.30
CA ASP A 283 -26.56 41.24 2.88
C ASP A 283 -27.84 40.90 2.11
N SER A 284 -28.19 39.61 2.11
CA SER A 284 -29.39 39.09 1.43
C SER A 284 -30.65 39.95 1.60
N ASN A 285 -30.79 40.55 2.78
CA ASN A 285 -31.93 41.40 3.09
C ASN A 285 -31.73 42.86 2.69
N GLY A 286 -30.47 43.32 2.74
CA GLY A 286 -30.20 44.70 2.37
C GLY A 286 -28.74 45.10 2.52
N TYR A 287 -28.48 46.38 2.30
CA TYR A 287 -27.14 46.93 2.38
C TYR A 287 -27.12 48.21 3.21
N VAL A 288 -26.14 48.31 4.10
CA VAL A 288 -26.00 49.47 4.95
C VAL A 288 -25.25 50.58 4.20
N TYR A 289 -25.15 51.77 4.81
CA TYR A 289 -24.49 52.90 4.18
C TYR A 289 -23.85 53.85 5.20
N GLU A 290 -22.64 54.33 4.89
CA GLU A 290 -21.92 55.28 5.73
C GLU A 290 -21.58 56.47 4.84
N PRO A 291 -22.30 57.58 5.04
CA PRO A 291 -22.14 58.83 4.29
C PRO A 291 -20.66 59.23 4.23
N ASN A 292 -20.07 59.29 5.41
CA ASN A 292 -18.68 59.69 5.56
C ASN A 292 -17.74 58.51 5.28
N GLY A 293 -18.19 57.31 5.67
CA GLY A 293 -17.39 56.10 5.46
C GLY A 293 -17.36 55.23 6.69
N PHE A 294 -17.02 53.96 6.53
CA PHE A 294 -16.96 53.08 7.69
C PHE A 294 -15.67 53.37 8.46
N THR A 295 -15.74 53.14 9.77
CA THR A 295 -14.61 53.34 10.68
C THR A 295 -14.05 51.97 11.00
N HIS A 296 -12.78 51.93 11.42
CA HIS A 296 -12.20 50.64 11.77
C HIS A 296 -13.19 50.04 12.78
N GLU A 297 -13.53 50.83 13.81
CA GLU A 297 -14.49 50.40 14.84
C GLU A 297 -15.87 50.04 14.22
N ASN A 298 -16.25 50.77 13.18
CA ASN A 298 -17.51 50.50 12.51
C ASN A 298 -17.40 49.12 11.87
N LEU A 299 -16.44 48.99 10.95
CA LEU A 299 -16.24 47.73 10.24
C LEU A 299 -16.10 46.61 11.25
N GLU A 300 -15.44 46.94 12.38
CA GLU A 300 -15.20 46.01 13.48
C GLU A 300 -16.50 45.47 14.10
N PHE A 301 -17.41 46.37 14.49
CA PHE A 301 -18.69 45.94 15.06
C PHE A 301 -19.26 44.92 14.08
N LEU A 302 -19.42 45.35 12.82
CA LEU A 302 -19.92 44.50 11.74
C LEU A 302 -19.28 43.12 11.79
N ILE A 303 -18.05 43.04 11.30
CA ILE A 303 -17.31 41.78 11.28
C ILE A 303 -17.44 40.95 12.57
N ASP A 304 -16.76 41.38 13.64
CA ASP A 304 -16.77 40.65 14.92
C ASP A 304 -18.16 40.48 15.56
N LEU A 305 -19.22 40.90 14.87
CA LEU A 305 -20.54 40.76 15.47
C LEU A 305 -21.65 40.23 14.56
N LYS A 306 -21.84 40.81 13.37
CA LYS A 306 -22.91 40.26 12.55
C LYS A 306 -22.55 38.91 11.98
N GLU A 307 -21.35 38.75 11.42
CA GLU A 307 -20.96 37.44 10.89
C GLU A 307 -20.61 36.49 12.05
N GLU A 308 -19.80 36.99 12.98
CA GLU A 308 -19.37 36.22 14.16
C GLU A 308 -20.58 35.76 15.00
N LYS A 309 -21.59 36.62 15.10
CA LYS A 309 -22.82 36.31 15.84
C LYS A 309 -23.93 35.93 14.83
N LYS A 310 -23.56 35.96 13.55
CA LYS A 310 -24.45 35.62 12.42
C LYS A 310 -25.81 36.30 12.51
N GLY A 311 -25.77 37.64 12.61
CA GLY A 311 -26.98 38.42 12.68
C GLY A 311 -27.31 38.91 11.28
N ARG A 312 -27.73 40.18 11.19
CA ARG A 312 -28.07 40.79 9.92
C ARG A 312 -27.49 42.20 9.85
N ILE A 313 -27.09 42.58 8.63
CA ILE A 313 -26.49 43.89 8.38
C ILE A 313 -27.37 45.05 8.89
N LYS A 314 -28.67 44.80 9.09
CA LYS A 314 -29.57 45.83 9.61
C LYS A 314 -29.06 46.26 10.99
N GLU A 315 -28.97 45.26 11.87
CA GLU A 315 -28.52 45.45 13.26
C GLU A 315 -27.37 46.44 13.38
N TYR A 316 -26.66 46.65 12.28
CA TYR A 316 -25.57 47.61 12.29
C TYR A 316 -26.06 48.92 12.87
N LEU A 317 -27.33 49.24 12.61
CA LEU A 317 -27.90 50.48 13.11
C LEU A 317 -27.99 50.55 14.64
N ASN A 318 -27.32 49.61 15.30
CA ASN A 318 -27.28 49.57 16.77
C ASN A 318 -25.84 49.91 17.19
N HIS A 319 -25.18 50.64 16.30
CA HIS A 319 -23.80 51.09 16.47
C HIS A 319 -23.62 52.38 15.69
N SER A 320 -23.97 52.33 14.40
CA SER A 320 -23.83 53.51 13.55
C SER A 320 -25.09 54.32 13.46
N SER A 321 -25.25 55.22 14.42
CA SER A 321 -26.42 56.08 14.44
C SER A 321 -26.23 57.02 13.25
N THR A 322 -25.05 56.98 12.65
CA THR A 322 -24.75 57.82 11.48
C THR A 322 -25.21 57.13 10.19
N ALA A 323 -25.04 55.81 10.15
CA ALA A 323 -25.42 55.00 8.97
C ALA A 323 -26.91 55.05 8.58
N LYS A 324 -27.31 54.08 7.76
CA LYS A 324 -28.68 53.96 7.29
C LYS A 324 -28.83 52.71 6.43
N TYR A 325 -29.95 52.03 6.59
CA TYR A 325 -30.27 50.80 5.86
C TYR A 325 -31.09 51.12 4.60
N PHE A 326 -31.05 50.25 3.60
CA PHE A 326 -31.87 50.53 2.43
C PHE A 326 -32.60 49.27 1.96
N PRO A 327 -33.60 48.83 2.74
CA PRO A 327 -34.46 47.66 2.51
C PRO A 327 -34.35 47.04 1.13
N ASN A 328 -33.97 45.77 1.12
CA ASN A 328 -33.79 45.00 -0.12
C ASN A 328 -33.40 45.89 -1.29
N GLU A 329 -32.09 46.14 -1.41
CA GLU A 329 -31.54 46.96 -2.50
C GLU A 329 -30.07 46.62 -2.71
N LYS A 330 -29.61 46.82 -3.95
CA LYS A 330 -28.21 46.56 -4.28
C LYS A 330 -27.47 47.91 -4.25
N PRO A 331 -26.37 47.95 -3.48
CA PRO A 331 -25.52 49.14 -3.31
C PRO A 331 -25.07 49.80 -4.62
N TRP A 332 -25.03 49.03 -5.71
CA TRP A 332 -24.59 49.53 -7.02
C TRP A 332 -25.08 50.93 -7.38
N GLY A 333 -26.11 51.41 -6.69
CA GLY A 333 -26.60 52.76 -6.95
C GLY A 333 -25.52 53.76 -6.55
N VAL A 334 -25.34 53.94 -5.24
CA VAL A 334 -24.33 54.86 -4.70
C VAL A 334 -23.19 54.97 -5.68
N PRO A 335 -22.80 56.21 -6.07
CA PRO A 335 -21.72 56.42 -7.03
C PRO A 335 -20.37 56.10 -6.40
N CYS A 336 -19.37 55.82 -7.23
CA CYS A 336 -18.02 55.49 -6.74
C CYS A 336 -16.99 55.46 -7.86
N THR A 337 -15.82 54.93 -7.56
CA THR A 337 -14.75 54.80 -8.52
C THR A 337 -14.34 53.32 -8.59
N LEU A 338 -14.52 52.63 -7.48
CA LEU A 338 -14.16 51.22 -7.34
C LEU A 338 -15.33 50.46 -6.74
N ALA A 339 -15.93 49.55 -7.50
CA ALA A 339 -17.06 48.76 -6.99
C ALA A 339 -16.62 47.32 -6.77
N PHE A 340 -16.89 46.79 -5.59
CA PHE A 340 -16.48 45.44 -5.28
C PHE A 340 -17.63 44.47 -5.11
N PRO A 341 -18.04 43.81 -6.21
CA PRO A 341 -19.12 42.83 -6.22
C PRO A 341 -18.60 41.59 -5.50
N CYS A 342 -19.12 41.30 -4.31
CA CYS A 342 -18.68 40.14 -3.56
C CYS A 342 -19.85 39.52 -2.81
N ALA A 343 -20.94 39.25 -3.52
CA ALA A 343 -22.11 38.70 -2.85
C ALA A 343 -22.61 37.40 -3.47
N THR A 344 -23.03 37.46 -4.74
CA THR A 344 -23.57 36.28 -5.43
C THR A 344 -23.29 36.33 -6.94
N GLN A 345 -23.60 35.23 -7.63
CA GLN A 345 -23.40 35.18 -9.09
C GLN A 345 -24.41 36.11 -9.76
N ASN A 346 -23.93 36.90 -10.71
CA ASN A 346 -24.79 37.85 -11.40
C ASN A 346 -25.27 38.90 -10.39
N ASP A 347 -24.47 39.10 -9.34
CA ASP A 347 -24.74 40.08 -8.29
C ASP A 347 -25.12 41.39 -9.01
N VAL A 348 -24.31 41.76 -10.00
CA VAL A 348 -24.52 42.97 -10.80
C VAL A 348 -25.12 42.61 -12.15
N ASP A 349 -26.25 43.24 -12.47
CA ASP A 349 -26.93 43.00 -13.75
C ASP A 349 -26.46 44.03 -14.76
N LEU A 350 -27.39 44.47 -15.61
CA LEU A 350 -27.10 45.45 -16.66
C LEU A 350 -27.43 46.88 -16.24
N ASP A 351 -28.68 47.11 -15.86
CA ASP A 351 -29.15 48.44 -15.44
C ASP A 351 -28.20 49.01 -14.40
N GLN A 352 -27.81 48.16 -13.45
CA GLN A 352 -26.88 48.54 -12.39
C GLN A 352 -25.56 48.94 -13.05
N ALA A 353 -25.16 48.15 -14.04
CA ALA A 353 -23.92 48.41 -14.77
C ALA A 353 -24.07 49.75 -15.48
N LYS A 354 -25.31 50.24 -15.57
CA LYS A 354 -25.59 51.52 -16.21
C LYS A 354 -25.47 52.63 -15.19
N LEU A 355 -25.96 52.36 -13.96
CA LEU A 355 -25.86 53.34 -12.86
C LEU A 355 -24.38 53.63 -12.59
N LEU A 356 -23.63 52.60 -12.17
CA LEU A 356 -22.22 52.76 -11.89
C LEU A 356 -21.50 53.35 -13.12
N GLN A 357 -21.98 53.00 -14.31
CA GLN A 357 -21.36 53.49 -15.54
C GLN A 357 -21.42 55.02 -15.61
N LYS A 358 -22.62 55.57 -15.39
CA LYS A 358 -22.84 57.02 -15.45
C LYS A 358 -22.36 57.79 -14.20
N ASN A 359 -21.78 57.08 -13.23
CA ASN A 359 -21.33 57.71 -11.99
C ASN A 359 -19.82 57.73 -11.75
N GLY A 360 -19.06 57.45 -12.81
CA GLY A 360 -17.62 57.43 -12.69
C GLY A 360 -17.02 56.12 -12.20
N CYS A 361 -17.80 55.04 -12.21
CA CYS A 361 -17.28 53.74 -11.78
C CYS A 361 -16.22 53.37 -12.81
N ILE A 362 -14.95 53.47 -12.42
CA ILE A 362 -13.84 53.20 -13.34
C ILE A 362 -13.23 51.81 -13.26
N LEU A 363 -13.60 51.06 -12.22
CA LEU A 363 -13.05 49.73 -12.08
C LEU A 363 -13.95 48.81 -11.30
N VAL A 364 -14.30 47.70 -11.94
CA VAL A 364 -15.09 46.69 -11.28
C VAL A 364 -14.02 45.70 -10.83
N GLY A 365 -14.15 45.20 -9.61
CA GLY A 365 -13.19 44.25 -9.10
C GLY A 365 -13.95 43.10 -8.48
N GLU A 366 -14.20 42.06 -9.25
CA GLU A 366 -14.96 40.92 -8.76
C GLU A 366 -14.37 40.33 -7.49
N GLY A 367 -15.24 40.11 -6.50
CA GLY A 367 -14.82 39.54 -5.23
C GLY A 367 -15.54 38.23 -4.97
N ALA A 368 -16.55 37.97 -5.79
CA ALA A 368 -17.33 36.74 -5.69
C ALA A 368 -17.20 35.92 -6.98
N ASN A 369 -17.96 34.82 -7.02
CA ASN A 369 -18.00 33.92 -8.16
C ASN A 369 -18.79 34.68 -9.23
N MET A 370 -18.27 34.75 -10.44
CA MET A 370 -18.92 35.49 -11.53
C MET A 370 -20.09 36.39 -11.08
N PRO A 371 -19.77 37.58 -10.55
CA PRO A 371 -20.69 38.61 -10.06
C PRO A 371 -21.41 39.40 -11.14
N SER A 372 -20.73 39.70 -12.24
CA SER A 372 -21.37 40.48 -13.30
C SER A 372 -21.93 39.67 -14.45
N THR A 373 -23.08 40.12 -14.94
CA THR A 373 -23.78 39.47 -16.05
C THR A 373 -23.01 39.62 -17.36
N VAL A 374 -23.29 38.71 -18.30
CA VAL A 374 -22.63 38.73 -19.59
C VAL A 374 -22.81 40.11 -20.21
N ASP A 375 -23.90 40.78 -19.83
CA ASP A 375 -24.21 42.12 -20.32
C ASP A 375 -23.27 43.14 -19.68
N ALA A 376 -23.43 43.30 -18.37
CA ALA A 376 -22.62 44.24 -17.57
C ALA A 376 -21.14 44.19 -17.97
N ILE A 377 -20.58 43.00 -18.11
CA ILE A 377 -19.17 42.89 -18.50
C ILE A 377 -18.96 43.63 -19.83
N ASN A 378 -19.88 43.42 -20.76
CA ASN A 378 -19.84 44.07 -22.08
C ASN A 378 -20.05 45.57 -21.87
N LEU A 379 -21.08 45.93 -21.09
CA LEU A 379 -21.37 47.32 -20.81
C LEU A 379 -20.06 47.95 -20.33
N PHE A 380 -19.58 47.48 -19.17
CA PHE A 380 -18.33 47.97 -18.60
C PHE A 380 -17.24 48.02 -19.68
N LYS A 381 -16.91 46.85 -20.25
CA LYS A 381 -15.88 46.76 -21.29
C LYS A 381 -16.17 47.64 -22.49
N SER A 382 -17.43 48.05 -22.64
CA SER A 382 -17.84 48.89 -23.76
C SER A 382 -17.68 50.38 -23.43
N ASN A 383 -17.50 50.67 -22.15
CA ASN A 383 -17.34 52.05 -21.69
C ASN A 383 -15.98 52.27 -21.02
N ASN A 384 -15.06 51.35 -21.30
CA ASN A 384 -13.70 51.38 -20.79
C ASN A 384 -13.55 51.28 -19.26
N ILE A 385 -14.49 50.61 -18.58
CA ILE A 385 -14.40 50.43 -17.13
C ILE A 385 -13.56 49.17 -16.79
N ILE A 386 -12.45 49.38 -16.06
CA ILE A 386 -11.56 48.28 -15.66
C ILE A 386 -12.33 47.09 -15.07
N TYR A 387 -12.31 45.97 -15.77
CA TYR A 387 -13.01 44.77 -15.32
C TYR A 387 -12.08 43.70 -14.78
N CYS A 388 -12.11 43.51 -13.47
CA CYS A 388 -11.24 42.52 -12.83
C CYS A 388 -11.88 41.12 -12.68
N PRO A 389 -11.42 40.16 -13.52
CA PRO A 389 -11.84 38.77 -13.62
C PRO A 389 -11.71 37.98 -12.33
N SER A 390 -12.85 37.45 -11.90
CA SER A 390 -12.93 36.63 -10.70
C SER A 390 -11.67 35.77 -10.55
N LYS A 391 -11.31 35.04 -11.61
CA LYS A 391 -10.12 34.16 -11.61
C LYS A 391 -8.90 34.83 -11.00
N ALA A 392 -8.83 36.15 -11.12
CA ALA A 392 -7.71 36.91 -10.58
C ALA A 392 -8.00 37.58 -9.23
N ALA A 393 -8.75 38.67 -9.24
CA ALA A 393 -9.09 39.43 -8.02
C ALA A 393 -9.30 38.60 -6.75
N ASN A 394 -10.07 37.52 -6.82
CA ASN A 394 -10.27 36.71 -5.60
C ASN A 394 -9.41 35.43 -5.50
N ALA A 395 -8.35 35.36 -6.30
CA ALA A 395 -7.45 34.20 -6.29
C ALA A 395 -6.70 34.10 -4.96
N GLY A 396 -6.71 35.17 -4.19
CA GLY A 396 -6.01 35.14 -2.91
C GLY A 396 -6.46 34.00 -2.01
N GLY A 397 -7.73 33.61 -2.17
CA GLY A 397 -8.27 32.51 -1.39
C GLY A 397 -7.50 31.24 -1.71
N VAL A 398 -7.22 31.03 -2.98
CA VAL A 398 -6.47 29.87 -3.39
C VAL A 398 -4.99 30.12 -3.05
N ALA A 399 -4.57 31.37 -3.18
CA ALA A 399 -3.20 31.77 -2.89
C ALA A 399 -2.75 31.25 -1.52
N ILE A 400 -3.58 31.48 -0.51
CA ILE A 400 -3.28 31.06 0.86
C ILE A 400 -3.51 29.57 1.04
N SER A 401 -4.30 29.01 0.14
CA SER A 401 -4.61 27.60 0.17
C SER A 401 -3.28 26.82 -0.05
N GLY A 402 -2.51 27.27 -1.04
CA GLY A 402 -1.23 26.62 -1.32
C GLY A 402 -0.15 27.05 -0.37
N LEU A 403 -0.33 28.21 0.28
CA LEU A 403 0.66 28.68 1.24
C LEU A 403 0.50 27.78 2.46
N GLU A 404 -0.73 27.33 2.68
CA GLU A 404 -1.01 26.43 3.80
C GLU A 404 -0.31 25.11 3.49
N MET A 405 -0.46 24.64 2.26
CA MET A 405 0.16 23.40 1.82
C MET A 405 1.66 23.50 2.03
N SER A 406 2.21 24.63 1.59
CA SER A 406 3.64 24.88 1.72
C SER A 406 4.04 24.75 3.20
N GLN A 407 3.31 25.46 4.06
CA GLN A 407 3.56 25.43 5.50
C GLN A 407 3.41 24.04 6.17
N ASN A 408 2.40 23.27 5.76
CA ASN A 408 2.21 21.92 6.33
C ASN A 408 3.36 21.04 5.84
N PHE A 409 3.72 21.21 4.57
CA PHE A 409 4.80 20.46 3.92
C PHE A 409 6.16 20.71 4.57
N GLN A 410 6.36 21.94 5.03
CA GLN A 410 7.61 22.33 5.67
C GLN A 410 7.51 22.17 7.18
N PHE A 411 6.39 21.62 7.66
CA PHE A 411 6.17 21.41 9.10
C PHE A 411 6.53 22.74 9.77
N SER A 412 5.95 23.79 9.24
CA SER A 412 6.22 25.15 9.71
C SER A 412 4.94 25.97 9.88
N HIS A 413 5.09 27.18 10.40
CA HIS A 413 3.94 28.06 10.57
C HIS A 413 4.44 29.50 10.53
N TRP A 414 4.18 30.16 9.40
CA TRP A 414 4.63 31.53 9.20
C TRP A 414 3.85 32.61 9.97
N THR A 415 4.48 33.77 10.10
CA THR A 415 3.85 34.90 10.78
C THR A 415 2.76 35.45 9.86
N ARG A 416 1.86 36.23 10.44
CA ARG A 416 0.77 36.87 9.71
C ARG A 416 1.41 37.81 8.68
N GLU A 417 2.52 38.42 9.08
CA GLU A 417 3.28 39.34 8.24
C GLU A 417 3.87 38.66 7.00
N THR A 418 4.56 37.54 7.22
CA THR A 418 5.18 36.79 6.13
C THR A 418 4.16 36.40 5.07
N VAL A 419 3.09 35.72 5.50
CA VAL A 419 2.03 35.28 4.61
C VAL A 419 1.48 36.43 3.73
N ASP A 420 1.23 37.59 4.34
CA ASP A 420 0.71 38.76 3.63
C ASP A 420 1.71 39.23 2.57
N GLU A 421 2.99 39.28 2.93
CA GLU A 421 3.99 39.72 1.96
C GLU A 421 4.02 38.77 0.78
N LYS A 422 3.91 37.47 1.05
CA LYS A 422 3.92 36.53 -0.06
C LYS A 422 2.61 36.64 -0.82
N LEU A 423 1.55 37.01 -0.11
CA LEU A 423 0.25 37.17 -0.75
C LEU A 423 0.28 38.39 -1.70
N LYS A 424 0.63 39.55 -1.16
CA LYS A 424 0.71 40.78 -1.95
C LYS A 424 1.55 40.51 -3.20
N GLU A 425 2.58 39.70 -3.03
CA GLU A 425 3.48 39.38 -4.12
C GLU A 425 2.80 38.55 -5.22
N ILE A 426 2.10 37.49 -4.84
CA ILE A 426 1.42 36.64 -5.80
C ILE A 426 0.47 37.49 -6.66
N MET A 427 -0.45 38.18 -5.99
CA MET A 427 -1.42 39.02 -6.68
C MET A 427 -0.75 39.98 -7.68
N ARG A 428 0.47 40.40 -7.37
CA ARG A 428 1.20 41.32 -8.25
C ARG A 428 1.63 40.56 -9.50
N ASN A 429 1.94 39.27 -9.34
CA ASN A 429 2.35 38.46 -10.47
C ASN A 429 1.10 38.13 -11.26
N ILE A 430 0.00 37.91 -10.55
CA ILE A 430 -1.26 37.62 -11.22
C ILE A 430 -1.56 38.80 -12.12
N PHE A 431 -1.28 40.01 -11.65
CA PHE A 431 -1.53 41.20 -12.44
C PHE A 431 -0.62 41.26 -13.67
N ILE A 432 0.65 40.94 -13.47
CA ILE A 432 1.62 40.96 -14.54
C ILE A 432 1.30 39.97 -15.68
N ALA A 433 0.94 38.75 -15.34
CA ALA A 433 0.60 37.73 -16.36
C ALA A 433 -0.61 38.20 -17.19
N CYS A 434 -1.73 38.45 -16.51
CA CYS A 434 -2.93 38.93 -17.18
C CYS A 434 -2.63 40.13 -18.08
N SER A 435 -1.95 41.12 -17.52
CA SER A 435 -1.60 42.32 -18.27
C SER A 435 -0.77 41.99 -19.50
N GLU A 436 0.44 41.45 -19.26
CA GLU A 436 1.32 41.09 -20.37
C GLU A 436 0.53 40.39 -21.45
N ASN A 437 -0.02 39.22 -21.10
CA ASN A 437 -0.81 38.43 -22.03
C ASN A 437 -1.90 39.23 -22.77
N ALA A 438 -2.71 39.97 -22.02
CA ALA A 438 -3.76 40.77 -22.61
C ALA A 438 -3.19 41.62 -23.77
N LEU A 439 -2.15 42.38 -23.44
CA LEU A 439 -1.47 43.26 -24.39
C LEU A 439 -0.96 42.47 -25.58
N LYS A 440 -0.27 41.38 -25.32
CA LYS A 440 0.28 40.54 -26.38
C LYS A 440 -0.75 39.89 -27.30
N TYR A 441 -1.89 39.48 -26.75
CA TYR A 441 -2.91 38.81 -27.57
C TYR A 441 -4.10 39.65 -27.98
N THR A 442 -4.41 40.71 -27.25
CA THR A 442 -5.58 41.55 -27.59
C THR A 442 -5.24 43.04 -27.64
N LYS A 443 -3.97 43.38 -27.45
CA LYS A 443 -3.55 44.77 -27.51
C LYS A 443 -4.29 45.69 -26.52
N ASN A 444 -5.03 45.10 -25.58
CA ASN A 444 -5.80 45.91 -24.62
C ASN A 444 -5.06 46.17 -23.30
N LYS A 445 -4.13 45.30 -22.94
CA LYS A 445 -3.36 45.50 -21.72
C LYS A 445 -4.21 45.62 -20.44
N TYR A 446 -5.48 45.96 -20.58
CA TYR A 446 -6.34 46.06 -19.40
C TYR A 446 -7.62 45.26 -19.60
N ASP A 447 -7.53 44.37 -20.58
CA ASP A 447 -8.62 43.44 -20.87
C ASP A 447 -8.19 42.27 -20.02
N LEU A 448 -8.28 42.47 -18.71
CA LEU A 448 -7.88 41.48 -17.72
C LEU A 448 -8.67 40.18 -17.81
N GLN A 449 -9.90 40.25 -18.30
CA GLN A 449 -10.70 39.05 -18.45
C GLN A 449 -10.02 38.07 -19.41
N ALA A 450 -9.35 38.60 -20.44
CA ALA A 450 -8.65 37.76 -21.42
C ALA A 450 -7.27 37.41 -20.91
N GLY A 451 -6.60 38.40 -20.32
CA GLY A 451 -5.28 38.15 -19.78
C GLY A 451 -5.32 36.93 -18.87
N ALA A 452 -6.32 36.89 -18.00
CA ALA A 452 -6.51 35.80 -17.05
C ALA A 452 -6.62 34.42 -17.71
N ASN A 453 -7.57 34.26 -18.65
CA ASN A 453 -7.77 32.99 -19.35
C ASN A 453 -6.53 32.59 -20.12
N ILE A 454 -6.04 33.48 -20.98
CA ILE A 454 -4.88 33.18 -21.78
C ILE A 454 -3.66 32.81 -20.95
N ALA A 455 -3.55 33.37 -19.75
CA ALA A 455 -2.41 33.06 -18.90
C ALA A 455 -2.63 31.83 -18.04
N GLY A 456 -3.89 31.65 -17.63
CA GLY A 456 -4.23 30.50 -16.80
C GLY A 456 -4.17 29.24 -17.64
N PHE A 457 -4.74 29.30 -18.84
CA PHE A 457 -4.76 28.17 -19.73
C PHE A 457 -3.36 27.83 -20.26
N LEU A 458 -2.57 28.83 -20.63
CA LEU A 458 -1.25 28.52 -21.17
C LEU A 458 -0.34 27.66 -20.32
N LYS A 459 -0.10 28.04 -19.07
CA LYS A 459 0.78 27.26 -18.20
C LYS A 459 0.29 25.83 -18.12
N VAL A 460 -1.03 25.69 -18.22
CA VAL A 460 -1.65 24.38 -18.17
C VAL A 460 -1.40 23.60 -19.44
N ALA A 461 -1.81 24.17 -20.58
CA ALA A 461 -1.67 23.53 -21.89
C ALA A 461 -0.23 23.15 -22.30
N GLU A 462 0.72 24.05 -22.07
CA GLU A 462 2.10 23.75 -22.41
C GLU A 462 2.49 22.55 -21.55
N SER A 463 2.35 22.68 -20.23
CA SER A 463 2.67 21.61 -19.29
C SER A 463 2.07 20.29 -19.73
N TYR A 464 0.79 20.29 -20.07
CA TYR A 464 0.11 19.09 -20.52
C TYR A 464 0.90 18.47 -21.68
N ILE A 465 1.19 19.27 -22.69
CA ILE A 465 1.94 18.80 -23.86
C ILE A 465 3.28 18.23 -23.44
N GLU A 466 3.95 18.94 -22.54
CA GLU A 466 5.25 18.49 -22.06
C GLU A 466 5.14 17.19 -21.27
N GLN A 467 4.01 16.99 -20.58
CA GLN A 467 3.85 15.79 -19.78
C GLN A 467 3.49 14.53 -20.57
N GLY A 468 2.99 14.69 -21.80
CA GLY A 468 2.70 13.53 -22.63
C GLY A 468 1.26 13.11 -22.73
N CYS A 469 1.03 12.00 -23.45
CA CYS A 469 -0.32 11.49 -23.65
C CYS A 469 -0.88 10.72 -22.44
N PHE A 470 -1.66 11.42 -21.61
CA PHE A 470 -2.29 10.81 -20.43
C PHE A 470 -3.71 11.31 -20.23
N LEU B 4 23.35 -29.02 26.46
CA LEU B 4 23.21 -27.57 26.80
C LEU B 4 22.29 -26.84 25.80
N LYS B 5 22.31 -27.26 24.54
CA LYS B 5 21.48 -26.62 23.52
C LYS B 5 20.87 -27.57 22.47
N ASP B 6 19.67 -27.23 21.98
CA ASP B 6 19.01 -28.05 20.95
C ASP B 6 19.81 -27.99 19.66
N LYS B 7 19.23 -28.54 18.59
CA LYS B 7 19.88 -28.56 17.29
C LYS B 7 20.08 -27.16 16.71
N THR B 8 19.17 -26.25 17.02
CA THR B 8 19.24 -24.90 16.50
C THR B 8 20.25 -24.03 17.26
N GLY B 9 20.60 -24.45 18.47
CA GLY B 9 21.53 -23.67 19.25
C GLY B 9 20.86 -22.49 19.93
N ARG B 10 19.68 -22.12 19.46
CA ARG B 10 18.94 -20.99 20.03
C ARG B 10 18.26 -21.36 21.35
N PHE B 11 18.24 -22.65 21.69
CA PHE B 11 17.59 -23.07 22.93
C PHE B 11 18.38 -23.97 23.87
N VAL B 12 18.37 -23.60 25.14
CA VAL B 12 19.07 -24.35 26.18
C VAL B 12 18.34 -25.61 26.69
N VAL B 13 19.02 -26.76 26.59
CA VAL B 13 18.48 -28.05 27.04
C VAL B 13 18.59 -28.11 28.57
N LEU B 14 17.93 -29.07 29.20
CA LEU B 14 18.00 -29.20 30.65
C LEU B 14 18.49 -30.60 30.95
N ASP B 15 19.65 -30.94 30.40
CA ASP B 15 20.28 -32.27 30.55
C ASP B 15 19.44 -33.32 31.24
N LYS B 16 18.80 -34.15 30.43
CA LYS B 16 17.91 -35.20 30.91
C LYS B 16 18.67 -36.38 31.53
N ASN B 17 19.99 -36.41 31.39
CA ASN B 17 20.75 -37.50 31.99
C ASN B 17 21.49 -37.04 33.26
N ALA B 18 21.13 -35.86 33.76
CA ALA B 18 21.71 -35.36 35.00
C ALA B 18 21.14 -36.25 36.11
N SER B 19 21.73 -36.16 37.29
CA SER B 19 21.29 -36.98 38.44
C SER B 19 20.00 -36.50 39.09
N ASN B 20 19.76 -35.19 39.05
CA ASN B 20 18.58 -34.58 39.65
C ASN B 20 17.71 -33.89 38.59
N TYR B 21 17.53 -34.57 37.46
CA TYR B 21 16.76 -34.04 36.32
C TYR B 21 15.36 -33.51 36.66
N GLU B 22 14.49 -34.38 37.16
CA GLU B 22 13.15 -33.96 37.52
C GLU B 22 13.14 -32.66 38.33
N SER B 23 14.08 -32.51 39.26
CA SER B 23 14.12 -31.31 40.07
C SER B 23 14.50 -30.11 39.23
N LEU B 24 15.37 -30.33 38.25
CA LEU B 24 15.79 -29.26 37.36
C LEU B 24 14.55 -28.78 36.58
N VAL B 25 13.81 -29.73 36.03
CA VAL B 25 12.60 -29.42 35.27
C VAL B 25 11.57 -28.68 36.14
N ASP B 26 11.21 -29.26 37.28
CA ASP B 26 10.23 -28.64 38.19
C ASP B 26 10.62 -27.22 38.54
N GLN B 27 11.88 -27.06 38.98
CA GLN B 27 12.38 -25.75 39.37
C GLN B 27 12.43 -24.78 38.20
N GLU B 28 12.69 -25.30 37.01
CA GLU B 28 12.72 -24.44 35.82
C GLU B 28 11.29 -24.03 35.49
N MET B 29 10.37 -25.00 35.50
CA MET B 29 8.95 -24.73 35.22
C MET B 29 8.50 -23.64 36.16
N ASN B 30 9.04 -23.68 37.37
CA ASN B 30 8.72 -22.72 38.43
C ASN B 30 9.30 -21.34 38.12
N ASN B 31 10.52 -21.31 37.60
CA ASN B 31 11.13 -20.05 37.23
C ASN B 31 10.37 -19.47 36.04
N VAL B 32 9.87 -20.36 35.18
CA VAL B 32 9.11 -19.94 34.00
C VAL B 32 7.83 -19.27 34.50
N TYR B 33 7.21 -19.85 35.51
CA TYR B 33 6.00 -19.24 36.02
C TYR B 33 6.29 -17.95 36.77
N GLU B 34 7.39 -17.92 37.54
CA GLU B 34 7.76 -16.73 38.30
C GLU B 34 8.06 -15.52 37.41
N ARG B 35 8.70 -15.75 36.26
CA ARG B 35 9.00 -14.66 35.36
C ARG B 35 7.75 -14.16 34.65
N VAL B 36 6.87 -15.09 34.26
CA VAL B 36 5.62 -14.73 33.59
C VAL B 36 4.77 -13.88 34.51
N MET B 37 4.59 -14.38 35.73
CA MET B 37 3.84 -13.70 36.78
C MET B 37 4.34 -12.27 36.92
N LYS B 38 5.65 -12.12 37.08
CA LYS B 38 6.26 -10.80 37.23
C LYS B 38 6.04 -9.87 36.03
N LEU B 39 5.92 -10.45 34.83
CA LEU B 39 5.65 -9.62 33.67
C LEU B 39 4.24 -9.04 33.76
N ASP B 40 3.29 -9.85 34.24
CA ASP B 40 1.90 -9.44 34.36
C ASP B 40 1.30 -9.83 35.70
N PRO B 41 1.81 -9.22 36.79
CA PRO B 41 1.37 -9.46 38.18
C PRO B 41 -0.13 -9.51 38.46
N ASN B 42 -0.90 -8.56 37.91
CA ASN B 42 -2.32 -8.52 38.18
C ASN B 42 -3.31 -9.02 37.14
N GLN B 43 -2.82 -9.77 36.15
CA GLN B 43 -3.71 -10.34 35.15
C GLN B 43 -4.04 -11.71 35.74
N VAL B 44 -5.05 -11.74 36.59
CA VAL B 44 -5.43 -12.97 37.25
C VAL B 44 -5.88 -14.07 36.31
N GLU B 45 -6.81 -13.76 35.41
CA GLU B 45 -7.35 -14.74 34.47
C GLU B 45 -6.26 -15.33 33.57
N PHE B 46 -5.33 -14.47 33.15
CA PHE B 46 -4.24 -14.91 32.30
C PHE B 46 -3.27 -15.83 33.04
N LEU B 47 -2.72 -15.34 34.16
CA LEU B 47 -1.77 -16.12 34.95
C LEU B 47 -2.35 -17.48 35.31
N GLN B 48 -3.65 -17.53 35.57
CA GLN B 48 -4.24 -18.79 35.93
C GLN B 48 -4.32 -19.77 34.78
N ALA B 49 -4.61 -19.29 33.57
CA ALA B 49 -4.70 -20.15 32.40
C ALA B 49 -3.30 -20.61 31.99
N PHE B 50 -2.33 -19.73 32.15
CA PHE B 50 -0.97 -20.09 31.80
C PHE B 50 -0.52 -21.22 32.72
N HIS B 51 -0.55 -20.95 34.03
CA HIS B 51 -0.15 -21.92 35.03
C HIS B 51 -0.84 -23.25 34.75
N GLU B 52 -2.09 -23.18 34.33
CA GLU B 52 -2.89 -24.37 34.05
C GLU B 52 -2.29 -25.23 32.94
N ILE B 53 -1.95 -24.60 31.82
CA ILE B 53 -1.39 -25.34 30.69
C ILE B 53 0.04 -25.76 30.97
N LEU B 54 0.81 -24.81 31.48
CA LEU B 54 2.21 -25.00 31.82
C LEU B 54 2.50 -26.31 32.54
N TYR B 55 1.89 -26.47 33.72
CA TYR B 55 2.10 -27.68 34.49
C TYR B 55 1.44 -28.88 33.86
N SER B 56 0.38 -28.66 33.10
CA SER B 56 -0.29 -29.76 32.40
C SER B 56 0.68 -30.42 31.43
N LEU B 57 1.54 -29.59 30.85
CA LEU B 57 2.53 -30.03 29.87
C LEU B 57 3.78 -30.68 30.42
N LYS B 58 3.97 -30.61 31.73
CA LYS B 58 5.15 -31.18 32.38
C LYS B 58 5.62 -32.53 31.81
N PRO B 59 4.70 -33.45 31.51
CA PRO B 59 5.16 -34.73 30.97
C PRO B 59 6.03 -34.51 29.74
N LEU B 60 5.62 -33.55 28.92
CA LEU B 60 6.33 -33.22 27.69
C LEU B 60 7.66 -32.54 27.99
N PHE B 61 7.68 -31.64 28.97
CA PHE B 61 8.92 -30.94 29.32
C PHE B 61 9.97 -31.94 29.78
N MET B 62 9.56 -32.90 30.60
CA MET B 62 10.47 -33.93 31.06
C MET B 62 11.06 -34.55 29.80
N GLU B 63 10.20 -34.78 28.80
CA GLU B 63 10.61 -35.37 27.53
C GLU B 63 11.48 -34.48 26.65
N GLU B 64 10.94 -33.31 26.30
CA GLU B 64 11.63 -32.34 25.47
C GLU B 64 11.80 -31.04 26.24
N PRO B 65 12.80 -30.96 27.12
CA PRO B 65 13.07 -29.76 27.91
C PRO B 65 13.25 -28.53 27.04
N LYS B 66 13.54 -28.74 25.77
CA LYS B 66 13.71 -27.62 24.86
C LYS B 66 12.43 -26.80 24.79
N TYR B 67 11.30 -27.43 25.10
CA TYR B 67 10.01 -26.74 25.05
C TYR B 67 9.77 -25.83 26.26
N LEU B 68 10.74 -25.75 27.17
CA LEU B 68 10.60 -24.90 28.33
C LEU B 68 10.74 -23.41 27.98
N PRO B 69 11.83 -23.04 27.27
CA PRO B 69 12.02 -21.63 26.90
C PRO B 69 10.92 -21.19 25.94
N ILE B 70 10.50 -22.14 25.09
CA ILE B 70 9.47 -21.89 24.11
C ILE B 70 8.10 -21.49 24.71
N ILE B 71 7.52 -22.32 25.59
CA ILE B 71 6.22 -21.97 26.15
C ILE B 71 6.24 -20.63 26.88
N GLU B 72 7.39 -20.28 27.46
CA GLU B 72 7.50 -19.02 28.18
C GLU B 72 7.41 -17.86 27.20
N THR B 73 7.96 -18.06 26.01
CA THR B 73 7.94 -17.04 24.97
C THR B 73 6.59 -16.96 24.28
N LEU B 74 5.98 -18.11 24.02
CA LEU B 74 4.70 -18.12 23.35
C LEU B 74 3.60 -17.55 24.25
N SER B 75 3.89 -17.45 25.55
CA SER B 75 2.93 -16.89 26.49
C SER B 75 2.90 -15.37 26.37
N GLU B 76 3.79 -14.84 25.52
CA GLU B 76 3.91 -13.41 25.25
C GLU B 76 3.38 -13.15 23.83
N PRO B 77 2.23 -12.48 23.71
CA PRO B 77 1.60 -12.15 22.44
C PRO B 77 2.55 -11.58 21.41
N GLU B 78 2.51 -12.08 20.20
CA GLU B 78 3.39 -11.57 19.17
C GLU B 78 3.08 -10.09 18.99
N ARG B 79 1.83 -9.74 19.27
CA ARG B 79 1.36 -8.37 19.13
C ARG B 79 0.04 -8.18 19.89
N ALA B 80 -0.01 -7.17 20.73
CA ALA B 80 -1.21 -6.87 21.50
C ALA B 80 -1.51 -5.41 21.24
N ILE B 81 -2.67 -5.16 20.65
CA ILE B 81 -3.08 -3.79 20.33
C ILE B 81 -4.28 -3.37 21.14
N GLN B 82 -4.14 -2.26 21.86
CA GLN B 82 -5.23 -1.75 22.67
C GLN B 82 -5.57 -0.42 22.05
N PHE B 83 -6.85 -0.18 21.77
CA PHE B 83 -7.27 1.07 21.14
C PHE B 83 -8.52 1.73 21.71
N ARG B 84 -8.56 3.05 21.58
CA ARG B 84 -9.69 3.85 22.05
C ARG B 84 -10.73 3.89 20.97
N VAL B 85 -12.00 3.89 21.35
CA VAL B 85 -13.07 3.92 20.39
C VAL B 85 -14.19 4.82 20.89
N CYS B 86 -14.45 5.89 20.14
CA CYS B 86 -15.50 6.84 20.47
C CYS B 86 -16.69 6.69 19.53
N TRP B 87 -17.90 6.85 20.07
CA TRP B 87 -19.13 6.73 19.28
C TRP B 87 -20.28 7.55 19.90
N LEU B 88 -21.20 8.03 19.07
CA LEU B 88 -22.33 8.82 19.54
C LEU B 88 -23.49 7.94 20.00
N ASP B 89 -23.99 8.16 21.22
CA ASP B 89 -25.13 7.38 21.67
C ASP B 89 -26.37 8.01 21.06
N ASP B 90 -27.51 7.38 21.23
CA ASP B 90 -28.74 7.88 20.65
C ASP B 90 -29.24 9.21 21.21
N ASN B 91 -28.45 9.83 22.08
CA ASN B 91 -28.81 11.12 22.66
C ASN B 91 -27.88 12.22 22.13
N GLY B 92 -26.89 11.81 21.34
CA GLY B 92 -25.95 12.76 20.78
C GLY B 92 -24.69 12.91 21.60
N VAL B 93 -24.71 12.33 22.80
CA VAL B 93 -23.57 12.37 23.71
C VAL B 93 -22.46 11.47 23.17
N GLN B 94 -21.25 12.00 23.06
CA GLN B 94 -20.11 11.23 22.58
C GLN B 94 -19.72 10.22 23.66
N ARG B 95 -19.42 8.99 23.28
CA ARG B 95 -19.05 7.95 24.24
C ARG B 95 -17.64 7.39 24.03
N LYS B 96 -17.13 6.65 25.01
CA LYS B 96 -15.78 6.07 24.92
C LYS B 96 -15.70 4.64 25.48
N ASN B 97 -14.97 3.78 24.78
CA ASN B 97 -14.80 2.39 25.20
C ASN B 97 -13.38 1.92 24.94
N ARG B 98 -12.89 1.00 25.77
CA ARG B 98 -11.54 0.47 25.59
C ARG B 98 -11.67 -0.81 24.79
N CYS B 99 -10.85 -0.95 23.76
CA CYS B 99 -10.92 -2.13 22.90
C CYS B 99 -9.59 -2.88 22.81
N PHE B 100 -9.68 -4.15 22.44
CA PHE B 100 -8.47 -4.94 22.32
C PHE B 100 -8.50 -5.80 21.07
N ARG B 101 -7.36 -6.42 20.81
CA ARG B 101 -7.16 -7.35 19.73
C ARG B 101 -5.75 -7.86 19.91
N VAL B 102 -5.65 -8.99 20.60
CA VAL B 102 -4.40 -9.63 20.88
C VAL B 102 -4.11 -10.63 19.78
N GLN B 103 -3.13 -10.32 18.95
CA GLN B 103 -2.75 -11.21 17.86
C GLN B 103 -1.64 -12.08 18.46
N TYR B 104 -2.08 -13.10 19.20
CA TYR B 104 -1.23 -14.03 19.93
C TYR B 104 -0.22 -14.87 19.17
N ASN B 105 -0.67 -15.87 18.44
CA ASN B 105 0.27 -16.69 17.71
C ASN B 105 -0.04 -16.80 16.23
N SER B 106 1.02 -16.82 15.40
CA SER B 106 0.89 -16.89 13.95
C SER B 106 1.71 -18.01 13.30
N ALA B 107 2.08 -19.01 14.08
CA ALA B 107 2.87 -20.09 13.54
C ALA B 107 2.12 -21.01 12.60
N LEU B 108 0.89 -21.37 12.95
CA LEU B 108 0.08 -22.29 12.15
C LEU B 108 -0.85 -21.65 11.11
N GLY B 109 -1.01 -20.33 11.17
CA GLY B 109 -1.89 -19.67 10.23
C GLY B 109 -2.30 -18.29 10.73
N PRO B 110 -3.17 -17.60 9.99
CA PRO B 110 -3.65 -16.26 10.37
C PRO B 110 -4.30 -16.26 11.74
N TYR B 111 -4.08 -15.21 12.52
CA TYR B 111 -4.67 -15.13 13.84
C TYR B 111 -6.17 -15.39 13.74
N LYS B 112 -6.67 -16.29 14.58
CA LYS B 112 -8.09 -16.64 14.63
C LYS B 112 -8.53 -16.55 16.08
N GLY B 113 -9.56 -15.76 16.34
CA GLY B 113 -10.06 -15.61 17.68
C GLY B 113 -11.23 -14.65 17.63
N GLY B 114 -12.24 -14.89 18.44
CA GLY B 114 -13.41 -14.04 18.42
C GLY B 114 -13.25 -12.71 19.12
N LEU B 115 -14.30 -11.90 19.03
CA LEU B 115 -14.34 -10.59 19.67
C LEU B 115 -15.41 -10.63 20.76
N ARG B 116 -15.13 -9.98 21.90
CA ARG B 116 -16.08 -9.99 23.01
C ARG B 116 -16.45 -8.60 23.55
N PHE B 117 -17.72 -8.23 23.40
CA PHE B 117 -18.19 -6.95 23.89
C PHE B 117 -18.90 -7.26 25.21
N HIS B 118 -18.23 -6.97 26.31
CA HIS B 118 -18.78 -7.24 27.62
C HIS B 118 -18.18 -6.30 28.68
N PRO B 119 -19.03 -5.69 29.52
CA PRO B 119 -18.58 -4.76 30.58
C PRO B 119 -17.31 -5.17 31.32
N SER B 120 -17.09 -6.48 31.48
CA SER B 120 -15.93 -6.96 32.20
C SER B 120 -14.70 -7.33 31.35
N VAL B 121 -14.73 -7.04 30.06
CA VAL B 121 -13.58 -7.35 29.22
C VAL B 121 -12.40 -6.47 29.60
N ASN B 122 -11.20 -7.03 29.54
CA ASN B 122 -9.98 -6.30 29.84
C ASN B 122 -8.81 -7.08 29.29
N LEU B 123 -7.64 -6.46 29.27
CA LEU B 123 -6.46 -7.12 28.73
C LEU B 123 -6.32 -8.55 29.23
N SER B 124 -6.20 -8.73 30.53
CA SER B 124 -6.05 -10.05 31.10
C SER B 124 -7.02 -11.09 30.51
N ILE B 125 -8.32 -10.83 30.61
CA ILE B 125 -9.32 -11.77 30.09
C ILE B 125 -9.21 -12.05 28.59
N VAL B 126 -8.86 -11.04 27.81
CA VAL B 126 -8.70 -11.18 26.37
C VAL B 126 -7.46 -12.04 26.08
N LYS B 127 -6.44 -11.82 26.89
CA LYS B 127 -5.16 -12.54 26.79
C LYS B 127 -5.43 -13.99 27.21
N PHE B 128 -6.32 -14.16 28.16
CA PHE B 128 -6.69 -15.47 28.69
C PHE B 128 -7.43 -16.32 27.66
N LEU B 129 -8.32 -15.71 26.90
CA LEU B 129 -9.06 -16.44 25.89
C LEU B 129 -8.17 -16.65 24.69
N GLY B 130 -7.27 -15.70 24.47
CA GLY B 130 -6.37 -15.79 23.34
C GLY B 130 -5.33 -16.88 23.50
N PHE B 131 -4.80 -17.02 24.71
CA PHE B 131 -3.79 -18.03 24.93
C PHE B 131 -4.33 -19.43 24.72
N GLU B 132 -5.56 -19.69 25.17
CA GLU B 132 -6.14 -21.01 25.00
C GLU B 132 -6.67 -21.19 23.58
N GLN B 133 -7.03 -20.09 22.94
CA GLN B 133 -7.52 -20.13 21.56
C GLN B 133 -6.45 -20.68 20.64
N ILE B 134 -5.19 -20.45 21.00
CA ILE B 134 -4.08 -20.93 20.20
C ILE B 134 -4.20 -22.43 20.07
N PHE B 135 -4.09 -23.11 21.20
CA PHE B 135 -4.13 -24.55 21.27
C PHE B 135 -5.42 -25.18 20.76
N LYS B 136 -6.51 -24.44 20.83
CA LYS B 136 -7.79 -24.96 20.36
C LYS B 136 -7.73 -24.99 18.82
N ASN B 137 -7.22 -23.90 18.25
CA ASN B 137 -7.10 -23.80 16.80
C ASN B 137 -6.13 -24.84 16.27
N SER B 138 -5.02 -25.03 16.99
CA SER B 138 -4.01 -26.00 16.60
C SER B 138 -4.58 -27.39 16.51
N LEU B 139 -5.51 -27.69 17.40
CA LEU B 139 -6.13 -29.00 17.45
C LEU B 139 -7.10 -29.33 16.33
N THR B 140 -7.68 -28.31 15.72
CA THR B 140 -8.64 -28.51 14.64
C THR B 140 -7.98 -29.12 13.42
N GLY B 141 -6.66 -29.06 13.38
CA GLY B 141 -5.92 -29.62 12.26
C GLY B 141 -5.77 -28.63 11.12
N LEU B 142 -6.64 -27.64 11.08
CA LEU B 142 -6.61 -26.65 10.03
C LEU B 142 -5.45 -25.66 10.22
N SER B 143 -5.35 -24.69 9.31
CA SER B 143 -4.31 -23.68 9.40
C SER B 143 -4.84 -22.39 10.02
N MET B 144 -4.76 -22.29 11.35
CA MET B 144 -5.24 -21.12 12.05
C MET B 144 -4.37 -20.77 13.25
N GLY B 145 -4.08 -19.49 13.41
CA GLY B 145 -3.27 -19.06 14.53
C GLY B 145 -4.18 -18.80 15.72
N GLY B 146 -3.80 -17.90 16.60
CA GLY B 146 -4.66 -17.63 17.74
C GLY B 146 -4.76 -16.18 18.13
N GLY B 147 -5.98 -15.69 18.24
CA GLY B 147 -6.16 -14.31 18.62
C GLY B 147 -7.41 -14.12 19.44
N LYS B 148 -7.69 -12.88 19.82
CA LYS B 148 -8.87 -12.59 20.62
C LYS B 148 -8.90 -11.08 20.76
N GLY B 149 -10.06 -10.54 21.10
CA GLY B 149 -10.20 -9.11 21.28
C GLY B 149 -11.61 -8.81 21.71
N GLY B 150 -11.92 -7.54 21.92
CA GLY B 150 -13.25 -7.20 22.36
C GLY B 150 -13.28 -5.81 22.91
N SER B 151 -14.38 -5.46 23.56
CA SER B 151 -14.52 -4.13 24.12
C SER B 151 -15.29 -4.18 25.44
N ASP B 152 -15.05 -3.21 26.33
CA ASP B 152 -15.77 -3.20 27.59
C ASP B 152 -17.08 -2.51 27.31
N PHE B 153 -17.43 -2.50 26.04
CA PHE B 153 -18.67 -1.94 25.53
C PHE B 153 -19.77 -2.91 25.92
N ASP B 154 -20.81 -2.40 26.59
CA ASP B 154 -21.92 -3.23 27.02
C ASP B 154 -23.08 -3.16 26.02
N PRO B 155 -23.34 -4.25 25.29
CA PRO B 155 -24.45 -4.20 24.33
C PRO B 155 -25.83 -4.10 24.98
N LYS B 156 -26.00 -4.72 26.15
CA LYS B 156 -27.30 -4.68 26.84
C LYS B 156 -27.81 -3.26 27.03
N GLY B 157 -29.07 -3.04 26.65
CA GLY B 157 -29.64 -1.72 26.81
C GLY B 157 -29.41 -0.79 25.64
N LYS B 158 -28.72 -1.26 24.61
CA LYS B 158 -28.44 -0.44 23.44
C LYS B 158 -29.40 -0.65 22.26
N SER B 159 -29.64 0.43 21.51
CA SER B 159 -30.50 0.38 20.34
C SER B 159 -29.68 -0.34 19.27
N ASP B 160 -30.32 -0.71 18.18
CA ASP B 160 -29.60 -1.36 17.11
C ASP B 160 -28.67 -0.27 16.55
N ASN B 161 -29.22 0.93 16.39
CA ASN B 161 -28.43 2.05 15.89
C ASN B 161 -27.16 2.31 16.69
N GLU B 162 -27.14 1.90 17.97
CA GLU B 162 -25.96 2.13 18.79
C GLU B 162 -24.96 1.01 18.58
N ILE B 163 -25.44 -0.22 18.57
CA ILE B 163 -24.58 -1.36 18.35
C ILE B 163 -23.86 -1.14 17.01
N LEU B 164 -24.56 -0.53 16.08
CA LEU B 164 -24.02 -0.26 14.75
C LEU B 164 -22.93 0.79 14.79
N LYS B 165 -23.23 1.96 15.34
CA LYS B 165 -22.25 3.03 15.42
C LYS B 165 -21.03 2.55 16.16
N PHE B 166 -21.22 1.76 17.20
CA PHE B 166 -20.05 1.28 17.91
C PHE B 166 -19.32 0.28 17.05
N CYS B 167 -20.06 -0.52 16.29
CA CYS B 167 -19.45 -1.51 15.45
C CYS B 167 -18.66 -0.89 14.31
N GLN B 168 -19.10 0.27 13.83
CA GLN B 168 -18.42 0.96 12.75
C GLN B 168 -17.19 1.68 13.29
N ALA B 169 -17.31 2.16 14.52
CA ALA B 169 -16.22 2.86 15.18
C ALA B 169 -15.10 1.88 15.50
N PHE B 170 -15.47 0.71 16.02
CA PHE B 170 -14.54 -0.33 16.38
C PHE B 170 -13.70 -0.73 15.18
N MET B 171 -14.36 -1.07 14.08
CA MET B 171 -13.69 -1.45 12.85
C MET B 171 -12.92 -0.30 12.23
N ASN B 172 -13.33 0.94 12.52
CA ASN B 172 -12.64 2.10 12.00
C ASN B 172 -11.19 2.14 12.44
N GLU B 173 -10.83 1.28 13.37
CA GLU B 173 -9.46 1.21 13.86
C GLU B 173 -8.92 -0.19 13.64
N LEU B 174 -9.74 -1.19 13.98
CA LEU B 174 -9.36 -2.59 13.86
C LEU B 174 -8.98 -3.09 12.45
N TYR B 175 -9.66 -2.58 11.44
CA TYR B 175 -9.42 -3.02 10.06
C TYR B 175 -7.95 -3.02 9.64
N ARG B 176 -7.22 -1.97 10.04
CA ARG B 176 -5.82 -1.80 9.68
C ARG B 176 -4.91 -2.91 10.21
N HIS B 177 -5.41 -3.71 11.15
CA HIS B 177 -4.63 -4.80 11.73
C HIS B 177 -5.09 -6.19 11.29
N ILE B 178 -6.24 -6.28 10.61
CA ILE B 178 -6.77 -7.58 10.16
C ILE B 178 -6.91 -7.76 8.65
N GLY B 179 -7.15 -9.00 8.23
CA GLY B 179 -7.30 -9.31 6.81
C GLY B 179 -7.45 -10.79 6.57
N PRO B 180 -7.91 -11.22 5.38
CA PRO B 180 -8.09 -12.64 5.06
C PRO B 180 -6.93 -13.55 5.45
N CYS B 181 -5.71 -13.09 5.20
CA CYS B 181 -4.52 -13.88 5.51
C CYS B 181 -3.67 -13.30 6.63
N THR B 182 -4.28 -12.51 7.48
CA THR B 182 -3.55 -11.91 8.56
C THR B 182 -4.17 -12.21 9.90
N ASP B 183 -5.42 -11.80 10.06
CA ASP B 183 -6.14 -11.99 11.30
C ASP B 183 -7.65 -12.00 11.03
N VAL B 184 -8.27 -13.14 11.23
CA VAL B 184 -9.70 -13.30 10.99
C VAL B 184 -10.54 -13.40 12.26
N PRO B 185 -10.98 -12.25 12.79
CA PRO B 185 -11.80 -12.31 14.01
C PRO B 185 -13.13 -13.01 13.76
N ALA B 186 -13.81 -13.35 14.85
CA ALA B 186 -15.09 -14.04 14.78
C ALA B 186 -15.95 -13.47 15.89
N GLY B 187 -17.09 -14.11 16.12
CA GLY B 187 -17.98 -13.65 17.18
C GLY B 187 -17.69 -14.29 18.53
N ASP B 188 -18.47 -13.88 19.52
CA ASP B 188 -18.35 -14.37 20.88
C ASP B 188 -19.43 -13.66 21.70
N ILE B 189 -19.35 -13.72 23.02
CA ILE B 189 -20.33 -13.03 23.83
C ILE B 189 -20.33 -11.56 23.45
N GLY B 190 -21.52 -11.05 23.12
CA GLY B 190 -21.65 -9.66 22.76
C GLY B 190 -21.64 -9.44 21.26
N VAL B 191 -20.97 -10.33 20.55
CA VAL B 191 -20.87 -10.26 19.11
C VAL B 191 -21.51 -11.47 18.45
N GLY B 192 -22.73 -11.30 17.95
CA GLY B 192 -23.42 -12.39 17.28
C GLY B 192 -23.46 -12.11 15.79
N GLY B 193 -24.49 -12.60 15.11
CA GLY B 193 -24.57 -12.35 13.69
C GLY B 193 -24.77 -10.88 13.37
N ARG B 194 -25.60 -10.20 14.15
CA ARG B 194 -25.87 -8.80 13.92
C ARG B 194 -24.60 -7.95 13.97
N GLU B 195 -23.80 -8.14 15.01
CA GLU B 195 -22.59 -7.37 15.16
C GLU B 195 -21.63 -7.65 14.02
N ILE B 196 -21.35 -8.92 13.78
CA ILE B 196 -20.44 -9.29 12.70
C ILE B 196 -20.94 -8.76 11.36
N GLY B 197 -22.25 -8.56 11.24
CA GLY B 197 -22.82 -8.05 10.00
C GLY B 197 -22.43 -6.59 9.84
N TYR B 198 -22.47 -5.83 10.94
CA TYR B 198 -22.10 -4.41 10.92
C TYR B 198 -20.59 -4.26 10.93
N LEU B 199 -19.87 -5.21 11.52
CA LEU B 199 -18.41 -5.15 11.54
C LEU B 199 -17.88 -5.37 10.12
N TYR B 200 -18.46 -6.36 9.44
CA TYR B 200 -18.06 -6.71 8.08
C TYR B 200 -18.43 -5.57 7.15
N GLY B 201 -19.63 -5.03 7.34
CA GLY B 201 -20.11 -3.94 6.53
C GLY B 201 -19.16 -2.76 6.55
N GLN B 202 -18.76 -2.35 7.75
CA GLN B 202 -17.84 -1.22 7.89
C GLN B 202 -16.51 -1.54 7.23
N TYR B 203 -15.98 -2.74 7.51
CA TYR B 203 -14.72 -3.19 6.94
C TYR B 203 -14.72 -3.12 5.42
N LYS B 204 -15.71 -3.76 4.80
CA LYS B 204 -15.82 -3.77 3.35
C LYS B 204 -15.94 -2.33 2.82
N LYS B 205 -16.53 -1.47 3.63
CA LYS B 205 -16.72 -0.09 3.25
C LYS B 205 -15.42 0.68 3.23
N ILE B 206 -14.59 0.50 4.25
CA ILE B 206 -13.33 1.22 4.32
C ILE B 206 -12.26 0.65 3.42
N VAL B 207 -12.02 -0.65 3.54
CA VAL B 207 -11.00 -1.33 2.75
C VAL B 207 -11.40 -1.59 1.30
N ASN B 208 -12.69 -1.64 1.01
CA ASN B 208 -13.15 -1.88 -0.35
C ASN B 208 -12.74 -3.26 -0.82
N SER B 209 -13.13 -4.26 -0.06
CA SER B 209 -12.81 -5.62 -0.44
C SER B 209 -13.89 -6.54 0.15
N PHE B 210 -14.23 -7.59 -0.59
CA PHE B 210 -15.21 -8.56 -0.15
C PHE B 210 -14.46 -9.86 0.08
N ASN B 211 -14.13 -10.17 1.33
CA ASN B 211 -13.41 -11.38 1.67
C ASN B 211 -13.84 -11.99 3.01
N GLY B 212 -13.14 -13.03 3.43
CA GLY B 212 -13.45 -13.69 4.69
C GLY B 212 -12.65 -13.23 5.89
N THR B 213 -12.49 -11.91 6.03
CA THR B 213 -11.76 -11.31 7.15
C THR B 213 -12.46 -11.55 8.47
N LEU B 214 -13.73 -11.95 8.41
CA LEU B 214 -14.53 -12.24 9.59
C LEU B 214 -15.37 -13.49 9.35
N THR B 215 -15.41 -14.38 10.32
CA THR B 215 -16.22 -15.58 10.18
C THR B 215 -17.51 -15.38 11.01
N GLY B 216 -18.47 -16.26 10.83
CA GLY B 216 -19.71 -16.11 11.56
C GLY B 216 -20.70 -15.27 10.77
N LYS B 217 -20.36 -15.04 9.51
CA LYS B 217 -21.20 -14.25 8.62
C LYS B 217 -22.46 -14.97 8.17
N ASN B 218 -23.39 -14.17 7.63
CA ASN B 218 -24.67 -14.66 7.14
C ASN B 218 -24.41 -15.48 5.86
N VAL B 219 -25.14 -16.57 5.72
CA VAL B 219 -25.01 -17.42 4.55
C VAL B 219 -25.26 -16.66 3.24
N LYS B 220 -25.86 -15.47 3.33
CA LYS B 220 -26.14 -14.69 2.12
C LYS B 220 -24.95 -13.92 1.59
N TRP B 221 -23.94 -13.72 2.42
CA TRP B 221 -22.75 -13.00 1.97
C TRP B 221 -21.43 -13.55 2.49
N GLY B 222 -21.25 -14.87 2.35
CA GLY B 222 -20.01 -15.48 2.79
C GLY B 222 -20.08 -16.51 3.89
N GLY B 223 -21.20 -16.58 4.60
CA GLY B 223 -21.33 -17.52 5.68
C GLY B 223 -21.36 -18.98 5.28
N SER B 224 -21.25 -19.86 6.28
CA SER B 224 -21.29 -21.30 6.07
C SER B 224 -22.53 -21.91 6.68
N ASN B 225 -22.97 -23.07 6.15
CA ASN B 225 -24.11 -23.77 6.74
C ASN B 225 -23.51 -24.41 7.98
N LEU B 226 -24.33 -24.75 8.96
CA LEU B 226 -23.86 -25.36 10.20
C LEU B 226 -23.11 -24.37 11.06
N ARG B 227 -23.09 -23.11 10.65
CA ARG B 227 -22.39 -22.09 11.42
C ARG B 227 -22.90 -22.04 12.86
N VAL B 228 -24.17 -22.38 13.04
CA VAL B 228 -24.84 -22.38 14.33
C VAL B 228 -24.81 -23.74 15.05
N GLU B 229 -24.89 -24.83 14.30
CA GLU B 229 -24.86 -26.17 14.88
C GLU B 229 -23.46 -26.71 15.20
N ALA B 230 -22.44 -26.11 14.59
CA ALA B 230 -21.04 -26.53 14.74
C ALA B 230 -20.57 -26.94 16.12
N THR B 231 -20.52 -26.00 17.06
CA THR B 231 -20.07 -26.31 18.41
C THR B 231 -20.90 -27.42 19.02
N GLY B 232 -22.22 -27.23 19.08
CA GLY B 232 -23.10 -28.24 19.64
C GLY B 232 -22.91 -29.63 19.03
N TYR B 233 -22.64 -29.69 17.72
CA TYR B 233 -22.44 -30.97 17.06
C TYR B 233 -21.07 -31.54 17.35
N GLY B 234 -20.05 -30.70 17.21
CA GLY B 234 -18.68 -31.13 17.45
C GLY B 234 -18.55 -31.81 18.78
N LEU B 235 -19.22 -31.22 19.77
CA LEU B 235 -19.24 -31.70 21.14
C LEU B 235 -19.73 -33.15 21.19
N VAL B 236 -20.93 -33.41 20.66
CA VAL B 236 -21.47 -34.76 20.64
C VAL B 236 -20.58 -35.68 19.80
N TYR B 237 -20.05 -35.19 18.68
CA TYR B 237 -19.19 -36.03 17.85
C TYR B 237 -17.97 -36.43 18.63
N PHE B 238 -17.39 -35.48 19.37
CA PHE B 238 -16.20 -35.79 20.14
C PHE B 238 -16.50 -36.84 21.20
N VAL B 239 -17.63 -36.71 21.86
CA VAL B 239 -18.00 -37.68 22.87
C VAL B 239 -18.39 -39.02 22.27
N LEU B 240 -18.93 -39.01 21.05
CA LEU B 240 -19.31 -40.27 20.42
C LEU B 240 -18.03 -40.99 20.09
N GLU B 241 -17.04 -40.22 19.65
CA GLU B 241 -15.74 -40.76 19.30
C GLU B 241 -15.10 -41.41 20.55
N VAL B 242 -15.19 -40.76 21.71
CA VAL B 242 -14.66 -41.32 22.96
C VAL B 242 -15.47 -42.56 23.31
N LEU B 243 -16.79 -42.46 23.23
CA LEU B 243 -17.63 -43.59 23.54
C LEU B 243 -17.36 -44.77 22.63
N LYS B 244 -17.17 -44.50 21.34
CA LYS B 244 -16.90 -45.56 20.39
C LYS B 244 -15.62 -46.33 20.66
N SER B 245 -14.60 -45.63 21.15
CA SER B 245 -13.29 -46.25 21.41
C SER B 245 -13.27 -47.09 22.68
N LEU B 246 -14.27 -46.91 23.52
CA LEU B 246 -14.36 -47.66 24.76
C LEU B 246 -15.39 -48.76 24.55
N ASN B 247 -16.10 -48.69 23.43
CA ASN B 247 -17.14 -49.65 23.10
C ASN B 247 -18.38 -49.49 24.00
N ILE B 248 -18.65 -48.26 24.41
CA ILE B 248 -19.80 -47.95 25.23
C ILE B 248 -20.96 -47.54 24.29
N PRO B 249 -22.02 -48.36 24.20
CA PRO B 249 -23.20 -48.10 23.35
C PRO B 249 -23.75 -46.69 23.55
N VAL B 250 -23.67 -45.86 22.52
CA VAL B 250 -24.15 -44.50 22.68
C VAL B 250 -25.66 -44.44 22.89
N GLU B 251 -26.39 -45.38 22.31
CA GLU B 251 -27.84 -45.37 22.46
C GLU B 251 -28.30 -46.00 23.74
N LYS B 252 -27.42 -46.03 24.74
CA LYS B 252 -27.79 -46.59 26.03
C LYS B 252 -27.37 -45.63 27.12
N GLN B 253 -27.03 -44.42 26.70
CA GLN B 253 -26.57 -43.38 27.57
C GLN B 253 -27.69 -42.40 27.91
N THR B 254 -27.53 -41.67 29.00
CA THR B 254 -28.50 -40.68 29.43
C THR B 254 -27.72 -39.40 29.62
N ALA B 255 -28.16 -38.31 29.00
CA ALA B 255 -27.42 -37.06 29.12
C ALA B 255 -28.14 -35.95 29.84
N VAL B 256 -27.35 -35.16 30.56
CA VAL B 256 -27.83 -34.01 31.31
C VAL B 256 -27.08 -32.83 30.73
N VAL B 257 -27.82 -31.82 30.28
CA VAL B 257 -27.19 -30.66 29.67
C VAL B 257 -27.59 -29.38 30.37
N SER B 258 -26.65 -28.44 30.43
CA SER B 258 -26.91 -27.14 31.03
C SER B 258 -26.80 -26.12 29.93
N GLY B 259 -27.35 -24.94 30.18
CA GLY B 259 -27.31 -23.89 29.17
C GLY B 259 -28.48 -24.03 28.23
N SER B 260 -28.72 -23.01 27.43
CA SER B 260 -29.80 -23.00 26.46
C SER B 260 -29.36 -22.27 25.20
N GLY B 261 -28.06 -22.04 25.08
CA GLY B 261 -27.52 -21.36 23.91
C GLY B 261 -27.46 -22.25 22.68
N ASN B 262 -26.68 -21.82 21.69
CA ASN B 262 -26.55 -22.59 20.47
C ASN B 262 -25.75 -23.87 20.68
N VAL B 263 -24.98 -23.92 21.77
CA VAL B 263 -24.17 -25.10 22.08
C VAL B 263 -25.03 -26.17 22.73
N ALA B 264 -25.80 -25.80 23.75
CA ALA B 264 -26.64 -26.77 24.42
C ALA B 264 -27.77 -27.23 23.50
N LEU B 265 -28.33 -26.28 22.76
CA LEU B 265 -29.42 -26.56 21.83
C LEU B 265 -29.11 -27.61 20.77
N TYR B 266 -27.98 -27.48 20.10
CA TYR B 266 -27.63 -28.43 19.06
C TYR B 266 -26.91 -29.68 19.55
N CYS B 267 -26.40 -29.62 20.78
CA CYS B 267 -25.76 -30.77 21.38
C CYS B 267 -26.90 -31.76 21.60
N VAL B 268 -27.99 -31.23 22.13
CA VAL B 268 -29.18 -32.03 22.41
C VAL B 268 -29.78 -32.51 21.12
N GLN B 269 -29.75 -31.68 20.10
CA GLN B 269 -30.32 -32.08 18.82
C GLN B 269 -29.53 -33.24 18.25
N LYS B 270 -28.19 -33.18 18.33
CA LYS B 270 -27.40 -34.29 17.81
C LYS B 270 -27.55 -35.51 18.72
N LEU B 271 -27.70 -35.25 20.02
CA LEU B 271 -27.87 -36.32 20.98
C LEU B 271 -29.13 -37.09 20.66
N LEU B 272 -30.20 -36.39 20.36
CA LEU B 272 -31.46 -37.05 20.06
C LEU B 272 -31.35 -37.89 18.78
N HIS B 273 -30.65 -37.36 17.78
CA HIS B 273 -30.47 -38.07 16.52
C HIS B 273 -29.71 -39.37 16.73
N LEU B 274 -28.74 -39.34 17.64
CA LEU B 274 -27.96 -40.53 17.94
C LEU B 274 -28.71 -41.45 18.90
N ASN B 275 -29.96 -41.10 19.19
CA ASN B 275 -30.80 -41.90 20.08
C ASN B 275 -30.41 -41.88 21.56
N VAL B 276 -29.85 -40.76 22.00
CA VAL B 276 -29.44 -40.59 23.38
C VAL B 276 -30.60 -39.92 24.12
N LYS B 277 -30.86 -40.31 25.36
CA LYS B 277 -31.94 -39.68 26.10
C LYS B 277 -31.44 -38.43 26.81
N VAL B 278 -32.02 -37.29 26.46
CA VAL B 278 -31.67 -36.02 27.08
C VAL B 278 -32.73 -35.67 28.10
N LEU B 279 -32.29 -35.33 29.31
CA LEU B 279 -33.25 -35.01 30.34
C LEU B 279 -33.38 -33.54 30.68
N THR B 280 -32.40 -32.72 30.30
CA THR B 280 -32.47 -31.31 30.66
C THR B 280 -31.82 -30.31 29.73
N LEU B 281 -32.06 -29.04 30.06
CA LEU B 281 -31.53 -27.85 29.41
C LEU B 281 -31.70 -26.84 30.52
N SER B 282 -31.06 -25.67 30.44
CA SER B 282 -31.20 -24.71 31.52
C SER B 282 -30.99 -23.25 31.18
N ASP B 283 -31.43 -22.40 32.09
CA ASP B 283 -31.33 -20.95 31.96
C ASP B 283 -30.64 -20.48 33.22
N SER B 284 -30.01 -19.31 33.19
CA SER B 284 -29.33 -18.82 34.39
C SER B 284 -30.33 -18.65 35.56
N ASN B 285 -31.62 -18.83 35.29
CA ASN B 285 -32.66 -18.71 36.30
C ASN B 285 -33.07 -20.05 36.87
N GLY B 286 -32.99 -21.10 36.05
CA GLY B 286 -33.37 -22.41 36.53
C GLY B 286 -33.27 -23.41 35.40
N TYR B 287 -33.44 -24.70 35.70
CA TYR B 287 -33.36 -25.72 34.67
C TYR B 287 -34.68 -26.43 34.44
N VAL B 288 -34.84 -26.99 33.24
CA VAL B 288 -36.05 -27.71 32.86
C VAL B 288 -35.79 -29.22 32.79
N TYR B 289 -36.82 -30.01 33.09
CA TYR B 289 -36.69 -31.46 33.12
C TYR B 289 -37.79 -32.22 32.38
N GLU B 290 -37.41 -33.12 31.48
CA GLU B 290 -38.39 -33.95 30.74
C GLU B 290 -38.24 -35.40 31.20
N PRO B 291 -39.15 -35.83 32.08
CA PRO B 291 -39.23 -37.18 32.68
C PRO B 291 -38.84 -38.31 31.76
N ASN B 292 -39.53 -38.38 30.63
CA ASN B 292 -39.32 -39.41 29.62
C ASN B 292 -38.23 -39.09 28.61
N GLY B 293 -37.57 -37.94 28.79
CA GLY B 293 -36.53 -37.52 27.87
C GLY B 293 -37.06 -36.45 26.93
N PHE B 294 -36.18 -35.73 26.24
CA PHE B 294 -36.65 -34.69 25.33
C PHE B 294 -36.97 -35.23 23.95
N THR B 295 -37.76 -34.47 23.22
CA THR B 295 -38.18 -34.83 21.88
C THR B 295 -37.72 -33.81 20.86
N HIS B 296 -37.68 -34.26 19.61
CA HIS B 296 -37.30 -33.40 18.51
C HIS B 296 -38.27 -32.22 18.50
N GLU B 297 -39.55 -32.51 18.71
CA GLU B 297 -40.56 -31.45 18.73
C GLU B 297 -40.30 -30.47 19.87
N ASN B 298 -40.06 -31.02 21.07
CA ASN B 298 -39.79 -30.21 22.26
C ASN B 298 -38.62 -29.28 22.01
N LEU B 299 -37.56 -29.86 21.45
CA LEU B 299 -36.34 -29.15 21.14
C LEU B 299 -36.64 -28.04 20.14
N GLU B 300 -37.68 -28.25 19.32
CA GLU B 300 -38.09 -27.26 18.33
C GLU B 300 -38.79 -26.06 18.99
N PHE B 301 -39.48 -26.31 20.09
CA PHE B 301 -40.13 -25.23 20.84
C PHE B 301 -39.00 -24.38 21.44
N LEU B 302 -38.17 -25.04 22.25
CA LEU B 302 -37.03 -24.43 22.94
C LEU B 302 -36.14 -23.65 22.01
N ILE B 303 -35.87 -24.26 20.87
CA ILE B 303 -35.01 -23.67 19.88
C ILE B 303 -35.64 -22.47 19.16
N ASP B 304 -36.49 -22.76 18.19
CA ASP B 304 -37.09 -21.69 17.42
C ASP B 304 -38.15 -20.92 18.20
N LEU B 305 -37.76 -20.45 19.38
CA LEU B 305 -38.63 -19.65 20.20
C LEU B 305 -37.86 -19.08 21.37
N LYS B 306 -37.31 -19.93 22.22
CA LYS B 306 -36.57 -19.40 23.35
C LYS B 306 -35.10 -19.26 23.00
N GLU B 307 -34.90 -18.57 21.88
CA GLU B 307 -33.62 -18.25 21.26
C GLU B 307 -33.97 -17.48 19.99
N GLU B 308 -35.15 -17.78 19.45
CA GLU B 308 -35.63 -17.09 18.26
C GLU B 308 -36.39 -15.83 18.68
N LYS B 309 -36.92 -15.86 19.92
CA LYS B 309 -37.66 -14.78 20.55
C LYS B 309 -36.88 -14.33 21.80
N LYS B 310 -36.01 -15.22 22.26
CA LYS B 310 -35.16 -14.97 23.42
C LYS B 310 -35.88 -14.95 24.79
N GLY B 311 -36.82 -15.88 24.99
CA GLY B 311 -37.55 -15.96 26.23
C GLY B 311 -36.77 -16.53 27.41
N ARG B 312 -37.50 -17.10 28.35
CA ARG B 312 -36.90 -17.72 29.53
C ARG B 312 -37.31 -19.19 29.44
N ILE B 313 -36.35 -20.10 29.64
CA ILE B 313 -36.61 -21.52 29.52
C ILE B 313 -37.86 -21.96 30.32
N LYS B 314 -38.39 -21.07 31.16
CA LYS B 314 -39.62 -21.35 31.93
C LYS B 314 -40.80 -21.52 30.99
N GLU B 315 -40.82 -20.69 29.95
CA GLU B 315 -41.90 -20.73 28.96
C GLU B 315 -41.98 -22.10 28.34
N TYR B 316 -40.95 -22.91 28.53
CA TYR B 316 -40.99 -24.25 27.98
C TYR B 316 -42.26 -24.95 28.48
N LEU B 317 -42.73 -24.60 29.66
CA LEU B 317 -43.91 -25.26 30.20
C LEU B 317 -45.17 -25.00 29.40
N ASN B 318 -45.22 -23.89 28.67
CA ASN B 318 -46.40 -23.59 27.85
C ASN B 318 -46.49 -24.54 26.65
N HIS B 319 -45.49 -25.41 26.51
CA HIS B 319 -45.43 -26.36 25.39
C HIS B 319 -45.50 -27.82 25.85
N SER B 320 -44.94 -28.10 27.03
CA SER B 320 -44.94 -29.47 27.54
C SER B 320 -45.67 -29.56 28.87
N SER B 321 -46.77 -30.29 28.88
CA SER B 321 -47.54 -30.45 30.10
C SER B 321 -46.81 -31.45 30.94
N THR B 322 -45.81 -32.09 30.35
CA THR B 322 -45.07 -33.10 31.08
C THR B 322 -43.76 -32.58 31.68
N ALA B 323 -43.36 -31.37 31.30
CA ALA B 323 -42.13 -30.79 31.80
C ALA B 323 -42.30 -30.25 33.21
N LYS B 324 -41.19 -29.79 33.77
CA LYS B 324 -41.17 -29.23 35.09
C LYS B 324 -39.91 -28.39 35.21
N TYR B 325 -40.07 -27.19 35.74
CA TYR B 325 -38.99 -26.23 35.90
C TYR B 325 -38.50 -26.23 37.34
N PHE B 326 -37.23 -25.91 37.54
CA PHE B 326 -36.69 -25.86 38.89
C PHE B 326 -36.03 -24.53 39.07
N PRO B 327 -36.69 -23.60 39.77
CA PRO B 327 -36.09 -22.28 39.97
C PRO B 327 -34.78 -22.37 40.71
N ASN B 328 -33.85 -21.51 40.29
CA ASN B 328 -32.52 -21.39 40.86
C ASN B 328 -31.74 -22.68 41.13
N GLU B 329 -31.74 -23.59 40.15
CA GLU B 329 -31.02 -24.84 40.28
C GLU B 329 -30.30 -25.24 38.98
N LYS B 330 -29.30 -26.10 39.12
CA LYS B 330 -28.56 -26.61 37.98
C LYS B 330 -29.02 -28.04 37.81
N PRO B 331 -28.79 -28.62 36.62
CA PRO B 331 -29.20 -29.99 36.29
C PRO B 331 -28.39 -31.10 36.93
N TRP B 332 -27.24 -30.76 37.49
CA TRP B 332 -26.33 -31.77 38.05
C TRP B 332 -26.86 -32.78 39.07
N GLY B 333 -28.02 -32.51 39.65
CA GLY B 333 -28.55 -33.46 40.60
C GLY B 333 -29.34 -34.54 39.90
N VAL B 334 -29.49 -34.41 38.58
CA VAL B 334 -30.24 -35.37 37.80
C VAL B 334 -29.31 -36.47 37.32
N PRO B 335 -29.60 -37.72 37.70
CA PRO B 335 -28.76 -38.87 37.32
C PRO B 335 -28.55 -38.98 35.82
N CYS B 336 -27.31 -39.20 35.42
CA CYS B 336 -26.98 -39.35 34.02
C CYS B 336 -25.70 -40.16 33.88
N THR B 337 -25.31 -40.45 32.64
CA THR B 337 -24.08 -41.17 32.38
C THR B 337 -23.22 -40.15 31.69
N LEU B 338 -23.87 -39.23 30.97
CA LEU B 338 -23.18 -38.17 30.25
C LEU B 338 -23.61 -36.80 30.75
N ALA B 339 -22.64 -35.93 31.04
CA ALA B 339 -22.95 -34.59 31.50
C ALA B 339 -22.42 -33.58 30.49
N PHE B 340 -23.26 -32.65 30.04
CA PHE B 340 -22.83 -31.65 29.08
C PHE B 340 -22.98 -30.20 29.51
N PRO B 341 -22.01 -29.68 30.26
CA PRO B 341 -21.98 -28.29 30.76
C PRO B 341 -21.86 -27.31 29.60
N CYS B 342 -22.96 -26.72 29.16
CA CYS B 342 -22.90 -25.79 28.06
C CYS B 342 -23.40 -24.44 28.47
N ALA B 343 -23.13 -24.07 29.72
CA ALA B 343 -23.61 -22.79 30.22
C ALA B 343 -22.54 -21.72 30.42
N THR B 344 -22.06 -21.57 31.65
CA THR B 344 -21.07 -20.56 31.94
C THR B 344 -19.78 -21.14 32.52
N GLN B 345 -18.85 -20.26 32.85
CA GLN B 345 -17.60 -20.68 33.42
C GLN B 345 -17.88 -21.09 34.86
N ASN B 346 -17.27 -22.18 35.30
CA ASN B 346 -17.45 -22.68 36.67
C ASN B 346 -18.90 -23.13 36.96
N ASP B 347 -19.58 -23.60 35.93
CA ASP B 347 -20.94 -24.11 35.98
C ASP B 347 -20.94 -25.28 36.98
N VAL B 348 -20.15 -26.31 36.71
CA VAL B 348 -20.06 -27.47 37.60
C VAL B 348 -19.05 -27.23 38.74
N ASP B 349 -19.49 -27.32 40.00
CA ASP B 349 -18.58 -27.14 41.13
C ASP B 349 -18.28 -28.49 41.79
N LEU B 350 -17.63 -28.46 42.95
CA LEU B 350 -17.26 -29.69 43.68
C LEU B 350 -18.45 -30.57 44.09
N ASP B 351 -19.44 -29.95 44.72
CA ASP B 351 -20.58 -30.70 45.18
C ASP B 351 -21.36 -31.26 44.01
N GLN B 352 -21.39 -30.51 42.92
CA GLN B 352 -22.08 -30.96 41.73
C GLN B 352 -21.35 -32.12 41.07
N ALA B 353 -20.03 -32.11 41.13
CA ALA B 353 -19.25 -33.20 40.53
C ALA B 353 -19.43 -34.45 41.39
N LYS B 354 -19.77 -34.22 42.66
CA LYS B 354 -20.00 -35.33 43.59
C LYS B 354 -21.34 -35.99 43.29
N LEU B 355 -22.38 -35.19 43.03
CA LEU B 355 -23.68 -35.76 42.73
C LEU B 355 -23.58 -36.56 41.46
N LEU B 356 -23.00 -35.93 40.43
CA LEU B 356 -22.82 -36.56 39.14
C LEU B 356 -22.05 -37.85 39.35
N GLN B 357 -21.01 -37.76 40.18
CA GLN B 357 -20.19 -38.90 40.47
C GLN B 357 -20.97 -40.03 41.15
N LYS B 358 -21.67 -39.71 42.24
CA LYS B 358 -22.42 -40.75 42.92
C LYS B 358 -23.67 -41.18 42.14
N ASN B 359 -24.05 -40.43 41.11
CA ASN B 359 -25.23 -40.80 40.32
C ASN B 359 -24.95 -41.68 39.10
N GLY B 360 -23.68 -41.96 38.83
CA GLY B 360 -23.37 -42.83 37.71
C GLY B 360 -22.70 -42.19 36.51
N CYS B 361 -22.52 -40.88 36.56
CA CYS B 361 -21.89 -40.17 35.46
C CYS B 361 -20.57 -40.85 35.12
N ILE B 362 -20.34 -41.08 33.82
CA ILE B 362 -19.10 -41.72 33.38
C ILE B 362 -18.21 -40.81 32.52
N LEU B 363 -18.78 -39.75 31.99
CA LEU B 363 -18.01 -38.83 31.16
C LEU B 363 -18.60 -37.43 31.24
N VAL B 364 -17.73 -36.44 31.10
CA VAL B 364 -18.16 -35.06 31.12
C VAL B 364 -17.68 -34.44 29.81
N GLY B 365 -18.60 -33.79 29.10
CA GLY B 365 -18.27 -33.16 27.85
C GLY B 365 -18.38 -31.67 28.01
N GLU B 366 -17.24 -30.99 28.00
CA GLU B 366 -17.26 -29.57 28.16
C GLU B 366 -17.75 -28.85 26.93
N GLY B 367 -18.96 -28.32 27.03
CA GLY B 367 -19.56 -27.59 25.93
C GLY B 367 -19.17 -26.13 26.00
N ALA B 368 -19.16 -25.60 27.21
CA ALA B 368 -18.81 -24.21 27.44
C ALA B 368 -17.31 -24.08 27.74
N ASN B 369 -16.89 -22.89 28.09
CA ASN B 369 -15.49 -22.61 28.41
C ASN B 369 -15.24 -22.89 29.89
N MET B 370 -14.35 -23.83 30.17
CA MET B 370 -14.00 -24.23 31.54
C MET B 370 -15.21 -24.16 32.48
N PRO B 371 -16.24 -24.98 32.21
CA PRO B 371 -17.45 -25.01 33.02
C PRO B 371 -17.23 -25.67 34.36
N SER B 372 -16.36 -26.66 34.39
CA SER B 372 -16.08 -27.38 35.63
C SER B 372 -15.06 -26.62 36.45
N THR B 373 -15.34 -26.52 37.73
CA THR B 373 -14.47 -25.85 38.67
C THR B 373 -13.19 -26.66 38.75
N VAL B 374 -12.14 -26.07 39.33
CA VAL B 374 -10.88 -26.79 39.44
C VAL B 374 -11.02 -28.01 40.35
N ASP B 375 -11.80 -27.88 41.43
CA ASP B 375 -11.99 -29.02 42.33
C ASP B 375 -12.86 -30.07 41.67
N ALA B 376 -13.74 -29.62 40.80
CA ALA B 376 -14.63 -30.52 40.11
C ALA B 376 -13.83 -31.39 39.13
N ILE B 377 -12.88 -30.81 38.41
CA ILE B 377 -12.09 -31.63 37.50
C ILE B 377 -11.37 -32.72 38.31
N ASN B 378 -10.71 -32.32 39.38
CA ASN B 378 -9.99 -33.25 40.23
C ASN B 378 -10.86 -34.42 40.69
N LEU B 379 -12.08 -34.09 41.11
CA LEU B 379 -13.01 -35.10 41.55
C LEU B 379 -13.29 -36.06 40.40
N PHE B 380 -13.47 -35.51 39.20
CA PHE B 380 -13.76 -36.31 38.01
C PHE B 380 -12.62 -37.25 37.63
N LYS B 381 -11.39 -36.72 37.59
CA LYS B 381 -10.23 -37.51 37.24
C LYS B 381 -9.91 -38.52 38.31
N SER B 382 -10.05 -38.11 39.56
CA SER B 382 -9.77 -39.02 40.66
C SER B 382 -10.77 -40.17 40.76
N ASN B 383 -11.96 -39.98 40.20
CA ASN B 383 -12.97 -41.02 40.24
C ASN B 383 -13.11 -41.78 38.96
N ASN B 384 -12.06 -41.77 38.14
CA ASN B 384 -12.07 -42.49 36.87
C ASN B 384 -13.25 -42.09 35.95
N ILE B 385 -13.50 -40.79 35.82
CA ILE B 385 -14.58 -40.27 34.98
C ILE B 385 -13.99 -39.49 33.82
N ILE B 386 -14.28 -39.93 32.60
CA ILE B 386 -13.74 -39.29 31.40
C ILE B 386 -14.05 -37.80 31.31
N TYR B 387 -13.00 -37.00 31.29
CA TYR B 387 -13.13 -35.55 31.22
C TYR B 387 -12.72 -34.96 29.87
N CYS B 388 -13.69 -34.43 29.15
CA CYS B 388 -13.42 -33.86 27.84
C CYS B 388 -13.19 -32.35 27.90
N PRO B 389 -11.96 -31.91 27.61
CA PRO B 389 -11.45 -30.53 27.59
C PRO B 389 -12.11 -29.61 26.59
N SER B 390 -12.48 -28.42 27.05
CA SER B 390 -13.10 -27.42 26.21
C SER B 390 -12.33 -27.28 24.91
N LYS B 391 -11.01 -27.15 25.01
CA LYS B 391 -10.13 -27.00 23.85
C LYS B 391 -10.39 -28.00 22.76
N ALA B 392 -10.75 -29.21 23.16
CA ALA B 392 -11.01 -30.26 22.19
C ALA B 392 -12.49 -30.53 21.88
N ALA B 393 -13.32 -30.75 22.89
CA ALA B 393 -14.75 -31.05 22.72
C ALA B 393 -15.61 -29.98 22.05
N ASN B 394 -15.35 -28.72 22.37
CA ASN B 394 -16.13 -27.67 21.75
C ASN B 394 -15.33 -26.94 20.67
N ALA B 395 -14.35 -27.64 20.10
CA ALA B 395 -13.54 -27.04 19.05
C ALA B 395 -14.27 -27.01 17.71
N GLY B 396 -15.37 -27.74 17.59
CA GLY B 396 -16.11 -27.74 16.34
C GLY B 396 -16.56 -26.35 15.97
N GLY B 397 -16.84 -25.52 16.97
CA GLY B 397 -17.27 -24.16 16.71
C GLY B 397 -16.19 -23.40 15.97
N VAL B 398 -14.93 -23.73 16.24
CA VAL B 398 -13.80 -23.09 15.59
C VAL B 398 -13.51 -23.77 14.25
N ALA B 399 -13.83 -25.05 14.16
CA ALA B 399 -13.62 -25.80 12.93
C ALA B 399 -14.45 -25.23 11.78
N ILE B 400 -15.75 -25.04 11.99
CA ILE B 400 -16.62 -24.48 10.95
C ILE B 400 -16.09 -23.13 10.53
N SER B 401 -15.47 -22.44 11.48
CA SER B 401 -14.88 -21.14 11.24
C SER B 401 -13.83 -21.27 10.14
N GLY B 402 -12.94 -22.25 10.30
CA GLY B 402 -11.91 -22.47 9.30
C GLY B 402 -12.53 -22.93 8.01
N LEU B 403 -13.64 -23.64 8.11
CA LEU B 403 -14.31 -24.12 6.92
C LEU B 403 -15.00 -22.94 6.25
N GLU B 404 -15.34 -21.91 7.01
CA GLU B 404 -15.98 -20.72 6.46
C GLU B 404 -14.95 -19.99 5.60
N MET B 405 -13.71 -19.92 6.11
CA MET B 405 -12.65 -19.26 5.37
C MET B 405 -12.35 -20.06 4.10
N SER B 406 -12.24 -21.37 4.26
CA SER B 406 -11.95 -22.22 3.12
C SER B 406 -12.98 -21.99 2.01
N GLN B 407 -14.25 -21.87 2.39
CA GLN B 407 -15.31 -21.62 1.41
C GLN B 407 -15.22 -20.22 0.81
N ASN B 408 -14.69 -19.26 1.57
CA ASN B 408 -14.54 -17.90 1.06
C ASN B 408 -13.34 -17.80 0.12
N PHE B 409 -12.29 -18.55 0.40
CA PHE B 409 -11.08 -18.57 -0.43
C PHE B 409 -11.33 -19.27 -1.77
N GLN B 410 -12.10 -20.36 -1.72
CA GLN B 410 -12.42 -21.13 -2.91
C GLN B 410 -13.58 -20.51 -3.67
N PHE B 411 -14.18 -19.48 -3.08
CA PHE B 411 -15.29 -18.79 -3.70
C PHE B 411 -16.36 -19.86 -3.94
N SER B 412 -16.61 -20.66 -2.90
CA SER B 412 -17.55 -21.74 -2.95
C SER B 412 -18.56 -21.70 -1.79
N HIS B 413 -19.53 -22.61 -1.81
CA HIS B 413 -20.51 -22.68 -0.75
C HIS B 413 -20.97 -24.13 -0.67
N TRP B 414 -20.28 -24.93 0.16
CA TRP B 414 -20.62 -26.33 0.29
C TRP B 414 -21.97 -26.57 0.93
N THR B 415 -22.52 -27.74 0.67
CA THR B 415 -23.80 -28.12 1.21
C THR B 415 -23.69 -28.33 2.72
N ARG B 416 -24.83 -28.43 3.39
CA ARG B 416 -24.87 -28.64 4.84
C ARG B 416 -24.28 -30.01 5.17
N GLU B 417 -24.51 -30.97 4.29
CA GLU B 417 -24.03 -32.32 4.46
C GLU B 417 -22.52 -32.45 4.26
N THR B 418 -21.95 -31.62 3.39
CA THR B 418 -20.51 -31.68 3.16
C THR B 418 -19.78 -31.08 4.35
N VAL B 419 -20.29 -29.95 4.85
CA VAL B 419 -19.69 -29.30 6.01
C VAL B 419 -19.79 -30.21 7.23
N ASP B 420 -20.94 -30.86 7.42
CA ASP B 420 -21.12 -31.74 8.57
C ASP B 420 -20.18 -32.93 8.52
N GLU B 421 -19.96 -33.47 7.33
CA GLU B 421 -19.06 -34.62 7.21
C GLU B 421 -17.66 -34.22 7.63
N LYS B 422 -17.25 -33.01 7.24
CA LYS B 422 -15.92 -32.52 7.59
C LYS B 422 -15.82 -32.29 9.08
N LEU B 423 -16.92 -31.83 9.68
CA LEU B 423 -16.96 -31.59 11.11
C LEU B 423 -16.81 -32.91 11.86
N LYS B 424 -17.34 -34.00 11.30
CA LYS B 424 -17.22 -35.30 11.95
C LYS B 424 -15.78 -35.83 11.86
N GLU B 425 -15.14 -35.64 10.72
CA GLU B 425 -13.77 -36.12 10.57
C GLU B 425 -12.79 -35.24 11.36
N ILE B 426 -13.08 -33.95 11.45
CA ILE B 426 -12.22 -33.06 12.23
C ILE B 426 -12.30 -33.48 13.71
N MET B 427 -13.52 -33.70 14.21
CA MET B 427 -13.70 -34.09 15.61
C MET B 427 -13.10 -35.45 15.90
N ARG B 428 -12.97 -36.31 14.89
CA ARG B 428 -12.36 -37.62 15.09
C ARG B 428 -10.85 -37.46 15.12
N ASN B 429 -10.34 -36.51 14.34
CA ASN B 429 -8.91 -36.26 14.30
C ASN B 429 -8.46 -35.68 15.62
N ILE B 430 -9.32 -34.87 16.24
CA ILE B 430 -9.01 -34.25 17.51
C ILE B 430 -8.95 -35.31 18.61
N PHE B 431 -9.93 -36.20 18.65
CA PHE B 431 -9.92 -37.25 19.66
C PHE B 431 -8.72 -38.17 19.51
N ILE B 432 -8.34 -38.42 18.26
CA ILE B 432 -7.21 -39.29 17.96
C ILE B 432 -5.90 -38.66 18.41
N ALA B 433 -5.78 -37.34 18.25
CA ALA B 433 -4.57 -36.65 18.68
C ALA B 433 -4.46 -36.54 20.20
N CYS B 434 -5.61 -36.40 20.87
CA CYS B 434 -5.65 -36.29 22.32
C CYS B 434 -5.44 -37.63 23.01
N SER B 435 -5.83 -38.73 22.37
CA SER B 435 -5.66 -40.05 22.95
C SER B 435 -4.21 -40.51 22.93
N GLU B 436 -3.61 -40.44 21.75
CA GLU B 436 -2.24 -40.88 21.56
C GLU B 436 -1.20 -40.07 22.33
N ASN B 437 -1.37 -38.76 22.37
CA ASN B 437 -0.44 -37.92 23.09
C ASN B 437 -0.61 -38.15 24.58
N ALA B 438 -1.86 -38.43 24.99
CA ALA B 438 -2.17 -38.69 26.39
C ALA B 438 -1.53 -40.01 26.80
N LEU B 439 -1.75 -41.03 25.97
CA LEU B 439 -1.20 -42.36 26.19
C LEU B 439 0.32 -42.31 26.18
N LYS B 440 0.86 -41.61 25.20
CA LYS B 440 2.29 -41.48 25.00
C LYS B 440 2.99 -40.71 26.10
N TYR B 441 2.33 -39.70 26.66
CA TYR B 441 2.94 -38.88 27.70
C TYR B 441 2.46 -39.06 29.13
N THR B 442 1.32 -39.72 29.35
CA THR B 442 0.84 -39.96 30.72
C THR B 442 0.43 -41.40 30.91
N LYS B 443 0.53 -42.19 29.84
CA LYS B 443 0.15 -43.60 29.84
C LYS B 443 -1.30 -43.82 30.27
N ASN B 444 -2.06 -42.73 30.41
CA ASN B 444 -3.46 -42.83 30.81
C ASN B 444 -4.33 -43.13 29.59
N LYS B 445 -4.20 -42.29 28.55
CA LYS B 445 -4.93 -42.47 27.29
C LYS B 445 -6.24 -41.71 27.26
N TYR B 446 -6.92 -41.65 28.39
CA TYR B 446 -8.16 -40.89 28.44
C TYR B 446 -8.00 -39.65 29.29
N ASP B 447 -6.74 -39.25 29.46
CA ASP B 447 -6.40 -38.03 30.20
C ASP B 447 -6.38 -37.01 29.06
N LEU B 448 -7.56 -36.76 28.51
CA LEU B 448 -7.73 -35.85 27.38
C LEU B 448 -7.25 -34.43 27.62
N GLN B 449 -7.31 -33.98 28.87
CA GLN B 449 -6.87 -32.65 29.25
C GLN B 449 -5.37 -32.51 29.00
N ALA B 450 -4.62 -33.56 29.27
CA ALA B 450 -3.18 -33.51 29.03
C ALA B 450 -2.94 -33.64 27.52
N GLY B 451 -3.69 -34.54 26.90
CA GLY B 451 -3.55 -34.77 25.47
C GLY B 451 -3.89 -33.59 24.59
N ALA B 452 -4.97 -32.90 24.92
CA ALA B 452 -5.38 -31.75 24.13
C ALA B 452 -4.27 -30.70 24.20
N ASN B 453 -3.77 -30.45 25.41
CA ASN B 453 -2.71 -29.48 25.63
C ASN B 453 -1.39 -29.85 24.99
N ILE B 454 -1.01 -31.12 25.07
CA ILE B 454 0.24 -31.57 24.47
C ILE B 454 0.21 -31.51 22.94
N ALA B 455 -0.82 -32.09 22.34
CA ALA B 455 -0.96 -32.11 20.89
C ALA B 455 -1.07 -30.70 20.32
N GLY B 456 -1.90 -29.90 20.96
CA GLY B 456 -2.10 -28.53 20.52
C GLY B 456 -0.86 -27.68 20.66
N PHE B 457 0.00 -28.01 21.62
CA PHE B 457 1.21 -27.26 21.86
C PHE B 457 2.38 -27.75 21.01
N LEU B 458 2.51 -29.06 20.87
CA LEU B 458 3.57 -29.64 20.07
C LEU B 458 3.57 -29.16 18.63
N LYS B 459 2.40 -29.04 18.04
CA LYS B 459 2.33 -28.60 16.67
C LYS B 459 2.72 -27.13 16.54
N VAL B 460 2.26 -26.30 17.46
CA VAL B 460 2.60 -24.87 17.40
C VAL B 460 4.08 -24.59 17.69
N ALA B 461 4.67 -25.40 18.58
CA ALA B 461 6.06 -25.23 18.97
C ALA B 461 7.05 -25.74 17.89
N GLU B 462 6.89 -26.98 17.44
CA GLU B 462 7.78 -27.47 16.40
C GLU B 462 7.78 -26.39 15.31
N SER B 463 6.59 -25.93 14.92
CA SER B 463 6.47 -24.91 13.87
C SER B 463 7.19 -23.61 14.19
N TYR B 464 7.06 -23.13 15.42
CA TYR B 464 7.73 -21.90 15.83
C TYR B 464 9.24 -22.02 15.64
N ILE B 465 9.78 -23.18 16.02
CA ILE B 465 11.22 -23.43 15.90
C ILE B 465 11.60 -23.48 14.43
N GLU B 466 10.79 -24.17 13.63
CA GLU B 466 11.03 -24.31 12.21
C GLU B 466 11.03 -22.96 11.51
N GLN B 467 10.25 -22.02 12.02
CA GLN B 467 10.16 -20.68 11.43
C GLN B 467 11.19 -19.67 11.93
N GLY B 468 12.08 -20.07 12.82
CA GLY B 468 13.09 -19.15 13.31
C GLY B 468 12.75 -18.15 14.39
N CYS B 469 13.72 -17.28 14.69
CA CYS B 469 13.59 -16.27 15.72
C CYS B 469 12.73 -15.04 15.40
N PHE B 470 11.61 -14.94 16.08
CA PHE B 470 10.72 -13.81 15.89
C PHE B 470 9.74 -13.68 17.05
N LEU C 4 -26.79 22.07 29.79
CA LEU C 4 -26.75 20.58 29.92
C LEU C 4 -25.69 19.97 29.00
N LYS C 5 -25.40 20.65 27.88
CA LYS C 5 -24.40 20.17 26.92
C LYS C 5 -23.65 21.32 26.25
N ASP C 6 -22.51 21.03 25.62
CA ASP C 6 -21.73 22.08 24.96
C ASP C 6 -22.31 22.43 23.56
N LYS C 7 -21.64 23.35 22.86
CA LYS C 7 -22.09 23.78 21.54
C LYS C 7 -22.32 22.58 20.63
N THR C 8 -21.50 21.56 20.86
CA THR C 8 -21.50 20.32 20.11
C THR C 8 -22.59 19.34 20.55
N GLY C 9 -23.05 19.48 21.80
CA GLY C 9 -24.07 18.59 22.29
C GLY C 9 -23.56 17.17 22.41
N ARG C 10 -22.23 17.02 22.50
CA ARG C 10 -21.63 15.70 22.63
C ARG C 10 -21.12 15.44 24.04
N PHE C 11 -20.83 16.51 24.78
CA PHE C 11 -20.35 16.36 26.16
C PHE C 11 -21.38 16.95 27.11
N VAL C 12 -21.34 16.54 28.36
CA VAL C 12 -22.29 17.07 29.33
C VAL C 12 -21.65 18.15 30.20
N VAL C 13 -22.19 19.36 30.09
CA VAL C 13 -21.73 20.52 30.84
C VAL C 13 -22.33 20.45 32.24
N LEU C 14 -21.56 20.85 33.23
CA LEU C 14 -22.00 20.79 34.61
C LEU C 14 -23.00 21.88 35.04
N ASP C 15 -22.98 23.03 34.37
CA ASP C 15 -23.84 24.17 34.69
C ASP C 15 -22.96 25.05 35.60
N LYS C 16 -22.33 26.07 35.01
CA LYS C 16 -21.46 26.95 35.75
C LYS C 16 -22.26 27.93 36.60
N ASN C 17 -23.58 27.82 36.54
CA ASN C 17 -24.45 28.72 37.29
C ASN C 17 -25.50 27.99 38.11
N ALA C 18 -25.07 26.92 38.79
CA ALA C 18 -25.95 26.16 39.67
C ALA C 18 -25.36 26.52 41.05
N SER C 19 -26.15 26.47 42.12
CA SER C 19 -25.63 26.83 43.45
C SER C 19 -24.43 25.96 43.87
N ASN C 20 -24.67 24.65 43.92
CA ASN C 20 -23.69 23.66 44.30
C ASN C 20 -22.42 23.63 43.41
N TYR C 21 -22.57 24.02 42.14
CA TYR C 21 -21.48 23.99 41.14
C TYR C 21 -20.05 23.65 41.61
N GLU C 22 -19.40 24.54 42.37
CA GLU C 22 -18.03 24.27 42.83
C GLU C 22 -17.85 22.86 43.45
N SER C 23 -18.92 22.26 43.94
CA SER C 23 -18.84 20.93 44.52
C SER C 23 -18.82 19.90 43.41
N LEU C 24 -19.66 20.12 42.40
CA LEU C 24 -19.75 19.21 41.27
C LEU C 24 -18.39 19.16 40.55
N VAL C 25 -17.70 20.28 40.42
CA VAL C 25 -16.39 20.30 39.78
C VAL C 25 -15.42 19.50 40.63
N ASP C 26 -15.71 19.39 41.91
CA ASP C 26 -14.85 18.64 42.82
C ASP C 26 -15.23 17.16 42.85
N GLN C 27 -16.52 16.88 42.71
CA GLN C 27 -16.99 15.51 42.72
C GLN C 27 -16.74 14.86 41.35
N GLU C 28 -17.25 15.46 40.28
CA GLU C 28 -17.04 14.90 38.94
C GLU C 28 -15.57 14.64 38.65
N MET C 29 -14.68 15.47 39.20
CA MET C 29 -13.25 15.29 38.99
C MET C 29 -12.86 14.03 39.76
N ASN C 30 -13.41 13.93 40.96
CA ASN C 30 -13.15 12.76 41.78
C ASN C 30 -13.69 11.55 41.03
N ASN C 31 -14.80 11.75 40.33
CA ASN C 31 -15.39 10.66 39.55
C ASN C 31 -14.52 10.26 38.34
N VAL C 32 -13.90 11.24 37.69
CA VAL C 32 -13.05 10.97 36.54
C VAL C 32 -11.82 10.15 36.93
N TYR C 33 -11.31 10.37 38.14
CA TYR C 33 -10.14 9.63 38.59
C TYR C 33 -10.54 8.23 39.06
N GLU C 34 -11.83 8.06 39.32
CA GLU C 34 -12.38 6.79 39.78
C GLU C 34 -12.36 5.76 38.69
N ARG C 35 -13.08 6.09 37.64
CA ARG C 35 -13.18 5.22 36.51
C ARG C 35 -11.79 4.98 35.90
N VAL C 36 -10.98 6.04 35.83
CA VAL C 36 -9.63 5.96 35.29
C VAL C 36 -8.84 4.93 36.06
N MET C 37 -8.96 5.01 37.39
CA MET C 37 -8.26 4.10 38.31
C MET C 37 -8.76 2.67 38.18
N LYS C 38 -10.09 2.48 38.16
CA LYS C 38 -10.68 1.15 38.01
C LYS C 38 -10.30 0.53 36.66
N LEU C 39 -10.01 1.35 35.67
CA LEU C 39 -9.61 0.88 34.35
C LEU C 39 -8.21 0.29 34.42
N ASP C 40 -7.29 1.05 35.01
CA ASP C 40 -5.88 0.65 35.18
C ASP C 40 -5.53 0.63 36.67
N PRO C 41 -6.13 -0.28 37.44
CA PRO C 41 -5.92 -0.43 38.89
C PRO C 41 -4.47 -0.42 39.39
N ASN C 42 -3.53 -0.92 38.58
CA ASN C 42 -2.15 -0.98 39.04
C ASN C 42 -1.07 -0.28 38.27
N GLN C 43 -1.46 0.67 37.45
CA GLN C 43 -0.48 1.45 36.72
C GLN C 43 -0.18 2.58 37.71
N VAL C 44 0.73 2.31 38.64
CA VAL C 44 1.05 3.32 39.64
C VAL C 44 1.56 4.62 39.06
N GLU C 45 2.66 4.58 38.32
CA GLU C 45 3.21 5.81 37.74
C GLU C 45 2.18 6.56 36.89
N PHE C 46 1.43 5.83 36.07
CA PHE C 46 0.42 6.42 35.19
C PHE C 46 -0.65 7.18 35.97
N LEU C 47 -1.33 6.51 36.90
CA LEU C 47 -2.37 7.16 37.67
C LEU C 47 -1.86 8.42 38.39
N GLN C 48 -0.58 8.44 38.69
CA GLN C 48 0.00 9.59 39.39
C GLN C 48 0.15 10.82 38.49
N ALA C 49 0.65 10.62 37.27
CA ALA C 49 0.80 11.72 36.34
C ALA C 49 -0.58 12.22 35.92
N PHE C 50 -1.57 11.33 35.88
CA PHE C 50 -2.91 11.72 35.49
C PHE C 50 -3.58 12.54 36.60
N HIS C 51 -3.69 11.95 37.78
CA HIS C 51 -4.32 12.61 38.94
C HIS C 51 -3.66 13.97 39.13
N GLU C 52 -2.35 13.98 38.96
CA GLU C 52 -1.54 15.18 39.10
C GLU C 52 -1.97 16.28 38.12
N ILE C 53 -2.11 15.91 36.85
CA ILE C 53 -2.53 16.87 35.83
C ILE C 53 -4.02 17.20 36.06
N LEU C 54 -4.80 16.17 36.35
CA LEU C 54 -6.22 16.31 36.59
C LEU C 54 -6.50 17.48 37.53
N TYR C 55 -6.01 17.37 38.76
CA TYR C 55 -6.23 18.42 39.75
C TYR C 55 -5.57 19.77 39.47
N SER C 56 -4.41 19.76 38.79
CA SER C 56 -3.76 21.03 38.48
C SER C 56 -4.63 21.85 37.52
N LEU C 57 -5.49 21.14 36.77
CA LEU C 57 -6.39 21.75 35.77
C LEU C 57 -7.74 22.24 36.27
N LYS C 58 -7.99 22.11 37.57
CA LYS C 58 -9.25 22.57 38.14
C LYS C 58 -9.55 24.04 37.80
N PRO C 59 -8.52 24.89 37.70
CA PRO C 59 -8.76 26.30 37.36
C PRO C 59 -9.46 26.41 36.00
N LEU C 60 -9.03 25.54 35.07
CA LEU C 60 -9.56 25.47 33.70
C LEU C 60 -10.95 24.84 33.63
N PHE C 61 -11.23 23.87 34.51
CA PHE C 61 -12.56 23.23 34.51
C PHE C 61 -13.57 24.23 35.03
N MET C 62 -13.19 24.94 36.08
CA MET C 62 -14.04 25.95 36.71
C MET C 62 -14.75 26.78 35.65
N GLU C 63 -13.99 27.29 34.68
CA GLU C 63 -14.57 28.10 33.62
C GLU C 63 -15.28 27.20 32.60
N GLU C 64 -14.53 26.19 32.15
CA GLU C 64 -15.00 25.25 31.14
C GLU C 64 -15.13 23.83 31.68
N PRO C 65 -16.34 23.41 32.08
CA PRO C 65 -16.51 22.04 32.60
C PRO C 65 -16.61 21.00 31.49
N LYS C 66 -16.72 21.45 30.25
CA LYS C 66 -16.82 20.53 29.14
C LYS C 66 -15.54 19.70 29.08
N TYR C 67 -14.45 20.27 29.60
CA TYR C 67 -13.13 19.63 29.61
C TYR C 67 -12.92 18.49 30.61
N LEU C 68 -13.95 18.16 31.40
CA LEU C 68 -13.80 17.06 32.33
C LEU C 68 -13.96 15.76 31.53
N PRO C 69 -15.06 15.62 30.78
CA PRO C 69 -15.34 14.42 29.96
C PRO C 69 -14.19 14.16 28.99
N ILE C 70 -13.62 15.26 28.48
CA ILE C 70 -12.50 15.18 27.55
C ILE C 70 -11.21 14.63 28.16
N ILE C 71 -10.67 15.26 29.20
CA ILE C 71 -9.44 14.75 29.80
C ILE C 71 -9.64 13.27 30.13
N GLU C 72 -10.84 12.90 30.52
CA GLU C 72 -11.09 11.51 30.84
C GLU C 72 -10.88 10.64 29.60
N THR C 73 -11.31 11.14 28.44
CA THR C 73 -11.17 10.41 27.19
C THR C 73 -9.75 10.43 26.64
N LEU C 74 -9.04 11.55 26.82
CA LEU C 74 -7.68 11.67 26.35
C LEU C 74 -6.70 10.90 27.23
N SER C 75 -7.15 10.48 28.41
CA SER C 75 -6.28 9.75 29.33
C SER C 75 -6.05 8.35 28.78
N GLU C 76 -6.88 8.00 27.79
CA GLU C 76 -6.82 6.68 27.15
C GLU C 76 -6.15 6.84 25.80
N PRO C 77 -5.00 6.15 25.62
CA PRO C 77 -4.20 6.17 24.40
C PRO C 77 -5.07 5.84 23.19
N GLU C 78 -4.89 6.58 22.11
CA GLU C 78 -5.67 6.35 20.92
C GLU C 78 -5.34 4.96 20.42
N ARG C 79 -4.10 4.54 20.67
CA ARG C 79 -3.62 3.23 20.27
C ARG C 79 -2.42 2.90 21.16
N ALA C 80 -2.31 1.64 21.59
CA ALA C 80 -1.21 1.24 22.45
C ALA C 80 -0.72 -0.14 22.08
N ILE C 81 0.30 -0.20 21.24
CA ILE C 81 0.85 -1.47 20.76
C ILE C 81 1.95 -2.06 21.62
N GLN C 82 1.74 -3.30 22.04
CA GLN C 82 2.69 -4.06 22.86
C GLN C 82 3.11 -5.21 21.95
N PHE C 83 4.38 -5.56 21.96
CA PHE C 83 4.83 -6.63 21.08
C PHE C 83 6.04 -7.39 21.54
N ARG C 84 6.10 -8.66 21.18
CA ARG C 84 7.22 -9.48 21.54
C ARG C 84 8.31 -9.27 20.50
N VAL C 85 9.55 -9.41 20.92
CA VAL C 85 10.70 -9.27 20.05
C VAL C 85 11.71 -10.33 20.49
N CYS C 86 12.17 -11.14 19.55
CA CYS C 86 13.16 -12.17 19.84
C CYS C 86 14.42 -11.90 19.03
N TRP C 87 15.57 -11.95 19.70
CA TRP C 87 16.85 -11.70 19.08
C TRP C 87 17.89 -12.69 19.60
N LEU C 88 18.87 -13.01 18.76
CA LEU C 88 19.93 -13.92 19.15
C LEU C 88 20.95 -13.09 19.92
N ASP C 89 21.46 -13.62 21.04
CA ASP C 89 22.46 -12.90 21.80
C ASP C 89 23.81 -13.30 21.22
N ASP C 90 24.90 -12.84 21.82
CA ASP C 90 26.20 -13.19 21.26
C ASP C 90 26.56 -14.67 21.41
N ASN C 91 26.03 -15.32 22.43
CA ASN C 91 26.33 -16.72 22.63
C ASN C 91 25.51 -17.57 21.68
N GLY C 92 24.66 -16.91 20.90
CA GLY C 92 23.81 -17.63 19.97
C GLY C 92 22.45 -18.01 20.56
N VAL C 93 22.26 -17.74 21.84
CA VAL C 93 20.99 -18.05 22.48
C VAL C 93 19.88 -17.07 22.07
N GLN C 94 18.70 -17.61 21.80
CA GLN C 94 17.57 -16.77 21.41
C GLN C 94 16.97 -16.12 22.63
N ARG C 95 16.85 -14.80 22.59
CA ARG C 95 16.33 -14.01 23.70
C ARG C 95 14.98 -13.37 23.41
N LYS C 96 14.29 -12.92 24.46
CA LYS C 96 12.97 -12.29 24.33
C LYS C 96 12.85 -11.03 25.14
N ASN C 97 12.00 -10.12 24.69
CA ASN C 97 11.78 -8.88 25.39
C ASN C 97 10.43 -8.30 25.02
N ARG C 98 9.80 -7.65 25.98
CA ARG C 98 8.51 -7.03 25.75
C ARG C 98 8.78 -5.63 25.21
N CYS C 99 7.95 -5.17 24.28
CA CYS C 99 8.17 -3.85 23.71
C CYS C 99 6.88 -3.02 23.68
N PHE C 100 7.01 -1.72 23.50
CA PHE C 100 5.86 -0.83 23.48
C PHE C 100 5.94 0.34 22.54
N ARG C 101 4.77 0.89 22.25
CA ARG C 101 4.65 2.08 21.43
C ARG C 101 3.26 2.59 21.68
N VAL C 102 3.15 3.51 22.63
CA VAL C 102 1.85 4.08 22.96
C VAL C 102 1.63 5.34 22.15
N GLN C 103 0.74 5.27 21.16
CA GLN C 103 0.43 6.45 20.37
C GLN C 103 -0.73 7.09 21.12
N TYR C 104 -0.41 8.07 21.95
CA TYR C 104 -1.37 8.73 22.81
C TYR C 104 -2.39 9.70 22.26
N ASN C 105 -1.92 10.71 21.54
CA ASN C 105 -2.84 11.71 21.02
C ASN C 105 -2.27 12.28 19.74
N SER C 106 -3.13 12.55 18.76
CA SER C 106 -2.69 13.09 17.48
C SER C 106 -3.56 14.28 17.07
N ALA C 107 -3.82 15.15 18.02
CA ALA C 107 -4.63 16.32 17.72
C ALA C 107 -3.78 17.42 17.07
N LEU C 108 -2.64 17.75 17.67
CA LEU C 108 -1.79 18.81 17.13
C LEU C 108 -0.78 18.35 16.10
N GLY C 109 -0.72 17.04 15.86
CA GLY C 109 0.23 16.53 14.88
C GLY C 109 0.45 15.04 15.03
N PRO C 110 1.43 14.47 14.31
CA PRO C 110 1.76 13.05 14.36
C PRO C 110 2.18 12.69 15.77
N TYR C 111 2.21 11.42 16.11
CA TYR C 111 2.63 11.05 17.45
C TYR C 111 4.12 11.28 17.62
N LYS C 112 4.52 11.95 18.71
CA LYS C 112 5.93 12.24 19.01
C LYS C 112 6.30 11.74 20.38
N GLY C 113 7.47 11.11 20.46
CA GLY C 113 7.94 10.59 21.74
C GLY C 113 9.11 9.62 21.60
N GLY C 114 10.03 9.69 22.54
CA GLY C 114 11.17 8.82 22.50
C GLY C 114 10.86 7.39 22.90
N LEU C 115 11.87 6.54 22.83
CA LEU C 115 11.77 5.15 23.19
C LEU C 115 12.74 4.96 24.34
N ARG C 116 12.42 4.07 25.26
CA ARG C 116 13.28 3.84 26.40
C ARG C 116 13.51 2.36 26.59
N PHE C 117 14.77 1.97 26.74
CA PHE C 117 15.12 0.57 26.95
C PHE C 117 15.72 0.41 28.33
N HIS C 118 14.87 0.13 29.32
CA HIS C 118 15.29 -0.03 30.69
C HIS C 118 14.60 -1.26 31.28
N PRO C 119 15.33 -2.07 32.05
CA PRO C 119 14.73 -3.27 32.64
C PRO C 119 13.47 -2.91 33.41
N SER C 120 13.34 -1.64 33.76
CA SER C 120 12.20 -1.15 34.50
C SER C 120 10.96 -0.86 33.65
N VAL C 121 11.16 -0.61 32.36
CA VAL C 121 10.05 -0.29 31.45
C VAL C 121 8.86 -1.26 31.44
N ASN C 122 7.67 -0.67 31.34
CA ASN C 122 6.43 -1.41 31.29
C ASN C 122 5.33 -0.47 30.81
N LEU C 123 4.10 -0.99 30.69
CA LEU C 123 3.00 -0.17 30.21
C LEU C 123 2.71 1.07 31.05
N SER C 124 2.68 0.89 32.38
CA SER C 124 2.41 2.01 33.30
C SER C 124 3.44 3.13 33.10
N ILE C 125 4.71 2.76 33.11
CA ILE C 125 5.76 3.74 32.92
C ILE C 125 5.64 4.39 31.54
N VAL C 126 5.50 3.59 30.49
CA VAL C 126 5.39 4.12 29.15
C VAL C 126 4.21 5.07 29.03
N LYS C 127 3.06 4.70 29.60
CA LYS C 127 1.87 5.54 29.55
C LYS C 127 2.06 6.88 30.31
N PHE C 128 2.71 6.81 31.47
CA PHE C 128 2.99 7.98 32.29
C PHE C 128 3.87 8.93 31.49
N LEU C 129 4.97 8.38 30.96
CA LEU C 129 5.90 9.18 30.17
C LEU C 129 5.20 9.66 28.90
N GLY C 130 4.39 8.77 28.32
CA GLY C 130 3.67 9.09 27.11
C GLY C 130 2.59 10.14 27.31
N PHE C 131 1.78 9.99 28.36
CA PHE C 131 0.72 10.97 28.61
C PHE C 131 1.33 12.39 28.71
N GLU C 132 2.32 12.56 29.59
CA GLU C 132 2.94 13.88 29.74
C GLU C 132 3.52 14.40 28.42
N GLN C 133 4.06 13.49 27.59
CA GLN C 133 4.61 13.91 26.31
C GLN C 133 3.65 14.79 25.52
N ILE C 134 2.37 14.43 25.58
CA ILE C 134 1.34 15.16 24.87
C ILE C 134 1.48 16.65 25.14
N PHE C 135 1.02 17.06 26.30
CA PHE C 135 1.05 18.44 26.75
C PHE C 135 2.43 19.08 26.57
N LYS C 136 3.47 18.37 26.96
CA LYS C 136 4.81 18.92 26.81
C LYS C 136 5.06 19.27 25.36
N ASN C 137 4.67 18.38 24.46
CA ASN C 137 4.86 18.63 23.04
C ASN C 137 3.87 19.67 22.57
N SER C 138 2.85 19.92 23.38
CA SER C 138 1.83 20.92 23.02
C SER C 138 2.34 22.35 23.24
N LEU C 139 3.09 22.54 24.32
CA LEU C 139 3.64 23.84 24.69
C LEU C 139 4.74 24.35 23.76
N THR C 140 5.34 23.44 22.98
CA THR C 140 6.40 23.83 22.05
C THR C 140 5.83 24.71 20.95
N GLY C 141 4.55 24.55 20.66
CA GLY C 141 3.93 25.34 19.62
C GLY C 141 4.03 24.66 18.26
N LEU C 142 4.83 23.61 18.17
CA LEU C 142 5.00 22.89 16.92
C LEU C 142 3.87 21.88 16.75
N SER C 143 3.81 21.20 15.60
CA SER C 143 2.75 20.23 15.35
C SER C 143 3.15 18.82 15.79
N MET C 144 3.22 18.62 17.11
CA MET C 144 3.60 17.33 17.63
C MET C 144 2.59 16.67 18.57
N GLY C 145 2.12 15.49 18.20
CA GLY C 145 1.18 14.75 19.02
C GLY C 145 2.00 14.04 20.08
N GLY C 146 1.36 13.24 20.93
CA GLY C 146 2.12 12.58 21.97
C GLY C 146 2.25 11.08 21.91
N GLY C 147 3.40 10.57 22.33
CA GLY C 147 3.61 9.14 22.35
C GLY C 147 4.92 8.78 23.02
N LYS C 148 5.01 7.55 23.53
CA LYS C 148 6.22 7.06 24.18
C LYS C 148 6.35 5.59 23.81
N GLY C 149 7.56 5.08 23.77
CA GLY C 149 7.78 3.68 23.43
C GLY C 149 8.87 3.03 24.24
N GLY C 150 9.44 1.93 23.75
CA GLY C 150 10.49 1.28 24.50
C GLY C 150 10.37 -0.21 24.71
N SER C 151 11.28 -0.74 25.50
CA SER C 151 11.31 -2.17 25.80
C SER C 151 11.95 -2.41 27.17
N ASP C 152 11.67 -3.56 27.77
CA ASP C 152 12.25 -3.89 29.06
C ASP C 152 13.64 -4.46 28.82
N PHE C 153 14.18 -4.15 27.64
CA PHE C 153 15.50 -4.59 27.22
C PHE C 153 16.59 -3.77 27.89
N ASP C 154 17.64 -4.42 28.32
CA ASP C 154 18.73 -3.73 28.99
C ASP C 154 20.07 -3.76 28.22
N PRO C 155 20.51 -2.59 27.71
CA PRO C 155 21.77 -2.44 26.95
C PRO C 155 22.99 -2.75 27.82
N LYS C 156 22.96 -2.29 29.06
CA LYS C 156 24.07 -2.52 29.98
C LYS C 156 24.44 -4.00 29.94
N GLY C 157 25.67 -4.27 29.52
CA GLY C 157 26.13 -5.64 29.46
C GLY C 157 26.12 -6.20 28.06
N LYS C 158 25.38 -5.55 27.18
CA LYS C 158 25.29 -6.01 25.80
C LYS C 158 26.42 -5.49 24.94
N SER C 159 26.74 -6.26 23.90
CA SER C 159 27.79 -5.86 22.96
C SER C 159 27.15 -4.89 21.98
N ASP C 160 27.98 -4.23 21.17
CA ASP C 160 27.43 -3.31 20.20
C ASP C 160 26.61 -4.15 19.22
N ASN C 161 27.07 -5.37 18.95
CA ASN C 161 26.37 -6.29 18.03
C ASN C 161 25.01 -6.69 18.53
N GLU C 162 24.92 -6.87 19.84
CA GLU C 162 23.66 -7.25 20.45
C GLU C 162 22.64 -6.12 20.36
N ILE C 163 23.10 -4.89 20.57
CA ILE C 163 22.21 -3.72 20.52
C ILE C 163 21.72 -3.51 19.07
N LEU C 164 22.49 -3.99 18.11
CA LEU C 164 22.10 -3.87 16.70
C LEU C 164 21.01 -4.93 16.41
N LYS C 165 21.30 -6.19 16.76
CA LYS C 165 20.37 -7.30 16.57
C LYS C 165 19.04 -6.98 17.22
N PHE C 166 19.08 -6.38 18.42
CA PHE C 166 17.85 -6.03 19.11
C PHE C 166 17.13 -4.88 18.45
N CYS C 167 17.87 -3.90 17.95
CA CYS C 167 17.26 -2.75 17.33
C CYS C 167 16.59 -3.11 16.02
N GLN C 168 17.21 -4.02 15.26
CA GLN C 168 16.65 -4.43 13.98
C GLN C 168 15.42 -5.26 14.24
N ALA C 169 15.46 -6.06 15.28
CA ALA C 169 14.34 -6.90 15.66
C ALA C 169 13.18 -6.00 16.10
N PHE C 170 13.52 -4.96 16.85
CA PHE C 170 12.55 -3.99 17.35
C PHE C 170 11.79 -3.35 16.20
N MET C 171 12.55 -2.80 15.27
CA MET C 171 12.03 -2.12 14.09
C MET C 171 11.28 -3.03 13.10
N ASN C 172 11.58 -4.33 13.10
CA ASN C 172 10.90 -5.26 12.19
C ASN C 172 9.43 -5.33 12.53
N GLU C 173 9.09 -4.88 13.74
CA GLU C 173 7.71 -4.87 14.17
C GLU C 173 7.18 -3.44 14.21
N LEU C 174 7.99 -2.54 14.78
CA LEU C 174 7.62 -1.15 14.91
C LEU C 174 7.50 -0.36 13.62
N TYR C 175 8.09 -0.81 12.53
CA TYR C 175 8.02 -0.02 11.29
C TYR C 175 6.62 0.16 10.74
N ARG C 176 5.78 -0.86 10.94
CA ARG C 176 4.41 -0.85 10.44
C ARG C 176 3.49 0.11 11.21
N HIS C 177 3.95 0.56 12.37
CA HIS C 177 3.16 1.47 13.19
C HIS C 177 3.65 2.89 13.23
N ILE C 178 4.83 3.16 12.66
CA ILE C 178 5.39 4.51 12.69
C ILE C 178 5.64 5.06 11.30
N GLY C 179 5.92 6.36 11.22
CA GLY C 179 6.19 7.00 9.94
C GLY C 179 6.24 8.52 9.99
N PRO C 180 6.92 9.16 9.04
CA PRO C 180 7.10 10.62 8.89
C PRO C 180 5.91 11.45 9.34
N CYS C 181 4.72 10.99 8.99
CA CYS C 181 3.49 11.71 9.32
C CYS C 181 2.54 10.83 10.15
N THR C 182 3.09 9.86 10.87
CA THR C 182 2.28 8.96 11.70
C THR C 182 2.84 8.94 13.11
N ASP C 183 4.06 8.43 13.25
CA ASP C 183 4.72 8.37 14.54
C ASP C 183 6.24 8.57 14.31
N VAL C 184 6.81 9.57 14.99
CA VAL C 184 8.25 9.82 14.87
C VAL C 184 8.93 9.53 16.20
N PRO C 185 9.33 8.27 16.43
CA PRO C 185 9.98 7.97 17.71
C PRO C 185 11.26 8.76 17.87
N ALA C 186 11.87 8.65 19.04
CA ALA C 186 13.09 9.38 19.28
C ALA C 186 13.94 8.61 20.28
N GLY C 187 15.01 9.24 20.73
CA GLY C 187 15.89 8.59 21.69
C GLY C 187 15.38 8.85 23.09
N ASP C 188 16.02 8.22 24.08
CA ASP C 188 15.63 8.38 25.48
C ASP C 188 16.64 7.58 26.28
N ILE C 189 16.26 7.18 27.49
CA ILE C 189 17.18 6.40 28.33
C ILE C 189 17.32 5.02 27.76
N GLY C 190 18.49 4.72 27.21
CA GLY C 190 18.73 3.43 26.62
C GLY C 190 18.84 3.54 25.11
N VAL C 191 18.09 4.47 24.55
CA VAL C 191 18.14 4.67 23.12
C VAL C 191 18.95 5.93 22.90
N GLY C 192 20.20 5.76 22.46
CA GLY C 192 21.07 6.89 22.19
C GLY C 192 21.30 7.03 20.70
N GLY C 193 22.14 7.99 20.32
CA GLY C 193 22.44 8.21 18.91
C GLY C 193 22.82 6.94 18.17
N ARG C 194 23.38 5.98 18.88
CA ARG C 194 23.76 4.71 18.27
C ARG C 194 22.49 3.91 17.97
N GLU C 195 21.69 3.68 19.00
CA GLU C 195 20.47 2.90 18.87
C GLU C 195 19.48 3.48 17.87
N ILE C 196 19.48 4.81 17.73
CA ILE C 196 18.61 5.50 16.77
C ILE C 196 19.20 5.26 15.37
N GLY C 197 20.53 5.16 15.31
CA GLY C 197 21.17 4.92 14.04
C GLY C 197 20.92 3.50 13.59
N TYR C 198 20.95 2.56 14.54
CA TYR C 198 20.71 1.16 14.19
C TYR C 198 19.25 0.88 13.88
N LEU C 199 18.36 1.63 14.53
CA LEU C 199 16.93 1.49 14.28
C LEU C 199 16.62 2.14 12.93
N TYR C 200 17.16 3.35 12.71
CA TYR C 200 16.92 4.03 11.45
C TYR C 200 17.45 3.19 10.30
N GLY C 201 18.47 2.40 10.60
CA GLY C 201 19.07 1.53 9.60
C GLY C 201 18.14 0.43 9.19
N GLN C 202 17.49 -0.20 10.16
CA GLN C 202 16.56 -1.28 9.84
C GLN C 202 15.30 -0.71 9.17
N TYR C 203 14.79 0.38 9.72
CA TYR C 203 13.61 1.03 9.17
C TYR C 203 13.78 1.36 7.69
N LYS C 204 14.94 1.90 7.35
CA LYS C 204 15.21 2.27 5.98
C LYS C 204 15.38 1.04 5.12
N LYS C 205 16.00 0.00 5.68
CA LYS C 205 16.22 -1.24 4.93
C LYS C 205 14.93 -1.95 4.56
N ILE C 206 13.99 -2.01 5.50
CA ILE C 206 12.73 -2.68 5.24
C ILE C 206 11.78 -1.85 4.40
N VAL C 207 11.47 -0.65 4.86
CA VAL C 207 10.56 0.24 4.13
C VAL C 207 11.14 0.83 2.82
N ASN C 208 12.47 0.85 2.70
CA ASN C 208 13.13 1.39 1.50
C ASN C 208 12.78 2.87 1.31
N SER C 209 12.89 3.65 2.38
CA SER C 209 12.58 5.06 2.30
C SER C 209 13.47 5.84 3.25
N PHE C 210 14.06 6.91 2.75
CA PHE C 210 14.93 7.75 3.56
C PHE C 210 14.06 8.92 3.96
N ASN C 211 13.84 9.09 5.27
CA ASN C 211 13.01 10.19 5.73
C ASN C 211 13.20 10.41 7.22
N GLY C 212 12.44 11.35 7.79
CA GLY C 212 12.56 11.66 9.21
C GLY C 212 11.56 10.96 10.12
N THR C 213 11.55 9.63 10.06
CA THR C 213 10.68 8.79 10.88
C THR C 213 11.12 8.83 12.33
N LEU C 214 12.38 9.20 12.54
CA LEU C 214 12.95 9.30 13.88
C LEU C 214 13.73 10.61 13.99
N THR C 215 13.74 11.20 15.17
CA THR C 215 14.53 12.41 15.37
C THR C 215 15.69 11.94 16.25
N GLY C 216 16.82 12.64 16.19
CA GLY C 216 17.96 12.27 17.00
C GLY C 216 18.99 11.56 16.16
N LYS C 217 18.84 11.68 14.85
CA LYS C 217 19.76 11.06 13.91
C LYS C 217 21.08 11.84 13.83
N ASN C 218 22.11 11.20 13.30
CA ASN C 218 23.41 11.83 13.15
C ASN C 218 23.24 12.95 12.13
N VAL C 219 24.04 14.01 12.20
CA VAL C 219 23.89 15.12 11.28
C VAL C 219 24.24 14.78 9.85
N LYS C 220 25.01 13.72 9.66
CA LYS C 220 25.40 13.31 8.32
C LYS C 220 24.22 12.76 7.51
N TRP C 221 23.18 12.28 8.20
CA TRP C 221 22.01 11.73 7.51
C TRP C 221 20.64 12.11 8.07
N GLY C 222 20.45 13.39 8.36
CA GLY C 222 19.17 13.83 8.88
C GLY C 222 19.26 14.58 10.19
N GLY C 223 20.36 14.37 10.90
CA GLY C 223 20.54 15.04 12.18
C GLY C 223 20.42 16.55 12.08
N SER C 224 20.41 17.21 13.22
CA SER C 224 20.30 18.67 13.26
C SER C 224 21.31 19.25 14.24
N ASN C 225 21.81 20.45 13.95
CA ASN C 225 22.76 21.11 14.85
C ASN C 225 21.99 21.45 16.11
N LEU C 226 22.70 21.59 17.23
CA LEU C 226 22.07 21.90 18.51
C LEU C 226 21.21 20.78 19.06
N ARG C 227 21.47 19.56 18.59
CA ARG C 227 20.71 18.38 19.00
C ARG C 227 21.05 17.98 20.44
N VAL C 228 22.32 18.17 20.78
CA VAL C 228 22.82 17.82 22.10
C VAL C 228 22.59 18.92 23.13
N GLU C 229 22.46 20.16 22.67
CA GLU C 229 22.26 21.30 23.57
C GLU C 229 20.85 21.84 23.70
N ALA C 230 19.96 21.47 22.78
CA ALA C 230 18.60 21.97 22.80
C ALA C 230 17.90 21.97 24.16
N THR C 231 17.97 20.86 24.89
CA THR C 231 17.31 20.83 26.20
C THR C 231 17.92 21.78 27.22
N GLY C 232 19.20 21.56 27.55
CA GLY C 232 19.88 22.42 28.51
C GLY C 232 19.73 23.88 28.12
N TYR C 233 20.03 24.18 26.85
CA TYR C 233 19.92 25.52 26.30
C TYR C 233 18.57 26.17 26.59
N GLY C 234 17.48 25.49 26.21
CA GLY C 234 16.15 26.01 26.41
C GLY C 234 15.80 26.19 27.87
N LEU C 235 16.39 25.35 28.72
CA LEU C 235 16.12 25.44 30.15
C LEU C 235 16.58 26.82 30.63
N VAL C 236 17.80 27.19 30.23
CA VAL C 236 18.37 28.48 30.57
C VAL C 236 17.58 29.55 29.83
N TYR C 237 17.33 29.30 28.54
CA TYR C 237 16.58 30.26 27.76
C TYR C 237 15.21 30.52 28.38
N PHE C 238 14.62 29.49 29.01
CA PHE C 238 13.32 29.70 29.63
C PHE C 238 13.47 30.55 30.89
N VAL C 239 14.42 30.19 31.76
CA VAL C 239 14.65 30.97 32.98
C VAL C 239 15.09 32.38 32.64
N LEU C 240 16.07 32.50 31.74
CA LEU C 240 16.58 33.81 31.30
C LEU C 240 15.40 34.66 30.88
N GLU C 241 14.34 33.98 30.43
CA GLU C 241 13.13 34.67 29.99
C GLU C 241 12.26 35.00 31.20
N VAL C 242 12.25 34.12 32.20
CA VAL C 242 11.45 34.33 33.40
C VAL C 242 12.02 35.52 34.17
N LEU C 243 13.34 35.54 34.29
CA LEU C 243 14.01 36.61 35.01
C LEU C 243 13.71 37.95 34.35
N LYS C 244 13.89 38.05 33.04
CA LYS C 244 13.62 39.30 32.33
C LYS C 244 12.27 39.92 32.72
N SER C 245 11.19 39.15 32.62
CA SER C 245 9.85 39.64 32.97
C SER C 245 9.79 40.12 34.41
N LEU C 246 10.80 39.79 35.21
CA LEU C 246 10.83 40.19 36.60
C LEU C 246 11.84 41.32 36.78
N ASN C 247 12.61 41.56 35.74
CA ASN C 247 13.63 42.59 35.75
C ASN C 247 14.77 42.20 36.69
N ILE C 248 15.10 40.91 36.69
CA ILE C 248 16.18 40.39 37.51
C ILE C 248 17.34 40.04 36.56
N PRO C 249 18.46 40.79 36.64
CA PRO C 249 19.68 40.62 35.83
C PRO C 249 20.30 39.23 35.87
N VAL C 250 20.10 38.45 34.81
CA VAL C 250 20.64 37.10 34.73
C VAL C 250 22.12 36.97 35.06
N GLU C 251 22.93 37.95 34.64
CA GLU C 251 24.37 37.91 34.90
C GLU C 251 24.73 38.25 36.35
N LYS C 252 23.75 38.26 37.23
CA LYS C 252 24.00 38.57 38.63
C LYS C 252 23.48 37.53 39.61
N GLN C 253 23.34 36.28 39.15
CA GLN C 253 22.86 35.22 40.02
C GLN C 253 23.87 34.09 40.12
N THR C 254 23.70 33.23 41.12
CA THR C 254 24.58 32.09 41.32
C THR C 254 23.71 30.86 41.10
N ALA C 255 24.27 29.86 40.43
CA ALA C 255 23.51 28.65 40.13
C ALA C 255 24.17 27.33 40.52
N VAL C 256 23.44 26.54 41.30
CA VAL C 256 23.91 25.23 41.72
C VAL C 256 23.16 24.31 40.77
N VAL C 257 23.88 23.43 40.08
CA VAL C 257 23.25 22.54 39.10
C VAL C 257 23.71 21.07 39.18
N SER C 258 22.74 20.18 39.03
CA SER C 258 23.01 18.74 39.09
C SER C 258 22.91 18.01 37.76
N GLY C 259 23.94 17.20 37.46
CA GLY C 259 23.94 16.44 36.22
C GLY C 259 25.29 16.27 35.55
N SER C 260 25.25 15.67 34.37
CA SER C 260 26.43 15.42 33.55
C SER C 260 25.92 14.95 32.20
N GLY C 261 24.59 14.87 32.09
CA GLY C 261 23.95 14.48 30.85
C GLY C 261 23.97 15.73 29.98
N ASN C 262 23.40 15.65 28.79
CA ASN C 262 23.44 16.83 27.94
C ASN C 262 22.69 18.00 28.56
N VAL C 263 21.61 17.72 29.29
CA VAL C 263 20.82 18.76 29.91
C VAL C 263 21.66 19.64 30.82
N ALA C 264 22.46 19.01 31.69
CA ALA C 264 23.30 19.77 32.62
C ALA C 264 24.53 20.37 31.94
N LEU C 265 25.31 19.53 31.29
CA LEU C 265 26.52 19.93 30.60
C LEU C 265 26.39 21.16 29.72
N TYR C 266 25.20 21.44 29.21
CA TYR C 266 25.04 22.61 28.35
C TYR C 266 24.18 23.66 29.03
N CYS C 267 23.52 23.27 30.12
CA CYS C 267 22.73 24.22 30.87
C CYS C 267 23.82 25.15 31.38
N VAL C 268 24.88 24.52 31.88
CA VAL C 268 26.02 25.26 32.38
C VAL C 268 26.68 26.08 31.26
N GLN C 269 26.90 25.45 30.10
CA GLN C 269 27.53 26.14 28.99
C GLN C 269 26.80 27.40 28.57
N LYS C 270 25.49 27.46 28.80
CA LYS C 270 24.77 28.68 28.44
C LYS C 270 24.75 29.63 29.62
N LEU C 271 24.68 29.05 30.82
CA LEU C 271 24.67 29.85 32.04
C LEU C 271 25.95 30.67 32.09
N LEU C 272 27.08 30.03 31.78
CA LEU C 272 28.37 30.72 31.81
C LEU C 272 28.46 31.75 30.70
N HIS C 273 27.93 31.41 29.52
CA HIS C 273 27.95 32.31 28.39
C HIS C 273 27.18 33.62 28.69
N LEU C 274 26.22 33.56 29.61
CA LEU C 274 25.47 34.76 29.96
C LEU C 274 26.12 35.41 31.19
N ASN C 275 27.28 34.86 31.57
CA ASN C 275 28.04 35.33 32.72
C ASN C 275 27.48 34.85 34.07
N VAL C 276 26.62 33.84 34.04
CA VAL C 276 26.06 33.29 35.28
C VAL C 276 27.15 32.41 35.88
N LYS C 277 27.37 32.52 37.19
CA LYS C 277 28.41 31.71 37.85
C LYS C 277 27.83 30.38 38.33
N VAL C 278 28.34 29.28 37.78
CA VAL C 278 27.87 27.96 38.18
C VAL C 278 28.93 27.34 39.07
N LEU C 279 28.55 27.01 40.29
CA LEU C 279 29.46 26.43 41.25
C LEU C 279 29.49 24.91 41.29
N THR C 280 28.49 24.23 40.72
CA THR C 280 28.46 22.76 40.77
C THR C 280 28.00 21.98 39.54
N LEU C 281 28.26 20.68 39.57
CA LEU C 281 27.88 19.71 38.53
C LEU C 281 27.86 18.37 39.24
N SER C 282 26.83 17.58 38.99
CA SER C 282 26.69 16.31 39.69
C SER C 282 26.86 15.00 38.91
N ASP C 283 26.79 13.92 39.67
CA ASP C 283 26.92 12.58 39.13
C ASP C 283 26.45 11.61 40.21
N SER C 284 26.01 10.42 39.78
CA SER C 284 25.51 9.35 40.67
C SER C 284 26.36 9.14 41.94
N ASN C 285 27.67 9.30 41.79
CA ASN C 285 28.61 9.13 42.89
C ASN C 285 28.82 10.42 43.70
N GLY C 286 28.71 11.56 43.03
CA GLY C 286 28.91 12.82 43.75
C GLY C 286 28.81 14.05 42.87
N TYR C 287 29.10 15.21 43.47
CA TYR C 287 29.04 16.47 42.76
C TYR C 287 30.29 17.31 43.03
N VAL C 288 30.85 17.87 41.97
CA VAL C 288 32.04 18.70 42.08
C VAL C 288 31.65 20.12 42.49
N TYR C 289 32.65 20.97 42.74
CA TYR C 289 32.40 22.34 43.17
C TYR C 289 33.51 23.31 42.75
N GLU C 290 33.10 24.50 42.29
CA GLU C 290 34.05 25.54 41.88
C GLU C 290 33.70 26.78 42.68
N PRO C 291 34.53 27.10 43.69
CA PRO C 291 34.37 28.25 44.59
C PRO C 291 34.09 29.52 43.80
N ASN C 292 34.97 29.77 42.85
CA ASN C 292 34.90 30.96 42.00
C ASN C 292 33.92 30.73 40.83
N GLY C 293 33.85 29.49 40.35
CA GLY C 293 32.96 29.16 39.24
C GLY C 293 33.65 28.35 38.17
N PHE C 294 32.89 27.65 37.35
CA PHE C 294 33.50 26.86 36.29
C PHE C 294 33.96 27.79 35.17
N THR C 295 35.01 27.37 34.47
CA THR C 295 35.58 28.12 33.37
C THR C 295 35.12 27.43 32.09
N HIS C 296 35.15 28.15 30.97
CA HIS C 296 34.76 27.53 29.72
C HIS C 296 35.65 26.29 29.62
N GLU C 297 36.96 26.48 29.80
CA GLU C 297 37.91 25.38 29.76
C GLU C 297 37.61 24.32 30.84
N ASN C 298 37.11 24.76 31.98
CA ASN C 298 36.75 23.84 33.05
C ASN C 298 35.59 22.99 32.55
N LEU C 299 34.49 23.66 32.25
CA LEU C 299 33.28 22.98 31.77
C LEU C 299 33.64 22.10 30.59
N GLU C 300 34.57 22.60 29.76
CA GLU C 300 35.07 21.88 28.58
C GLU C 300 35.74 20.54 28.92
N PHE C 301 36.70 20.54 29.85
CA PHE C 301 37.36 19.30 30.27
C PHE C 301 36.24 18.32 30.60
N LEU C 302 35.37 18.73 31.53
CA LEU C 302 34.20 17.94 31.94
C LEU C 302 33.50 17.34 30.74
N ILE C 303 32.71 18.15 30.06
CA ILE C 303 31.96 17.72 28.88
C ILE C 303 32.77 16.82 27.93
N ASP C 304 33.69 17.41 27.17
CA ASP C 304 34.49 16.67 26.19
C ASP C 304 35.35 15.53 26.78
N LEU C 305 35.21 15.27 28.09
CA LEU C 305 36.03 14.20 28.65
C LEU C 305 35.32 13.24 29.59
N LYS C 306 34.57 13.71 30.59
CA LYS C 306 33.92 12.73 31.45
C LYS C 306 32.76 12.05 30.75
N GLU C 307 31.87 12.81 30.10
CA GLU C 307 30.76 12.18 29.39
C GLU C 307 31.28 11.52 28.09
N GLU C 308 32.09 12.27 27.32
CA GLU C 308 32.66 11.81 26.05
C GLU C 308 33.53 10.55 26.26
N LYS C 309 34.24 10.50 27.39
CA LYS C 309 35.08 9.34 27.74
C LYS C 309 34.34 8.50 28.82
N LYS C 310 33.14 8.96 29.16
CA LYS C 310 32.27 8.32 30.15
C LYS C 310 33.00 7.91 31.42
N GLY C 311 33.62 8.90 32.06
CA GLY C 311 34.34 8.67 33.30
C GLY C 311 33.43 9.04 34.45
N ARG C 312 33.99 9.71 35.45
CA ARG C 312 33.25 10.15 36.62
C ARG C 312 33.62 11.58 37.00
N ILE C 313 32.62 12.32 37.47
CA ILE C 313 32.80 13.70 37.86
C ILE C 313 33.97 13.92 38.85
N LYS C 314 34.36 12.85 39.55
CA LYS C 314 35.48 12.95 40.48
C LYS C 314 36.72 13.37 39.68
N GLU C 315 37.05 12.55 38.68
CA GLU C 315 38.21 12.77 37.81
C GLU C 315 38.42 14.24 37.47
N TYR C 316 37.36 15.04 37.61
CA TYR C 316 37.48 16.46 37.32
C TYR C 316 38.68 17.01 38.09
N LEU C 317 38.94 16.45 39.27
CA LEU C 317 40.05 16.93 40.09
C LEU C 317 41.42 16.67 39.46
N ASN C 318 41.43 16.31 38.18
CA ASN C 318 42.67 16.07 37.44
C ASN C 318 42.78 17.20 36.40
N HIS C 319 42.13 18.31 36.74
CA HIS C 319 42.10 19.53 35.92
C HIS C 319 41.92 20.71 36.84
N SER C 320 40.89 20.65 37.68
CA SER C 320 40.60 21.74 38.60
C SER C 320 41.20 21.54 39.97
N SER C 321 42.46 21.94 40.10
CA SER C 321 43.16 21.82 41.37
C SER C 321 42.47 22.82 42.30
N THR C 322 41.62 23.67 41.72
CA THR C 322 40.87 24.66 42.50
C THR C 322 39.58 24.06 43.06
N ALA C 323 38.95 23.19 42.27
CA ALA C 323 37.69 22.55 42.68
C ALA C 323 37.76 21.66 43.94
N LYS C 324 36.77 20.81 44.10
CA LYS C 324 36.66 19.89 45.22
C LYS C 324 35.43 19.02 45.08
N TYR C 325 35.58 17.75 45.44
CA TYR C 325 34.52 16.75 45.36
C TYR C 325 33.79 16.63 46.71
N PHE C 326 32.55 16.17 46.71
CA PHE C 326 31.85 16.02 47.99
C PHE C 326 31.11 14.70 48.06
N PRO C 327 31.88 13.58 48.16
CA PRO C 327 31.42 12.18 48.24
C PRO C 327 29.93 12.03 48.49
N ASN C 328 29.27 11.34 47.57
CA ASN C 328 27.83 11.08 47.62
C ASN C 328 27.07 12.18 48.37
N GLU C 329 26.73 13.24 47.63
CA GLU C 329 25.98 14.36 48.19
C GLU C 329 25.27 15.11 47.08
N LYS C 330 24.15 15.75 47.44
CA LYS C 330 23.40 16.53 46.47
C LYS C 330 23.79 18.01 46.62
N PRO C 331 24.19 18.64 45.52
CA PRO C 331 24.61 20.05 45.47
C PRO C 331 23.63 21.04 46.13
N TRP C 332 22.35 20.67 46.21
CA TRP C 332 21.31 21.54 46.78
C TRP C 332 21.71 22.32 48.04
N GLY C 333 22.79 21.89 48.69
CA GLY C 333 23.27 22.60 49.87
C GLY C 333 23.75 23.98 49.45
N VAL C 334 24.91 24.03 48.80
CA VAL C 334 25.50 25.28 48.31
C VAL C 334 24.38 26.28 48.03
N PRO C 335 24.46 27.49 48.59
CA PRO C 335 23.42 28.51 48.38
C PRO C 335 23.48 29.07 46.96
N CYS C 336 22.37 29.64 46.50
CA CYS C 336 22.31 30.19 45.15
C CYS C 336 21.04 31.03 44.94
N THR C 337 20.78 31.36 43.68
CA THR C 337 19.59 32.13 43.30
C THR C 337 18.80 31.32 42.28
N LEU C 338 19.53 30.52 41.50
CA LEU C 338 18.96 29.68 40.45
C LEU C 338 19.48 28.25 40.60
N ALA C 339 18.59 27.30 40.89
CA ALA C 339 18.99 25.90 41.03
C ALA C 339 18.46 25.09 39.86
N PHE C 340 19.34 24.35 39.21
CA PHE C 340 18.92 23.56 38.07
C PHE C 340 18.97 22.06 38.29
N PRO C 341 17.84 21.48 38.74
CA PRO C 341 17.71 20.05 39.01
C PRO C 341 17.67 19.35 37.64
N CYS C 342 18.73 18.61 37.30
CA CYS C 342 18.77 17.93 36.02
C CYS C 342 19.49 16.59 36.16
N ALA C 343 19.04 15.79 37.12
CA ALA C 343 19.69 14.51 37.34
C ALA C 343 18.75 13.32 37.32
N THR C 344 17.79 13.29 38.24
CA THR C 344 16.83 12.18 38.32
C THR C 344 15.46 12.63 38.86
N GLN C 345 14.49 11.72 38.83
CA GLN C 345 13.15 12.04 39.35
C GLN C 345 13.23 12.18 40.88
N ASN C 346 12.61 13.22 41.41
CA ASN C 346 12.64 13.46 42.83
C ASN C 346 14.09 13.78 43.25
N ASP C 347 14.87 14.27 42.29
CA ASP C 347 16.27 14.67 42.50
C ASP C 347 16.31 15.50 43.80
N VAL C 348 15.37 16.45 43.90
CA VAL C 348 15.25 17.34 45.07
C VAL C 348 14.09 16.89 45.94
N ASP C 349 14.38 16.65 47.22
CA ASP C 349 13.35 16.24 48.17
C ASP C 349 12.77 17.46 48.87
N LEU C 350 12.47 17.31 50.15
CA LEU C 350 11.89 18.39 50.95
C LEU C 350 12.95 19.15 51.75
N ASP C 351 13.70 18.44 52.59
CA ASP C 351 14.76 19.06 53.39
C ASP C 351 15.65 19.94 52.54
N GLN C 352 16.00 19.42 51.37
CA GLN C 352 16.83 20.14 50.40
C GLN C 352 16.08 21.40 49.99
N ALA C 353 14.79 21.24 49.76
CA ALA C 353 13.93 22.36 49.38
C ALA C 353 13.93 23.37 50.52
N LYS C 354 14.39 22.94 51.70
CA LYS C 354 14.44 23.80 52.88
C LYS C 354 15.78 24.53 52.90
N LEU C 355 16.84 23.83 52.53
CA LEU C 355 18.18 24.43 52.44
C LEU C 355 18.13 25.58 51.41
N LEU C 356 17.87 25.24 50.15
CA LEU C 356 17.80 26.25 49.11
C LEU C 356 16.80 27.34 49.49
N GLN C 357 15.75 26.95 50.21
CA GLN C 357 14.73 27.92 50.62
C GLN C 357 15.33 29.02 51.49
N LYS C 358 16.07 28.60 52.52
CA LYS C 358 16.69 29.53 53.47
C LYS C 358 17.97 30.21 52.96
N ASN C 359 18.36 29.92 51.72
CA ASN C 359 19.58 30.49 51.14
C ASN C 359 19.38 31.46 49.97
N GLY C 360 18.15 31.92 49.77
CA GLY C 360 17.86 32.84 48.69
C GLY C 360 17.57 32.18 47.35
N CYS C 361 17.32 30.87 47.34
CA CYS C 361 17.00 30.18 46.08
C CYS C 361 15.67 30.78 45.62
N ILE C 362 15.70 31.61 44.59
CA ILE C 362 14.49 32.30 44.11
C ILE C 362 13.82 31.65 42.89
N LEU C 363 14.50 30.70 42.27
CA LEU C 363 13.91 30.06 41.11
C LEU C 363 14.44 28.66 40.89
N VAL C 364 13.52 27.71 40.85
CA VAL C 364 13.89 26.34 40.57
C VAL C 364 13.58 26.24 39.10
N GLY C 365 14.45 25.57 38.35
CA GLY C 365 14.24 25.43 36.93
C GLY C 365 14.51 23.99 36.56
N GLU C 366 13.45 23.18 36.57
CA GLU C 366 13.60 21.77 36.26
C GLU C 366 14.30 21.51 34.93
N GLY C 367 15.30 20.63 34.97
CA GLY C 367 16.05 20.29 33.77
C GLY C 367 15.91 18.81 33.47
N ALA C 368 15.35 18.07 34.43
CA ALA C 368 15.13 16.65 34.27
C ALA C 368 13.63 16.32 34.36
N ASN C 369 13.35 15.03 34.34
CA ASN C 369 11.99 14.53 34.43
C ASN C 369 11.60 14.73 35.90
N MET C 370 10.43 15.33 36.14
CA MET C 370 9.96 15.60 37.51
C MET C 370 11.04 15.43 38.59
N PRO C 371 11.92 16.44 38.75
CA PRO C 371 13.04 16.51 39.71
C PRO C 371 12.62 16.78 41.15
N SER C 372 11.61 17.62 41.34
CA SER C 372 11.19 17.96 42.70
C SER C 372 10.00 17.17 43.22
N THR C 373 10.07 16.82 44.51
CA THR C 373 9.02 16.06 45.17
C THR C 373 7.74 16.88 45.33
N VAL C 374 6.63 16.18 45.47
CA VAL C 374 5.34 16.83 45.63
C VAL C 374 5.42 17.83 46.79
N ASP C 375 6.33 17.54 47.74
CA ASP C 375 6.55 18.41 48.90
C ASP C 375 7.29 19.67 48.47
N ALA C 376 8.53 19.49 48.04
CA ALA C 376 9.39 20.58 47.60
C ALA C 376 8.66 21.58 46.70
N ILE C 377 7.87 21.08 45.75
CA ILE C 377 7.11 21.98 44.88
C ILE C 377 6.22 22.87 45.75
N ASN C 378 5.57 22.27 46.74
CA ASN C 378 4.69 22.98 47.68
C ASN C 378 5.56 23.92 48.53
N LEU C 379 6.65 23.37 49.06
CA LEU C 379 7.56 24.17 49.86
C LEU C 379 7.88 25.42 49.03
N PHE C 380 8.56 25.21 47.91
CA PHE C 380 8.93 26.30 47.02
C PHE C 380 7.72 27.22 46.79
N LYS C 381 6.66 26.66 46.21
CA LYS C 381 5.45 27.44 45.92
C LYS C 381 4.86 28.09 47.15
N SER C 382 5.22 27.58 48.33
CA SER C 382 4.72 28.12 49.59
C SER C 382 5.58 29.27 50.10
N ASN C 383 6.78 29.40 49.52
CA ASN C 383 7.72 30.45 49.92
C ASN C 383 8.03 31.41 48.75
N ASN C 384 7.14 31.38 47.76
CA ASN C 384 7.24 32.22 46.57
C ASN C 384 8.48 32.00 45.68
N ILE C 385 9.02 30.77 45.67
CA ILE C 385 10.18 30.47 44.84
C ILE C 385 9.74 30.05 43.42
N ILE C 386 10.15 30.81 42.41
CA ILE C 386 9.80 30.52 41.01
C ILE C 386 10.02 29.05 40.65
N TYR C 387 8.92 28.35 40.36
CA TYR C 387 9.00 26.93 40.01
C TYR C 387 8.77 26.67 38.53
N CYS C 388 9.83 26.29 37.83
CA CYS C 388 9.75 26.01 36.40
C CYS C 388 9.46 24.54 36.05
N PRO C 389 8.22 24.28 35.63
CA PRO C 389 7.65 22.99 35.22
C PRO C 389 8.39 22.29 34.11
N SER C 390 8.86 21.08 34.43
CA SER C 390 9.57 20.23 33.49
C SER C 390 9.01 20.41 32.08
N LYS C 391 7.68 20.29 31.94
CA LYS C 391 7.00 20.41 30.65
C LYS C 391 7.49 21.59 29.85
N ALA C 392 7.91 22.64 30.55
CA ALA C 392 8.39 23.84 29.89
C ALA C 392 9.92 23.94 29.80
N ALA C 393 10.58 24.26 30.93
CA ALA C 393 12.04 24.41 30.97
C ALA C 393 12.86 23.45 30.09
N ASN C 394 12.54 22.16 30.08
CA ASN C 394 13.31 21.24 29.23
C ASN C 394 12.61 20.85 27.90
N ALA C 395 11.61 21.62 27.50
CA ALA C 395 10.92 21.35 26.25
C ALA C 395 11.82 21.55 25.03
N GLY C 396 12.95 22.20 25.23
CA GLY C 396 13.86 22.45 24.12
C GLY C 396 14.28 21.17 23.42
N GLY C 397 14.32 20.09 24.18
CA GLY C 397 14.67 18.79 23.62
C GLY C 397 13.65 18.40 22.56
N VAL C 398 12.38 18.64 22.87
CA VAL C 398 11.33 18.34 21.91
C VAL C 398 11.34 19.44 20.84
N ALA C 399 11.64 20.66 21.26
CA ALA C 399 11.70 21.80 20.35
C ALA C 399 12.55 21.50 19.12
N ILE C 400 13.74 20.97 19.35
CA ILE C 400 14.67 20.64 18.27
C ILE C 400 14.25 19.36 17.56
N SER C 401 13.45 18.56 18.25
CA SER C 401 12.97 17.32 17.71
C SER C 401 12.11 17.66 16.48
N GLY C 402 11.22 18.63 16.63
CA GLY C 402 10.37 19.05 15.53
C GLY C 402 11.10 19.93 14.53
N LEU C 403 12.19 20.56 14.95
CA LEU C 403 12.96 21.41 14.04
C LEU C 403 13.69 20.45 13.11
N GLU C 404 14.00 19.27 13.63
CA GLU C 404 14.66 18.26 12.83
C GLU C 404 13.66 17.79 11.78
N MET C 405 12.43 17.53 12.23
CA MET C 405 11.36 17.08 11.34
C MET C 405 11.19 18.11 10.25
N SER C 406 11.14 19.37 10.66
CA SER C 406 10.98 20.47 9.72
C SER C 406 12.10 20.42 8.67
N GLN C 407 13.34 20.30 9.14
CA GLN C 407 14.51 20.23 8.27
C GLN C 407 14.53 19.00 7.35
N ASN C 408 14.14 17.82 7.84
CA ASN C 408 14.10 16.62 7.00
C ASN C 408 13.01 16.80 5.95
N PHE C 409 11.87 17.36 6.39
CA PHE C 409 10.72 17.62 5.54
C PHE C 409 11.04 18.61 4.41
N GLN C 410 11.89 19.58 4.70
CA GLN C 410 12.27 20.58 3.71
C GLN C 410 13.54 20.15 2.99
N PHE C 411 14.02 18.93 3.24
CA PHE C 411 15.23 18.41 2.61
C PHE C 411 16.28 19.53 2.73
N SER C 412 16.43 20.00 3.96
CA SER C 412 17.32 21.11 4.26
C SER C 412 18.15 20.86 5.51
N HIS C 413 19.08 21.77 5.81
CA HIS C 413 19.91 21.64 7.00
C HIS C 413 20.34 23.03 7.42
N TRP C 414 19.72 23.52 8.48
CA TRP C 414 20.00 24.85 8.99
C TRP C 414 21.32 25.03 9.72
N THR C 415 21.76 26.28 9.84
CA THR C 415 22.99 26.59 10.55
C THR C 415 22.72 26.41 12.05
N ARG C 416 23.80 26.31 12.82
CA ARG C 416 23.72 26.18 14.27
C ARG C 416 23.05 27.47 14.80
N GLU C 417 23.35 28.58 14.14
CA GLU C 417 22.80 29.89 14.51
C GLU C 417 21.28 29.96 14.32
N THR C 418 20.83 29.55 13.13
CA THR C 418 19.41 29.59 12.82
C THR C 418 18.60 28.80 13.85
N VAL C 419 18.97 27.53 14.03
CA VAL C 419 18.30 26.65 14.97
C VAL C 419 18.15 27.27 16.37
N ASP C 420 19.24 27.86 16.88
CA ASP C 420 19.25 28.50 18.19
C ASP C 420 18.26 29.67 18.24
N GLU C 421 18.26 30.50 17.19
CA GLU C 421 17.32 31.63 17.18
C GLU C 421 15.89 31.13 17.22
N LYS C 422 15.62 30.06 16.50
CA LYS C 422 14.26 29.54 16.49
C LYS C 422 14.00 28.88 17.84
N LEU C 423 15.05 28.36 18.46
CA LEU C 423 14.90 27.71 19.76
C LEU C 423 14.58 28.77 20.83
N LYS C 424 15.46 29.78 20.94
CA LYS C 424 15.27 30.86 21.90
C LYS C 424 13.84 31.40 21.74
N GLU C 425 13.39 31.47 20.50
CA GLU C 425 12.06 32.00 20.23
C GLU C 425 10.94 31.12 20.78
N ILE C 426 11.02 29.81 20.55
CA ILE C 426 9.99 28.88 21.03
C ILE C 426 9.85 29.01 22.55
N MET C 427 10.96 28.82 23.26
CA MET C 427 10.98 28.92 24.71
C MET C 427 10.35 30.22 25.22
N ARG C 428 10.47 31.29 24.43
CA ARG C 428 9.90 32.58 24.81
C ARG C 428 8.39 32.50 24.70
N ASN C 429 7.89 31.74 23.73
CA ASN C 429 6.46 31.58 23.55
C ASN C 429 5.97 30.64 24.64
N ILE C 430 6.78 29.64 24.96
CA ILE C 430 6.42 28.70 26.01
C ILE C 430 6.23 29.53 27.28
N PHE C 431 7.07 30.53 27.47
CA PHE C 431 6.94 31.36 28.66
C PHE C 431 5.66 32.19 28.62
N ILE C 432 5.35 32.74 27.47
CA ILE C 432 4.18 33.57 27.31
C ILE C 432 2.87 32.81 27.56
N ALA C 433 2.75 31.61 27.00
CA ALA C 433 1.54 30.81 27.19
C ALA C 433 1.33 30.50 28.67
N CYS C 434 2.32 29.83 29.27
CA CYS C 434 2.26 29.50 30.69
C CYS C 434 1.89 30.73 31.53
N SER C 435 2.61 31.82 31.31
CA SER C 435 2.37 33.05 32.05
C SER C 435 0.95 33.53 31.87
N GLU C 436 0.61 33.89 30.62
CA GLU C 436 -0.74 34.38 30.34
C GLU C 436 -1.76 33.52 31.05
N ASN C 437 -1.81 32.24 30.66
CA ASN C 437 -2.74 31.28 31.24
C ASN C 437 -2.74 31.28 32.77
N ALA C 438 -1.56 31.18 33.38
CA ALA C 438 -1.47 31.17 34.83
C ALA C 438 -2.26 32.36 35.40
N LEU C 439 -1.92 33.55 34.92
CA LEU C 439 -2.56 34.80 35.35
C LEU C 439 -4.07 34.74 35.16
N LYS C 440 -4.48 34.33 33.96
CA LYS C 440 -5.90 34.25 33.63
C LYS C 440 -6.70 33.22 34.46
N TYR C 441 -6.09 32.08 34.78
CA TYR C 441 -6.80 31.06 35.53
C TYR C 441 -6.49 30.96 37.01
N THR C 442 -5.32 31.44 37.45
CA THR C 442 -4.95 31.35 38.87
C THR C 442 -4.46 32.67 39.44
N LYS C 443 -4.51 33.72 38.64
CA LYS C 443 -4.08 35.04 39.09
C LYS C 443 -2.65 35.08 39.62
N ASN C 444 -1.87 34.01 39.41
CA ASN C 444 -0.49 33.95 39.92
C ASN C 444 0.56 34.42 38.91
N LYS C 445 0.26 34.34 37.62
CA LYS C 445 1.21 34.79 36.62
C LYS C 445 2.59 34.13 36.67
N TYR C 446 2.96 33.57 37.81
CA TYR C 446 4.25 32.89 37.93
C TYR C 446 4.06 31.51 38.50
N ASP C 447 2.81 31.04 38.41
CA ASP C 447 2.45 29.69 38.83
C ASP C 447 2.59 28.97 37.49
N LEU C 448 3.83 28.86 37.05
CA LEU C 448 4.18 28.24 35.79
C LEU C 448 3.76 26.77 35.71
N GLN C 449 3.69 26.09 36.85
CA GLN C 449 3.28 24.69 36.85
C GLN C 449 1.85 24.58 36.30
N ALA C 450 1.00 25.56 36.61
CA ALA C 450 -0.39 25.55 36.14
C ALA C 450 -0.46 26.13 34.74
N GLY C 451 0.30 27.19 34.50
CA GLY C 451 0.29 27.79 33.18
C GLY C 451 0.58 26.72 32.14
N ALA C 452 1.59 25.89 32.42
CA ALA C 452 2.01 24.82 31.52
C ALA C 452 0.88 23.85 31.18
N ASN C 453 0.27 23.24 32.21
CA ASN C 453 -0.83 22.30 32.02
C ASN C 453 -2.00 22.93 31.27
N ILE C 454 -2.51 24.03 31.82
CA ILE C 454 -3.64 24.71 31.22
C ILE C 454 -3.40 25.11 29.77
N ALA C 455 -2.16 25.40 29.41
CA ALA C 455 -1.87 25.80 28.05
C ALA C 455 -1.57 24.59 27.15
N GLY C 456 -0.95 23.57 27.75
CA GLY C 456 -0.63 22.38 26.99
C GLY C 456 -1.90 21.61 26.69
N PHE C 457 -2.75 21.47 27.70
CA PHE C 457 -4.00 20.76 27.53
C PHE C 457 -4.97 21.50 26.62
N LEU C 458 -5.09 22.83 26.76
CA LEU C 458 -6.03 23.55 25.91
C LEU C 458 -5.91 23.38 24.41
N LYS C 459 -4.72 23.62 23.86
CA LYS C 459 -4.53 23.48 22.42
C LYS C 459 -4.92 22.09 21.98
N VAL C 460 -4.74 21.14 22.88
CA VAL C 460 -5.07 19.77 22.60
C VAL C 460 -6.58 19.54 22.62
N ALA C 461 -7.22 19.86 23.75
CA ALA C 461 -8.65 19.69 23.92
C ALA C 461 -9.53 20.43 22.91
N GLU C 462 -9.21 21.69 22.62
CA GLU C 462 -10.01 22.41 21.63
C GLU C 462 -9.88 21.64 20.32
N SER C 463 -8.64 21.44 19.86
CA SER C 463 -8.34 20.71 18.62
C SER C 463 -9.13 19.42 18.54
N TYR C 464 -9.08 18.63 19.62
CA TYR C 464 -9.80 17.37 19.68
C TYR C 464 -11.28 17.60 19.35
N ILE C 465 -11.91 18.55 20.04
CA ILE C 465 -13.31 18.88 19.83
C ILE C 465 -13.54 19.27 18.38
N GLU C 466 -12.64 20.08 17.85
CA GLU C 466 -12.77 20.54 16.46
C GLU C 466 -12.61 19.38 15.49
N GLN C 467 -11.79 18.40 15.85
CA GLN C 467 -11.56 17.26 14.97
C GLN C 467 -12.68 16.22 14.91
N GLY C 468 -13.53 16.21 15.93
CA GLY C 468 -14.67 15.30 15.93
C GLY C 468 -14.55 14.04 16.77
N CYS C 469 -15.57 13.20 16.70
CA CYS C 469 -15.60 11.96 17.46
C CYS C 469 -14.73 10.83 16.89
N PHE C 470 -13.51 10.69 17.42
CA PHE C 470 -12.57 9.65 16.98
C PHE C 470 -11.80 9.06 18.15
N LEU D 4 4.54 -10.27 -44.32
CA LEU D 4 5.48 -9.35 -43.61
C LEU D 4 5.17 -9.26 -42.10
N LYS D 5 3.89 -9.37 -41.73
CA LYS D 5 3.50 -9.27 -40.33
C LYS D 5 2.35 -10.21 -39.91
N ASP D 6 2.38 -10.67 -38.66
CA ASP D 6 1.32 -11.55 -38.13
C ASP D 6 0.00 -10.79 -38.06
N LYS D 7 -1.00 -11.41 -37.43
CA LYS D 7 -2.31 -10.78 -37.29
C LYS D 7 -2.27 -9.53 -36.42
N THR D 8 -1.37 -9.50 -35.44
CA THR D 8 -1.28 -8.36 -34.53
C THR D 8 -0.52 -7.19 -35.16
N GLY D 9 0.26 -7.46 -36.19
CA GLY D 9 1.03 -6.41 -36.81
C GLY D 9 2.28 -6.08 -36.03
N ARG D 10 2.36 -6.50 -34.77
CA ARG D 10 3.50 -6.25 -33.91
C ARG D 10 4.68 -7.16 -34.25
N PHE D 11 4.45 -8.17 -35.09
CA PHE D 11 5.51 -9.12 -35.42
C PHE D 11 5.73 -9.40 -36.90
N VAL D 12 7.00 -9.34 -37.31
CA VAL D 12 7.39 -9.61 -38.69
C VAL D 12 7.50 -11.10 -39.07
N VAL D 13 6.75 -11.48 -40.11
CA VAL D 13 6.74 -12.86 -40.63
C VAL D 13 8.01 -13.07 -41.45
N LEU D 14 8.32 -14.32 -41.78
CA LEU D 14 9.51 -14.60 -42.58
C LEU D 14 9.05 -15.36 -43.82
N ASP D 15 8.13 -14.76 -44.57
CA ASP D 15 7.53 -15.34 -45.77
C ASP D 15 7.91 -16.78 -46.06
N LYS D 16 7.01 -17.68 -45.66
CA LYS D 16 7.23 -19.12 -45.82
C LYS D 16 7.06 -19.60 -47.27
N ASN D 17 6.60 -18.73 -48.15
CA ASN D 17 6.45 -19.13 -49.54
C ASN D 17 7.54 -18.49 -50.42
N ALA D 18 8.58 -17.96 -49.78
CA ALA D 18 9.70 -17.39 -50.51
C ALA D 18 10.45 -18.60 -51.09
N SER D 19 11.35 -18.35 -52.04
CA SER D 19 12.11 -19.42 -52.69
C SER D 19 13.22 -20.01 -51.84
N ASN D 20 13.80 -19.19 -50.97
CA ASN D 20 14.89 -19.60 -50.08
C ASN D 20 14.50 -19.49 -48.61
N TYR D 21 13.29 -19.94 -48.30
CA TYR D 21 12.73 -19.87 -46.95
C TYR D 21 13.60 -20.45 -45.84
N GLU D 22 13.92 -21.75 -45.92
CA GLU D 22 14.75 -22.37 -44.91
C GLU D 22 16.00 -21.55 -44.61
N SER D 23 16.62 -20.99 -45.63
CA SER D 23 17.84 -20.19 -45.42
C SER D 23 17.50 -18.93 -44.64
N LEU D 24 16.34 -18.36 -44.92
CA LEU D 24 15.90 -17.16 -44.23
C LEU D 24 15.75 -17.48 -42.74
N VAL D 25 15.06 -18.59 -42.45
CA VAL D 25 14.86 -19.04 -41.08
C VAL D 25 16.20 -19.30 -40.37
N ASP D 26 17.04 -20.15 -40.96
CA ASP D 26 18.35 -20.48 -40.38
C ASP D 26 19.14 -19.22 -40.06
N GLN D 27 19.27 -18.35 -41.06
CA GLN D 27 20.03 -17.11 -40.92
C GLN D 27 19.40 -16.17 -39.89
N GLU D 28 18.07 -16.21 -39.79
CA GLU D 28 17.41 -15.36 -38.81
C GLU D 28 17.66 -15.95 -37.42
N MET D 29 17.52 -17.27 -37.29
CA MET D 29 17.77 -17.96 -36.01
C MET D 29 19.17 -17.59 -35.55
N ASN D 30 20.06 -17.46 -36.52
CA ASN D 30 21.46 -17.12 -36.29
C ASN D 30 21.61 -15.69 -35.82
N ASN D 31 20.85 -14.78 -36.43
CA ASN D 31 20.91 -13.38 -36.02
C ASN D 31 20.31 -13.27 -34.61
N VAL D 32 19.31 -14.12 -34.32
CA VAL D 32 18.68 -14.12 -33.01
C VAL D 32 19.74 -14.54 -32.00
N TYR D 33 20.54 -15.54 -32.34
CA TYR D 33 21.56 -15.96 -31.41
C TYR D 33 22.68 -14.93 -31.29
N GLU D 34 23.05 -14.32 -32.40
CA GLU D 34 24.11 -13.31 -32.39
C GLU D 34 23.77 -12.09 -31.55
N ARG D 35 22.52 -11.65 -31.59
CA ARG D 35 22.13 -10.49 -30.80
C ARG D 35 22.05 -10.84 -29.32
N VAL D 36 21.55 -12.05 -29.01
CA VAL D 36 21.44 -12.50 -27.62
C VAL D 36 22.83 -12.58 -26.99
N MET D 37 23.73 -13.25 -27.72
CA MET D 37 25.11 -13.42 -27.31
C MET D 37 25.72 -12.06 -26.98
N LYS D 38 25.57 -11.10 -27.91
CA LYS D 38 26.10 -9.75 -27.72
C LYS D 38 25.50 -9.03 -26.50
N LEU D 39 24.26 -9.33 -26.15
CA LEU D 39 23.66 -8.72 -24.97
C LEU D 39 24.35 -9.23 -23.71
N ASP D 40 24.68 -10.52 -23.71
CA ASP D 40 25.33 -11.15 -22.55
C ASP D 40 26.49 -12.03 -22.97
N PRO D 41 27.55 -11.44 -23.51
CA PRO D 41 28.77 -12.12 -23.99
C PRO D 41 29.39 -13.18 -23.08
N ASN D 42 29.54 -12.88 -21.80
CA ASN D 42 30.16 -13.84 -20.89
C ASN D 42 29.30 -14.69 -19.96
N GLN D 43 28.00 -14.78 -20.23
CA GLN D 43 27.12 -15.62 -19.44
C GLN D 43 27.14 -16.94 -20.20
N VAL D 44 28.14 -17.76 -19.90
CA VAL D 44 28.29 -19.03 -20.57
C VAL D 44 27.13 -20.00 -20.41
N GLU D 45 26.73 -20.24 -19.17
CA GLU D 45 25.63 -21.15 -18.86
C GLU D 45 24.32 -20.72 -19.52
N PHE D 46 24.07 -19.42 -19.52
CA PHE D 46 22.87 -18.89 -20.12
C PHE D 46 22.87 -19.05 -21.65
N LEU D 47 23.89 -18.50 -22.30
CA LEU D 47 24.00 -18.58 -23.76
C LEU D 47 23.90 -20.02 -24.25
N GLN D 48 24.45 -20.95 -23.48
CA GLN D 48 24.39 -22.33 -23.89
C GLN D 48 22.98 -22.92 -23.80
N ALA D 49 22.22 -22.57 -22.76
CA ALA D 49 20.86 -23.09 -22.60
C ALA D 49 19.95 -22.44 -23.63
N PHE D 50 20.19 -21.18 -23.94
CA PHE D 50 19.36 -20.49 -24.93
C PHE D 50 19.59 -21.16 -26.29
N HIS D 51 20.84 -21.20 -26.73
CA HIS D 51 21.19 -21.81 -28.00
C HIS D 51 20.57 -23.20 -28.09
N GLU D 52 20.58 -23.92 -26.96
CA GLU D 52 20.04 -25.26 -26.88
C GLU D 52 18.56 -25.33 -27.23
N ILE D 53 17.76 -24.46 -26.61
CA ILE D 53 16.32 -24.46 -26.87
C ILE D 53 16.00 -23.87 -28.23
N LEU D 54 16.64 -22.75 -28.53
CA LEU D 54 16.48 -22.02 -29.78
C LEU D 54 16.49 -22.93 -31.00
N TYR D 55 17.60 -23.63 -31.22
CA TYR D 55 17.70 -24.51 -32.36
C TYR D 55 16.82 -25.74 -32.24
N SER D 56 16.53 -26.15 -31.01
CA SER D 56 15.65 -27.29 -30.79
C SER D 56 14.25 -26.98 -31.37
N LEU D 57 13.88 -25.71 -31.27
CA LEU D 57 12.58 -25.23 -31.73
C LEU D 57 12.46 -24.96 -33.21
N LYS D 58 13.57 -25.00 -33.93
CA LYS D 58 13.58 -24.76 -35.37
C LYS D 58 12.39 -25.35 -36.15
N PRO D 59 11.99 -26.59 -35.84
CA PRO D 59 10.86 -27.15 -36.58
C PRO D 59 9.66 -26.22 -36.50
N LEU D 60 9.46 -25.66 -35.31
CA LEU D 60 8.35 -24.75 -35.07
C LEU D 60 8.54 -23.41 -35.79
N PHE D 61 9.76 -22.89 -35.79
CA PHE D 61 10.03 -21.62 -36.46
C PHE D 61 9.73 -21.74 -37.95
N MET D 62 10.15 -22.85 -38.55
CA MET D 62 9.87 -23.10 -39.96
C MET D 62 8.37 -22.97 -40.11
N GLU D 63 7.63 -23.53 -39.15
CA GLU D 63 6.17 -23.51 -39.15
C GLU D 63 5.55 -22.13 -38.88
N GLU D 64 5.89 -21.57 -37.72
CA GLU D 64 5.39 -20.27 -37.30
C GLU D 64 6.56 -19.33 -37.09
N PRO D 65 7.09 -18.75 -38.18
CA PRO D 65 8.22 -17.81 -38.11
C PRO D 65 7.94 -16.64 -37.17
N LYS D 66 6.66 -16.41 -36.89
CA LYS D 66 6.30 -15.32 -36.00
C LYS D 66 6.93 -15.55 -34.63
N TYR D 67 7.22 -16.80 -34.31
CA TYR D 67 7.82 -17.13 -33.00
C TYR D 67 9.31 -16.81 -32.92
N LEU D 68 9.87 -16.26 -33.99
CA LEU D 68 11.29 -15.90 -34.00
C LEU D 68 11.57 -14.66 -33.16
N PRO D 69 10.82 -13.56 -33.39
CA PRO D 69 11.04 -12.32 -32.62
C PRO D 69 10.66 -12.58 -31.15
N ILE D 70 9.66 -13.42 -30.96
CA ILE D 70 9.18 -13.74 -29.62
C ILE D 70 10.23 -14.45 -28.73
N ILE D 71 10.79 -15.57 -29.16
CA ILE D 71 11.77 -16.27 -28.32
C ILE D 71 12.97 -15.38 -27.99
N GLU D 72 13.31 -14.47 -28.90
CA GLU D 72 14.44 -13.57 -28.66
C GLU D 72 14.10 -12.63 -27.50
N THR D 73 12.85 -12.21 -27.44
CA THR D 73 12.39 -11.31 -26.40
C THR D 73 12.18 -12.02 -25.07
N LEU D 74 11.63 -13.23 -25.12
CA LEU D 74 11.37 -13.98 -23.91
C LEU D 74 12.69 -14.41 -23.25
N SER D 75 13.78 -14.36 -24.01
CA SER D 75 15.09 -14.74 -23.49
C SER D 75 15.63 -13.61 -22.60
N GLU D 76 14.88 -12.51 -22.55
CA GLU D 76 15.21 -11.33 -21.77
C GLU D 76 14.23 -11.25 -20.59
N PRO D 77 14.72 -11.49 -19.37
CA PRO D 77 13.92 -11.47 -18.14
C PRO D 77 13.03 -10.25 -18.04
N GLU D 78 11.77 -10.45 -17.70
CA GLU D 78 10.87 -9.33 -17.58
C GLU D 78 11.41 -8.42 -16.48
N ARG D 79 12.14 -9.03 -15.54
CA ARG D 79 12.72 -8.31 -14.42
C ARG D 79 13.79 -9.15 -13.75
N ALA D 80 14.98 -8.56 -13.58
CA ALA D 80 16.07 -9.24 -12.94
C ALA D 80 16.55 -8.34 -11.83
N ILE D 81 16.44 -8.82 -10.60
CA ILE D 81 16.86 -8.04 -9.44
C ILE D 81 18.07 -8.63 -8.75
N GLN D 82 19.12 -7.84 -8.62
CA GLN D 82 20.33 -8.30 -7.95
C GLN D 82 20.44 -7.44 -6.72
N PHE D 83 20.62 -8.07 -5.56
CA PHE D 83 20.72 -7.31 -4.29
C PHE D 83 21.82 -7.73 -3.34
N ARG D 84 22.27 -6.78 -2.54
CA ARG D 84 23.32 -6.99 -1.55
C ARG D 84 22.66 -7.47 -0.28
N VAL D 85 23.35 -8.36 0.43
CA VAL D 85 22.82 -8.89 1.66
C VAL D 85 23.92 -9.04 2.69
N CYS D 86 23.78 -8.31 3.79
CA CYS D 86 24.75 -8.34 4.88
C CYS D 86 24.20 -9.08 6.08
N TRP D 87 25.05 -9.84 6.78
CA TRP D 87 24.63 -10.61 7.96
C TRP D 87 25.82 -10.86 8.90
N LEU D 88 25.55 -10.98 10.19
CA LEU D 88 26.60 -11.21 11.18
C LEU D 88 26.92 -12.70 11.32
N ASP D 89 28.20 -13.06 11.23
CA ASP D 89 28.57 -14.45 11.40
C ASP D 89 28.64 -14.70 12.89
N ASP D 90 28.81 -15.96 13.28
CA ASP D 90 28.85 -16.29 14.70
C ASP D 90 30.03 -15.72 15.49
N ASN D 91 30.84 -14.89 14.84
CA ASN D 91 31.98 -14.26 15.50
C ASN D 91 31.74 -12.76 15.66
N GLY D 92 30.62 -12.29 15.12
CA GLY D 92 30.28 -10.87 15.23
C GLY D 92 30.73 -10.07 14.02
N VAL D 93 31.53 -10.71 13.17
CA VAL D 93 32.02 -10.06 11.96
C VAL D 93 30.90 -9.91 10.95
N GLN D 94 30.70 -8.71 10.44
CA GLN D 94 29.67 -8.45 9.44
C GLN D 94 30.07 -9.12 8.13
N ARG D 95 29.14 -9.78 7.46
CA ARG D 95 29.43 -10.45 6.19
C ARG D 95 28.63 -9.91 4.99
N LYS D 96 29.03 -10.28 3.78
CA LYS D 96 28.36 -9.80 2.57
C LYS D 96 28.22 -10.88 1.50
N ASN D 97 27.05 -10.95 0.86
CA ASN D 97 26.78 -11.92 -0.20
C ASN D 97 25.99 -11.29 -1.33
N ARG D 98 26.20 -11.77 -2.55
CA ARG D 98 25.46 -11.26 -3.70
C ARG D 98 24.26 -12.17 -3.90
N CYS D 99 23.09 -11.56 -4.07
CA CYS D 99 21.87 -12.34 -4.24
C CYS D 99 21.11 -12.01 -5.52
N PHE D 100 20.29 -12.95 -5.97
CA PHE D 100 19.53 -12.72 -7.17
C PHE D 100 18.09 -13.18 -7.02
N ARG D 101 17.31 -12.87 -8.05
CA ARG D 101 15.92 -13.25 -8.16
C ARG D 101 15.49 -12.73 -9.50
N VAL D 102 15.59 -13.60 -10.49
CA VAL D 102 15.23 -13.29 -11.84
C VAL D 102 13.77 -13.65 -12.05
N GLN D 103 12.92 -12.65 -12.19
CA GLN D 103 11.50 -12.90 -12.42
C GLN D 103 11.35 -12.91 -13.94
N TYR D 104 11.69 -14.08 -14.51
CA TYR D 104 11.71 -14.31 -15.96
C TYR D 104 10.43 -14.14 -16.75
N ASN D 105 9.49 -15.05 -16.59
CA ASN D 105 8.26 -14.93 -17.36
C ASN D 105 7.01 -14.99 -16.50
N SER D 106 6.01 -14.18 -16.88
CA SER D 106 4.75 -14.09 -16.13
C SER D 106 3.50 -14.29 -17.00
N ALA D 107 3.66 -14.90 -18.16
CA ALA D 107 2.53 -15.09 -19.03
C ALA D 107 1.53 -16.11 -18.54
N LEU D 108 2.01 -17.24 -18.02
CA LEU D 108 1.14 -18.30 -17.56
C LEU D 108 0.76 -18.28 -16.07
N GLY D 109 1.40 -17.42 -15.29
CA GLY D 109 1.09 -17.36 -13.88
C GLY D 109 2.20 -16.69 -13.10
N PRO D 110 2.10 -16.65 -11.76
CA PRO D 110 3.11 -16.04 -10.89
C PRO D 110 4.48 -16.67 -11.09
N TYR D 111 5.54 -15.86 -11.05
CA TYR D 111 6.87 -16.40 -11.23
C TYR D 111 7.07 -17.57 -10.26
N LYS D 112 7.55 -18.70 -10.78
CA LYS D 112 7.83 -19.89 -9.99
C LYS D 112 9.23 -20.35 -10.31
N GLY D 113 10.06 -20.48 -9.28
CA GLY D 113 11.42 -20.91 -9.48
C GLY D 113 12.09 -20.95 -8.13
N GLY D 114 12.97 -21.93 -7.92
CA GLY D 114 13.62 -22.05 -6.64
C GLY D 114 14.75 -21.09 -6.38
N LEU D 115 15.29 -21.15 -5.17
CA LEU D 115 16.40 -20.32 -4.74
C LEU D 115 17.62 -21.22 -4.53
N ARG D 116 18.80 -20.76 -4.92
CA ARG D 116 20.01 -21.55 -4.77
C ARG D 116 21.15 -20.86 -4.03
N PHE D 117 21.52 -21.40 -2.87
CA PHE D 117 22.62 -20.85 -2.10
C PHE D 117 23.81 -21.75 -2.39
N HIS D 118 24.73 -21.25 -3.21
CA HIS D 118 25.91 -22.02 -3.59
C HIS D 118 27.06 -21.10 -4.03
N PRO D 119 28.26 -21.34 -3.50
CA PRO D 119 29.44 -20.53 -3.84
C PRO D 119 29.57 -20.12 -5.29
N SER D 120 29.10 -20.97 -6.21
CA SER D 120 29.21 -20.67 -7.63
C SER D 120 28.01 -20.00 -8.29
N VAL D 121 27.01 -19.60 -7.51
CA VAL D 121 25.85 -18.95 -8.08
C VAL D 121 26.23 -17.58 -8.63
N ASN D 122 25.64 -17.20 -9.75
CA ASN D 122 25.89 -15.91 -10.37
C ASN D 122 24.77 -15.63 -11.35
N LEU D 123 24.70 -14.39 -11.83
CA LEU D 123 23.64 -14.04 -12.76
C LEU D 123 23.42 -15.08 -13.85
N SER D 124 24.45 -15.33 -14.65
CA SER D 124 24.35 -16.30 -15.73
C SER D 124 23.66 -17.59 -15.31
N ILE D 125 24.19 -18.27 -14.29
CA ILE D 125 23.61 -19.54 -13.85
C ILE D 125 22.16 -19.44 -13.36
N VAL D 126 21.82 -18.33 -12.72
CA VAL D 126 20.47 -18.12 -12.22
C VAL D 126 19.53 -17.88 -13.40
N LYS D 127 20.05 -17.18 -14.40
CA LYS D 127 19.34 -16.86 -15.61
C LYS D 127 19.15 -18.16 -16.40
N PHE D 128 20.14 -19.04 -16.30
CA PHE D 128 20.15 -20.34 -16.97
C PHE D 128 19.10 -21.28 -16.42
N LEU D 129 18.92 -21.29 -15.12
CA LEU D 129 17.93 -22.17 -14.49
C LEU D 129 16.56 -21.55 -14.67
N GLY D 130 16.53 -20.22 -14.70
CA GLY D 130 15.27 -19.51 -14.85
C GLY D 130 14.68 -19.66 -16.23
N PHE D 131 15.53 -19.61 -17.25
CA PHE D 131 15.03 -19.72 -18.61
C PHE D 131 14.41 -21.09 -18.87
N GLU D 132 15.01 -22.14 -18.34
CA GLU D 132 14.46 -23.47 -18.54
C GLU D 132 13.30 -23.73 -17.59
N GLN D 133 13.30 -23.05 -16.45
CA GLN D 133 12.23 -23.19 -15.49
C GLN D 133 10.91 -22.76 -16.11
N ILE D 134 10.98 -21.83 -17.04
CA ILE D 134 9.79 -21.33 -17.70
C ILE D 134 9.08 -22.48 -18.34
N PHE D 135 9.74 -23.08 -19.31
CA PHE D 135 9.20 -24.20 -20.08
C PHE D 135 8.85 -25.43 -19.26
N LYS D 136 9.50 -25.61 -18.13
CA LYS D 136 9.21 -26.74 -17.27
C LYS D 136 7.85 -26.48 -16.62
N ASN D 137 7.67 -25.26 -16.12
CA ASN D 137 6.43 -24.88 -15.47
C ASN D 137 5.27 -24.92 -16.45
N SER D 138 5.52 -24.45 -17.68
CA SER D 138 4.50 -24.44 -18.72
C SER D 138 4.00 -25.84 -19.00
N LEU D 139 4.89 -26.80 -18.92
CA LEU D 139 4.54 -28.19 -19.19
C LEU D 139 3.70 -28.88 -18.16
N THR D 140 3.75 -28.41 -16.92
CA THR D 140 2.98 -29.03 -15.84
C THR D 140 1.49 -28.87 -16.05
N GLY D 141 1.12 -27.94 -16.93
CA GLY D 141 -0.28 -27.69 -17.22
C GLY D 141 -0.88 -26.69 -16.27
N LEU D 142 -0.26 -26.51 -15.11
CA LEU D 142 -0.76 -25.58 -14.12
C LEU D 142 -0.49 -24.12 -14.50
N SER D 143 -0.91 -23.19 -13.64
CA SER D 143 -0.68 -21.77 -13.89
C SER D 143 0.56 -21.27 -13.12
N MET D 144 1.71 -21.36 -13.76
CA MET D 144 2.95 -20.91 -13.11
C MET D 144 3.90 -20.28 -14.12
N GLY D 145 4.50 -19.17 -13.73
CA GLY D 145 5.44 -18.51 -14.61
C GLY D 145 6.82 -19.11 -14.39
N GLY D 146 7.87 -18.32 -14.59
CA GLY D 146 9.20 -18.87 -14.39
C GLY D 146 10.17 -17.93 -13.75
N GLY D 147 10.80 -18.38 -12.67
CA GLY D 147 11.77 -17.54 -11.98
C GLY D 147 12.89 -18.36 -11.40
N LYS D 148 13.81 -17.68 -10.73
CA LYS D 148 14.94 -18.35 -10.11
C LYS D 148 15.71 -17.28 -9.37
N GLY D 149 16.52 -17.70 -8.42
CA GLY D 149 17.32 -16.76 -7.65
C GLY D 149 18.21 -17.54 -6.69
N GLY D 150 19.01 -16.83 -5.92
CA GLY D 150 19.87 -17.52 -4.99
C GLY D 150 20.95 -16.61 -4.52
N SER D 151 21.94 -17.17 -3.86
CA SER D 151 23.04 -16.37 -3.32
C SER D 151 24.37 -17.13 -3.44
N ASP D 152 25.48 -16.40 -3.51
CA ASP D 152 26.76 -17.07 -3.59
C ASP D 152 27.17 -17.38 -2.16
N PHE D 153 26.15 -17.40 -1.31
CA PHE D 153 26.27 -17.71 0.11
C PHE D 153 26.50 -19.21 0.19
N ASP D 154 27.56 -19.62 0.88
CA ASP D 154 27.89 -21.04 1.03
C ASP D 154 27.37 -21.58 2.35
N PRO D 155 26.34 -22.44 2.30
CA PRO D 155 25.82 -22.98 3.56
C PRO D 155 26.79 -23.91 4.30
N LYS D 156 27.58 -24.67 3.54
CA LYS D 156 28.54 -25.59 4.15
C LYS D 156 29.44 -24.91 5.17
N GLY D 157 29.54 -25.51 6.35
CA GLY D 157 30.39 -24.94 7.39
C GLY D 157 29.71 -23.91 8.25
N LYS D 158 28.43 -23.65 7.99
CA LYS D 158 27.69 -22.67 8.78
C LYS D 158 26.83 -23.26 9.92
N SER D 159 26.70 -22.51 11.00
CA SER D 159 25.89 -22.93 12.14
C SER D 159 24.45 -22.74 11.69
N ASP D 160 23.51 -23.27 12.47
CA ASP D 160 22.11 -23.12 12.12
C ASP D 160 21.84 -21.62 12.29
N ASN D 161 22.35 -21.05 13.38
CA ASN D 161 22.17 -19.64 13.65
C ASN D 161 22.65 -18.74 12.51
N GLU D 162 23.58 -19.22 11.70
CA GLU D 162 24.08 -18.41 10.58
C GLU D 162 23.16 -18.54 9.38
N ILE D 163 22.75 -19.77 9.08
CA ILE D 163 21.86 -20.01 7.97
C ILE D 163 20.60 -19.17 8.21
N LEU D 164 20.22 -19.03 9.47
CA LEU D 164 19.05 -18.27 9.85
C LEU D 164 19.23 -16.77 9.63
N LYS D 165 20.29 -16.20 10.20
CA LYS D 165 20.55 -14.78 10.03
C LYS D 165 20.67 -14.46 8.56
N PHE D 166 21.31 -15.33 7.78
CA PHE D 166 21.41 -15.03 6.37
C PHE D 166 20.03 -15.15 5.72
N CYS D 167 19.24 -16.11 6.19
CA CYS D 167 17.92 -16.31 5.64
C CYS D 167 16.99 -15.15 5.94
N GLN D 168 17.18 -14.51 7.09
CA GLN D 168 16.35 -13.37 7.49
C GLN D 168 16.79 -12.12 6.76
N ALA D 169 18.09 -12.05 6.49
CA ALA D 169 18.66 -10.92 5.79
C ALA D 169 18.24 -10.96 4.33
N PHE D 170 18.30 -12.14 3.73
CA PHE D 170 17.92 -12.36 2.33
C PHE D 170 16.49 -11.91 2.11
N MET D 171 15.58 -12.42 2.93
CA MET D 171 14.17 -12.07 2.82
C MET D 171 13.91 -10.61 3.18
N ASN D 172 14.80 -10.02 3.97
CA ASN D 172 14.65 -8.63 4.36
C ASN D 172 14.66 -7.70 3.15
N GLU D 173 15.01 -8.26 1.99
CA GLU D 173 15.05 -7.48 0.76
C GLU D 173 14.11 -8.13 -0.24
N LEU D 174 14.21 -9.46 -0.36
CA LEU D 174 13.41 -10.25 -1.30
C LEU D 174 11.88 -10.15 -1.19
N TYR D 175 11.38 -10.04 0.05
CA TYR D 175 9.95 -9.98 0.30
C TYR D 175 9.20 -8.96 -0.53
N ARG D 176 9.79 -7.78 -0.69
CA ARG D 176 9.18 -6.68 -1.42
C ARG D 176 8.94 -6.97 -2.90
N HIS D 177 9.54 -8.04 -3.40
CA HIS D 177 9.38 -8.43 -4.81
C HIS D 177 8.55 -9.70 -5.01
N ILE D 178 8.22 -10.40 -3.93
CA ILE D 178 7.43 -11.64 -4.02
C ILE D 178 6.07 -11.61 -3.30
N GLY D 179 5.24 -12.62 -3.59
CA GLY D 179 3.92 -12.71 -2.98
C GLY D 179 3.12 -13.87 -3.55
N PRO D 180 2.03 -14.31 -2.88
CA PRO D 180 1.21 -15.42 -3.34
C PRO D 180 0.85 -15.39 -4.83
N CYS D 181 0.52 -14.21 -5.34
CA CYS D 181 0.13 -14.07 -6.73
C CYS D 181 1.13 -13.26 -7.55
N THR D 182 2.36 -13.22 -7.11
CA THR D 182 3.37 -12.46 -7.83
C THR D 182 4.56 -13.30 -8.17
N ASP D 183 5.20 -13.84 -7.15
CA ASP D 183 6.39 -14.66 -7.33
C ASP D 183 6.56 -15.60 -6.14
N VAL D 184 6.41 -16.89 -6.40
CA VAL D 184 6.52 -17.91 -5.35
C VAL D 184 7.80 -18.73 -5.42
N PRO D 185 8.86 -18.25 -4.76
CA PRO D 185 10.10 -19.02 -4.79
C PRO D 185 9.94 -20.38 -4.10
N ALA D 186 10.93 -21.26 -4.31
CA ALA D 186 10.91 -22.58 -3.73
C ALA D 186 12.34 -22.92 -3.35
N GLY D 187 12.57 -24.17 -2.98
CA GLY D 187 13.92 -24.58 -2.62
C GLY D 187 14.74 -25.07 -3.79
N ASP D 188 15.98 -25.43 -3.49
CA ASP D 188 16.92 -25.93 -4.47
C ASP D 188 18.22 -26.24 -3.72
N ILE D 189 19.32 -26.44 -4.43
CA ILE D 189 20.57 -26.71 -3.76
C ILE D 189 20.86 -25.56 -2.80
N GLY D 190 21.11 -25.91 -1.55
CA GLY D 190 21.41 -24.92 -0.53
C GLY D 190 20.20 -24.51 0.28
N VAL D 191 19.03 -24.63 -0.33
CA VAL D 191 17.78 -24.28 0.32
C VAL D 191 16.88 -25.49 0.42
N GLY D 192 16.83 -26.08 1.62
CA GLY D 192 15.98 -27.23 1.84
C GLY D 192 14.80 -26.81 2.71
N GLY D 193 14.29 -27.73 3.52
CA GLY D 193 13.18 -27.38 4.38
C GLY D 193 13.57 -26.38 5.45
N ARG D 194 14.75 -26.55 6.03
CA ARG D 194 15.22 -25.64 7.06
C ARG D 194 15.28 -24.20 6.59
N GLU D 195 15.90 -23.99 5.43
CA GLU D 195 16.03 -22.65 4.91
C GLU D 195 14.67 -22.03 4.62
N ILE D 196 13.85 -22.75 3.88
CA ILE D 196 12.52 -22.27 3.55
C ILE D 196 11.71 -22.00 4.81
N GLY D 197 12.03 -22.70 5.90
CA GLY D 197 11.32 -22.48 7.14
C GLY D 197 11.70 -21.11 7.71
N TYR D 198 12.98 -20.76 7.62
CA TYR D 198 13.47 -19.47 8.12
C TYR D 198 13.13 -18.36 7.13
N LEU D 199 13.08 -18.69 5.84
CA LEU D 199 12.73 -17.67 4.84
C LEU D 199 11.27 -17.28 5.01
N TYR D 200 10.41 -18.28 5.22
CA TYR D 200 8.97 -18.06 5.41
C TYR D 200 8.75 -17.32 6.71
N GLY D 201 9.47 -17.74 7.74
CA GLY D 201 9.34 -17.11 9.03
C GLY D 201 9.60 -15.63 8.97
N GLN D 202 10.71 -15.23 8.33
CA GLN D 202 11.05 -13.83 8.22
C GLN D 202 10.00 -13.08 7.42
N TYR D 203 9.60 -13.67 6.29
CA TYR D 203 8.58 -13.09 5.43
C TYR D 203 7.30 -12.81 6.18
N LYS D 204 6.76 -13.83 6.84
CA LYS D 204 5.53 -13.69 7.59
C LYS D 204 5.70 -12.61 8.67
N LYS D 205 6.93 -12.49 9.16
CA LYS D 205 7.23 -11.53 10.21
C LYS D 205 7.19 -10.10 9.71
N ILE D 206 7.76 -9.86 8.55
CA ILE D 206 7.80 -8.52 8.00
C ILE D 206 6.50 -8.07 7.36
N VAL D 207 5.98 -8.90 6.46
CA VAL D 207 4.74 -8.61 5.75
C VAL D 207 3.49 -8.84 6.59
N ASN D 208 3.56 -9.69 7.60
CA ASN D 208 2.41 -9.94 8.46
C ASN D 208 1.30 -10.63 7.66
N SER D 209 1.64 -11.74 7.05
CA SER D 209 0.66 -12.48 6.29
C SER D 209 1.06 -13.94 6.28
N PHE D 210 0.07 -14.81 6.32
CA PHE D 210 0.29 -16.25 6.30
C PHE D 210 -0.26 -16.76 4.97
N ASN D 211 0.62 -16.98 3.99
CA ASN D 211 0.21 -17.45 2.68
C ASN D 211 1.24 -18.39 2.03
N GLY D 212 0.98 -18.77 0.78
CA GLY D 212 1.87 -19.66 0.06
C GLY D 212 2.90 -18.98 -0.83
N THR D 213 3.53 -17.92 -0.31
CA THR D 213 4.55 -17.18 -1.04
C THR D 213 5.79 -18.04 -1.30
N LEU D 214 5.91 -19.14 -0.58
CA LEU D 214 7.02 -20.08 -0.73
C LEU D 214 6.51 -21.50 -0.67
N THR D 215 6.98 -22.35 -1.58
CA THR D 215 6.56 -23.74 -1.56
C THR D 215 7.70 -24.56 -0.94
N GLY D 216 7.45 -25.83 -0.65
CA GLY D 216 8.47 -26.65 -0.04
C GLY D 216 8.40 -26.56 1.47
N LYS D 217 7.31 -25.97 1.96
CA LYS D 217 7.08 -25.78 3.38
C LYS D 217 6.74 -27.06 4.11
N ASN D 218 6.85 -27.00 5.43
CA ASN D 218 6.55 -28.12 6.32
C ASN D 218 5.04 -28.35 6.31
N VAL D 219 4.65 -29.62 6.32
CA VAL D 219 3.24 -29.98 6.33
C VAL D 219 2.49 -29.38 7.53
N LYS D 220 3.23 -28.90 8.54
CA LYS D 220 2.58 -28.31 9.72
C LYS D 220 2.14 -26.88 9.54
N TRP D 221 2.67 -26.20 8.53
CA TRP D 221 2.26 -24.83 8.28
C TRP D 221 2.14 -24.47 6.82
N GLY D 222 1.42 -25.29 6.05
CA GLY D 222 1.21 -24.99 4.65
C GLY D 222 1.76 -25.97 3.64
N GLY D 223 2.64 -26.86 4.07
CA GLY D 223 3.21 -27.81 3.14
C GLY D 223 2.26 -28.84 2.58
N SER D 224 2.72 -29.58 1.58
CA SER D 224 1.94 -30.62 0.95
C SER D 224 2.54 -32.00 1.22
N ASN D 225 1.71 -33.05 1.16
CA ASN D 225 2.22 -34.41 1.32
C ASN D 225 2.86 -34.68 -0.04
N LEU D 226 3.79 -35.64 -0.08
CA LEU D 226 4.48 -35.96 -1.33
C LEU D 226 5.44 -34.87 -1.75
N ARG D 227 5.63 -33.87 -0.91
CA ARG D 227 6.54 -32.78 -1.21
C ARG D 227 7.94 -33.30 -1.51
N VAL D 228 8.29 -34.42 -0.88
CA VAL D 228 9.59 -35.06 -1.01
C VAL D 228 9.62 -36.15 -2.10
N GLU D 229 8.53 -36.89 -2.25
CA GLU D 229 8.46 -37.96 -3.25
C GLU D 229 8.14 -37.49 -4.68
N ALA D 230 7.59 -36.29 -4.80
CA ALA D 230 7.18 -35.70 -6.08
C ALA D 230 8.08 -35.92 -7.29
N THR D 231 9.29 -35.34 -7.27
CA THR D 231 10.20 -35.48 -8.39
C THR D 231 10.48 -36.95 -8.67
N GLY D 232 10.97 -37.68 -7.66
CA GLY D 232 11.25 -39.10 -7.83
C GLY D 232 10.08 -39.89 -8.40
N TYR D 233 8.86 -39.56 -8.01
CA TYR D 233 7.69 -40.27 -8.52
C TYR D 233 7.34 -39.84 -9.94
N GLY D 234 7.29 -38.53 -10.16
CA GLY D 234 6.96 -37.98 -11.46
C GLY D 234 7.80 -38.62 -12.53
N LEU D 235 9.09 -38.75 -12.22
CA LEU D 235 10.08 -39.35 -13.10
C LEU D 235 9.64 -40.75 -13.54
N VAL D 236 9.38 -41.62 -12.58
CA VAL D 236 8.94 -42.99 -12.90
C VAL D 236 7.59 -42.96 -13.62
N TYR D 237 6.68 -42.07 -13.20
CA TYR D 237 5.38 -41.98 -13.85
C TYR D 237 5.57 -41.59 -15.30
N PHE D 238 6.46 -40.63 -15.56
CA PHE D 238 6.68 -40.21 -16.92
C PHE D 238 7.23 -41.36 -17.78
N VAL D 239 8.16 -42.11 -17.22
CA VAL D 239 8.73 -43.23 -17.94
C VAL D 239 7.75 -44.38 -18.08
N LEU D 240 6.85 -44.53 -17.12
CA LEU D 240 5.86 -45.60 -17.21
C LEU D 240 4.94 -45.25 -18.34
N GLU D 241 4.62 -43.96 -18.43
CA GLU D 241 3.76 -43.44 -19.47
C GLU D 241 4.38 -43.70 -20.86
N VAL D 242 5.68 -43.47 -21.00
CA VAL D 242 6.40 -43.74 -22.26
C VAL D 242 6.39 -45.24 -22.50
N LEU D 243 6.72 -46.02 -21.48
CA LEU D 243 6.73 -47.47 -21.62
C LEU D 243 5.35 -48.01 -22.01
N LYS D 244 4.31 -47.48 -21.38
CA LYS D 244 2.96 -47.94 -21.69
C LYS D 244 2.54 -47.70 -23.14
N SER D 245 2.98 -46.58 -23.72
CA SER D 245 2.62 -46.23 -25.09
C SER D 245 3.34 -47.04 -26.14
N LEU D 246 4.42 -47.70 -25.74
CA LEU D 246 5.20 -48.50 -26.65
C LEU D 246 4.83 -49.96 -26.41
N ASN D 247 4.07 -50.20 -25.34
CA ASN D 247 3.66 -51.54 -24.96
C ASN D 247 4.82 -52.37 -24.42
N ILE D 248 5.77 -51.70 -23.78
CA ILE D 248 6.92 -52.37 -23.19
C ILE D 248 6.60 -52.67 -21.71
N PRO D 249 6.46 -53.96 -21.35
CA PRO D 249 6.14 -54.40 -19.99
C PRO D 249 7.05 -53.74 -18.95
N VAL D 250 6.49 -52.92 -18.07
CA VAL D 250 7.32 -52.25 -17.10
C VAL D 250 7.93 -53.24 -16.10
N GLU D 251 7.21 -54.32 -15.79
CA GLU D 251 7.73 -55.29 -14.84
C GLU D 251 8.71 -56.26 -15.46
N LYS D 252 9.33 -55.88 -16.56
CA LYS D 252 10.32 -56.73 -17.20
C LYS D 252 11.56 -55.92 -17.50
N GLN D 253 11.59 -54.74 -16.92
CA GLN D 253 12.68 -53.80 -17.10
C GLN D 253 13.67 -53.86 -15.95
N THR D 254 14.89 -53.40 -16.20
CA THR D 254 15.94 -53.37 -15.19
C THR D 254 16.45 -51.94 -15.17
N ALA D 255 16.48 -51.33 -13.99
CA ALA D 255 16.92 -49.94 -13.91
C ALA D 255 18.20 -49.71 -13.16
N VAL D 256 18.95 -48.72 -13.63
CA VAL D 256 20.21 -48.31 -13.02
C VAL D 256 20.01 -46.84 -12.66
N VAL D 257 20.23 -46.52 -11.40
CA VAL D 257 20.02 -45.16 -10.94
C VAL D 257 21.27 -44.58 -10.32
N SER D 258 21.48 -43.28 -10.52
CA SER D 258 22.62 -42.60 -9.95
C SER D 258 22.07 -41.58 -8.97
N GLY D 259 22.91 -41.11 -8.06
CA GLY D 259 22.46 -40.15 -7.07
C GLY D 259 21.90 -40.88 -5.87
N SER D 260 21.71 -40.14 -4.79
CA SER D 260 21.16 -40.70 -3.55
C SER D 260 20.25 -39.68 -2.89
N GLY D 261 19.90 -38.63 -3.62
CA GLY D 261 19.03 -37.58 -3.10
C GLY D 261 17.58 -38.00 -3.02
N ASN D 262 16.70 -37.01 -2.88
CA ASN D 262 15.28 -37.33 -2.81
C ASN D 262 14.72 -37.77 -4.15
N VAL D 263 15.43 -37.47 -5.25
CA VAL D 263 14.99 -37.87 -6.58
C VAL D 263 15.33 -39.33 -6.85
N ALA D 264 16.57 -39.71 -6.59
CA ALA D 264 16.97 -41.08 -6.82
C ALA D 264 16.27 -42.00 -5.84
N LEU D 265 16.19 -41.56 -4.59
CA LEU D 265 15.56 -42.33 -3.52
C LEU D 265 14.12 -42.74 -3.80
N TYR D 266 13.27 -41.80 -4.20
CA TYR D 266 11.87 -42.12 -4.46
C TYR D 266 11.58 -42.65 -5.85
N CYS D 267 12.53 -42.46 -6.76
CA CYS D 267 12.40 -42.98 -8.11
C CYS D 267 12.48 -44.50 -7.93
N VAL D 268 13.45 -44.91 -7.13
CA VAL D 268 13.69 -46.31 -6.85
C VAL D 268 12.51 -46.86 -6.06
N GLN D 269 11.96 -46.06 -5.16
CA GLN D 269 10.84 -46.52 -4.37
C GLN D 269 9.64 -46.78 -5.27
N LYS D 270 9.38 -45.88 -6.21
CA LYS D 270 8.25 -46.08 -7.12
C LYS D 270 8.58 -47.22 -8.09
N LEU D 271 9.85 -47.33 -8.45
CA LEU D 271 10.27 -48.39 -9.35
C LEU D 271 10.00 -49.74 -8.72
N LEU D 272 10.32 -49.87 -7.44
CA LEU D 272 10.12 -51.14 -6.76
C LEU D 272 8.64 -51.48 -6.67
N HIS D 273 7.80 -50.46 -6.43
CA HIS D 273 6.37 -50.67 -6.33
C HIS D 273 5.80 -51.17 -7.65
N LEU D 274 6.35 -50.66 -8.76
CA LEU D 274 5.89 -51.08 -10.07
C LEU D 274 6.54 -52.39 -10.48
N ASN D 275 7.26 -53.01 -9.55
CA ASN D 275 7.92 -54.29 -9.80
C ASN D 275 9.10 -54.25 -10.78
N VAL D 276 9.82 -53.14 -10.78
CA VAL D 276 10.98 -52.96 -11.64
C VAL D 276 12.20 -53.35 -10.80
N LYS D 277 13.18 -54.00 -11.40
CA LYS D 277 14.38 -54.37 -10.65
C LYS D 277 15.40 -53.23 -10.69
N VAL D 278 15.73 -52.72 -9.51
CA VAL D 278 16.70 -51.64 -9.39
C VAL D 278 18.01 -52.23 -8.95
N LEU D 279 19.09 -51.88 -9.64
CA LEU D 279 20.37 -52.44 -9.28
C LEU D 279 21.31 -51.48 -8.58
N THR D 280 21.07 -50.18 -8.66
CA THR D 280 22.00 -49.24 -8.04
C THR D 280 21.44 -47.93 -7.54
N LEU D 281 22.33 -47.21 -6.84
CA LEU D 281 22.12 -45.89 -6.28
C LEU D 281 23.57 -45.41 -6.16
N SER D 282 23.81 -44.13 -5.95
CA SER D 282 25.20 -43.69 -5.86
C SER D 282 25.46 -42.42 -5.08
N ASP D 283 26.73 -42.22 -4.75
CA ASP D 283 27.21 -41.06 -4.00
C ASP D 283 28.31 -40.46 -4.83
N SER D 284 28.60 -39.18 -4.65
CA SER D 284 29.67 -38.56 -5.42
C SER D 284 31.01 -39.28 -5.19
N ASN D 285 31.04 -40.21 -4.24
CA ASN D 285 32.24 -40.96 -3.93
C ASN D 285 32.28 -42.32 -4.61
N GLY D 286 31.11 -42.90 -4.83
CA GLY D 286 31.07 -44.20 -5.48
C GLY D 286 29.66 -44.68 -5.54
N TYR D 287 29.42 -45.80 -6.23
CA TYR D 287 28.07 -46.33 -6.35
C TYR D 287 27.92 -47.69 -5.68
N VAL D 288 26.69 -48.02 -5.31
CA VAL D 288 26.37 -49.29 -4.65
C VAL D 288 25.61 -50.22 -5.59
N TYR D 289 25.81 -51.52 -5.42
CA TYR D 289 25.20 -52.51 -6.28
C TYR D 289 24.53 -53.69 -5.56
N GLU D 290 23.27 -53.97 -5.87
CA GLU D 290 22.53 -55.09 -5.28
C GLU D 290 22.29 -56.14 -6.35
N PRO D 291 23.11 -57.19 -6.36
CA PRO D 291 23.07 -58.33 -7.29
C PRO D 291 21.69 -58.76 -7.73
N ASN D 292 20.87 -59.09 -6.75
CA ASN D 292 19.50 -59.55 -6.96
C ASN D 292 18.47 -58.44 -7.07
N GLY D 293 18.93 -57.19 -7.02
CA GLY D 293 18.04 -56.05 -7.11
C GLY D 293 17.82 -55.46 -5.73
N PHE D 294 17.29 -54.25 -5.64
CA PHE D 294 17.07 -53.64 -4.34
C PHE D 294 15.75 -54.04 -3.73
N THR D 295 15.64 -53.87 -2.43
CA THR D 295 14.43 -54.20 -1.71
C THR D 295 13.84 -53.00 -1.00
N HIS D 296 12.57 -53.09 -0.68
CA HIS D 296 11.88 -52.04 0.01
C HIS D 296 12.62 -51.80 1.33
N GLU D 297 13.02 -52.87 1.99
CA GLU D 297 13.75 -52.76 3.24
C GLU D 297 15.07 -52.05 3.03
N ASN D 298 15.82 -52.48 2.02
CA ASN D 298 17.12 -51.91 1.69
C ASN D 298 16.97 -50.41 1.46
N LEU D 299 15.96 -50.06 0.70
CA LEU D 299 15.67 -48.68 0.35
C LEU D 299 15.36 -47.90 1.62
N GLU D 300 14.82 -48.60 2.62
CA GLU D 300 14.50 -47.99 3.91
C GLU D 300 15.76 -47.67 4.70
N PHE D 301 16.79 -48.48 4.55
CA PHE D 301 18.07 -48.23 5.22
C PHE D 301 18.65 -46.96 4.58
N LEU D 302 18.85 -47.03 3.27
CA LEU D 302 19.41 -45.94 2.47
C LEU D 302 18.70 -44.63 2.69
N ILE D 303 17.38 -44.72 2.71
CA ILE D 303 16.55 -43.56 2.87
C ILE D 303 16.60 -42.98 4.29
N ASP D 304 15.86 -43.59 5.19
CA ASP D 304 15.81 -43.08 6.55
C ASP D 304 17.08 -43.32 7.33
N LEU D 305 18.19 -42.90 6.75
CA LEU D 305 19.47 -43.02 7.41
C LEU D 305 20.54 -42.29 6.61
N LYS D 306 20.76 -42.69 5.37
CA LYS D 306 21.77 -42.00 4.60
C LYS D 306 21.12 -40.88 3.80
N GLU D 307 20.39 -40.06 4.55
CA GLU D 307 19.66 -38.87 4.10
C GLU D 307 18.97 -38.33 5.36
N GLU D 308 18.70 -39.24 6.29
CA GLU D 308 18.08 -38.87 7.55
C GLU D 308 19.18 -38.51 8.55
N LYS D 309 20.37 -39.08 8.32
CA LYS D 309 21.58 -38.87 9.13
C LYS D 309 22.65 -38.20 8.22
N LYS D 310 22.45 -38.37 6.91
CA LYS D 310 23.34 -37.80 5.89
C LYS D 310 24.71 -38.48 5.77
N GLY D 311 24.73 -39.81 5.86
CA GLY D 311 25.99 -40.54 5.75
C GLY D 311 26.56 -40.64 4.34
N ARG D 312 27.33 -41.69 4.09
CA ARG D 312 27.93 -41.94 2.78
C ARG D 312 27.35 -43.27 2.34
N ILE D 313 26.90 -43.36 1.10
CA ILE D 313 26.26 -44.57 0.60
C ILE D 313 27.08 -45.83 0.86
N LYS D 314 28.32 -45.66 1.32
CA LYS D 314 29.20 -46.79 1.67
C LYS D 314 28.62 -47.53 2.86
N GLU D 315 28.07 -46.77 3.80
CA GLU D 315 27.49 -47.35 5.00
C GLU D 315 26.40 -48.33 4.65
N TYR D 316 25.94 -48.26 3.39
CA TYR D 316 24.92 -49.19 2.97
C TYR D 316 25.38 -50.63 3.26
N LEU D 317 26.70 -50.85 3.23
CA LEU D 317 27.19 -52.21 3.47
C LEU D 317 26.94 -52.72 4.88
N ASN D 318 26.78 -51.82 5.84
CA ASN D 318 26.51 -52.24 7.22
C ASN D 318 25.09 -52.81 7.35
N HIS D 319 24.34 -52.76 6.25
CA HIS D 319 22.97 -53.25 6.22
C HIS D 319 22.77 -54.45 5.30
N SER D 320 23.51 -54.49 4.19
CA SER D 320 23.38 -55.56 3.22
C SER D 320 24.67 -56.32 3.07
N SER D 321 24.66 -57.59 3.46
CA SER D 321 25.87 -58.39 3.35
C SER D 321 25.99 -58.78 1.90
N THR D 322 24.94 -58.52 1.14
CA THR D 322 24.94 -58.90 -0.25
C THR D 322 25.34 -57.75 -1.20
N ALA D 323 25.41 -56.54 -0.66
CA ALA D 323 25.76 -55.39 -1.47
C ALA D 323 27.26 -55.32 -1.72
N LYS D 324 27.65 -54.34 -2.53
CA LYS D 324 29.03 -54.12 -2.88
C LYS D 324 29.14 -52.70 -3.38
N TYR D 325 30.16 -52.00 -2.89
CA TYR D 325 30.42 -50.61 -3.23
C TYR D 325 31.53 -50.52 -4.25
N PHE D 326 31.52 -49.48 -5.07
CA PHE D 326 32.56 -49.30 -6.05
C PHE D 326 33.11 -47.91 -5.91
N PRO D 327 34.28 -47.77 -5.28
CA PRO D 327 34.84 -46.43 -5.11
C PRO D 327 35.09 -45.75 -6.43
N ASN D 328 34.86 -44.45 -6.43
CA ASN D 328 35.04 -43.58 -7.58
C ASN D 328 34.53 -44.06 -8.94
N GLU D 329 33.30 -44.57 -8.96
CA GLU D 329 32.69 -45.04 -10.20
C GLU D 329 31.21 -44.66 -10.29
N LYS D 330 30.69 -44.66 -11.52
CA LYS D 330 29.30 -44.37 -11.78
C LYS D 330 28.68 -45.70 -12.11
N PRO D 331 27.34 -45.80 -12.03
CA PRO D 331 26.59 -47.02 -12.30
C PRO D 331 26.46 -47.41 -13.77
N TRP D 332 26.78 -46.49 -14.66
CA TRP D 332 26.59 -46.73 -16.09
C TRP D 332 27.20 -47.98 -16.73
N GLY D 333 28.12 -48.64 -16.04
CA GLY D 333 28.69 -49.84 -16.61
C GLY D 333 27.84 -51.05 -16.30
N VAL D 334 26.79 -50.84 -15.50
CA VAL D 334 25.90 -51.92 -15.12
C VAL D 334 24.78 -52.04 -16.13
N PRO D 335 24.66 -53.20 -16.77
CA PRO D 335 23.62 -53.45 -17.79
C PRO D 335 22.21 -53.15 -17.29
N CYS D 336 21.44 -52.45 -18.09
CA CYS D 336 20.07 -52.12 -17.73
C CYS D 336 19.27 -51.85 -19.00
N THR D 337 17.98 -51.62 -18.84
CA THR D 337 17.11 -51.31 -19.96
C THR D 337 16.71 -49.87 -19.71
N LEU D 338 16.65 -49.50 -18.44
CA LEU D 338 16.30 -48.16 -18.02
C LEU D 338 17.42 -47.50 -17.23
N ALA D 339 17.76 -46.27 -17.58
CA ALA D 339 18.81 -45.55 -16.88
C ALA D 339 18.23 -44.29 -16.25
N PHE D 340 18.47 -44.10 -14.95
CA PHE D 340 17.93 -42.92 -14.28
C PHE D 340 18.95 -42.01 -13.61
N PRO D 341 19.58 -41.11 -14.38
CA PRO D 341 20.58 -40.16 -13.91
C PRO D 341 19.95 -39.17 -12.93
N CYS D 342 20.13 -39.38 -11.63
CA CYS D 342 19.54 -38.48 -10.66
C CYS D 342 20.59 -37.86 -9.79
N ALA D 343 21.76 -37.63 -10.37
CA ALA D 343 22.87 -37.08 -9.60
C ALA D 343 23.21 -35.63 -9.89
N THR D 344 24.21 -35.40 -10.74
CA THR D 344 24.62 -34.04 -11.04
C THR D 344 24.54 -33.72 -12.52
N GLN D 345 24.95 -32.52 -12.86
CA GLN D 345 24.94 -32.10 -14.24
C GLN D 345 26.09 -32.80 -14.94
N ASN D 346 25.84 -33.28 -16.17
CA ASN D 346 26.86 -33.99 -16.95
C ASN D 346 27.32 -35.31 -16.30
N ASP D 347 26.40 -35.94 -15.56
CA ASP D 347 26.60 -37.22 -14.90
C ASP D 347 26.99 -38.24 -15.98
N VAL D 348 26.11 -38.45 -16.96
CA VAL D 348 26.36 -39.38 -18.06
C VAL D 348 27.17 -38.72 -19.18
N ASP D 349 28.34 -39.27 -19.51
CA ASP D 349 29.16 -38.72 -20.59
C ASP D 349 29.08 -39.62 -21.82
N LEU D 350 29.94 -39.36 -22.82
CA LEU D 350 29.95 -40.14 -24.07
C LEU D 350 30.26 -41.63 -23.90
N ASP D 351 31.33 -41.92 -23.16
CA ASP D 351 31.71 -43.30 -22.96
C ASP D 351 30.66 -44.04 -22.15
N GLN D 352 30.04 -43.32 -21.23
CA GLN D 352 29.00 -43.92 -20.42
C GLN D 352 27.74 -44.20 -21.23
N ALA D 353 27.44 -43.34 -22.20
CA ALA D 353 26.26 -43.54 -23.03
C ALA D 353 26.53 -44.71 -23.96
N LYS D 354 27.82 -44.98 -24.21
CA LYS D 354 28.21 -46.09 -25.07
C LYS D 354 28.03 -47.40 -24.33
N LEU D 355 28.42 -47.44 -23.05
CA LEU D 355 28.27 -48.67 -22.28
C LEU D 355 26.79 -49.01 -22.17
N LEU D 356 26.02 -48.01 -21.75
CA LEU D 356 24.59 -48.13 -21.61
C LEU D 356 24.03 -48.62 -22.93
N GLN D 357 24.49 -48.01 -24.01
CA GLN D 357 24.05 -48.35 -25.35
C GLN D 357 24.38 -49.80 -25.69
N LYS D 358 25.64 -50.20 -25.56
CA LYS D 358 26.00 -51.58 -25.90
C LYS D 358 25.48 -52.58 -24.86
N ASN D 359 24.99 -52.11 -23.72
CA ASN D 359 24.47 -53.04 -22.71
C ASN D 359 22.98 -53.31 -22.79
N GLY D 360 22.28 -52.65 -23.71
CA GLY D 360 20.86 -52.90 -23.86
C GLY D 360 19.91 -51.80 -23.43
N CYS D 361 20.45 -50.72 -22.90
CA CYS D 361 19.63 -49.60 -22.45
C CYS D 361 18.71 -49.18 -23.57
N ILE D 362 17.42 -48.99 -23.25
CA ILE D 362 16.44 -48.59 -24.24
C ILE D 362 15.83 -47.21 -23.99
N LEU D 363 15.98 -46.70 -22.77
CA LEU D 363 15.44 -45.39 -22.44
C LEU D 363 16.25 -44.77 -21.34
N VAL D 364 16.30 -43.45 -21.33
CA VAL D 364 17.02 -42.71 -20.31
C VAL D 364 16.03 -41.74 -19.73
N GLY D 365 15.94 -41.74 -18.42
CA GLY D 365 15.04 -40.86 -17.73
C GLY D 365 15.84 -39.85 -16.94
N GLU D 366 15.80 -38.61 -17.38
CA GLU D 366 16.55 -37.59 -16.69
C GLU D 366 15.91 -37.19 -15.39
N GLY D 367 16.53 -37.62 -14.30
CA GLY D 367 16.05 -37.29 -12.97
C GLY D 367 16.63 -35.98 -12.50
N ALA D 368 17.90 -35.77 -12.81
CA ALA D 368 18.59 -34.55 -12.44
C ALA D 368 18.51 -33.53 -13.58
N ASN D 369 19.20 -32.41 -13.39
CA ASN D 369 19.23 -31.35 -14.39
C ASN D 369 20.32 -31.62 -15.41
N MET D 370 19.93 -31.76 -16.68
CA MET D 370 20.86 -32.05 -17.78
C MET D 370 22.03 -32.94 -17.34
N PRO D 371 21.72 -34.17 -16.91
CA PRO D 371 22.73 -35.12 -16.45
C PRO D 371 23.57 -35.68 -17.59
N SER D 372 22.94 -35.84 -18.74
CA SER D 372 23.63 -36.38 -19.89
C SER D 372 24.38 -35.29 -20.61
N THR D 373 25.62 -35.61 -20.95
CA THR D 373 26.48 -34.69 -21.66
C THR D 373 25.88 -34.45 -23.05
N VAL D 374 26.35 -33.42 -23.74
CA VAL D 374 25.81 -33.15 -25.07
C VAL D 374 26.12 -34.28 -26.03
N ASP D 375 27.31 -34.86 -25.93
CA ASP D 375 27.66 -35.98 -26.82
C ASP D 375 26.89 -37.22 -26.43
N ALA D 376 26.55 -37.32 -25.16
CA ALA D 376 25.81 -38.46 -24.69
C ALA D 376 24.38 -38.43 -25.25
N ILE D 377 23.74 -37.26 -25.27
CA ILE D 377 22.40 -37.21 -25.83
C ILE D 377 22.45 -37.68 -27.30
N ASN D 378 23.37 -37.10 -28.06
CA ASN D 378 23.53 -37.46 -29.46
C ASN D 378 23.68 -38.96 -29.66
N LEU D 379 24.50 -39.57 -28.84
CA LEU D 379 24.70 -41.01 -28.92
C LEU D 379 23.38 -41.74 -28.70
N PHE D 380 22.61 -41.25 -27.71
CA PHE D 380 21.31 -41.84 -27.36
C PHE D 380 20.30 -41.71 -28.48
N LYS D 381 20.16 -40.51 -29.04
CA LYS D 381 19.21 -40.28 -30.12
C LYS D 381 19.63 -40.98 -31.39
N SER D 382 20.92 -40.98 -31.66
CA SER D 382 21.43 -41.63 -32.85
C SER D 382 21.29 -43.15 -32.80
N ASN D 383 21.20 -43.70 -31.59
CA ASN D 383 21.07 -45.14 -31.45
C ASN D 383 19.66 -45.60 -31.13
N ASN D 384 18.68 -44.77 -31.49
CA ASN D 384 17.27 -45.11 -31.27
C ASN D 384 16.95 -45.44 -29.79
N ILE D 385 17.47 -44.63 -28.88
CA ILE D 385 17.24 -44.81 -27.44
C ILE D 385 16.40 -43.66 -26.89
N ILE D 386 15.24 -44.00 -26.34
CA ILE D 386 14.33 -42.97 -25.82
C ILE D 386 14.97 -42.06 -24.79
N TYR D 387 15.01 -40.77 -25.09
CA TYR D 387 15.58 -39.78 -24.20
C TYR D 387 14.56 -38.87 -23.55
N CYS D 388 14.41 -38.99 -22.23
CA CYS D 388 13.44 -38.18 -21.51
C CYS D 388 14.07 -36.93 -20.90
N PRO D 389 13.67 -35.75 -21.40
CA PRO D 389 14.10 -34.40 -21.02
C PRO D 389 13.80 -33.99 -19.60
N SER D 390 14.80 -33.44 -18.94
CA SER D 390 14.66 -32.97 -17.57
C SER D 390 13.37 -32.17 -17.43
N LYS D 391 13.17 -31.21 -18.34
CA LYS D 391 12.01 -30.34 -18.35
C LYS D 391 10.69 -31.08 -18.18
N ALA D 392 10.62 -32.27 -18.74
CA ALA D 392 9.41 -33.07 -18.66
C ALA D 392 9.42 -34.18 -17.60
N ALA D 393 10.44 -35.05 -17.61
CA ALA D 393 10.53 -36.19 -16.68
C ALA D 393 10.63 -35.85 -15.19
N ASN D 394 11.37 -34.80 -14.85
CA ASN D 394 11.49 -34.44 -13.46
C ASN D 394 10.64 -33.20 -13.14
N ALA D 395 9.59 -32.98 -13.93
CA ALA D 395 8.71 -31.85 -13.69
C ALA D 395 7.76 -32.08 -12.53
N GLY D 396 7.63 -33.34 -12.08
CA GLY D 396 6.76 -33.63 -10.96
C GLY D 396 7.13 -32.83 -9.72
N GLY D 397 8.42 -32.57 -9.57
CA GLY D 397 8.88 -31.80 -8.43
C GLY D 397 8.27 -30.42 -8.44
N VAL D 398 8.05 -29.86 -9.63
CA VAL D 398 7.45 -28.55 -9.79
C VAL D 398 5.93 -28.64 -9.71
N ALA D 399 5.39 -29.79 -10.13
CA ALA D 399 3.95 -30.00 -10.09
C ALA D 399 3.42 -29.94 -8.65
N ILE D 400 4.02 -30.70 -7.73
CA ILE D 400 3.58 -30.68 -6.34
C ILE D 400 3.65 -29.27 -5.80
N SER D 401 4.60 -28.51 -6.33
CA SER D 401 4.79 -27.12 -5.94
C SER D 401 3.49 -26.36 -6.24
N GLY D 402 2.99 -26.52 -7.45
CA GLY D 402 1.77 -25.86 -7.83
C GLY D 402 0.62 -26.39 -7.02
N LEU D 403 0.69 -27.67 -6.66
CA LEU D 403 -0.36 -28.28 -5.88
C LEU D 403 -0.27 -27.76 -4.44
N GLU D 404 0.92 -27.32 -4.03
CA GLU D 404 1.11 -26.77 -2.69
C GLU D 404 0.42 -25.42 -2.64
N MET D 405 0.55 -24.65 -3.72
CA MET D 405 -0.09 -23.35 -3.77
C MET D 405 -1.60 -23.53 -3.81
N SER D 406 -2.07 -24.46 -4.64
CA SER D 406 -3.49 -24.72 -4.75
C SER D 406 -4.07 -25.04 -3.38
N GLN D 407 -3.36 -25.85 -2.60
CA GLN D 407 -3.83 -26.21 -1.26
C GLN D 407 -3.78 -25.02 -0.30
N ASN D 408 -2.86 -24.09 -0.53
CA ASN D 408 -2.77 -22.90 0.32
C ASN D 408 -3.86 -21.89 -0.03
N PHE D 409 -4.22 -21.81 -1.31
CA PHE D 409 -5.25 -20.89 -1.76
C PHE D 409 -6.63 -21.36 -1.33
N GLN D 410 -6.84 -22.67 -1.39
CA GLN D 410 -8.12 -23.28 -1.00
C GLN D 410 -8.21 -23.45 0.51
N PHE D 411 -7.10 -23.18 1.19
CA PHE D 411 -7.05 -23.30 2.63
C PHE D 411 -7.43 -24.75 2.93
N SER D 412 -6.80 -25.66 2.21
CA SER D 412 -7.07 -27.08 2.34
C SER D 412 -5.77 -27.88 2.51
N HIS D 413 -5.92 -29.18 2.74
CA HIS D 413 -4.77 -30.06 2.90
C HIS D 413 -5.18 -31.44 2.41
N TRP D 414 -4.98 -31.71 1.12
CA TRP D 414 -5.36 -32.99 0.54
C TRP D 414 -4.56 -34.15 1.08
N THR D 415 -5.13 -35.33 0.96
CA THR D 415 -4.48 -36.54 1.41
C THR D 415 -3.29 -36.85 0.52
N ARG D 416 -2.45 -37.79 0.95
CA ARG D 416 -1.28 -38.20 0.18
C ARG D 416 -1.72 -38.88 -1.11
N GLU D 417 -2.84 -39.59 -1.04
CA GLU D 417 -3.38 -40.30 -2.17
C GLU D 417 -4.00 -39.38 -3.21
N THR D 418 -4.56 -38.26 -2.77
CA THR D 418 -5.16 -37.32 -3.69
C THR D 418 -4.07 -36.59 -4.46
N VAL D 419 -3.05 -36.16 -3.74
CA VAL D 419 -1.92 -35.48 -4.36
C VAL D 419 -1.21 -36.40 -5.36
N ASP D 420 -1.02 -37.66 -4.98
CA ASP D 420 -0.35 -38.62 -5.86
C ASP D 420 -1.14 -38.87 -7.12
N GLU D 421 -2.46 -38.94 -7.00
CA GLU D 421 -3.28 -39.18 -8.18
C GLU D 421 -3.11 -38.04 -9.16
N LYS D 422 -3.06 -36.81 -8.63
CA LYS D 422 -2.90 -35.63 -9.47
C LYS D 422 -1.54 -35.63 -10.13
N LEU D 423 -0.53 -36.10 -9.40
CA LEU D 423 0.83 -36.19 -9.92
C LEU D 423 0.88 -37.18 -11.07
N LYS D 424 0.08 -38.24 -11.01
CA LYS D 424 0.05 -39.23 -12.09
C LYS D 424 -0.62 -38.66 -13.34
N GLU D 425 -1.70 -37.91 -13.16
CA GLU D 425 -2.40 -37.35 -14.30
C GLU D 425 -1.61 -36.19 -14.90
N ILE D 426 -0.90 -35.43 -14.07
CA ILE D 426 -0.09 -34.34 -14.57
C ILE D 426 1.04 -34.94 -15.42
N MET D 427 1.71 -35.98 -14.92
CA MET D 427 2.80 -36.61 -15.65
C MET D 427 2.32 -37.27 -16.94
N ARG D 428 1.04 -37.65 -17.01
CA ARG D 428 0.51 -38.27 -18.23
C ARG D 428 0.20 -37.16 -19.23
N ASN D 429 -0.22 -36.00 -18.72
CA ASN D 429 -0.52 -34.87 -19.57
C ASN D 429 0.76 -34.34 -20.20
N ILE D 430 1.85 -34.40 -19.47
CA ILE D 430 3.14 -33.95 -19.97
C ILE D 430 3.63 -34.86 -21.07
N PHE D 431 3.54 -36.18 -20.87
CA PHE D 431 3.98 -37.11 -21.90
C PHE D 431 3.15 -36.96 -23.16
N ILE D 432 1.85 -36.71 -22.98
CA ILE D 432 0.93 -36.56 -24.10
C ILE D 432 1.25 -35.30 -24.90
N ALA D 433 1.63 -34.23 -24.23
CA ALA D 433 1.97 -33.00 -24.90
C ALA D 433 3.30 -33.09 -25.64
N CYS D 434 4.25 -33.85 -25.09
CA CYS D 434 5.57 -34.02 -25.68
C CYS D 434 5.55 -34.98 -26.87
N SER D 435 4.63 -35.93 -26.87
CA SER D 435 4.53 -36.89 -27.96
C SER D 435 3.94 -36.29 -29.20
N GLU D 436 2.79 -35.65 -29.05
CA GLU D 436 2.07 -35.04 -30.16
C GLU D 436 2.80 -33.89 -30.83
N ASN D 437 3.44 -33.05 -30.04
CA ASN D 437 4.17 -31.92 -30.60
C ASN D 437 5.42 -32.44 -31.28
N ALA D 438 5.96 -33.54 -30.75
CA ALA D 438 7.15 -34.16 -31.31
C ALA D 438 6.79 -34.77 -32.66
N LEU D 439 5.71 -35.53 -32.65
CA LEU D 439 5.20 -36.20 -33.85
C LEU D 439 4.80 -35.16 -34.89
N LYS D 440 4.10 -34.13 -34.44
CA LYS D 440 3.60 -33.06 -35.29
C LYS D 440 4.69 -32.20 -35.91
N TYR D 441 5.78 -31.98 -35.16
CA TYR D 441 6.86 -31.15 -35.66
C TYR D 441 8.17 -31.82 -36.09
N THR D 442 8.37 -33.09 -35.74
CA THR D 442 9.59 -33.80 -36.16
C THR D 442 9.25 -35.16 -36.73
N LYS D 443 7.96 -35.50 -36.70
CA LYS D 443 7.47 -36.80 -37.17
C LYS D 443 8.13 -37.98 -36.46
N ASN D 444 8.92 -37.68 -35.43
CA ASN D 444 9.58 -38.75 -34.68
C ASN D 444 8.64 -39.34 -33.63
N LYS D 445 8.05 -38.48 -32.81
CA LYS D 445 7.08 -38.89 -31.78
C LYS D 445 7.73 -39.18 -30.44
N TYR D 446 8.91 -39.78 -30.47
CA TYR D 446 9.61 -40.03 -29.23
C TYR D 446 10.82 -39.15 -29.08
N ASP D 447 10.81 -38.06 -29.84
CA ASP D 447 11.86 -37.05 -29.78
C ASP D 447 11.30 -36.10 -28.72
N LEU D 448 11.25 -36.60 -27.50
CA LEU D 448 10.71 -35.86 -26.37
C LEU D 448 11.38 -34.54 -26.07
N GLN D 449 12.66 -34.45 -26.38
CA GLN D 449 13.43 -33.23 -26.17
C GLN D 449 12.87 -32.11 -27.04
N ALA D 450 12.47 -32.44 -28.26
CA ALA D 450 11.91 -31.42 -29.13
C ALA D 450 10.49 -31.12 -28.64
N GLY D 451 9.76 -32.18 -28.30
CA GLY D 451 8.40 -32.03 -27.85
C GLY D 451 8.22 -31.23 -26.57
N ALA D 452 9.07 -31.49 -25.59
CA ALA D 452 8.98 -30.77 -24.33
C ALA D 452 9.18 -29.27 -24.60
N ASN D 453 10.20 -28.96 -25.39
CA ASN D 453 10.53 -27.59 -25.74
C ASN D 453 9.46 -26.90 -26.56
N ILE D 454 8.89 -27.61 -27.53
CA ILE D 454 7.86 -27.02 -28.38
C ILE D 454 6.57 -26.75 -27.60
N ALA D 455 6.08 -27.76 -26.89
CA ALA D 455 4.86 -27.63 -26.11
C ALA D 455 4.98 -26.57 -25.04
N GLY D 456 6.10 -26.61 -24.32
CA GLY D 456 6.33 -25.67 -23.25
C GLY D 456 6.48 -24.25 -23.74
N PHE D 457 6.94 -24.09 -24.98
CA PHE D 457 7.16 -22.76 -25.56
C PHE D 457 5.89 -22.23 -26.24
N LEU D 458 5.19 -23.10 -26.95
CA LEU D 458 3.98 -22.71 -27.63
C LEU D 458 2.93 -22.11 -26.71
N LYS D 459 2.77 -22.70 -25.52
CA LYS D 459 1.79 -22.20 -24.59
C LYS D 459 2.20 -20.85 -24.04
N VAL D 460 3.47 -20.68 -23.70
CA VAL D 460 3.93 -19.41 -23.18
C VAL D 460 3.91 -18.28 -24.21
N ALA D 461 4.18 -18.62 -25.46
CA ALA D 461 4.22 -17.64 -26.54
C ALA D 461 2.81 -17.19 -26.99
N GLU D 462 1.94 -18.14 -27.32
CA GLU D 462 0.59 -17.75 -27.72
C GLU D 462 0.09 -16.80 -26.65
N SER D 463 0.25 -17.17 -25.38
CA SER D 463 -0.18 -16.33 -24.27
C SER D 463 0.46 -14.95 -24.24
N TYR D 464 1.77 -14.87 -24.47
CA TYR D 464 2.45 -13.59 -24.48
C TYR D 464 1.84 -12.66 -25.54
N ILE D 465 1.55 -13.21 -26.71
CA ILE D 465 0.95 -12.44 -27.80
C ILE D 465 -0.45 -11.99 -27.39
N GLU D 466 -1.21 -12.92 -26.82
CA GLU D 466 -2.57 -12.63 -26.38
C GLU D 466 -2.61 -11.51 -25.35
N GLN D 467 -1.57 -11.42 -24.54
CA GLN D 467 -1.49 -10.41 -23.49
C GLN D 467 -0.90 -9.07 -23.92
N GLY D 468 -0.52 -8.92 -25.18
CA GLY D 468 0.01 -7.66 -25.65
C GLY D 468 1.47 -7.31 -25.40
N CYS D 469 1.82 -6.08 -25.76
CA CYS D 469 3.18 -5.57 -25.63
C CYS D 469 3.65 -5.18 -24.22
N PHE D 470 4.57 -5.96 -23.69
CA PHE D 470 5.13 -5.67 -22.38
C PHE D 470 6.46 -6.40 -22.17
N LEU E 4 -43.90 2.40 12.35
CA LEU E 4 -43.15 3.58 11.85
C LEU E 4 -41.73 3.21 11.39
N LYS E 5 -41.12 2.24 12.07
CA LYS E 5 -39.75 1.82 11.72
C LYS E 5 -39.47 0.31 11.85
N ASP E 6 -38.58 -0.21 10.99
CA ASP E 6 -38.22 -1.63 11.02
C ASP E 6 -37.48 -1.93 12.33
N LYS E 7 -36.93 -3.14 12.41
CA LYS E 7 -36.20 -3.56 13.61
C LYS E 7 -34.94 -2.75 13.83
N THR E 8 -34.30 -2.30 12.74
CA THR E 8 -33.07 -1.54 12.84
C THR E 8 -33.30 -0.08 13.21
N GLY E 9 -34.53 0.39 13.01
CA GLY E 9 -34.83 1.78 13.32
C GLY E 9 -34.36 2.73 12.24
N ARG E 10 -33.45 2.27 11.38
CA ARG E 10 -32.92 3.07 10.28
C ARG E 10 -33.91 3.21 9.12
N PHE E 11 -35.00 2.44 9.16
CA PHE E 11 -35.96 2.49 8.07
C PHE E 11 -37.43 2.65 8.46
N VAL E 12 -38.09 3.59 7.79
CA VAL E 12 -39.51 3.88 8.02
C VAL E 12 -40.50 2.91 7.35
N VAL E 13 -41.37 2.31 8.17
CA VAL E 13 -42.39 1.36 7.70
C VAL E 13 -43.54 2.15 7.08
N LEU E 14 -44.42 1.49 6.36
CA LEU E 14 -45.55 2.19 5.75
C LEU E 14 -46.83 1.54 6.26
N ASP E 15 -46.97 1.48 7.58
CA ASP E 15 -48.10 0.85 8.26
C ASP E 15 -49.06 0.08 7.37
N LYS E 16 -48.86 -1.23 7.33
CA LYS E 16 -49.65 -2.14 6.51
C LYS E 16 -51.07 -2.37 7.06
N ASN E 17 -51.34 -1.89 8.27
CA ASN E 17 -52.67 -2.06 8.82
C ASN E 17 -53.46 -0.74 8.80
N ALA E 18 -52.95 0.23 8.05
CA ALA E 18 -53.65 1.51 7.90
C ALA E 18 -54.86 1.20 7.01
N SER E 19 -55.82 2.12 6.95
CA SER E 19 -57.03 1.93 6.15
C SER E 19 -56.84 2.08 4.65
N ASN E 20 -55.89 2.93 4.26
CA ASN E 20 -55.60 3.20 2.86
C ASN E 20 -54.16 2.79 2.51
N TYR E 21 -53.77 1.61 2.97
CA TYR E 21 -52.42 1.08 2.77
C TYR E 21 -51.94 1.06 1.32
N GLU E 22 -52.64 0.33 0.46
CA GLU E 22 -52.24 0.25 -0.94
C GLU E 22 -51.97 1.63 -1.54
N SER E 23 -52.79 2.62 -1.20
CA SER E 23 -52.58 3.95 -1.73
C SER E 23 -51.29 4.55 -1.19
N LEU E 24 -50.98 4.24 0.05
CA LEU E 24 -49.76 4.75 0.66
C LEU E 24 -48.56 4.18 -0.12
N VAL E 25 -48.59 2.87 -0.35
CA VAL E 25 -47.53 2.19 -1.09
C VAL E 25 -47.39 2.75 -2.50
N ASP E 26 -48.48 2.76 -3.26
CA ASP E 26 -48.46 3.30 -4.63
C ASP E 26 -47.88 4.70 -4.67
N GLN E 27 -48.42 5.57 -3.83
CA GLN E 27 -47.98 6.96 -3.79
C GLN E 27 -46.52 7.07 -3.34
N GLU E 28 -46.09 6.18 -2.46
CA GLU E 28 -44.69 6.21 -2.03
C GLU E 28 -43.81 5.73 -3.17
N MET E 29 -44.21 4.64 -3.82
CA MET E 29 -43.45 4.09 -4.95
C MET E 29 -43.28 5.20 -5.97
N ASN E 30 -44.32 6.03 -6.08
CA ASN E 30 -44.34 7.16 -7.00
C ASN E 30 -43.37 8.26 -6.57
N ASN E 31 -43.31 8.52 -5.27
CA ASN E 31 -42.39 9.52 -4.76
C ASN E 31 -40.96 8.99 -4.95
N VAL E 32 -40.79 7.67 -4.82
CA VAL E 32 -39.50 7.04 -5.01
C VAL E 32 -39.07 7.27 -6.45
N TYR E 33 -40.01 7.11 -7.38
CA TYR E 33 -39.64 7.31 -8.76
C TYR E 33 -39.40 8.79 -9.08
N GLU E 34 -40.21 9.67 -8.50
CA GLU E 34 -40.07 11.11 -8.72
C GLU E 34 -38.73 11.66 -8.23
N ARG E 35 -38.25 11.17 -7.09
CA ARG E 35 -36.97 11.63 -6.58
C ARG E 35 -35.81 11.09 -7.41
N VAL E 36 -35.91 9.83 -7.84
CA VAL E 36 -34.86 9.21 -8.65
C VAL E 36 -34.74 9.97 -9.97
N MET E 37 -35.89 10.17 -10.61
CA MET E 37 -35.97 10.89 -11.88
C MET E 37 -35.27 12.25 -11.74
N LYS E 38 -35.64 12.99 -10.70
CA LYS E 38 -35.04 14.30 -10.45
C LYS E 38 -33.52 14.24 -10.22
N LEU E 39 -33.02 13.15 -9.68
CA LEU E 39 -31.58 13.03 -9.48
C LEU E 39 -30.90 12.91 -10.84
N ASP E 40 -31.52 12.17 -11.75
CA ASP E 40 -30.95 11.95 -13.08
C ASP E 40 -32.00 12.13 -14.17
N PRO E 41 -32.51 13.36 -14.36
CA PRO E 41 -33.52 13.72 -15.35
C PRO E 41 -33.35 13.20 -16.78
N ASN E 42 -32.14 13.30 -17.32
CA ASN E 42 -31.94 12.87 -18.70
C ASN E 42 -31.26 11.52 -18.98
N GLN E 43 -31.19 10.66 -17.98
CA GLN E 43 -30.62 9.33 -18.18
C GLN E 43 -31.84 8.48 -18.53
N VAL E 44 -32.19 8.50 -19.81
CA VAL E 44 -33.35 7.76 -20.26
C VAL E 44 -33.29 6.26 -20.03
N GLU E 45 -32.20 5.63 -20.45
CA GLU E 45 -32.04 4.19 -20.32
C GLU E 45 -32.09 3.75 -18.85
N PHE E 46 -31.47 4.54 -18.00
CA PHE E 46 -31.44 4.24 -16.58
C PHE E 46 -32.84 4.37 -15.95
N LEU E 47 -33.45 5.55 -16.06
CA LEU E 47 -34.77 5.77 -15.50
C LEU E 47 -35.77 4.72 -15.96
N GLN E 48 -35.64 4.28 -17.19
CA GLN E 48 -36.56 3.28 -17.67
C GLN E 48 -36.36 1.91 -17.03
N ALA E 49 -35.11 1.52 -16.81
CA ALA E 49 -34.84 0.22 -16.19
C ALA E 49 -35.21 0.26 -14.72
N PHE E 50 -35.01 1.40 -14.08
CA PHE E 50 -35.36 1.52 -12.68
C PHE E 50 -36.87 1.37 -12.55
N HIS E 51 -37.60 2.24 -13.23
CA HIS E 51 -39.06 2.22 -13.21
C HIS E 51 -39.56 0.81 -13.45
N GLU E 52 -38.88 0.11 -14.37
CA GLU E 52 -39.24 -1.25 -14.73
C GLU E 52 -39.18 -2.22 -13.56
N ILE E 53 -38.06 -2.21 -12.82
CA ILE E 53 -37.90 -3.11 -11.69
C ILE E 53 -38.77 -2.67 -10.51
N LEU E 54 -38.70 -1.38 -10.23
CA LEU E 54 -39.43 -0.74 -9.15
C LEU E 54 -40.87 -1.22 -9.04
N TYR E 55 -41.66 -0.98 -10.10
CA TYR E 55 -43.05 -1.38 -10.08
C TYR E 55 -43.23 -2.88 -10.18
N SER E 56 -42.25 -3.56 -10.76
CA SER E 56 -42.32 -5.01 -10.85
C SER E 56 -42.32 -5.61 -9.43
N LEU E 57 -41.60 -4.94 -8.54
CA LEU E 57 -41.44 -5.36 -7.15
C LEU E 57 -42.59 -5.02 -6.22
N LYS E 58 -43.52 -4.21 -6.70
CA LYS E 58 -44.67 -3.78 -5.89
C LYS E 58 -45.26 -4.87 -5.00
N PRO E 59 -45.42 -6.10 -5.51
CA PRO E 59 -45.99 -7.15 -4.66
C PRO E 59 -45.21 -7.27 -3.35
N LEU E 60 -43.90 -7.16 -3.47
CA LEU E 60 -43.00 -7.25 -2.33
C LEU E 60 -43.12 -6.03 -1.42
N PHE E 61 -43.21 -4.84 -2.01
CA PHE E 61 -43.34 -3.62 -1.21
C PHE E 61 -44.60 -3.68 -0.36
N MET E 62 -45.70 -4.13 -0.95
CA MET E 62 -46.95 -4.28 -0.22
C MET E 62 -46.62 -5.14 1.00
N GLU E 63 -45.84 -6.19 0.76
CA GLU E 63 -45.44 -7.13 1.81
C GLU E 63 -44.46 -6.56 2.83
N GLU E 64 -43.31 -6.11 2.34
CA GLU E 64 -42.27 -5.54 3.17
C GLU E 64 -42.00 -4.09 2.75
N PRO E 65 -42.84 -3.15 3.20
CA PRO E 65 -42.68 -1.73 2.86
C PRO E 65 -41.30 -1.20 3.23
N LYS E 66 -40.62 -1.90 4.13
CA LYS E 66 -39.30 -1.47 4.53
C LYS E 66 -38.37 -1.46 3.32
N TYR E 67 -38.68 -2.24 2.29
CA TYR E 67 -37.86 -2.29 1.09
C TYR E 67 -38.05 -1.10 0.16
N LEU E 68 -38.90 -0.15 0.55
CA LEU E 68 -39.13 1.04 -0.25
C LEU E 68 -37.96 2.02 -0.19
N PRO E 69 -37.49 2.37 1.02
CA PRO E 69 -36.36 3.29 1.14
C PRO E 69 -35.09 2.65 0.58
N ILE E 70 -35.01 1.33 0.76
CA ILE E 70 -33.87 0.56 0.29
C ILE E 70 -33.67 0.59 -1.24
N ILE E 71 -34.67 0.19 -2.02
CA ILE E 71 -34.49 0.20 -3.47
C ILE E 71 -34.14 1.58 -4.01
N GLU E 72 -34.64 2.63 -3.35
CA GLU E 72 -34.36 3.99 -3.78
C GLU E 72 -32.87 4.28 -3.59
N THR E 73 -32.31 3.74 -2.52
CA THR E 73 -30.90 3.94 -2.21
C THR E 73 -30.00 3.08 -3.07
N LEU E 74 -30.41 1.84 -3.29
CA LEU E 74 -29.60 0.92 -4.09
C LEU E 74 -29.56 1.37 -5.55
N SER E 75 -30.49 2.24 -5.93
CA SER E 75 -30.54 2.74 -7.29
C SER E 75 -29.44 3.80 -7.50
N GLU E 76 -28.75 4.12 -6.41
CA GLU E 76 -27.66 5.08 -6.40
C GLU E 76 -26.33 4.31 -6.23
N PRO E 77 -25.52 4.25 -7.29
CA PRO E 77 -24.22 3.55 -7.29
C PRO E 77 -23.38 3.85 -6.06
N GLU E 78 -22.84 2.81 -5.44
CA GLU E 78 -22.01 3.02 -4.27
C GLU E 78 -20.83 3.88 -4.69
N ARG E 79 -20.47 3.77 -5.97
CA ARG E 79 -19.35 4.51 -6.53
C ARG E 79 -19.40 4.48 -8.06
N ALA E 80 -19.32 5.66 -8.67
CA ALA E 80 -19.35 5.77 -10.11
C ALA E 80 -18.14 6.59 -10.48
N ILE E 81 -17.24 5.97 -11.23
CA ILE E 81 -16.02 6.64 -11.67
C ILE E 81 -15.99 6.88 -13.18
N GLN E 82 -15.82 8.13 -13.56
CA GLN E 82 -15.77 8.48 -14.96
C GLN E 82 -14.36 8.99 -15.18
N PHE E 83 -13.66 8.46 -16.19
CA PHE E 83 -12.30 8.89 -16.46
C PHE E 83 -11.94 9.16 -17.90
N ARG E 84 -10.95 10.03 -18.09
CA ARG E 84 -10.46 10.40 -19.42
C ARG E 84 -9.38 9.41 -19.82
N VAL E 85 -9.34 9.09 -21.10
CA VAL E 85 -8.34 8.16 -21.59
C VAL E 85 -7.81 8.61 -22.93
N CYS E 86 -6.50 8.89 -22.98
CA CYS E 86 -5.85 9.33 -24.18
C CYS E 86 -4.96 8.23 -24.75
N TRP E 87 -4.91 8.11 -26.08
CA TRP E 87 -4.09 7.09 -26.75
C TRP E 87 -3.69 7.53 -28.17
N LEU E 88 -2.56 7.06 -28.66
CA LEU E 88 -2.08 7.42 -29.98
C LEU E 88 -2.66 6.52 -31.06
N ASP E 89 -3.25 7.11 -32.11
CA ASP E 89 -3.77 6.30 -33.18
C ASP E 89 -2.60 5.93 -34.07
N ASP E 90 -2.84 5.05 -35.03
CA ASP E 90 -1.77 4.61 -35.91
C ASP E 90 -1.15 5.67 -36.81
N ASN E 91 -1.58 6.92 -36.64
CA ASN E 91 -1.05 8.03 -37.43
C ASN E 91 -0.21 8.95 -36.54
N GLY E 92 -0.18 8.65 -35.24
CA GLY E 92 0.60 9.45 -34.32
C GLY E 92 -0.23 10.53 -33.64
N VAL E 93 -1.45 10.73 -34.13
CA VAL E 93 -2.36 11.71 -33.58
C VAL E 93 -2.86 11.23 -32.22
N GLN E 94 -2.76 12.08 -31.21
CA GLN E 94 -3.23 11.75 -29.88
C GLN E 94 -4.76 11.72 -29.90
N ARG E 95 -5.38 10.74 -29.27
CA ARG E 95 -6.84 10.65 -29.23
C ARG E 95 -7.43 10.70 -27.80
N LYS E 96 -8.75 10.89 -27.71
CA LYS E 96 -9.42 10.99 -26.42
C LYS E 96 -10.77 10.26 -26.38
N ASN E 97 -11.02 9.54 -25.28
CA ASN E 97 -12.28 8.82 -25.10
C ASN E 97 -12.78 8.92 -23.67
N ARG E 98 -14.09 8.90 -23.50
CA ARG E 98 -14.68 8.98 -22.16
C ARG E 98 -14.93 7.56 -21.68
N CYS E 99 -14.51 7.27 -20.46
CA CYS E 99 -14.66 5.92 -19.93
C CYS E 99 -15.42 5.87 -18.63
N PHE E 100 -15.98 4.71 -18.33
CA PHE E 100 -16.73 4.55 -17.10
C PHE E 100 -16.41 3.25 -16.40
N ARG E 101 -16.96 3.14 -15.19
CA ARG E 101 -16.84 1.97 -14.36
C ARG E 101 -17.67 2.29 -13.14
N VAL E 102 -18.92 1.85 -13.20
CA VAL E 102 -19.88 2.06 -12.14
C VAL E 102 -19.82 0.86 -11.21
N GLN E 103 -19.30 1.07 -10.01
CA GLN E 103 -19.22 0.00 -9.04
C GLN E 103 -20.50 0.14 -8.22
N TYR E 104 -21.57 -0.41 -8.79
CA TYR E 104 -22.93 -0.35 -8.25
C TYR E 104 -23.21 -0.94 -6.88
N ASN E 105 -23.21 -2.26 -6.77
CA ASN E 105 -23.49 -2.84 -5.48
C ASN E 105 -22.43 -3.84 -5.03
N SER E 106 -22.16 -3.85 -3.72
CA SER E 106 -21.14 -4.72 -3.14
C SER E 106 -21.64 -5.53 -1.95
N ALA E 107 -22.94 -5.71 -1.84
CA ALA E 107 -23.49 -6.45 -0.72
C ALA E 107 -23.22 -7.95 -0.78
N LEU E 108 -23.37 -8.54 -1.96
CA LEU E 108 -23.18 -9.98 -2.13
C LEU E 108 -21.78 -10.44 -2.56
N GLY E 109 -20.92 -9.51 -2.92
CA GLY E 109 -19.59 -9.90 -3.34
C GLY E 109 -18.93 -8.80 -4.16
N PRO E 110 -17.72 -9.03 -4.68
CA PRO E 110 -16.98 -8.05 -5.48
C PRO E 110 -17.78 -7.59 -6.69
N TYR E 111 -17.69 -6.31 -7.03
CA TYR E 111 -18.42 -5.81 -8.18
C TYR E 111 -18.13 -6.69 -9.40
N LYS E 112 -19.18 -7.12 -10.08
CA LYS E 112 -19.08 -7.96 -11.28
C LYS E 112 -19.92 -7.32 -12.35
N GLY E 113 -19.30 -7.04 -13.49
CA GLY E 113 -20.02 -6.43 -14.59
C GLY E 113 -19.05 -6.24 -15.72
N GLY E 114 -19.52 -6.42 -16.95
CA GLY E 114 -18.63 -6.29 -18.09
C GLY E 114 -18.30 -4.86 -18.50
N LEU E 115 -17.42 -4.76 -19.49
CA LEU E 115 -17.00 -3.48 -20.03
C LEU E 115 -17.52 -3.38 -21.47
N ARG E 116 -17.95 -2.18 -21.87
CA ARG E 116 -18.50 -2.00 -23.21
C ARG E 116 -17.86 -0.86 -24.02
N PHE E 117 -17.19 -1.21 -25.10
CA PHE E 117 -16.58 -0.20 -25.95
C PHE E 117 -17.53 -0.04 -27.13
N HIS E 118 -18.29 1.05 -27.13
CA HIS E 118 -19.26 1.31 -28.17
C HIS E 118 -19.56 2.81 -28.30
N PRO E 119 -19.53 3.35 -29.54
CA PRO E 119 -19.78 4.77 -29.79
C PRO E 119 -20.91 5.40 -28.98
N SER E 120 -21.92 4.60 -28.66
CA SER E 120 -23.06 5.12 -27.90
C SER E 120 -23.03 4.93 -26.39
N VAL E 121 -21.92 4.45 -25.85
CA VAL E 121 -21.83 4.27 -24.41
C VAL E 121 -21.83 5.60 -23.71
N ASN E 122 -22.48 5.66 -22.55
CA ASN E 122 -22.54 6.87 -21.75
C ASN E 122 -22.98 6.50 -20.35
N LEU E 123 -22.87 7.45 -19.42
CA LEU E 123 -23.23 7.18 -18.04
C LEU E 123 -24.55 6.43 -17.92
N SER E 124 -25.62 7.05 -18.40
CA SER E 124 -26.95 6.43 -18.34
C SER E 124 -26.95 4.95 -18.73
N ILE E 125 -26.50 4.64 -19.95
CA ILE E 125 -26.49 3.25 -20.42
C ILE E 125 -25.63 2.29 -19.57
N VAL E 126 -24.51 2.79 -19.06
CA VAL E 126 -23.63 1.99 -18.22
C VAL E 126 -24.31 1.74 -16.87
N LYS E 127 -25.02 2.75 -16.40
CA LYS E 127 -25.75 2.71 -15.15
C LYS E 127 -26.93 1.74 -15.33
N PHE E 128 -27.47 1.74 -16.53
CA PHE E 128 -28.60 0.89 -16.91
C PHE E 128 -28.24 -0.58 -16.91
N LEU E 129 -27.06 -0.91 -17.42
CA LEU E 129 -26.64 -2.30 -17.46
C LEU E 129 -26.16 -2.72 -16.09
N GLY E 130 -25.63 -1.75 -15.36
CA GLY E 130 -25.12 -2.02 -14.03
C GLY E 130 -26.23 -2.31 -13.04
N PHE E 131 -27.30 -1.55 -13.12
CA PHE E 131 -28.40 -1.75 -12.20
C PHE E 131 -29.03 -3.13 -12.35
N GLU E 132 -29.18 -3.59 -13.58
CA GLU E 132 -29.77 -4.91 -13.79
C GLU E 132 -28.75 -6.01 -13.56
N GLN E 133 -27.48 -5.69 -13.73
CA GLN E 133 -26.41 -6.66 -13.52
C GLN E 133 -26.41 -7.10 -12.07
N ILE E 134 -26.85 -6.20 -11.18
CA ILE E 134 -26.89 -6.51 -9.77
C ILE E 134 -27.74 -7.73 -9.57
N PHE E 135 -29.02 -7.58 -9.89
CA PHE E 135 -30.00 -8.64 -9.73
C PHE E 135 -29.72 -9.91 -10.51
N LYS E 136 -28.98 -9.80 -11.60
CA LYS E 136 -28.64 -10.96 -12.40
C LYS E 136 -27.59 -11.76 -11.61
N ASN E 137 -26.61 -11.05 -11.09
CA ASN E 137 -25.55 -11.68 -10.31
C ASN E 137 -26.12 -12.32 -9.05
N SER E 138 -27.04 -11.63 -8.40
CA SER E 138 -27.68 -12.12 -7.18
C SER E 138 -28.38 -13.44 -7.42
N LEU E 139 -28.95 -13.59 -8.61
CA LEU E 139 -29.67 -14.78 -8.95
C LEU E 139 -28.85 -16.01 -9.21
N THR E 140 -27.59 -15.84 -9.59
CA THR E 140 -26.71 -16.96 -9.89
C THR E 140 -26.42 -17.78 -8.65
N GLY E 141 -26.70 -17.20 -7.49
CA GLY E 141 -26.47 -17.89 -6.23
C GLY E 141 -25.07 -17.69 -5.71
N LEU E 142 -24.15 -17.35 -6.60
CA LEU E 142 -22.77 -17.14 -6.22
C LEU E 142 -22.56 -15.84 -5.47
N SER E 143 -21.32 -15.55 -5.11
CA SER E 143 -20.97 -14.31 -4.41
C SER E 143 -20.44 -13.25 -5.38
N MET E 144 -21.33 -12.45 -5.94
CA MET E 144 -20.92 -11.42 -6.88
C MET E 144 -21.78 -10.16 -6.74
N GLY E 145 -21.14 -9.01 -6.76
CA GLY E 145 -21.86 -7.76 -6.67
C GLY E 145 -22.29 -7.34 -8.06
N GLY E 146 -22.42 -6.04 -8.29
CA GLY E 146 -22.82 -5.61 -9.62
C GLY E 146 -22.14 -4.37 -10.12
N GLY E 147 -21.56 -4.47 -11.29
CA GLY E 147 -20.87 -3.33 -11.86
C GLY E 147 -21.00 -3.28 -13.37
N LYS E 148 -20.39 -2.29 -13.98
CA LYS E 148 -20.44 -2.14 -15.42
C LYS E 148 -19.55 -0.96 -15.75
N GLY E 149 -19.11 -0.89 -17.01
CA GLY E 149 -18.26 0.21 -17.45
C GLY E 149 -18.00 0.06 -18.92
N GLY E 150 -17.25 0.98 -19.49
CA GLY E 150 -16.98 0.89 -20.90
C GLY E 150 -16.45 2.20 -21.41
N SER E 151 -16.38 2.34 -22.72
CA SER E 151 -15.86 3.56 -23.33
C SER E 151 -16.63 3.90 -24.59
N ASP E 152 -16.69 5.17 -24.96
CA ASP E 152 -17.39 5.53 -26.19
C ASP E 152 -16.38 5.34 -27.32
N PHE E 153 -15.38 4.54 -27.01
CA PHE E 153 -14.32 4.16 -27.94
C PHE E 153 -14.94 3.19 -28.92
N ASP E 154 -14.80 3.48 -30.22
CA ASP E 154 -15.36 2.62 -31.25
C ASP E 154 -14.30 1.66 -31.80
N PRO E 155 -14.43 0.37 -31.49
CA PRO E 155 -13.43 -0.57 -32.01
C PRO E 155 -13.45 -0.73 -33.54
N LYS E 156 -14.63 -0.66 -34.14
CA LYS E 156 -14.75 -0.82 -35.59
C LYS E 156 -13.83 0.12 -36.36
N GLY E 157 -13.07 -0.45 -37.30
CA GLY E 157 -12.16 0.36 -38.09
C GLY E 157 -10.79 0.54 -37.47
N LYS E 158 -10.56 -0.06 -36.31
CA LYS E 158 -9.27 0.05 -35.65
C LYS E 158 -8.31 -1.13 -35.90
N SER E 159 -7.02 -0.83 -35.91
CA SER E 159 -6.00 -1.85 -36.10
C SER E 159 -5.93 -2.59 -34.77
N ASP E 160 -5.22 -3.70 -34.75
CA ASP E 160 -5.09 -4.45 -33.52
C ASP E 160 -4.24 -3.54 -32.62
N ASN E 161 -3.18 -2.97 -33.20
CA ASN E 161 -2.31 -2.08 -32.46
C ASN E 161 -3.04 -0.92 -31.79
N GLU E 162 -4.20 -0.55 -32.30
CA GLU E 162 -4.96 0.55 -31.70
C GLU E 162 -5.80 0.05 -30.57
N ILE E 163 -6.47 -1.09 -30.78
CA ILE E 163 -7.29 -1.67 -29.74
C ILE E 163 -6.41 -1.93 -28.52
N LEU E 164 -5.15 -2.27 -28.78
CA LEU E 164 -4.19 -2.52 -27.73
C LEU E 164 -3.81 -1.25 -26.96
N LYS E 165 -3.36 -0.23 -27.68
CA LYS E 165 -2.97 1.02 -27.05
C LYS E 165 -4.13 1.57 -26.26
N PHE E 166 -5.34 1.45 -26.80
CA PHE E 166 -6.47 1.96 -26.04
C PHE E 166 -6.72 1.08 -24.84
N CYS E 167 -6.50 -0.23 -25.00
CA CYS E 167 -6.70 -1.16 -23.90
C CYS E 167 -5.70 -0.96 -22.78
N GLN E 168 -4.49 -0.55 -23.13
CA GLN E 168 -3.45 -0.31 -22.13
C GLN E 168 -3.69 1.02 -21.43
N ALA E 169 -4.22 1.97 -22.19
CA ALA E 169 -4.51 3.30 -21.66
C ALA E 169 -5.68 3.23 -20.69
N PHE E 170 -6.70 2.48 -21.08
CA PHE E 170 -7.91 2.30 -20.28
C PHE E 170 -7.53 1.72 -18.91
N MET E 171 -6.79 0.61 -18.93
CA MET E 171 -6.36 -0.03 -17.70
C MET E 171 -5.36 0.81 -16.91
N ASN E 172 -4.67 1.71 -17.60
CA ASN E 172 -3.71 2.57 -16.94
C ASN E 172 -4.39 3.45 -15.90
N GLU E 173 -5.71 3.46 -15.89
CA GLU E 173 -6.46 4.24 -14.93
C GLU E 173 -7.36 3.31 -14.13
N LEU E 174 -8.03 2.42 -14.85
CA LEU E 174 -8.96 1.46 -14.24
C LEU E 174 -8.41 0.52 -13.16
N TYR E 175 -7.18 0.08 -13.35
CA TYR E 175 -6.55 -0.86 -12.43
C TYR E 175 -6.65 -0.45 -10.96
N ARG E 176 -6.45 0.83 -10.69
CA ARG E 176 -6.45 1.35 -9.33
C ARG E 176 -7.78 1.20 -8.61
N HIS E 177 -8.83 0.88 -9.37
CA HIS E 177 -10.17 0.72 -8.80
C HIS E 177 -10.66 -0.74 -8.77
N ILE E 178 -9.93 -1.65 -9.41
CA ILE E 178 -10.32 -3.06 -9.45
C ILE E 178 -9.33 -4.05 -8.83
N GLY E 179 -9.78 -5.28 -8.63
CA GLY E 179 -8.94 -6.31 -8.04
C GLY E 179 -9.70 -7.60 -7.82
N PRO E 180 -9.02 -8.74 -7.61
CA PRO E 180 -9.68 -10.04 -7.38
C PRO E 180 -10.85 -10.02 -6.41
N CYS E 181 -10.71 -9.28 -5.31
CA CYS E 181 -11.76 -9.22 -4.31
C CYS E 181 -12.39 -7.85 -4.19
N THR E 182 -12.32 -7.07 -5.25
CA THR E 182 -12.89 -5.73 -5.23
C THR E 182 -13.86 -5.52 -6.35
N ASP E 183 -13.38 -5.66 -7.57
CA ASP E 183 -14.20 -5.45 -8.76
C ASP E 183 -13.60 -6.23 -9.93
N VAL E 184 -14.32 -7.24 -10.38
CA VAL E 184 -13.87 -8.08 -11.49
C VAL E 184 -14.61 -7.84 -12.79
N PRO E 185 -14.12 -6.90 -13.60
CA PRO E 185 -14.81 -6.65 -14.88
C PRO E 185 -14.74 -7.86 -15.79
N ALA E 186 -15.53 -7.83 -16.85
CA ALA E 186 -15.60 -8.91 -17.82
C ALA E 186 -15.79 -8.28 -19.19
N GLY E 187 -16.07 -9.10 -20.19
CA GLY E 187 -16.29 -8.58 -21.52
C GLY E 187 -17.73 -8.23 -21.81
N ASP E 188 -17.96 -7.73 -23.01
CA ASP E 188 -19.27 -7.32 -23.48
C ASP E 188 -19.09 -6.81 -24.93
N ILE E 189 -20.09 -6.12 -25.46
CA ILE E 189 -19.95 -5.61 -26.81
C ILE E 189 -18.72 -4.73 -26.86
N GLY E 190 -17.84 -5.02 -27.83
CA GLY E 190 -16.62 -4.25 -28.00
C GLY E 190 -15.42 -4.87 -27.32
N VAL E 191 -15.68 -5.63 -26.25
CA VAL E 191 -14.64 -6.29 -25.49
C VAL E 191 -14.81 -7.81 -25.53
N GLY E 192 -14.02 -8.46 -26.38
CA GLY E 192 -14.08 -9.90 -26.50
C GLY E 192 -12.84 -10.48 -25.87
N GLY E 193 -12.39 -11.63 -26.36
CA GLY E 193 -11.20 -12.24 -25.81
C GLY E 193 -9.95 -11.41 -26.05
N ARG E 194 -9.85 -10.85 -27.24
CA ARG E 194 -8.69 -10.04 -27.59
C ARG E 194 -8.52 -8.86 -26.65
N GLU E 195 -9.58 -8.12 -26.44
CA GLU E 195 -9.51 -6.95 -25.58
C GLU E 195 -9.14 -7.35 -24.15
N ILE E 196 -9.87 -8.31 -23.58
CA ILE E 196 -9.60 -8.76 -22.23
C ILE E 196 -8.17 -9.29 -22.11
N GLY E 197 -7.61 -9.78 -23.22
CA GLY E 197 -6.25 -10.26 -23.21
C GLY E 197 -5.28 -9.10 -23.02
N TYR E 198 -5.55 -7.99 -23.71
CA TYR E 198 -4.71 -6.79 -23.61
C TYR E 198 -5.01 -6.04 -22.31
N LEU E 199 -6.25 -6.11 -21.83
CA LEU E 199 -6.59 -5.44 -20.59
C LEU E 199 -5.88 -6.14 -19.43
N TYR E 200 -5.90 -7.47 -19.45
CA TYR E 200 -5.27 -8.28 -18.40
C TYR E 200 -3.77 -8.09 -18.47
N GLY E 201 -3.24 -8.09 -19.68
CA GLY E 201 -1.81 -7.92 -19.87
C GLY E 201 -1.33 -6.63 -19.24
N GLN E 202 -2.01 -5.51 -19.52
CA GLN E 202 -1.60 -4.23 -18.98
C GLN E 202 -1.71 -4.25 -17.46
N TYR E 203 -2.81 -4.77 -16.96
CA TYR E 203 -3.05 -4.86 -15.51
C TYR E 203 -1.93 -5.61 -14.82
N LYS E 204 -1.65 -6.82 -15.29
CA LYS E 204 -0.61 -7.64 -14.69
C LYS E 204 0.73 -6.91 -14.76
N LYS E 205 0.89 -6.09 -15.80
CA LYS E 205 2.11 -5.35 -16.00
C LYS E 205 2.29 -4.24 -14.98
N ILE E 206 1.23 -3.49 -14.71
CA ILE E 206 1.32 -2.40 -13.78
C ILE E 206 1.31 -2.83 -12.32
N VAL E 207 0.31 -3.63 -11.97
CA VAL E 207 0.15 -4.12 -10.61
C VAL E 207 1.10 -5.25 -10.22
N ASN E 208 1.61 -5.99 -11.21
CA ASN E 208 2.54 -7.07 -10.92
C ASN E 208 1.86 -8.16 -10.12
N SER E 209 0.78 -8.68 -10.67
CA SER E 209 0.07 -9.74 -10.00
C SER E 209 -0.66 -10.55 -11.06
N PHE E 210 -0.74 -11.86 -10.84
CA PHE E 210 -1.42 -12.77 -11.75
C PHE E 210 -2.63 -13.29 -11.00
N ASN E 211 -3.80 -12.72 -11.26
CA ASN E 211 -5.03 -13.13 -10.60
C ASN E 211 -6.27 -13.07 -11.51
N GLY E 212 -7.44 -13.31 -10.93
CA GLY E 212 -8.68 -13.28 -11.69
C GLY E 212 -9.44 -11.96 -11.64
N THR E 213 -8.72 -10.84 -11.79
CA THR E 213 -9.32 -9.51 -11.76
C THR E 213 -10.22 -9.29 -12.96
N LEU E 214 -10.08 -10.14 -13.97
CA LEU E 214 -10.91 -10.09 -15.18
C LEU E 214 -11.33 -11.48 -15.60
N THR E 215 -12.59 -11.65 -15.94
CA THR E 215 -13.06 -12.96 -16.39
C THR E 215 -13.17 -12.91 -17.92
N GLY E 216 -13.37 -14.05 -18.54
CA GLY E 216 -13.46 -14.08 -19.98
C GLY E 216 -12.11 -14.30 -20.60
N LYS E 217 -11.14 -14.64 -19.75
CA LYS E 217 -9.77 -14.88 -20.17
C LYS E 217 -9.59 -16.18 -20.95
N ASN E 218 -8.43 -16.28 -21.61
CA ASN E 218 -8.06 -17.43 -22.41
C ASN E 218 -7.76 -18.60 -21.46
N VAL E 219 -8.18 -19.79 -21.86
CA VAL E 219 -7.95 -20.99 -21.06
C VAL E 219 -6.46 -21.22 -20.78
N LYS E 220 -5.58 -20.55 -21.53
CA LYS E 220 -4.15 -20.72 -21.32
C LYS E 220 -3.58 -19.92 -20.15
N TRP E 221 -4.30 -18.91 -19.70
CA TRP E 221 -3.83 -18.13 -18.58
C TRP E 221 -4.91 -17.71 -17.60
N GLY E 222 -5.73 -18.66 -17.16
CA GLY E 222 -6.76 -18.36 -16.20
C GLY E 222 -8.20 -18.58 -16.62
N GLY E 223 -8.44 -18.73 -17.91
CA GLY E 223 -9.80 -18.91 -18.38
C GLY E 223 -10.46 -20.21 -17.99
N SER E 224 -11.76 -20.29 -18.23
CA SER E 224 -12.55 -21.48 -17.92
C SER E 224 -13.05 -22.13 -19.19
N ASN E 225 -13.33 -23.43 -19.14
CA ASN E 225 -13.89 -24.13 -20.29
C ASN E 225 -15.36 -23.71 -20.26
N LEU E 226 -16.04 -23.79 -21.39
CA LEU E 226 -17.45 -23.39 -21.47
C LEU E 226 -17.61 -21.89 -21.38
N ARG E 227 -16.51 -21.16 -21.38
CA ARG E 227 -16.56 -19.71 -21.29
C ARG E 227 -17.41 -19.12 -22.42
N VAL E 228 -17.42 -19.82 -23.56
CA VAL E 228 -18.15 -19.42 -24.75
C VAL E 228 -19.56 -20.03 -24.83
N GLU E 229 -19.73 -21.26 -24.38
CA GLU E 229 -21.03 -21.95 -24.42
C GLU E 229 -21.98 -21.58 -23.27
N ALA E 230 -21.43 -21.02 -22.20
CA ALA E 230 -22.17 -20.66 -20.99
C ALA E 230 -23.55 -20.05 -21.17
N THR E 231 -23.61 -18.85 -21.72
CA THR E 231 -24.89 -18.18 -21.90
C THR E 231 -25.83 -19.02 -22.75
N GLY E 232 -25.40 -19.40 -23.95
CA GLY E 232 -26.22 -20.23 -24.81
C GLY E 232 -26.74 -21.49 -24.13
N TYR E 233 -25.93 -22.12 -23.28
CA TYR E 233 -26.35 -23.32 -22.59
C TYR E 233 -27.31 -23.02 -21.45
N GLY E 234 -26.93 -22.04 -20.64
CA GLY E 234 -27.74 -21.65 -19.49
C GLY E 234 -29.16 -21.39 -19.91
N LEU E 235 -29.29 -20.71 -21.04
CA LEU E 235 -30.57 -20.37 -21.63
C LEU E 235 -31.43 -21.61 -21.86
N VAL E 236 -30.89 -22.59 -22.58
CA VAL E 236 -31.62 -23.83 -22.84
C VAL E 236 -31.87 -24.58 -21.52
N TYR E 237 -30.89 -24.58 -20.62
CA TYR E 237 -31.08 -25.27 -19.34
C TYR E 237 -32.22 -24.62 -18.58
N PHE E 238 -32.28 -23.30 -18.58
CA PHE E 238 -33.34 -22.62 -17.88
C PHE E 238 -34.71 -22.98 -18.46
N VAL E 239 -34.80 -23.00 -19.78
CA VAL E 239 -36.05 -23.34 -20.42
C VAL E 239 -36.38 -24.81 -20.26
N LEU E 240 -35.38 -25.67 -20.17
CA LEU E 240 -35.65 -27.10 -19.99
C LEU E 240 -36.24 -27.26 -18.61
N GLU E 241 -35.69 -26.52 -17.67
CA GLU E 241 -36.14 -26.53 -16.29
C GLU E 241 -37.63 -26.10 -16.22
N VAL E 242 -37.99 -25.04 -16.96
CA VAL E 242 -39.38 -24.57 -17.00
C VAL E 242 -40.23 -25.66 -17.68
N LEU E 243 -39.74 -26.17 -18.79
CA LEU E 243 -40.48 -27.21 -19.50
C LEU E 243 -40.67 -28.45 -18.63
N LYS E 244 -39.64 -28.84 -17.91
CA LYS E 244 -39.74 -30.01 -17.06
C LYS E 244 -40.77 -29.88 -15.94
N SER E 245 -40.92 -28.69 -15.41
CA SER E 245 -41.87 -28.45 -14.31
C SER E 245 -43.32 -28.40 -14.74
N LEU E 246 -43.54 -28.26 -16.04
CA LEU E 246 -44.87 -28.19 -16.58
C LEU E 246 -45.19 -29.54 -17.21
N ASN E 247 -44.16 -30.38 -17.30
CA ASN E 247 -44.28 -31.70 -17.89
C ASN E 247 -44.46 -31.64 -19.42
N ILE E 248 -43.89 -30.61 -20.04
CA ILE E 248 -43.96 -30.45 -21.47
C ILE E 248 -42.72 -31.13 -22.11
N PRO E 249 -42.92 -32.23 -22.86
CA PRO E 249 -41.82 -32.99 -23.51
C PRO E 249 -40.90 -32.07 -24.30
N VAL E 250 -39.65 -31.97 -23.89
CA VAL E 250 -38.75 -31.07 -24.59
C VAL E 250 -38.45 -31.55 -26.00
N GLU E 251 -38.45 -32.87 -26.21
CA GLU E 251 -38.15 -33.39 -27.54
C GLU E 251 -39.37 -33.37 -28.44
N LYS E 252 -40.33 -32.50 -28.16
CA LYS E 252 -41.51 -32.39 -29.00
C LYS E 252 -41.77 -30.95 -29.30
N GLN E 253 -40.78 -30.13 -28.99
CA GLN E 253 -40.82 -28.69 -29.17
C GLN E 253 -40.12 -28.27 -30.46
N THR E 254 -40.46 -27.09 -30.96
CA THR E 254 -39.84 -26.55 -32.16
C THR E 254 -39.36 -25.16 -31.77
N ALA E 255 -38.10 -24.87 -32.03
CA ALA E 255 -37.55 -23.58 -31.65
C ALA E 255 -37.15 -22.68 -32.80
N VAL E 256 -37.36 -21.39 -32.59
CA VAL E 256 -37.00 -20.35 -33.55
C VAL E 256 -36.01 -19.45 -32.79
N VAL E 257 -34.83 -19.27 -33.38
CA VAL E 257 -33.80 -18.47 -32.72
C VAL E 257 -33.34 -17.32 -33.59
N SER E 258 -33.03 -16.20 -32.96
CA SER E 258 -32.55 -15.03 -33.68
C SER E 258 -31.13 -14.80 -33.21
N GLY E 259 -30.37 -14.03 -34.00
CA GLY E 259 -28.98 -13.77 -33.65
C GLY E 259 -28.10 -14.88 -34.20
N SER E 260 -26.80 -14.64 -34.18
CA SER E 260 -25.81 -15.60 -34.68
C SER E 260 -24.56 -15.53 -33.82
N GLY E 261 -24.67 -14.86 -32.67
CA GLY E 261 -23.55 -14.75 -31.76
C GLY E 261 -23.27 -16.04 -30.98
N ASN E 262 -22.50 -15.91 -29.91
CA ASN E 262 -22.18 -17.08 -29.10
C ASN E 262 -23.39 -17.56 -28.32
N VAL E 263 -24.41 -16.71 -28.15
CA VAL E 263 -25.61 -17.07 -27.40
C VAL E 263 -26.54 -17.89 -28.28
N ALA E 264 -26.81 -17.39 -29.47
CA ALA E 264 -27.70 -18.11 -30.38
C ALA E 264 -27.04 -19.40 -30.84
N LEU E 265 -25.75 -19.34 -31.13
CA LEU E 265 -24.98 -20.48 -31.60
C LEU E 265 -25.00 -21.69 -30.67
N TYR E 266 -24.73 -21.49 -29.38
CA TYR E 266 -24.72 -22.59 -28.44
C TYR E 266 -26.08 -22.95 -27.85
N CYS E 267 -27.04 -22.04 -27.98
CA CYS E 267 -28.40 -22.30 -27.53
C CYS E 267 -28.90 -23.39 -28.47
N VAL E 268 -28.64 -23.18 -29.76
CA VAL E 268 -29.04 -24.12 -30.79
C VAL E 268 -28.30 -25.42 -30.62
N GLN E 269 -27.02 -25.34 -30.26
CA GLN E 269 -26.23 -26.55 -30.08
C GLN E 269 -26.80 -27.38 -28.93
N LYS E 270 -27.17 -26.73 -27.83
CA LYS E 270 -27.74 -27.47 -26.72
C LYS E 270 -29.15 -27.95 -27.08
N LEU E 271 -29.84 -27.15 -27.87
CA LEU E 271 -31.18 -27.51 -28.29
C LEU E 271 -31.14 -28.76 -29.11
N LEU E 272 -30.17 -28.86 -30.01
CA LEU E 272 -30.06 -30.04 -30.86
C LEU E 272 -29.74 -31.27 -30.03
N HIS E 273 -28.87 -31.11 -29.03
CA HIS E 273 -28.49 -32.22 -28.17
C HIS E 273 -29.69 -32.75 -27.40
N LEU E 274 -30.57 -31.84 -27.01
CA LEU E 274 -31.77 -32.24 -26.28
C LEU E 274 -32.85 -32.72 -27.23
N ASN E 275 -32.50 -32.86 -28.52
CA ASN E 275 -33.42 -33.33 -29.53
C ASN E 275 -34.57 -32.38 -29.89
N VAL E 276 -34.30 -31.09 -29.80
CA VAL E 276 -35.28 -30.06 -30.12
C VAL E 276 -35.04 -29.68 -31.58
N LYS E 277 -36.11 -29.41 -32.33
CA LYS E 277 -35.93 -29.01 -33.71
C LYS E 277 -35.75 -27.50 -33.82
N VAL E 278 -34.60 -27.08 -34.35
CA VAL E 278 -34.29 -25.67 -34.52
C VAL E 278 -34.50 -25.31 -35.98
N LEU E 279 -35.25 -24.25 -36.23
CA LEU E 279 -35.52 -23.88 -37.60
C LEU E 279 -34.76 -22.67 -38.09
N THR E 280 -34.21 -21.87 -37.20
CA THR E 280 -33.53 -20.65 -37.65
C THR E 280 -32.38 -20.13 -36.81
N LEU E 281 -31.72 -19.12 -37.38
CA LEU E 281 -30.62 -18.37 -36.80
C LEU E 281 -30.70 -17.09 -37.64
N SER E 282 -30.04 -16.00 -37.23
CA SER E 282 -30.16 -14.79 -38.02
C SER E 282 -29.02 -13.81 -37.90
N ASP E 283 -28.98 -12.88 -38.85
CA ASP E 283 -27.96 -11.83 -38.93
C ASP E 283 -28.73 -10.53 -39.00
N SER E 284 -28.12 -9.42 -38.62
CA SER E 284 -28.82 -8.14 -38.68
C SER E 284 -29.27 -7.82 -40.14
N ASN E 285 -28.84 -8.65 -41.10
CA ASN E 285 -29.20 -8.46 -42.49
C ASN E 285 -30.38 -9.33 -42.90
N GLY E 286 -30.51 -10.49 -42.28
CA GLY E 286 -31.61 -11.38 -42.62
C GLY E 286 -31.48 -12.66 -41.85
N TYR E 287 -32.49 -13.53 -41.93
CA TYR E 287 -32.45 -14.79 -41.20
C TYR E 287 -32.41 -15.99 -42.14
N VAL E 288 -31.90 -17.11 -41.61
CA VAL E 288 -31.77 -18.35 -42.37
C VAL E 288 -32.79 -19.40 -41.87
N TYR E 289 -33.23 -20.25 -42.78
CA TYR E 289 -34.25 -21.25 -42.46
C TYR E 289 -33.93 -22.67 -42.96
N GLU E 290 -33.98 -23.65 -42.06
CA GLU E 290 -33.74 -25.06 -42.42
C GLU E 290 -35.05 -25.83 -42.29
N PRO E 291 -35.72 -26.06 -43.41
CA PRO E 291 -37.01 -26.77 -43.55
C PRO E 291 -37.19 -27.93 -42.60
N ASN E 292 -36.26 -28.87 -42.65
CA ASN E 292 -36.27 -30.06 -41.82
C ASN E 292 -35.63 -29.90 -40.44
N GLY E 293 -35.17 -28.68 -40.14
CA GLY E 293 -34.53 -28.42 -38.87
C GLY E 293 -33.04 -28.34 -39.05
N PHE E 294 -32.31 -27.80 -38.08
CA PHE E 294 -30.86 -27.71 -38.22
C PHE E 294 -30.16 -28.96 -37.78
N THR E 295 -28.92 -29.12 -38.25
CA THR E 295 -28.12 -30.29 -37.91
C THR E 295 -26.85 -29.88 -37.19
N HIS E 296 -26.27 -30.84 -36.48
CA HIS E 296 -25.03 -30.62 -35.77
C HIS E 296 -23.98 -30.16 -36.79
N GLU E 297 -23.98 -30.79 -37.96
CA GLU E 297 -23.04 -30.44 -39.01
C GLU E 297 -23.26 -29.02 -39.49
N ASN E 298 -24.53 -28.68 -39.75
CA ASN E 298 -24.93 -27.35 -40.22
C ASN E 298 -24.45 -26.30 -39.23
N LEU E 299 -24.71 -26.59 -37.95
CA LEU E 299 -24.35 -25.70 -36.86
C LEU E 299 -22.83 -25.53 -36.82
N GLU E 300 -22.11 -26.55 -37.29
CA GLU E 300 -20.65 -26.52 -37.34
C GLU E 300 -20.16 -25.58 -38.44
N PHE E 301 -20.92 -25.48 -39.53
CA PHE E 301 -20.56 -24.56 -40.61
C PHE E 301 -20.73 -23.14 -40.07
N LEU E 302 -21.96 -22.85 -39.62
CA LEU E 302 -22.35 -21.55 -39.06
C LEU E 302 -21.42 -21.09 -37.96
N ILE E 303 -21.08 -22.01 -37.10
CA ILE E 303 -20.22 -21.73 -35.97
C ILE E 303 -18.77 -21.50 -36.37
N ASP E 304 -18.05 -22.59 -36.60
CA ASP E 304 -16.63 -22.46 -36.94
C ASP E 304 -16.40 -21.92 -38.34
N LEU E 305 -17.04 -20.80 -38.63
CA LEU E 305 -16.85 -20.15 -39.91
C LEU E 305 -17.51 -18.78 -39.89
N LYS E 306 -18.82 -18.73 -39.67
CA LYS E 306 -19.47 -17.44 -39.65
C LYS E 306 -19.52 -16.90 -38.23
N GLU E 307 -18.32 -16.89 -37.64
CA GLU E 307 -18.03 -16.43 -36.29
C GLU E 307 -16.52 -16.67 -36.10
N GLU E 308 -16.02 -17.68 -36.83
CA GLU E 308 -14.60 -18.00 -36.79
C GLU E 308 -13.88 -17.18 -37.86
N LYS E 309 -14.63 -16.79 -38.90
CA LYS E 309 -14.16 -15.96 -40.01
C LYS E 309 -14.96 -14.64 -39.99
N LYS E 310 -16.10 -14.68 -39.32
CA LYS E 310 -16.99 -13.52 -39.16
C LYS E 310 -17.76 -13.10 -40.44
N GLY E 311 -18.25 -14.08 -41.20
CA GLY E 311 -18.98 -13.77 -42.41
C GLY E 311 -20.40 -13.25 -42.20
N ARG E 312 -21.26 -13.49 -43.18
CA ARG E 312 -22.66 -13.08 -43.13
C ARG E 312 -23.44 -14.37 -43.21
N ILE E 313 -24.44 -14.52 -42.34
CA ILE E 313 -25.21 -15.76 -42.28
C ILE E 313 -25.73 -16.21 -43.66
N LYS E 314 -25.59 -15.34 -44.66
CA LYS E 314 -26.01 -15.65 -46.04
C LYS E 314 -25.12 -16.75 -46.59
N GLU E 315 -23.84 -16.70 -46.25
CA GLU E 315 -22.88 -17.70 -46.70
C GLU E 315 -23.31 -19.09 -46.26
N TYR E 316 -24.26 -19.14 -45.33
CA TYR E 316 -24.75 -20.44 -44.89
C TYR E 316 -25.22 -21.23 -46.11
N LEU E 317 -25.69 -20.54 -47.15
CA LEU E 317 -26.19 -21.25 -48.31
C LEU E 317 -25.12 -22.01 -49.08
N ASN E 318 -23.86 -21.61 -48.94
CA ASN E 318 -22.78 -22.31 -49.63
C ASN E 318 -22.52 -23.67 -49.00
N HIS E 319 -23.26 -23.97 -47.92
CA HIS E 319 -23.13 -25.23 -47.19
C HIS E 319 -24.37 -26.09 -47.24
N SER E 320 -25.54 -25.45 -47.26
CA SER E 320 -26.80 -26.19 -47.28
C SER E 320 -27.61 -25.88 -48.51
N SER E 321 -27.78 -26.88 -49.36
CA SER E 321 -28.56 -26.68 -50.59
C SER E 321 -30.01 -26.66 -50.19
N THR E 322 -30.27 -27.03 -48.95
CA THR E 322 -31.63 -27.09 -48.49
C THR E 322 -32.09 -25.82 -47.72
N ALA E 323 -31.13 -24.97 -47.39
CA ALA E 323 -31.43 -23.75 -46.66
C ALA E 323 -32.01 -22.68 -47.56
N LYS E 324 -32.41 -21.57 -46.93
CA LYS E 324 -32.99 -20.46 -47.63
C LYS E 324 -32.85 -19.25 -46.72
N TYR E 325 -32.41 -18.15 -47.31
CA TYR E 325 -32.18 -16.90 -46.60
C TYR E 325 -33.33 -15.94 -46.86
N PHE E 326 -33.60 -15.05 -45.92
CA PHE E 326 -34.65 -14.08 -46.09
C PHE E 326 -34.08 -12.71 -45.80
N PRO E 327 -33.79 -11.95 -46.84
CA PRO E 327 -33.23 -10.61 -46.63
C PRO E 327 -34.16 -9.74 -45.82
N ASN E 328 -33.54 -8.94 -44.96
CA ASN E 328 -34.22 -7.99 -44.11
C ASN E 328 -35.47 -8.47 -43.36
N GLU E 329 -35.37 -9.65 -42.75
CA GLU E 329 -36.48 -10.22 -41.98
C GLU E 329 -36.01 -10.89 -40.68
N LYS E 330 -36.94 -11.03 -39.74
CA LYS E 330 -36.66 -11.68 -38.47
C LYS E 330 -37.35 -13.02 -38.57
N PRO E 331 -36.96 -13.98 -37.73
CA PRO E 331 -37.52 -15.34 -37.71
C PRO E 331 -38.91 -15.47 -37.13
N TRP E 332 -39.38 -14.45 -36.45
CA TRP E 332 -40.69 -14.51 -35.76
C TRP E 332 -41.93 -14.94 -36.53
N GLY E 333 -41.85 -14.93 -37.86
CA GLY E 333 -42.99 -15.36 -38.62
C GLY E 333 -43.00 -16.87 -38.81
N VAL E 334 -41.95 -17.52 -38.34
CA VAL E 334 -41.83 -18.95 -38.47
C VAL E 334 -42.47 -19.62 -37.26
N PRO E 335 -43.47 -20.47 -37.49
CA PRO E 335 -44.17 -21.16 -36.41
C PRO E 335 -43.24 -21.96 -35.49
N CYS E 336 -43.43 -21.81 -34.18
CA CYS E 336 -42.62 -22.50 -33.21
C CYS E 336 -43.40 -22.63 -31.91
N THR E 337 -42.82 -23.35 -30.95
CA THR E 337 -43.43 -23.51 -29.65
C THR E 337 -42.51 -22.74 -28.72
N LEU E 338 -41.22 -22.71 -29.10
CA LEU E 338 -40.20 -22.02 -28.33
C LEU E 338 -39.54 -20.92 -29.15
N ALA E 339 -39.43 -19.73 -28.57
CA ALA E 339 -38.80 -18.61 -29.27
C ALA E 339 -37.55 -18.17 -28.50
N PHE E 340 -36.41 -18.07 -29.17
CA PHE E 340 -35.19 -17.67 -28.49
C PHE E 340 -34.51 -16.43 -29.05
N PRO E 341 -34.95 -15.24 -28.66
CA PRO E 341 -34.41 -13.94 -29.08
C PRO E 341 -32.98 -13.78 -28.60
N CYS E 342 -32.00 -14.03 -29.44
CA CYS E 342 -30.61 -13.91 -29.01
C CYS E 342 -29.88 -12.88 -29.84
N ALA E 343 -30.59 -11.85 -30.26
CA ALA E 343 -29.98 -10.85 -31.11
C ALA E 343 -29.73 -9.51 -30.45
N THR E 344 -30.62 -8.55 -30.65
CA THR E 344 -30.43 -7.23 -30.08
C THR E 344 -31.56 -6.81 -29.17
N GLN E 345 -31.45 -5.59 -28.65
CA GLN E 345 -32.46 -5.07 -27.77
C GLN E 345 -33.68 -4.73 -28.63
N ASN E 346 -34.87 -5.05 -28.12
CA ASN E 346 -36.11 -4.79 -28.85
C ASN E 346 -36.23 -5.57 -30.18
N ASP E 347 -35.62 -6.76 -30.20
CA ASP E 347 -35.63 -7.67 -31.34
C ASP E 347 -37.11 -8.02 -31.62
N VAL E 348 -37.80 -8.59 -30.65
CA VAL E 348 -39.22 -8.94 -30.79
C VAL E 348 -40.12 -7.72 -30.50
N ASP E 349 -40.96 -7.31 -31.45
CA ASP E 349 -41.89 -6.19 -31.23
C ASP E 349 -43.32 -6.73 -31.07
N LEU E 350 -44.30 -5.82 -31.07
CA LEU E 350 -45.73 -6.19 -30.89
C LEU E 350 -46.28 -7.12 -31.98
N ASP E 351 -46.06 -6.75 -33.23
CA ASP E 351 -46.56 -7.55 -34.33
C ASP E 351 -45.89 -8.91 -34.35
N GLN E 352 -44.62 -8.94 -33.98
CA GLN E 352 -43.89 -10.19 -33.94
C GLN E 352 -44.37 -11.08 -32.82
N ALA E 353 -44.76 -10.49 -31.70
CA ALA E 353 -45.25 -11.28 -30.57
C ALA E 353 -46.62 -11.83 -30.95
N LYS E 354 -47.30 -11.14 -31.87
CA LYS E 354 -48.62 -11.57 -32.33
C LYS E 354 -48.48 -12.77 -33.24
N LEU E 355 -47.50 -12.76 -34.14
CA LEU E 355 -47.31 -13.88 -35.04
C LEU E 355 -46.96 -15.12 -34.23
N LEU E 356 -45.98 -14.95 -33.35
CA LEU E 356 -45.51 -16.00 -32.48
C LEU E 356 -46.72 -16.51 -31.70
N GLN E 357 -47.52 -15.58 -31.19
CA GLN E 357 -48.71 -15.92 -30.44
C GLN E 357 -49.70 -16.73 -31.28
N LYS E 358 -50.10 -16.22 -32.44
CA LYS E 358 -51.05 -16.95 -33.25
C LYS E 358 -50.45 -18.19 -33.91
N ASN E 359 -49.12 -18.35 -33.85
CA ASN E 359 -48.50 -19.52 -34.45
C ASN E 359 -48.29 -20.69 -33.50
N GLY E 360 -48.62 -20.52 -32.23
CA GLY E 360 -48.48 -21.61 -31.28
C GLY E 360 -47.39 -21.48 -30.23
N CYS E 361 -46.62 -20.41 -30.31
CA CYS E 361 -45.55 -20.21 -29.36
C CYS E 361 -46.08 -20.33 -27.95
N ILE E 362 -45.39 -21.08 -27.10
CA ILE E 362 -45.82 -21.28 -25.71
C ILE E 362 -44.86 -20.70 -24.67
N LEU E 363 -43.63 -20.41 -25.08
CA LEU E 363 -42.65 -19.84 -24.16
C LEU E 363 -41.65 -19.01 -24.93
N VAL E 364 -41.10 -18.00 -24.27
CA VAL E 364 -40.10 -17.15 -24.89
C VAL E 364 -38.91 -17.18 -23.95
N GLY E 365 -37.74 -17.46 -24.52
CA GLY E 365 -36.53 -17.50 -23.75
C GLY E 365 -35.64 -16.35 -24.15
N GLU E 366 -35.49 -15.39 -23.27
CA GLU E 366 -34.66 -14.25 -23.58
C GLU E 366 -33.20 -14.58 -23.52
N GLY E 367 -32.59 -14.66 -24.71
CA GLY E 367 -31.17 -14.94 -24.81
C GLY E 367 -30.37 -13.67 -24.74
N ALA E 368 -30.88 -12.64 -25.40
CA ALA E 368 -30.23 -11.34 -25.42
C ALA E 368 -30.76 -10.46 -24.29
N ASN E 369 -30.34 -9.21 -24.26
CA ASN E 369 -30.76 -8.25 -23.26
C ASN E 369 -32.04 -7.57 -23.70
N MET E 370 -33.10 -7.73 -22.90
CA MET E 370 -34.42 -7.16 -23.19
C MET E 370 -34.72 -7.12 -24.70
N PRO E 371 -34.79 -8.31 -25.33
CA PRO E 371 -35.07 -8.43 -26.76
C PRO E 371 -36.51 -8.11 -27.10
N SER E 372 -37.41 -8.47 -26.19
CA SER E 372 -38.82 -8.22 -26.41
C SER E 372 -39.18 -6.80 -26.05
N THR E 373 -39.95 -6.18 -26.91
CA THR E 373 -40.41 -4.83 -26.71
C THR E 373 -41.34 -4.82 -25.51
N VAL E 374 -41.63 -3.64 -24.96
CA VAL E 374 -42.51 -3.58 -23.81
C VAL E 374 -43.91 -4.06 -24.17
N ASP E 375 -44.39 -3.74 -25.38
CA ASP E 375 -45.72 -4.19 -25.79
C ASP E 375 -45.71 -5.67 -26.08
N ALA E 376 -44.55 -6.17 -26.48
CA ALA E 376 -44.43 -7.58 -26.79
C ALA E 376 -44.53 -8.39 -25.49
N ILE E 377 -43.89 -7.94 -24.42
CA ILE E 377 -43.98 -8.70 -23.18
C ILE E 377 -45.46 -8.78 -22.78
N ASN E 378 -46.13 -7.63 -22.76
CA ASN E 378 -47.54 -7.57 -22.39
C ASN E 378 -48.39 -8.54 -23.19
N LEU E 379 -48.15 -8.61 -24.50
CA LEU E 379 -48.89 -9.52 -25.34
C LEU E 379 -48.63 -10.95 -24.90
N PHE E 380 -47.37 -11.25 -24.57
CA PHE E 380 -46.97 -12.58 -24.13
C PHE E 380 -47.63 -12.98 -22.81
N LYS E 381 -47.57 -12.09 -21.82
CA LYS E 381 -48.15 -12.38 -20.51
C LYS E 381 -49.67 -12.43 -20.58
N SER E 382 -50.24 -11.53 -21.36
CA SER E 382 -51.68 -11.50 -21.49
C SER E 382 -52.23 -12.73 -22.21
N ASN E 383 -51.40 -13.38 -23.01
CA ASN E 383 -51.83 -14.55 -23.75
C ASN E 383 -51.39 -15.85 -23.15
N ASN E 384 -51.10 -15.83 -21.85
CA ASN E 384 -50.67 -17.03 -21.14
C ASN E 384 -49.44 -17.72 -21.79
N ILE E 385 -48.44 -16.92 -22.16
CA ILE E 385 -47.22 -17.43 -22.78
C ILE E 385 -46.03 -17.22 -21.83
N ILE E 386 -45.38 -18.31 -21.45
CA ILE E 386 -44.25 -18.25 -20.51
C ILE E 386 -43.14 -17.33 -20.98
N TYR E 387 -42.88 -16.30 -20.17
CA TYR E 387 -41.84 -15.32 -20.49
C TYR E 387 -40.62 -15.43 -19.59
N CYS E 388 -39.49 -15.83 -20.17
CA CYS E 388 -38.26 -15.98 -19.40
C CYS E 388 -37.38 -14.73 -19.48
N PRO E 389 -37.21 -14.05 -18.35
CA PRO E 389 -36.43 -12.81 -18.11
C PRO E 389 -34.95 -12.94 -18.35
N SER E 390 -34.40 -11.99 -19.08
CA SER E 390 -32.98 -11.95 -19.39
C SER E 390 -32.18 -12.21 -18.12
N LYS E 391 -32.52 -11.51 -17.05
CA LYS E 391 -31.84 -11.61 -15.76
C LYS E 391 -31.65 -13.04 -15.31
N ALA E 392 -32.63 -13.89 -15.61
CA ALA E 392 -32.55 -15.28 -15.22
C ALA E 392 -32.12 -16.27 -16.32
N ALA E 393 -32.76 -16.23 -17.48
CA ALA E 393 -32.47 -17.15 -18.58
C ALA E 393 -31.07 -17.07 -19.18
N ASN E 394 -30.52 -15.87 -19.31
CA ASN E 394 -29.20 -15.75 -19.87
C ASN E 394 -28.18 -15.45 -18.77
N ALA E 395 -28.49 -15.84 -17.54
CA ALA E 395 -27.57 -15.63 -16.43
C ALA E 395 -26.41 -16.61 -16.44
N GLY E 396 -26.51 -17.68 -17.21
CA GLY E 396 -25.42 -18.64 -17.29
C GLY E 396 -24.12 -18.01 -17.73
N GLY E 397 -24.21 -16.98 -18.56
CA GLY E 397 -23.02 -16.31 -19.03
C GLY E 397 -22.28 -15.67 -17.87
N VAL E 398 -23.02 -15.23 -16.84
CA VAL E 398 -22.44 -14.62 -15.65
C VAL E 398 -22.02 -15.70 -14.67
N ALA E 399 -22.71 -16.84 -14.70
CA ALA E 399 -22.39 -17.95 -13.81
C ALA E 399 -20.98 -18.49 -14.07
N ILE E 400 -20.66 -18.78 -15.34
CA ILE E 400 -19.33 -19.28 -15.68
C ILE E 400 -18.29 -18.27 -15.24
N SER E 401 -18.67 -17.01 -15.26
CA SER E 401 -17.81 -15.93 -14.84
C SER E 401 -17.41 -16.17 -13.39
N GLY E 402 -18.38 -16.43 -12.54
CA GLY E 402 -18.11 -16.68 -11.15
C GLY E 402 -17.32 -17.96 -11.01
N LEU E 403 -17.56 -18.90 -11.90
CA LEU E 403 -16.86 -20.16 -11.85
C LEU E 403 -15.43 -19.95 -12.31
N GLU E 404 -15.20 -18.92 -13.12
CA GLU E 404 -13.86 -18.60 -13.60
C GLU E 404 -13.06 -18.06 -12.42
N MET E 405 -13.70 -17.22 -11.60
CA MET E 405 -13.02 -16.68 -10.43
C MET E 405 -12.74 -17.81 -9.45
N SER E 406 -13.73 -18.66 -9.22
CA SER E 406 -13.56 -19.75 -8.29
C SER E 406 -12.36 -20.60 -8.70
N GLN E 407 -12.19 -20.84 -9.99
CA GLN E 407 -11.08 -21.63 -10.48
C GLN E 407 -9.74 -20.88 -10.35
N ASN E 408 -9.79 -19.55 -10.39
CA ASN E 408 -8.58 -18.74 -10.24
C ASN E 408 -8.17 -18.65 -8.77
N PHE E 409 -9.16 -18.63 -7.88
CA PHE E 409 -8.89 -18.56 -6.44
C PHE E 409 -8.35 -19.89 -5.90
N GLN E 410 -8.88 -20.99 -6.43
CA GLN E 410 -8.46 -22.32 -6.03
C GLN E 410 -7.21 -22.76 -6.78
N PHE E 411 -6.79 -21.92 -7.74
CA PHE E 411 -5.61 -22.22 -8.52
C PHE E 411 -5.85 -23.58 -9.16
N SER E 412 -7.03 -23.73 -9.73
CA SER E 412 -7.46 -24.96 -10.36
C SER E 412 -7.99 -24.74 -11.78
N HIS E 413 -8.32 -25.83 -12.47
CA HIS E 413 -8.85 -25.75 -13.81
C HIS E 413 -9.74 -26.96 -14.01
N TRP E 414 -11.02 -26.82 -13.69
CA TRP E 414 -11.95 -27.93 -13.83
C TRP E 414 -12.19 -28.35 -15.25
N THR E 415 -12.64 -29.58 -15.41
CA THR E 415 -12.92 -30.11 -16.73
C THR E 415 -14.15 -29.43 -17.30
N ARG E 416 -14.40 -29.63 -18.59
CA ARG E 416 -15.55 -29.04 -19.28
C ARG E 416 -16.84 -29.63 -18.72
N GLU E 417 -16.77 -30.91 -18.35
CA GLU E 417 -17.91 -31.61 -17.79
C GLU E 417 -18.26 -31.17 -16.37
N THR E 418 -17.25 -30.78 -15.60
CA THR E 418 -17.51 -30.33 -14.24
C THR E 418 -18.15 -28.97 -14.27
N VAL E 419 -17.62 -28.08 -15.10
CA VAL E 419 -18.17 -26.73 -15.24
C VAL E 419 -19.61 -26.80 -15.76
N ASP E 420 -19.87 -27.67 -16.73
CA ASP E 420 -21.21 -27.81 -17.29
C ASP E 420 -22.19 -28.31 -16.27
N GLU E 421 -21.77 -29.25 -15.44
CA GLU E 421 -22.68 -29.77 -14.43
C GLU E 421 -23.09 -28.66 -13.47
N LYS E 422 -22.13 -27.80 -13.13
CA LYS E 422 -22.40 -26.70 -12.22
C LYS E 422 -23.33 -25.70 -12.87
N LEU E 423 -23.17 -25.51 -14.17
CA LEU E 423 -24.02 -24.59 -14.93
C LEU E 423 -25.45 -25.12 -14.95
N LYS E 424 -25.63 -26.43 -14.96
CA LYS E 424 -26.97 -27.00 -14.95
C LYS E 424 -27.63 -26.84 -13.60
N GLU E 425 -26.87 -27.02 -12.52
CA GLU E 425 -27.44 -26.87 -11.19
C GLU E 425 -27.68 -25.40 -10.85
N ILE E 426 -26.83 -24.52 -11.35
CA ILE E 426 -27.04 -23.10 -11.11
C ILE E 426 -28.32 -22.66 -11.82
N MET E 427 -28.50 -23.09 -13.06
CA MET E 427 -29.69 -22.71 -13.82
C MET E 427 -30.96 -23.30 -13.23
N ARG E 428 -30.84 -24.41 -12.51
CA ARG E 428 -32.01 -25.02 -11.87
C ARG E 428 -32.33 -24.24 -10.60
N ASN E 429 -31.29 -23.75 -9.93
CA ASN E 429 -31.47 -22.97 -8.72
C ASN E 429 -32.15 -21.65 -9.04
N ILE E 430 -31.81 -21.09 -10.20
CA ILE E 430 -32.39 -19.83 -10.64
C ILE E 430 -33.88 -20.03 -10.94
N PHE E 431 -34.23 -21.08 -11.67
CA PHE E 431 -35.63 -21.31 -11.97
C PHE E 431 -36.45 -21.56 -10.71
N ILE E 432 -35.84 -22.25 -9.75
CA ILE E 432 -36.49 -22.57 -8.49
C ILE E 432 -36.75 -21.30 -7.67
N ALA E 433 -35.81 -20.37 -7.70
CA ALA E 433 -35.97 -19.13 -6.96
C ALA E 433 -37.02 -18.21 -7.61
N CYS E 434 -37.09 -18.23 -8.94
CA CYS E 434 -38.03 -17.40 -9.68
C CYS E 434 -39.46 -17.93 -9.62
N SER E 435 -39.61 -19.24 -9.48
CA SER E 435 -40.93 -19.85 -9.38
C SER E 435 -41.61 -19.59 -8.05
N GLU E 436 -40.89 -19.89 -6.98
CA GLU E 436 -41.40 -19.74 -5.63
C GLU E 436 -41.70 -18.32 -5.22
N ASN E 437 -40.82 -17.39 -5.60
CA ASN E 437 -41.03 -15.99 -5.27
C ASN E 437 -42.18 -15.46 -6.10
N ALA E 438 -42.32 -15.97 -7.32
CA ALA E 438 -43.39 -15.57 -8.22
C ALA E 438 -44.72 -16.05 -7.65
N LEU E 439 -44.75 -17.33 -7.27
CA LEU E 439 -45.93 -17.96 -6.70
C LEU E 439 -46.30 -17.29 -5.38
N LYS E 440 -45.28 -17.05 -4.56
CA LYS E 440 -45.44 -16.46 -3.25
C LYS E 440 -45.90 -15.03 -3.28
N TYR E 441 -45.46 -14.27 -4.28
CA TYR E 441 -45.82 -12.87 -4.36
C TYR E 441 -46.82 -12.44 -5.44
N THR E 442 -47.11 -13.30 -6.41
CA THR E 442 -48.10 -12.96 -7.45
C THR E 442 -49.07 -14.10 -7.65
N LYS E 443 -48.84 -15.20 -6.94
CA LYS E 443 -49.67 -16.40 -7.05
C LYS E 443 -49.73 -16.95 -8.48
N ASN E 444 -48.92 -16.39 -9.37
CA ASN E 444 -48.89 -16.84 -10.76
C ASN E 444 -47.99 -18.07 -10.88
N LYS E 445 -46.74 -17.93 -10.41
CA LYS E 445 -45.78 -19.03 -10.43
C LYS E 445 -44.91 -19.04 -11.67
N TYR E 446 -45.49 -18.70 -12.80
CA TYR E 446 -44.71 -18.65 -14.01
C TYR E 446 -44.54 -17.21 -14.48
N ASP E 447 -44.72 -16.29 -13.54
CA ASP E 447 -44.54 -14.87 -13.78
C ASP E 447 -43.08 -14.69 -13.39
N LEU E 448 -42.20 -15.30 -14.18
CA LEU E 448 -40.76 -15.29 -13.95
C LEU E 448 -40.11 -13.91 -13.87
N GLN E 449 -40.70 -12.95 -14.59
CA GLN E 449 -40.21 -11.58 -14.60
C GLN E 449 -40.34 -10.98 -13.20
N ALA E 450 -41.43 -11.30 -12.51
CA ALA E 450 -41.60 -10.78 -11.15
C ALA E 450 -40.69 -11.56 -10.22
N GLY E 451 -40.65 -12.88 -10.42
CA GLY E 451 -39.83 -13.74 -9.60
C GLY E 451 -38.34 -13.46 -9.66
N ALA E 452 -37.82 -13.25 -10.86
CA ALA E 452 -36.41 -12.98 -11.01
C ALA E 452 -36.06 -11.70 -10.26
N ASN E 453 -36.89 -10.67 -10.44
CA ASN E 453 -36.69 -9.39 -9.78
C ASN E 453 -36.83 -9.45 -8.27
N ILE E 454 -37.82 -10.19 -7.79
CA ILE E 454 -38.03 -10.30 -6.35
C ILE E 454 -36.89 -11.07 -5.66
N ALA E 455 -36.57 -12.25 -6.18
CA ALA E 455 -35.52 -13.09 -5.62
C ALA E 455 -34.18 -12.39 -5.65
N GLY E 456 -33.88 -11.80 -6.81
CA GLY E 456 -32.62 -11.13 -6.97
C GLY E 456 -32.49 -9.90 -6.11
N PHE E 457 -33.61 -9.29 -5.77
CA PHE E 457 -33.61 -8.07 -4.95
C PHE E 457 -33.64 -8.39 -3.44
N LEU E 458 -34.42 -9.39 -3.07
CA LEU E 458 -34.53 -9.77 -1.68
C LEU E 458 -33.21 -10.17 -1.08
N LYS E 459 -32.40 -10.90 -1.83
CA LYS E 459 -31.11 -11.32 -1.32
C LYS E 459 -30.17 -10.14 -1.15
N VAL E 460 -30.15 -9.23 -2.11
CA VAL E 460 -29.27 -8.08 -2.02
C VAL E 460 -29.69 -7.09 -0.92
N ALA E 461 -30.99 -6.96 -0.70
CA ALA E 461 -31.52 -6.05 0.30
C ALA E 461 -31.35 -6.57 1.74
N GLU E 462 -31.80 -7.81 2.02
CA GLU E 462 -31.62 -8.34 3.36
C GLU E 462 -30.16 -8.11 3.71
N SER E 463 -29.26 -8.49 2.80
CA SER E 463 -27.82 -8.33 3.02
C SER E 463 -27.38 -6.89 3.29
N TYR E 464 -27.89 -5.94 2.51
CA TYR E 464 -27.55 -4.54 2.71
C TYR E 464 -27.90 -4.10 4.12
N ILE E 465 -29.07 -4.52 4.59
CA ILE E 465 -29.55 -4.16 5.93
C ILE E 465 -28.64 -4.81 6.98
N GLU E 466 -28.33 -6.08 6.75
CA GLU E 466 -27.46 -6.83 7.66
C GLU E 466 -26.09 -6.19 7.78
N GLN E 467 -25.62 -5.57 6.70
CA GLN E 467 -24.31 -4.93 6.69
C GLN E 467 -24.27 -3.48 7.18
N GLY E 468 -25.41 -2.94 7.59
CA GLY E 468 -25.43 -1.57 8.10
C GLY E 468 -25.43 -0.40 7.14
N CYS E 469 -25.33 0.80 7.71
CA CYS E 469 -25.36 2.04 6.95
C CYS E 469 -24.10 2.41 6.15
N PHE E 470 -24.21 2.36 4.84
CA PHE E 470 -23.11 2.73 3.98
C PHE E 470 -23.59 3.04 2.55
N LEU F 4 42.24 -5.94 16.44
CA LEU F 4 41.71 -7.04 15.59
C LEU F 4 40.36 -6.65 14.96
N LYS F 5 39.59 -5.79 15.63
CA LYS F 5 38.29 -5.34 15.12
C LYS F 5 38.00 -3.88 15.52
N ASP F 6 37.03 -3.24 14.86
CA ASP F 6 36.69 -1.85 15.18
C ASP F 6 35.79 -1.75 16.42
N LYS F 7 35.39 -0.53 16.77
CA LYS F 7 34.54 -0.30 17.94
C LYS F 7 33.32 -1.20 17.90
N THR F 8 32.85 -1.44 16.67
CA THR F 8 31.68 -2.24 16.36
C THR F 8 31.94 -3.75 16.42
N GLY F 9 33.20 -4.14 16.23
CA GLY F 9 33.54 -5.55 16.25
C GLY F 9 32.91 -6.28 15.08
N ARG F 10 32.57 -5.53 14.03
CA ARG F 10 31.96 -6.13 12.84
C ARG F 10 32.94 -6.22 11.68
N PHE F 11 33.95 -5.36 11.68
CA PHE F 11 34.95 -5.37 10.62
C PHE F 11 36.29 -5.75 11.21
N VAL F 12 37.20 -6.22 10.37
CA VAL F 12 38.51 -6.61 10.86
C VAL F 12 39.56 -5.54 10.58
N VAL F 13 40.11 -4.99 11.65
CA VAL F 13 41.13 -3.95 11.58
C VAL F 13 42.48 -4.60 11.31
N LEU F 14 43.30 -3.96 10.50
CA LEU F 14 44.59 -4.50 10.13
C LEU F 14 45.68 -4.43 11.20
N ASP F 15 45.58 -3.46 12.11
CA ASP F 15 46.58 -3.23 13.17
C ASP F 15 47.50 -2.16 12.59
N LYS F 16 47.25 -0.91 12.95
CA LYS F 16 48.04 0.19 12.44
C LYS F 16 49.40 0.27 13.13
N ASN F 17 49.64 -0.68 14.03
CA ASN F 17 50.90 -0.70 14.76
C ASN F 17 51.58 -2.07 14.73
N ALA F 18 51.61 -2.68 13.56
CA ALA F 18 52.29 -3.96 13.36
C ALA F 18 53.47 -3.51 12.48
N SER F 19 54.59 -4.24 12.50
CA SER F 19 55.76 -3.85 11.70
C SER F 19 55.45 -3.77 10.20
N ASN F 20 54.99 -4.90 9.66
CA ASN F 20 54.64 -5.03 8.25
C ASN F 20 53.52 -4.09 7.77
N TYR F 21 52.61 -3.71 8.68
CA TYR F 21 51.46 -2.85 8.36
C TYR F 21 51.34 -2.21 6.95
N GLU F 22 52.21 -1.26 6.60
CA GLU F 22 52.12 -0.64 5.27
C GLU F 22 52.00 -1.65 4.11
N SER F 23 52.48 -2.88 4.32
CA SER F 23 52.39 -3.91 3.27
C SER F 23 50.99 -4.49 3.24
N LEU F 24 50.44 -4.72 4.43
CA LEU F 24 49.10 -5.26 4.56
C LEU F 24 48.08 -4.30 3.91
N VAL F 25 48.27 -2.99 4.09
CA VAL F 25 47.36 -2.03 3.48
C VAL F 25 47.51 -2.11 1.96
N ASP F 26 48.66 -2.59 1.49
CA ASP F 26 48.90 -2.71 0.06
C ASP F 26 48.41 -4.07 -0.47
N GLN F 27 48.51 -5.10 0.38
CA GLN F 27 48.06 -6.42 -0.02
C GLN F 27 46.53 -6.52 0.11
N GLU F 28 45.99 -6.23 1.29
CA GLU F 28 44.54 -6.30 1.47
C GLU F 28 43.79 -5.48 0.43
N MET F 29 44.39 -4.38 -0.02
CA MET F 29 43.75 -3.54 -1.03
C MET F 29 43.79 -4.34 -2.32
N ASN F 30 44.93 -4.97 -2.56
CA ASN F 30 45.07 -5.78 -3.75
C ASN F 30 44.06 -6.90 -3.64
N ASN F 31 43.81 -7.37 -2.43
CA ASN F 31 42.85 -8.44 -2.21
C ASN F 31 41.39 -7.97 -2.45
N VAL F 32 41.08 -6.73 -2.08
CA VAL F 32 39.75 -6.20 -2.28
C VAL F 32 39.41 -6.06 -3.76
N TYR F 33 40.42 -5.76 -4.58
CA TYR F 33 40.19 -5.61 -6.01
C TYR F 33 40.11 -6.99 -6.68
N GLU F 34 40.60 -8.00 -5.97
CA GLU F 34 40.62 -9.36 -6.48
C GLU F 34 39.23 -9.95 -6.54
N ARG F 35 38.64 -10.00 -5.36
CA ARG F 35 37.32 -10.52 -5.20
C ARG F 35 36.34 -9.69 -6.03
N VAL F 36 36.50 -8.37 -5.99
CA VAL F 36 35.64 -7.47 -6.74
C VAL F 36 35.67 -7.85 -8.21
N MET F 37 36.88 -8.06 -8.72
CA MET F 37 37.11 -8.42 -10.12
C MET F 37 36.53 -9.79 -10.46
N LYS F 38 36.78 -10.79 -9.61
CA LYS F 38 36.25 -12.13 -9.83
C LYS F 38 34.72 -12.13 -9.80
N LEU F 39 34.13 -11.17 -9.09
CA LEU F 39 32.68 -11.05 -8.99
C LEU F 39 32.11 -10.57 -10.33
N ASP F 40 32.71 -9.50 -10.86
CA ASP F 40 32.31 -8.90 -12.15
C ASP F 40 33.50 -8.92 -13.11
N PRO F 41 33.95 -10.11 -13.53
CA PRO F 41 35.08 -10.30 -14.44
C PRO F 41 35.13 -9.44 -15.69
N ASN F 42 33.98 -9.06 -16.24
CA ASN F 42 33.99 -8.28 -17.47
C ASN F 42 33.33 -6.93 -17.50
N GLN F 43 33.12 -6.35 -16.34
CA GLN F 43 32.56 -5.02 -16.28
C GLN F 43 33.81 -4.15 -16.35
N VAL F 44 34.28 -3.90 -17.58
CA VAL F 44 35.48 -3.10 -17.74
C VAL F 44 35.38 -1.71 -17.12
N GLU F 45 34.43 -0.91 -17.58
CA GLU F 45 34.30 0.45 -17.06
C GLU F 45 34.14 0.46 -15.53
N PHE F 46 33.32 -0.45 -15.00
CA PHE F 46 33.08 -0.53 -13.56
C PHE F 46 34.37 -0.79 -12.77
N LEU F 47 35.07 -1.87 -13.09
CA LEU F 47 36.28 -2.19 -12.37
C LEU F 47 37.30 -1.05 -12.41
N GLN F 48 37.23 -0.23 -13.45
CA GLN F 48 38.17 0.89 -13.58
C GLN F 48 37.87 2.03 -12.61
N ALA F 49 36.60 2.40 -12.51
CA ALA F 49 36.22 3.46 -11.58
C ALA F 49 36.43 2.99 -10.14
N PHE F 50 36.28 1.68 -9.90
CA PHE F 50 36.47 1.16 -8.55
C PHE F 50 37.95 1.15 -8.16
N HIS F 51 38.76 0.44 -8.96
CA HIS F 51 40.20 0.35 -8.73
C HIS F 51 40.76 1.75 -8.57
N GLU F 52 40.25 2.65 -9.40
CA GLU F 52 40.68 4.04 -9.41
C GLU F 52 40.41 4.73 -8.08
N ILE F 53 39.19 4.57 -7.56
CA ILE F 53 38.83 5.16 -6.28
C ILE F 53 39.56 4.39 -5.16
N LEU F 54 39.58 3.07 -5.30
CA LEU F 54 40.22 2.21 -4.31
C LEU F 54 41.61 2.76 -3.95
N TYR F 55 42.50 2.79 -4.92
CA TYR F 55 43.86 3.26 -4.70
C TYR F 55 44.01 4.75 -4.33
N SER F 56 43.12 5.60 -4.83
CA SER F 56 43.21 7.00 -4.48
C SER F 56 42.95 7.19 -2.97
N LEU F 57 42.24 6.23 -2.37
CA LEU F 57 41.86 6.26 -0.96
C LEU F 57 42.86 5.65 0.03
N LYS F 58 43.98 5.18 -0.48
CA LYS F 58 45.02 4.60 0.37
C LYS F 58 45.41 5.54 1.53
N PRO F 59 45.42 6.86 1.29
CA PRO F 59 45.78 7.79 2.37
C PRO F 59 44.82 7.63 3.56
N LEU F 60 43.53 7.42 3.23
CA LEU F 60 42.48 7.24 4.21
C LEU F 60 42.52 5.87 4.90
N PHE F 61 42.95 4.83 4.19
CA PHE F 61 43.03 3.49 4.79
C PHE F 61 44.17 3.48 5.78
N MET F 62 45.28 4.11 5.39
CA MET F 62 46.47 4.18 6.23
C MET F 62 46.09 4.49 7.67
N GLU F 63 45.27 5.52 7.85
CA GLU F 63 44.84 5.90 9.20
C GLU F 63 43.77 4.94 9.70
N GLU F 64 42.75 4.75 8.86
CA GLU F 64 41.61 3.90 9.16
C GLU F 64 41.50 2.70 8.24
N PRO F 65 42.00 1.53 8.69
CA PRO F 65 41.92 0.33 7.83
C PRO F 65 40.54 -0.33 7.88
N LYS F 66 39.68 0.13 8.80
CA LYS F 66 38.36 -0.44 8.91
C LYS F 66 37.61 -0.21 7.60
N TYR F 67 38.02 0.84 6.87
CA TYR F 67 37.41 1.23 5.60
C TYR F 67 37.75 0.36 4.38
N LEU F 68 38.56 -0.67 4.56
CA LEU F 68 38.86 -1.53 3.43
C LEU F 68 37.67 -2.47 3.23
N PRO F 69 37.24 -3.18 4.31
CA PRO F 69 36.11 -4.11 4.26
C PRO F 69 34.86 -3.39 3.77
N ILE F 70 34.73 -2.13 4.18
CA ILE F 70 33.60 -1.30 3.79
C ILE F 70 33.53 -0.96 2.30
N ILE F 71 34.57 -0.33 1.76
CA ILE F 71 34.55 0.01 0.34
C ILE F 71 34.26 -1.26 -0.46
N GLU F 72 34.77 -2.39 0.02
CA GLU F 72 34.51 -3.62 -0.70
C GLU F 72 33.02 -3.92 -0.72
N THR F 73 32.34 -3.66 0.40
CA THR F 73 30.90 -3.91 0.51
C THR F 73 30.05 -2.88 -0.24
N LEU F 74 30.49 -1.61 -0.22
CA LEU F 74 29.77 -0.55 -0.90
C LEU F 74 29.96 -0.61 -2.41
N SER F 75 30.92 -1.42 -2.88
CA SER F 75 31.18 -1.53 -4.32
C SER F 75 30.05 -2.32 -4.94
N GLU F 76 29.28 -2.97 -4.08
CA GLU F 76 28.16 -3.79 -4.51
C GLU F 76 26.87 -3.01 -4.27
N PRO F 77 26.11 -2.76 -5.35
CA PRO F 77 24.85 -2.03 -5.33
C PRO F 77 23.90 -2.65 -4.32
N GLU F 78 23.22 -1.81 -3.55
CA GLU F 78 22.30 -2.30 -2.56
C GLU F 78 21.19 -3.04 -3.28
N ARG F 79 20.91 -2.58 -4.50
CA ARG F 79 19.88 -3.17 -5.34
C ARG F 79 20.18 -2.76 -6.79
N ALA F 80 20.00 -3.68 -7.73
CA ALA F 80 20.29 -3.38 -9.12
C ALA F 80 19.25 -4.04 -10.02
N ILE F 81 18.22 -3.27 -10.38
CA ILE F 81 17.12 -3.78 -11.21
C ILE F 81 17.33 -3.63 -12.70
N GLN F 82 17.23 -4.76 -13.41
CA GLN F 82 17.37 -4.81 -14.86
C GLN F 82 16.00 -5.24 -15.33
N PHE F 83 15.49 -4.66 -16.43
CA PHE F 83 14.17 -5.03 -16.89
C PHE F 83 13.94 -4.87 -18.37
N ARG F 84 13.08 -5.71 -18.90
CA ARG F 84 12.75 -5.63 -20.31
C ARG F 84 11.63 -4.61 -20.47
N VAL F 85 11.63 -3.95 -21.63
CA VAL F 85 10.62 -2.96 -21.95
C VAL F 85 10.29 -3.15 -23.42
N CYS F 86 9.01 -3.31 -23.73
CA CYS F 86 8.56 -3.46 -25.11
C CYS F 86 7.64 -2.30 -25.48
N TRP F 87 7.90 -1.69 -26.63
CA TRP F 87 7.12 -0.57 -27.12
C TRP F 87 6.87 -0.70 -28.62
N LEU F 88 5.75 -0.16 -29.07
CA LEU F 88 5.42 -0.19 -30.49
C LEU F 88 6.18 0.96 -31.14
N ASP F 89 6.78 0.72 -32.31
CA ASP F 89 7.48 1.79 -33.00
C ASP F 89 6.46 2.47 -33.88
N ASP F 90 6.88 3.42 -34.70
CA ASP F 90 5.92 4.11 -35.55
C ASP F 90 5.33 3.23 -36.64
N ASN F 91 6.08 2.24 -37.09
CA ASN F 91 5.56 1.37 -38.13
C ASN F 91 4.61 0.37 -37.55
N GLY F 92 4.44 0.41 -36.23
CA GLY F 92 3.55 -0.52 -35.56
C GLY F 92 4.27 -1.78 -35.08
N VAL F 93 5.55 -1.92 -35.41
CA VAL F 93 6.29 -3.09 -35.00
C VAL F 93 6.64 -3.04 -33.52
N GLN F 94 6.50 -4.17 -32.82
CA GLN F 94 6.80 -4.23 -31.40
C GLN F 94 8.30 -4.33 -31.20
N ARG F 95 8.86 -3.41 -30.40
CA ARG F 95 10.29 -3.35 -30.13
C ARG F 95 10.66 -3.72 -28.70
N LYS F 96 11.94 -4.01 -28.47
CA LYS F 96 12.45 -4.38 -27.16
C LYS F 96 13.72 -3.65 -26.79
N ASN F 97 13.93 -3.48 -25.50
CA ASN F 97 15.14 -2.82 -25.02
C ASN F 97 15.41 -3.22 -23.59
N ARG F 98 16.68 -3.30 -23.25
CA ARG F 98 17.10 -3.65 -21.90
C ARG F 98 17.14 -2.35 -21.11
N CYS F 99 16.74 -2.41 -19.84
CA CYS F 99 16.75 -1.19 -19.03
C CYS F 99 17.42 -1.43 -17.67
N PHE F 100 17.76 -0.34 -16.99
CA PHE F 100 18.43 -0.45 -15.70
C PHE F 100 18.09 0.62 -14.69
N ARG F 101 18.37 0.30 -13.44
CA ARG F 101 18.21 1.23 -12.35
C ARG F 101 19.00 0.65 -11.21
N VAL F 102 20.24 1.10 -11.09
CA VAL F 102 21.11 0.62 -10.04
C VAL F 102 21.00 1.53 -8.83
N GLN F 103 20.35 1.06 -7.78
CA GLN F 103 20.24 1.85 -6.57
C GLN F 103 21.47 1.45 -5.77
N TYR F 104 22.51 2.27 -5.87
CA TYR F 104 23.80 1.97 -5.24
C TYR F 104 24.00 2.10 -3.74
N ASN F 105 23.69 3.27 -3.20
CA ASN F 105 23.89 3.49 -1.78
C ASN F 105 22.87 4.50 -1.28
N SER F 106 22.36 4.29 -0.07
CA SER F 106 21.36 5.19 0.51
C SER F 106 21.74 5.56 1.94
N ALA F 107 23.00 5.87 2.15
CA ALA F 107 23.44 6.25 3.48
C ALA F 107 23.12 7.71 3.76
N LEU F 108 23.47 8.61 2.84
CA LEU F 108 23.23 10.04 3.05
C LEU F 108 21.88 10.53 2.57
N GLY F 109 21.11 9.64 1.96
CA GLY F 109 19.80 10.04 1.47
C GLY F 109 19.24 9.07 0.47
N PRO F 110 18.12 9.40 -0.19
CA PRO F 110 17.46 8.55 -1.19
C PRO F 110 18.44 8.35 -2.33
N TYR F 111 18.18 7.38 -3.19
CA TYR F 111 19.07 7.16 -4.32
C TYR F 111 18.93 8.29 -5.33
N LYS F 112 20.05 8.87 -5.76
CA LYS F 112 20.06 9.95 -6.75
C LYS F 112 20.95 9.62 -7.93
N GLY F 113 20.44 9.91 -9.13
CA GLY F 113 21.20 9.63 -10.33
C GLY F 113 20.35 9.69 -11.60
N GLY F 114 20.95 10.21 -12.66
CA GLY F 114 20.24 10.32 -13.92
C GLY F 114 20.08 9.00 -14.63
N LEU F 115 19.38 9.06 -15.75
CA LEU F 115 19.13 7.90 -16.59
C LEU F 115 19.80 8.21 -17.92
N ARG F 116 20.30 7.19 -18.59
CA ARG F 116 20.98 7.41 -19.86
C ARG F 116 20.45 6.43 -20.90
N PHE F 117 20.08 6.96 -22.07
CA PHE F 117 19.57 6.10 -23.15
C PHE F 117 20.55 6.18 -24.30
N HIS F 118 21.50 5.25 -24.32
CA HIS F 118 22.52 5.18 -25.36
C HIS F 118 22.68 3.73 -25.78
N PRO F 119 22.83 3.49 -27.09
CA PRO F 119 22.99 2.12 -27.58
C PRO F 119 24.14 1.42 -26.86
N SER F 120 25.02 2.22 -26.28
CA SER F 120 26.18 1.71 -25.56
C SER F 120 25.89 1.25 -24.13
N VAL F 121 24.82 1.77 -23.52
CA VAL F 121 24.47 1.43 -22.14
C VAL F 121 24.37 -0.05 -21.80
N ASN F 122 24.83 -0.38 -20.60
CA ASN F 122 24.80 -1.74 -20.09
C ASN F 122 25.08 -1.70 -18.60
N LEU F 123 25.09 -2.86 -17.95
CA LEU F 123 25.30 -2.90 -16.51
C LEU F 123 26.63 -2.31 -16.05
N SER F 124 27.71 -2.67 -16.75
CA SER F 124 29.05 -2.17 -16.42
C SER F 124 29.08 -0.64 -16.46
N ILE F 125 28.60 -0.08 -17.56
CA ILE F 125 28.57 1.36 -17.68
C ILE F 125 27.68 1.99 -16.61
N VAL F 126 26.47 1.47 -16.44
CA VAL F 126 25.55 2.00 -15.44
C VAL F 126 26.17 1.96 -14.04
N LYS F 127 26.83 0.85 -13.71
CA LYS F 127 27.47 0.68 -12.40
C LYS F 127 28.62 1.67 -12.19
N PHE F 128 29.42 1.85 -13.23
CA PHE F 128 30.55 2.77 -13.18
C PHE F 128 30.02 4.18 -12.94
N LEU F 129 29.05 4.60 -13.74
CA LEU F 129 28.46 5.93 -13.61
C LEU F 129 27.73 6.01 -12.27
N GLY F 130 27.08 4.91 -11.90
CA GLY F 130 26.36 4.87 -10.65
C GLY F 130 27.26 4.92 -9.43
N PHE F 131 28.31 4.10 -9.43
CA PHE F 131 29.22 4.09 -8.28
C PHE F 131 29.74 5.51 -8.02
N GLU F 132 30.31 6.16 -9.03
CA GLU F 132 30.84 7.50 -8.85
C GLU F 132 29.76 8.46 -8.37
N GLN F 133 28.53 8.29 -8.83
CA GLN F 133 27.43 9.17 -8.39
C GLN F 133 27.36 9.31 -6.87
N ILE F 134 27.60 8.21 -6.18
CA ILE F 134 27.57 8.17 -4.73
C ILE F 134 28.39 9.33 -4.18
N PHE F 135 29.71 9.14 -4.19
CA PHE F 135 30.66 10.11 -3.69
C PHE F 135 30.41 11.51 -4.25
N LYS F 136 30.17 11.62 -5.54
CA LYS F 136 29.93 12.92 -6.13
C LYS F 136 28.75 13.57 -5.43
N ASN F 137 27.70 12.81 -5.20
CA ASN F 137 26.53 13.34 -4.54
C ASN F 137 26.81 13.53 -3.07
N SER F 138 27.90 12.94 -2.59
CA SER F 138 28.28 13.05 -1.18
C SER F 138 28.93 14.39 -0.89
N LEU F 139 29.75 14.86 -1.83
CA LEU F 139 30.47 16.12 -1.70
C LEU F 139 29.58 17.37 -1.79
N THR F 140 28.37 17.20 -2.32
CA THR F 140 27.44 18.33 -2.42
C THR F 140 27.01 18.79 -1.04
N GLY F 141 27.04 17.87 -0.08
CA GLY F 141 26.64 18.21 1.28
C GLY F 141 25.14 18.00 1.49
N LEU F 142 24.40 17.76 0.41
CA LEU F 142 22.95 17.53 0.49
C LEU F 142 22.69 16.08 0.84
N SER F 143 21.42 15.73 1.07
CA SER F 143 21.07 14.36 1.43
C SER F 143 20.76 13.51 0.20
N MET F 144 21.80 13.18 -0.58
CA MET F 144 21.62 12.41 -1.78
C MET F 144 22.43 11.10 -1.86
N GLY F 145 21.71 9.98 -1.96
CA GLY F 145 22.36 8.69 -2.08
C GLY F 145 22.77 8.54 -3.53
N GLY F 146 23.33 7.40 -3.90
CA GLY F 146 23.76 7.24 -5.28
C GLY F 146 23.05 6.21 -6.15
N GLY F 147 22.89 6.54 -7.41
CA GLY F 147 22.25 5.62 -8.33
C GLY F 147 22.34 6.10 -9.76
N LYS F 148 22.24 5.18 -10.70
CA LYS F 148 22.27 5.51 -12.13
C LYS F 148 21.30 4.57 -12.82
N GLY F 149 20.73 5.01 -13.94
CA GLY F 149 19.78 4.16 -14.65
C GLY F 149 19.92 4.26 -16.16
N GLY F 150 18.88 3.89 -16.90
CA GLY F 150 18.99 3.98 -18.34
C GLY F 150 18.57 2.77 -19.13
N SER F 151 18.78 2.85 -20.44
CA SER F 151 18.43 1.77 -21.35
C SER F 151 19.35 1.79 -22.56
N ASP F 152 19.46 0.67 -23.27
CA ASP F 152 20.29 0.59 -24.46
C ASP F 152 19.47 1.12 -25.63
N PHE F 153 18.44 1.89 -25.29
CA PHE F 153 17.54 2.49 -26.26
C PHE F 153 18.17 3.72 -26.90
N ASP F 154 17.99 3.86 -28.21
CA ASP F 154 18.58 4.97 -28.92
C ASP F 154 17.55 5.94 -29.52
N PRO F 155 17.48 7.19 -28.98
CA PRO F 155 16.55 8.23 -29.44
C PRO F 155 16.85 8.68 -30.87
N LYS F 156 18.13 8.80 -31.18
CA LYS F 156 18.53 9.21 -32.52
C LYS F 156 17.78 8.37 -33.55
N GLY F 157 16.97 9.05 -34.36
CA GLY F 157 16.22 8.35 -35.38
C GLY F 157 14.77 8.14 -35.00
N LYS F 158 14.47 8.28 -33.73
CA LYS F 158 13.11 8.10 -33.24
C LYS F 158 12.27 9.35 -33.38
N SER F 159 10.96 9.16 -33.52
CA SER F 159 10.05 10.30 -33.61
C SER F 159 9.78 10.77 -32.18
N ASP F 160 9.14 11.91 -32.03
CA ASP F 160 8.83 12.38 -30.70
C ASP F 160 7.83 11.38 -30.11
N ASN F 161 6.96 10.82 -30.96
CA ASN F 161 5.97 9.84 -30.50
C ASN F 161 6.60 8.57 -29.99
N GLU F 162 7.68 8.16 -30.63
CA GLU F 162 8.38 6.96 -30.23
C GLU F 162 9.05 7.15 -28.87
N ILE F 163 9.64 8.32 -28.66
CA ILE F 163 10.31 8.61 -27.39
C ILE F 163 9.28 8.67 -26.25
N LEU F 164 8.03 8.97 -26.59
CA LEU F 164 6.97 9.02 -25.59
C LEU F 164 6.55 7.57 -25.24
N LYS F 165 6.26 6.77 -26.27
CA LYS F 165 5.86 5.38 -26.10
C LYS F 165 6.92 4.65 -25.31
N PHE F 166 8.19 4.93 -25.57
CA PHE F 166 9.26 4.27 -24.84
C PHE F 166 9.37 4.74 -23.41
N CYS F 167 9.18 6.03 -23.19
CA CYS F 167 9.27 6.57 -21.85
C CYS F 167 8.15 6.08 -20.95
N GLN F 168 6.95 5.95 -21.52
CA GLN F 168 5.81 5.48 -20.74
C GLN F 168 6.01 4.02 -20.42
N ALA F 169 6.57 3.29 -21.37
CA ALA F 169 6.84 1.88 -21.19
C ALA F 169 7.91 1.72 -20.12
N PHE F 170 8.90 2.59 -20.16
CA PHE F 170 10.01 2.58 -19.21
C PHE F 170 9.49 2.73 -17.78
N MET F 171 8.71 3.79 -17.58
CA MET F 171 8.10 4.13 -16.30
C MET F 171 7.04 3.13 -15.79
N ASN F 172 6.43 2.36 -16.68
CA ASN F 172 5.43 1.38 -16.26
C ASN F 172 6.09 0.29 -15.42
N GLU F 173 7.42 0.22 -15.51
CA GLU F 173 8.16 -0.74 -14.74
C GLU F 173 8.94 -0.02 -13.64
N LEU F 174 9.59 1.07 -14.01
CA LEU F 174 10.40 1.82 -13.07
C LEU F 174 9.65 2.54 -11.95
N TYR F 175 8.35 2.77 -12.08
CA TYR F 175 7.63 3.50 -11.03
C TYR F 175 7.60 2.80 -9.69
N ARG F 176 7.57 1.47 -9.73
CA ARG F 176 7.51 0.65 -8.52
C ARG F 176 8.82 0.63 -7.73
N HIS F 177 9.89 1.07 -8.37
CA HIS F 177 11.20 1.10 -7.73
C HIS F 177 11.70 2.48 -7.35
N ILE F 178 11.00 3.54 -7.76
CA ILE F 178 11.44 4.90 -7.46
C ILE F 178 10.41 5.69 -6.69
N GLY F 179 10.81 6.84 -6.18
CA GLY F 179 9.90 7.69 -5.43
C GLY F 179 10.57 8.84 -4.68
N PRO F 180 9.84 9.92 -4.37
CA PRO F 180 10.28 11.13 -3.67
C PRO F 180 11.33 10.89 -2.60
N CYS F 181 11.15 9.83 -1.82
CA CYS F 181 12.06 9.48 -0.73
C CYS F 181 12.67 8.10 -0.92
N THR F 182 12.73 7.62 -2.16
CA THR F 182 13.30 6.30 -2.45
C THR F 182 14.36 6.43 -3.52
N ASP F 183 13.94 6.85 -4.71
CA ASP F 183 14.85 7.02 -5.83
C ASP F 183 14.36 8.19 -6.70
N VAL F 184 15.20 9.21 -6.88
CA VAL F 184 14.82 10.35 -7.71
C VAL F 184 15.66 10.36 -8.97
N PRO F 185 15.23 9.66 -10.04
CA PRO F 185 16.03 9.66 -11.26
C PRO F 185 16.17 11.06 -11.84
N ALA F 186 16.99 11.19 -12.86
CA ALA F 186 17.18 12.48 -13.47
C ALA F 186 17.49 12.33 -14.94
N GLY F 187 17.85 13.42 -15.59
CA GLY F 187 18.19 13.36 -16.99
C GLY F 187 19.65 13.01 -17.15
N ASP F 188 20.07 12.82 -18.40
CA ASP F 188 21.46 12.47 -18.69
C ASP F 188 21.55 12.39 -20.22
N ILE F 189 22.54 11.68 -20.74
CA ILE F 189 22.68 11.55 -22.19
C ILE F 189 21.56 10.71 -22.75
N GLY F 190 20.66 11.36 -23.47
CA GLY F 190 19.54 10.65 -24.05
C GLY F 190 18.25 11.03 -23.35
N VAL F 191 18.35 11.32 -22.07
CA VAL F 191 17.18 11.72 -21.32
C VAL F 191 17.31 13.22 -21.12
N GLY F 192 16.52 13.98 -21.88
CA GLY F 192 16.54 15.42 -21.78
C GLY F 192 15.25 15.92 -21.17
N GLY F 193 15.10 17.24 -21.07
CA GLY F 193 13.89 17.82 -20.50
C GLY F 193 12.61 17.25 -21.09
N ARG F 194 12.67 16.80 -22.33
CA ARG F 194 11.51 16.20 -22.98
C ARG F 194 11.25 14.84 -22.35
N GLU F 195 12.26 13.98 -22.40
CA GLU F 195 12.15 12.62 -21.88
C GLU F 195 11.79 12.55 -20.39
N ILE F 196 12.21 13.55 -19.63
CA ILE F 196 11.91 13.64 -18.21
C ILE F 196 10.44 14.08 -18.10
N GLY F 197 9.99 14.88 -19.06
CA GLY F 197 8.62 15.34 -19.05
C GLY F 197 7.70 14.19 -19.41
N TYR F 198 8.11 13.36 -20.35
CA TYR F 198 7.29 12.23 -20.77
C TYR F 198 7.29 11.12 -19.73
N LEU F 199 8.39 10.97 -19.02
CA LEU F 199 8.49 9.98 -17.97
C LEU F 199 7.67 10.46 -16.76
N TYR F 200 7.85 11.73 -16.40
CA TYR F 200 7.10 12.29 -15.27
C TYR F 200 5.62 12.20 -15.55
N GLY F 201 5.28 12.24 -16.84
CA GLY F 201 3.89 12.17 -17.25
C GLY F 201 3.31 10.80 -16.97
N GLN F 202 4.06 9.75 -17.31
CA GLN F 202 3.58 8.40 -17.06
C GLN F 202 3.57 8.10 -15.55
N TYR F 203 4.64 8.47 -14.87
CA TYR F 203 4.76 8.27 -13.44
C TYR F 203 3.57 8.86 -12.69
N LYS F 204 3.19 10.07 -13.06
CA LYS F 204 2.08 10.74 -12.41
C LYS F 204 0.76 10.09 -12.78
N LYS F 205 0.64 9.63 -14.03
CA LYS F 205 -0.58 8.99 -14.48
C LYS F 205 -0.84 7.67 -13.76
N ILE F 206 0.19 6.87 -13.59
CA ILE F 206 0.01 5.59 -12.93
C ILE F 206 -0.11 5.71 -11.42
N VAL F 207 0.87 6.32 -10.77
CA VAL F 207 0.85 6.49 -9.32
C VAL F 207 -0.18 7.51 -8.81
N ASN F 208 -0.63 8.42 -9.67
CA ASN F 208 -1.60 9.44 -9.29
C ASN F 208 -1.07 10.33 -8.17
N SER F 209 0.16 10.80 -8.34
CA SER F 209 0.78 11.65 -7.34
C SER F 209 1.69 12.67 -8.01
N PHE F 210 1.54 13.93 -7.63
CA PHE F 210 2.37 15.00 -8.18
C PHE F 210 3.45 15.21 -7.14
N ASN F 211 4.70 14.99 -7.51
CA ASN F 211 5.79 15.19 -6.56
C ASN F 211 7.13 15.22 -7.30
N GLY F 212 8.21 15.34 -6.54
CA GLY F 212 9.54 15.42 -7.13
C GLY F 212 10.31 14.12 -7.23
N THR F 213 9.70 13.12 -7.87
CA THR F 213 10.29 11.81 -8.08
C THR F 213 11.46 11.91 -9.05
N LEU F 214 11.45 12.97 -9.86
CA LEU F 214 12.50 13.20 -10.85
C LEU F 214 12.94 14.66 -10.75
N THR F 215 14.20 14.92 -11.02
CA THR F 215 14.68 16.30 -11.04
C THR F 215 14.94 16.58 -12.50
N GLY F 216 14.88 17.84 -12.90
CA GLY F 216 15.12 18.19 -14.29
C GLY F 216 13.82 18.47 -15.00
N LYS F 217 12.78 18.67 -14.21
CA LYS F 217 11.46 18.96 -14.74
C LYS F 217 11.38 20.41 -15.23
N ASN F 218 10.36 20.69 -16.06
CA ASN F 218 10.17 22.05 -16.57
C ASN F 218 9.79 22.92 -15.37
N VAL F 219 10.10 24.21 -15.42
CA VAL F 219 9.80 25.09 -14.29
C VAL F 219 8.31 25.28 -14.04
N LYS F 220 7.51 25.05 -15.06
CA LYS F 220 6.06 25.20 -14.90
C LYS F 220 5.44 24.14 -13.97
N TRP F 221 6.11 23.00 -13.81
CA TRP F 221 5.59 21.94 -12.96
C TRP F 221 6.61 21.24 -12.06
N GLY F 222 7.44 22.02 -11.38
CA GLY F 222 8.42 21.41 -10.49
C GLY F 222 9.85 21.81 -10.78
N GLY F 223 10.08 22.28 -12.00
CA GLY F 223 11.41 22.69 -12.38
C GLY F 223 12.01 23.75 -11.45
N SER F 224 13.29 24.03 -11.63
CA SER F 224 13.97 25.03 -10.81
C SER F 224 14.80 25.98 -11.69
N ASN F 225 14.91 27.24 -11.28
CA ASN F 225 15.70 28.20 -12.03
C ASN F 225 17.15 27.75 -11.89
N LEU F 226 17.99 28.13 -12.84
CA LEU F 226 19.40 27.75 -12.85
C LEU F 226 19.63 26.27 -13.09
N ARG F 227 18.64 25.61 -13.69
CA ARG F 227 18.71 24.19 -13.98
C ARG F 227 19.70 23.89 -15.09
N VAL F 228 19.73 24.79 -16.07
CA VAL F 228 20.60 24.66 -17.22
C VAL F 228 22.03 25.15 -16.96
N GLU F 229 22.18 26.07 -16.00
CA GLU F 229 23.50 26.64 -15.69
C GLU F 229 24.21 26.08 -14.47
N ALA F 230 23.49 25.36 -13.61
CA ALA F 230 24.07 24.84 -12.38
C ALA F 230 25.44 24.18 -12.53
N THR F 231 25.60 23.29 -13.50
CA THR F 231 26.88 22.61 -13.68
C THR F 231 28.01 23.56 -14.09
N GLY F 232 27.86 24.18 -15.26
CA GLY F 232 28.86 25.12 -15.75
C GLY F 232 29.18 26.16 -14.69
N TYR F 233 28.13 26.77 -14.14
CA TYR F 233 28.26 27.78 -13.11
C TYR F 233 29.15 27.33 -11.94
N GLY F 234 28.81 26.18 -11.36
CA GLY F 234 29.56 25.65 -10.23
C GLY F 234 31.00 25.33 -10.57
N LEU F 235 31.24 24.96 -11.83
CA LEU F 235 32.57 24.63 -12.28
C LEU F 235 33.44 25.87 -12.11
N VAL F 236 32.93 27.00 -12.59
CA VAL F 236 33.64 28.27 -12.47
C VAL F 236 33.64 28.65 -10.99
N TYR F 237 32.48 28.51 -10.34
CA TYR F 237 32.42 28.86 -8.93
C TYR F 237 33.43 28.05 -8.12
N PHE F 238 33.71 26.82 -8.54
CA PHE F 238 34.66 26.01 -7.80
C PHE F 238 36.07 26.54 -8.06
N VAL F 239 36.41 26.75 -9.33
CA VAL F 239 37.73 27.28 -9.67
C VAL F 239 37.92 28.67 -9.07
N LEU F 240 36.94 29.55 -9.28
CA LEU F 240 36.98 30.91 -8.74
C LEU F 240 37.27 30.83 -7.25
N GLU F 241 36.89 29.71 -6.65
CA GLU F 241 37.11 29.48 -5.23
C GLU F 241 38.54 28.97 -5.01
N VAL F 242 39.03 28.16 -5.94
CA VAL F 242 40.38 27.61 -5.83
C VAL F 242 41.40 28.74 -5.97
N LEU F 243 41.17 29.60 -6.94
CA LEU F 243 42.06 30.71 -7.19
C LEU F 243 42.14 31.60 -5.96
N LYS F 244 40.98 32.01 -5.42
CA LYS F 244 40.98 32.86 -4.23
C LYS F 244 41.94 32.37 -3.15
N SER F 245 41.81 31.11 -2.75
CA SER F 245 42.66 30.55 -1.70
C SER F 245 44.13 30.63 -2.08
N LEU F 246 44.41 30.91 -3.35
CA LEU F 246 45.79 31.02 -3.82
C LEU F 246 46.16 32.47 -4.01
N ASN F 247 45.14 33.32 -3.95
CA ASN F 247 45.31 34.77 -4.13
C ASN F 247 45.66 35.07 -5.58
N ILE F 248 45.02 34.35 -6.49
CA ILE F 248 45.23 34.53 -7.92
C ILE F 248 43.96 35.18 -8.47
N PRO F 249 44.04 36.45 -8.92
CA PRO F 249 42.95 37.26 -9.48
C PRO F 249 42.22 36.65 -10.67
N VAL F 250 41.04 36.09 -10.43
CA VAL F 250 40.26 35.46 -11.48
C VAL F 250 40.10 36.29 -12.76
N GLU F 251 39.93 37.61 -12.61
CA GLU F 251 39.75 38.48 -13.78
C GLU F 251 41.06 38.75 -14.55
N LYS F 252 42.10 37.95 -14.27
CA LYS F 252 43.37 38.13 -14.94
C LYS F 252 43.92 36.86 -15.58
N GLN F 253 43.03 35.92 -15.91
CA GLN F 253 43.46 34.68 -16.55
C GLN F 253 42.81 34.51 -17.90
N THR F 254 43.37 33.60 -18.70
CA THR F 254 42.82 33.30 -20.02
C THR F 254 42.35 31.86 -19.96
N ALA F 255 41.19 31.58 -20.57
CA ALA F 255 40.64 30.24 -20.52
C ALA F 255 40.23 29.64 -21.86
N VAL F 256 40.77 28.45 -22.14
CA VAL F 256 40.44 27.73 -23.36
C VAL F 256 39.44 26.71 -22.85
N VAL F 257 38.28 26.64 -23.50
CA VAL F 257 37.22 25.73 -23.08
C VAL F 257 36.56 24.94 -24.19
N SER F 258 36.30 23.66 -23.93
CA SER F 258 35.68 22.77 -24.89
C SER F 258 34.23 22.38 -24.59
N GLY F 259 33.36 22.52 -25.57
CA GLY F 259 31.97 22.14 -25.40
C GLY F 259 30.96 23.00 -26.11
N SER F 260 29.70 22.73 -25.85
CA SER F 260 28.57 23.44 -26.43
C SER F 260 27.33 22.97 -25.68
N GLY F 261 27.56 22.06 -24.74
CA GLY F 261 26.48 21.55 -23.91
C GLY F 261 26.25 22.62 -22.86
N ASN F 262 25.34 22.38 -21.92
CA ASN F 262 25.09 23.41 -20.92
C ASN F 262 26.31 23.70 -20.08
N VAL F 263 27.10 22.66 -19.80
CA VAL F 263 28.30 22.81 -18.98
C VAL F 263 29.24 23.86 -19.56
N ALA F 264 29.51 23.79 -20.86
CA ALA F 264 30.42 24.75 -21.50
C ALA F 264 29.76 26.10 -21.73
N LEU F 265 28.63 26.08 -22.42
CA LEU F 265 27.87 27.29 -22.74
C LEU F 265 27.67 28.26 -21.59
N TYR F 266 27.65 27.77 -20.35
CA TYR F 266 27.45 28.65 -19.21
C TYR F 266 28.71 28.77 -18.37
N CYS F 267 29.66 27.88 -18.63
CA CYS F 267 30.94 27.93 -17.93
C CYS F 267 31.47 29.26 -18.44
N VAL F 268 31.36 29.42 -19.75
CA VAL F 268 31.79 30.63 -20.42
C VAL F 268 31.00 31.83 -19.93
N GLN F 269 29.67 31.69 -19.87
CA GLN F 269 28.83 32.79 -19.41
C GLN F 269 29.19 33.31 -18.03
N LYS F 270 29.77 32.46 -17.19
CA LYS F 270 30.15 32.95 -15.88
C LYS F 270 31.59 33.45 -15.93
N LEU F 271 32.42 32.78 -16.74
CA LEU F 271 33.81 33.17 -16.89
C LEU F 271 33.85 34.62 -17.38
N LEU F 272 33.02 34.93 -18.37
CA LEU F 272 33.00 36.28 -18.94
C LEU F 272 32.43 37.29 -17.93
N HIS F 273 31.42 36.87 -17.18
CA HIS F 273 30.80 37.74 -16.19
C HIS F 273 31.81 38.15 -15.10
N LEU F 274 32.85 37.33 -14.88
CA LEU F 274 33.86 37.67 -13.89
C LEU F 274 35.03 38.38 -14.58
N ASN F 275 34.82 38.66 -15.87
CA ASN F 275 35.81 39.33 -16.71
C ASN F 275 36.92 38.39 -17.21
N VAL F 276 36.69 37.08 -17.12
CA VAL F 276 37.69 36.12 -17.59
C VAL F 276 37.55 36.08 -19.12
N LYS F 277 38.67 36.11 -19.83
CA LYS F 277 38.62 36.09 -21.30
C LYS F 277 38.62 34.65 -21.82
N VAL F 278 37.56 34.27 -22.51
CA VAL F 278 37.48 32.92 -23.05
C VAL F 278 37.71 33.00 -24.54
N LEU F 279 38.74 32.30 -25.01
CA LEU F 279 39.08 32.33 -26.42
C LEU F 279 38.45 31.22 -27.26
N THR F 280 37.95 30.16 -26.64
CA THR F 280 37.39 29.05 -27.42
C THR F 280 36.11 28.36 -26.93
N LEU F 281 35.52 27.56 -27.82
CA LEU F 281 34.31 26.77 -27.55
C LEU F 281 34.37 25.66 -28.58
N SER F 282 34.08 24.43 -28.15
CA SER F 282 34.19 23.29 -29.05
C SER F 282 32.92 22.57 -29.48
N ASP F 283 33.13 21.60 -30.38
CA ASP F 283 32.07 20.78 -30.92
C ASP F 283 32.73 19.58 -31.61
N SER F 284 31.97 18.48 -31.72
CA SER F 284 32.42 17.23 -32.34
C SER F 284 33.21 17.44 -33.65
N ASN F 285 32.80 18.44 -34.43
CA ASN F 285 33.44 18.75 -35.70
C ASN F 285 34.62 19.71 -35.55
N GLY F 286 34.56 20.58 -34.54
CA GLY F 286 35.66 21.51 -34.36
C GLY F 286 35.43 22.51 -33.23
N TYR F 287 36.37 23.44 -33.12
CA TYR F 287 36.31 24.46 -32.08
C TYR F 287 36.55 25.86 -32.65
N VAL F 288 35.72 26.81 -32.24
CA VAL F 288 35.84 28.19 -32.70
C VAL F 288 36.90 28.92 -31.87
N TYR F 289 37.21 30.15 -32.26
CA TYR F 289 38.23 30.93 -31.56
C TYR F 289 37.97 32.45 -31.63
N GLU F 290 38.18 33.13 -30.51
CA GLU F 290 38.03 34.59 -30.43
C GLU F 290 39.34 35.15 -29.91
N PRO F 291 40.13 35.77 -30.81
CA PRO F 291 41.43 36.36 -30.50
C PRO F 291 41.37 37.24 -29.27
N ASN F 292 40.42 38.17 -29.31
CA ASN F 292 40.19 39.12 -28.24
C ASN F 292 39.34 38.50 -27.10
N GLY F 293 38.42 37.62 -27.49
CA GLY F 293 37.57 36.96 -26.52
C GLY F 293 36.11 36.98 -26.93
N PHE F 294 35.30 36.10 -26.35
CA PHE F 294 33.88 36.09 -26.70
C PHE F 294 33.18 37.25 -26.00
N THR F 295 32.12 37.73 -26.64
CA THR F 295 31.33 38.84 -26.13
C THR F 295 30.05 38.24 -25.57
N HIS F 296 29.39 38.96 -24.67
CA HIS F 296 28.14 38.45 -24.13
C HIS F 296 27.30 38.12 -25.38
N GLU F 297 27.18 39.10 -26.29
CA GLU F 297 26.43 38.93 -27.54
C GLU F 297 27.00 37.77 -28.39
N ASN F 298 28.31 37.59 -28.33
CA ASN F 298 28.93 36.50 -29.07
C ASN F 298 28.46 35.18 -28.46
N LEU F 299 28.79 35.00 -27.18
CA LEU F 299 28.40 33.78 -26.47
C LEU F 299 26.90 33.56 -26.65
N GLU F 300 26.14 34.67 -26.64
CA GLU F 300 24.68 34.67 -26.81
C GLU F 300 24.24 34.05 -28.14
N PHE F 301 24.79 34.54 -29.26
CA PHE F 301 24.44 33.98 -30.57
C PHE F 301 24.61 32.47 -30.45
N LEU F 302 25.83 32.07 -30.06
CA LEU F 302 26.17 30.66 -29.84
C LEU F 302 25.06 29.94 -29.10
N ILE F 303 25.03 30.14 -27.78
CA ILE F 303 24.02 29.50 -26.94
C ILE F 303 22.59 29.52 -27.54
N ASP F 304 21.94 30.69 -27.50
CA ASP F 304 20.57 30.82 -28.01
C ASP F 304 20.37 30.45 -29.49
N LEU F 305 21.43 29.96 -30.16
CA LEU F 305 21.26 29.62 -31.56
C LEU F 305 21.86 28.28 -32.01
N LYS F 306 23.11 27.99 -31.70
CA LYS F 306 23.62 26.70 -32.15
C LYS F 306 23.03 25.55 -31.37
N GLU F 307 23.02 25.64 -30.03
CA GLU F 307 22.43 24.55 -29.24
C GLU F 307 20.89 24.61 -29.34
N GLU F 308 20.34 25.82 -29.15
CA GLU F 308 18.88 26.05 -29.21
C GLU F 308 18.32 25.66 -30.59
N LYS F 309 19.07 25.92 -31.65
CA LYS F 309 18.68 25.55 -33.02
C LYS F 309 19.45 24.27 -33.43
N LYS F 310 20.27 23.77 -32.51
CA LYS F 310 21.08 22.56 -32.69
C LYS F 310 21.82 22.54 -34.02
N GLY F 311 22.62 23.58 -34.24
CA GLY F 311 23.40 23.67 -35.46
C GLY F 311 24.80 23.17 -35.17
N ARG F 312 25.79 23.88 -35.70
CA ARG F 312 27.19 23.52 -35.48
C ARG F 312 28.01 24.76 -35.16
N ILE F 313 29.02 24.58 -34.30
CA ILE F 313 29.90 25.65 -33.88
C ILE F 313 30.54 26.42 -35.06
N LYS F 314 30.58 25.79 -36.24
CA LYS F 314 31.12 26.45 -37.42
C LYS F 314 30.30 27.70 -37.70
N GLU F 315 29.00 27.48 -37.89
CA GLU F 315 28.02 28.54 -38.19
C GLU F 315 28.29 29.81 -37.41
N TYR F 316 29.02 29.69 -36.30
CA TYR F 316 29.34 30.85 -35.50
C TYR F 316 29.92 31.91 -36.41
N LEU F 317 30.66 31.48 -37.44
CA LEU F 317 31.26 32.43 -38.37
C LEU F 317 30.24 33.26 -39.18
N ASN F 318 28.97 33.19 -38.77
CA ASN F 318 27.90 33.95 -39.40
C ASN F 318 27.46 35.03 -38.40
N HIS F 319 28.38 35.37 -37.52
CA HIS F 319 28.18 36.37 -36.48
C HIS F 319 29.54 36.99 -36.16
N SER F 320 30.51 36.12 -35.86
CA SER F 320 31.85 36.60 -35.52
C SER F 320 32.79 36.63 -36.70
N SER F 321 32.74 37.72 -37.44
CA SER F 321 33.61 37.88 -38.59
C SER F 321 35.01 38.03 -38.02
N THR F 322 35.09 38.18 -36.69
CA THR F 322 36.38 38.31 -36.01
C THR F 322 36.96 36.93 -35.69
N ALA F 323 36.08 35.99 -35.32
CA ALA F 323 36.49 34.63 -34.97
C ALA F 323 37.19 33.84 -36.08
N LYS F 324 37.23 32.51 -35.89
CA LYS F 324 37.85 31.60 -36.84
C LYS F 324 37.67 30.17 -36.36
N TYR F 325 37.41 29.28 -37.30
CA TYR F 325 37.21 27.85 -37.04
C TYR F 325 38.52 27.07 -37.23
N PHE F 326 38.67 25.92 -36.57
CA PHE F 326 39.89 25.15 -36.78
C PHE F 326 39.60 23.68 -36.99
N PRO F 327 39.00 23.35 -38.15
CA PRO F 327 38.62 22.00 -38.59
C PRO F 327 39.17 20.87 -37.74
N ASN F 328 38.24 20.07 -37.20
CA ASN F 328 38.56 18.92 -36.37
C ASN F 328 39.87 19.13 -35.60
N GLU F 329 39.77 19.80 -34.45
CA GLU F 329 40.93 20.04 -33.60
C GLU F 329 40.47 20.31 -32.17
N LYS F 330 41.35 20.00 -31.21
CA LYS F 330 41.04 20.23 -29.82
C LYS F 330 41.70 21.55 -29.39
N PRO F 331 40.90 22.46 -28.82
CA PRO F 331 41.34 23.77 -28.34
C PRO F 331 42.59 23.76 -27.43
N TRP F 332 42.83 22.64 -26.76
CA TRP F 332 43.97 22.50 -25.84
C TRP F 332 45.27 23.15 -26.31
N GLY F 333 45.37 23.43 -27.61
CA GLY F 333 46.56 24.08 -28.12
C GLY F 333 46.66 25.49 -27.54
N VAL F 334 45.80 26.39 -28.01
CA VAL F 334 45.75 27.77 -27.54
C VAL F 334 46.22 27.81 -26.10
N PRO F 335 47.20 28.68 -25.79
CA PRO F 335 47.72 28.78 -24.42
C PRO F 335 46.71 29.45 -23.50
N CYS F 336 46.85 29.22 -22.20
CA CYS F 336 45.93 29.80 -21.22
C CYS F 336 46.45 29.63 -19.78
N THR F 337 45.56 29.90 -18.83
CA THR F 337 45.87 29.74 -17.42
C THR F 337 44.86 28.79 -16.80
N LEU F 338 43.66 28.80 -17.37
CA LEU F 338 42.53 27.96 -16.90
C LEU F 338 41.93 27.23 -18.09
N ALA F 339 42.02 25.91 -18.10
CA ALA F 339 41.44 25.11 -19.20
C ALA F 339 40.23 24.34 -18.68
N PHE F 340 39.11 24.47 -19.39
CA PHE F 340 37.90 23.80 -18.96
C PHE F 340 37.45 22.71 -19.89
N PRO F 341 37.89 21.47 -19.61
CA PRO F 341 37.55 20.29 -20.41
C PRO F 341 36.09 19.97 -20.10
N CYS F 342 35.21 20.16 -21.07
CA CYS F 342 33.79 19.88 -20.86
C CYS F 342 33.18 19.34 -22.15
N ALA F 343 33.77 18.29 -22.71
CA ALA F 343 33.26 17.75 -23.94
C ALA F 343 32.97 16.26 -23.89
N THR F 344 34.01 15.46 -23.66
CA THR F 344 33.88 13.99 -23.61
C THR F 344 34.89 13.35 -22.67
N GLN F 345 34.75 12.04 -22.43
CA GLN F 345 35.69 11.33 -21.58
C GLN F 345 37.05 11.23 -22.28
N ASN F 346 38.12 11.51 -21.53
CA ASN F 346 39.45 11.49 -22.10
C ASN F 346 39.56 12.59 -23.16
N ASP F 347 38.74 13.63 -22.99
CA ASP F 347 38.71 14.81 -23.87
C ASP F 347 40.17 15.24 -24.09
N VAL F 348 40.91 15.33 -22.97
CA VAL F 348 42.32 15.71 -22.97
C VAL F 348 43.19 14.46 -22.80
N ASP F 349 44.13 14.27 -23.73
CA ASP F 349 45.04 13.13 -23.67
C ASP F 349 46.32 13.55 -22.94
N LEU F 350 47.46 13.04 -23.41
CA LEU F 350 48.76 13.33 -22.82
C LEU F 350 49.49 14.48 -23.53
N ASP F 351 49.71 14.31 -24.84
CA ASP F 351 50.40 15.33 -25.65
C ASP F 351 49.79 16.70 -25.40
N GLN F 352 48.46 16.74 -25.38
CA GLN F 352 47.70 17.97 -25.13
C GLN F 352 48.07 18.47 -23.74
N ALA F 353 48.15 17.54 -22.80
CA ALA F 353 48.53 17.86 -21.43
C ALA F 353 49.95 18.42 -21.43
N LYS F 354 50.66 18.21 -22.53
CA LYS F 354 52.04 18.70 -22.67
C LYS F 354 52.00 20.12 -23.23
N LEU F 355 51.11 20.35 -24.20
CA LEU F 355 50.94 21.68 -24.79
C LEU F 355 50.54 22.67 -23.66
N LEU F 356 49.38 22.43 -23.05
CA LEU F 356 48.91 23.31 -21.98
C LEU F 356 49.96 23.40 -20.87
N GLN F 357 50.70 22.31 -20.67
CA GLN F 357 51.73 22.29 -19.63
C GLN F 357 52.81 23.37 -19.90
N LYS F 358 53.32 23.38 -21.12
CA LYS F 358 54.37 24.32 -21.52
C LYS F 358 53.88 25.74 -21.82
N ASN F 359 52.57 25.97 -21.66
CA ASN F 359 51.98 27.28 -21.96
C ASN F 359 51.42 28.04 -20.76
N GLY F 360 51.78 27.61 -19.55
CA GLY F 360 51.30 28.28 -18.35
C GLY F 360 49.95 27.81 -17.87
N CYS F 361 49.46 26.68 -18.37
CA CYS F 361 48.15 26.17 -17.92
C CYS F 361 48.36 25.80 -16.45
N ILE F 362 47.82 26.61 -15.55
CA ILE F 362 47.99 26.40 -14.11
C ILE F 362 46.86 25.67 -13.39
N LEU F 363 45.72 25.52 -14.07
CA LEU F 363 44.61 24.84 -13.45
C LEU F 363 43.69 24.19 -14.45
N VAL F 364 43.50 22.89 -14.29
CA VAL F 364 42.59 22.16 -15.14
C VAL F 364 41.35 22.12 -14.28
N GLY F 365 40.18 22.32 -14.89
CA GLY F 365 38.95 22.31 -14.15
C GLY F 365 37.96 21.48 -14.92
N GLU F 366 37.89 20.19 -14.61
CA GLU F 366 36.99 19.28 -15.31
C GLU F 366 35.54 19.75 -15.32
N GLY F 367 34.94 19.76 -16.51
CA GLY F 367 33.56 20.19 -16.66
C GLY F 367 32.71 19.05 -17.19
N ALA F 368 33.38 18.00 -17.63
CA ALA F 368 32.70 16.82 -18.15
C ALA F 368 33.05 15.59 -17.31
N ASN F 369 32.55 14.45 -17.77
CA ASN F 369 32.77 13.17 -17.11
C ASN F 369 34.23 12.83 -17.43
N MET F 370 35.01 12.47 -16.40
CA MET F 370 36.44 12.15 -16.58
C MET F 370 37.02 12.56 -17.94
N PRO F 371 37.35 13.86 -18.10
CA PRO F 371 37.92 14.50 -19.29
C PRO F 371 39.39 14.20 -19.54
N SER F 372 40.17 14.11 -18.47
CA SER F 372 41.60 13.87 -18.65
C SER F 372 42.03 12.43 -18.48
N THR F 373 42.99 12.02 -19.31
CA THR F 373 43.53 10.66 -19.29
C THR F 373 44.34 10.39 -18.03
N VAL F 374 44.47 9.13 -17.67
CA VAL F 374 45.23 8.72 -16.50
C VAL F 374 46.64 9.34 -16.58
N ASP F 375 47.09 9.58 -17.81
CA ASP F 375 48.40 10.18 -18.06
C ASP F 375 48.37 11.66 -17.72
N ALA F 376 47.58 12.41 -18.49
CA ALA F 376 47.41 13.85 -18.31
C ALA F 376 47.26 14.24 -16.84
N ILE F 377 46.44 13.51 -16.10
CA ILE F 377 46.27 13.82 -14.68
C ILE F 377 47.65 13.77 -13.98
N ASN F 378 48.41 12.72 -14.30
CA ASN F 378 49.75 12.53 -13.76
C ASN F 378 50.65 13.65 -14.27
N LEU F 379 50.61 13.89 -15.59
CA LEU F 379 51.41 14.94 -16.19
C LEU F 379 51.12 16.20 -15.38
N PHE F 380 49.88 16.67 -15.44
CA PHE F 380 49.47 17.87 -14.69
C PHE F 380 49.98 17.79 -13.25
N LYS F 381 49.52 16.77 -12.52
CA LYS F 381 49.91 16.59 -11.12
C LYS F 381 51.42 16.50 -10.93
N SER F 382 52.13 16.18 -12.01
CA SER F 382 53.58 16.04 -11.98
C SER F 382 54.28 17.37 -12.23
N ASN F 383 53.53 18.35 -12.73
CA ASN F 383 54.06 19.68 -13.02
C ASN F 383 53.37 20.77 -12.19
N ASN F 384 52.73 20.33 -11.11
CA ASN F 384 52.02 21.20 -10.18
C ASN F 384 50.84 21.99 -10.75
N ILE F 385 50.17 21.44 -11.77
CA ILE F 385 49.00 22.12 -12.36
C ILE F 385 47.71 21.73 -11.61
N ILE F 386 47.04 22.72 -11.01
CA ILE F 386 45.80 22.51 -10.25
C ILE F 386 44.81 21.62 -11.01
N TYR F 387 44.56 20.42 -10.47
CA TYR F 387 43.65 19.50 -11.12
C TYR F 387 42.31 19.39 -10.39
N CYS F 388 41.26 19.92 -11.01
CA CYS F 388 39.93 19.88 -10.42
C CYS F 388 39.08 18.66 -10.82
N PRO F 389 38.92 17.71 -9.88
CA PRO F 389 38.18 16.45 -9.98
C PRO F 389 36.73 16.61 -10.36
N SER F 390 36.38 15.96 -11.45
CA SER F 390 35.01 15.95 -11.96
C SER F 390 34.00 15.93 -10.80
N LYS F 391 34.17 14.98 -9.88
CA LYS F 391 33.29 14.84 -8.71
C LYS F 391 32.98 16.15 -8.04
N ALA F 392 33.91 17.10 -8.13
CA ALA F 392 33.73 18.42 -7.52
C ALA F 392 33.29 19.51 -8.52
N ALA F 393 34.22 20.00 -9.34
CA ALA F 393 33.93 21.05 -10.32
C ALA F 393 32.56 21.02 -10.98
N ASN F 394 32.08 19.86 -11.43
CA ASN F 394 30.74 19.82 -12.06
C ASN F 394 29.62 19.29 -11.17
N ALA F 395 29.86 19.27 -9.85
CA ALA F 395 28.85 18.80 -8.90
C ALA F 395 27.65 19.74 -8.85
N GLY F 396 27.79 20.94 -9.40
CA GLY F 396 26.70 21.89 -9.39
C GLY F 396 25.44 21.33 -10.03
N GLY F 397 25.63 20.41 -10.99
CA GLY F 397 24.50 19.79 -11.65
C GLY F 397 23.69 19.01 -10.64
N VAL F 398 24.38 18.30 -9.77
CA VAL F 398 23.71 17.53 -8.74
C VAL F 398 23.24 18.53 -7.66
N ALA F 399 24.03 19.57 -7.44
CA ALA F 399 23.71 20.58 -6.45
C ALA F 399 22.30 21.11 -6.62
N ILE F 400 21.95 21.46 -7.85
CA ILE F 400 20.63 22.00 -8.16
C ILE F 400 19.59 20.90 -8.20
N SER F 401 20.06 19.68 -8.39
CA SER F 401 19.20 18.52 -8.44
C SER F 401 18.50 18.40 -7.07
N GLY F 402 19.29 18.52 -6.00
CA GLY F 402 18.73 18.45 -4.66
C GLY F 402 18.03 19.73 -4.23
N LEU F 403 18.38 20.84 -4.87
CA LEU F 403 17.74 22.11 -4.54
C LEU F 403 16.34 22.02 -5.12
N GLU F 404 16.21 21.28 -6.21
CA GLU F 404 14.91 21.10 -6.84
C GLU F 404 14.07 20.26 -5.89
N MET F 405 14.69 19.20 -5.36
CA MET F 405 14.00 18.31 -4.43
C MET F 405 13.54 19.13 -3.24
N SER F 406 14.43 19.97 -2.74
CA SER F 406 14.13 20.81 -1.61
C SER F 406 12.89 21.67 -1.94
N GLN F 407 12.94 22.32 -3.10
CA GLN F 407 11.84 23.17 -3.55
C GLN F 407 10.51 22.44 -3.77
N ASN F 408 10.55 21.23 -4.33
CA ASN F 408 9.32 20.45 -4.54
C ASN F 408 8.77 20.03 -3.18
N PHE F 409 9.68 19.64 -2.30
CA PHE F 409 9.36 19.20 -0.94
C PHE F 409 8.70 20.31 -0.11
N GLN F 410 9.14 21.54 -0.34
CA GLN F 410 8.61 22.69 0.37
C GLN F 410 7.47 23.34 -0.40
N PHE F 411 7.06 22.71 -1.50
CA PHE F 411 5.97 23.23 -2.33
C PHE F 411 6.26 24.71 -2.54
N SER F 412 7.48 24.96 -2.97
CA SER F 412 7.98 26.32 -3.17
C SER F 412 8.73 26.46 -4.50
N HIS F 413 9.13 27.69 -4.81
CA HIS F 413 9.89 27.96 -6.02
C HIS F 413 10.72 29.20 -5.80
N TRP F 414 12.02 28.99 -5.59
CA TRP F 414 12.94 30.09 -5.32
C TRP F 414 13.31 30.96 -6.51
N THR F 415 13.82 32.14 -6.22
CA THR F 415 14.25 33.06 -7.26
C THR F 415 15.55 32.53 -7.87
N ARG F 416 15.89 33.04 -9.05
CA ARG F 416 17.11 32.66 -9.74
C ARG F 416 18.28 33.09 -8.86
N GLU F 417 18.10 34.21 -8.17
CA GLU F 417 19.11 34.76 -7.27
C GLU F 417 19.38 33.86 -6.07
N THR F 418 18.31 33.44 -5.39
CA THR F 418 18.42 32.58 -4.22
C THR F 418 19.19 31.30 -4.56
N VAL F 419 18.72 30.58 -5.57
CA VAL F 419 19.34 29.33 -6.00
C VAL F 419 20.86 29.48 -6.24
N ASP F 420 21.25 30.55 -6.94
CA ASP F 420 22.65 30.83 -7.23
C ASP F 420 23.45 31.05 -5.93
N GLU F 421 22.90 31.81 -5.00
CA GLU F 421 23.61 32.04 -3.74
C GLU F 421 23.81 30.73 -3.01
N LYS F 422 22.80 29.86 -3.03
CA LYS F 422 22.95 28.59 -2.35
C LYS F 422 23.91 27.71 -3.14
N LEU F 423 23.95 27.91 -4.46
CA LEU F 423 24.84 27.14 -5.30
C LEU F 423 26.29 27.56 -5.02
N LYS F 424 26.58 28.85 -5.17
CA LYS F 424 27.93 29.37 -4.90
C LYS F 424 28.41 28.87 -3.55
N GLU F 425 27.48 28.80 -2.60
CA GLU F 425 27.82 28.36 -1.26
C GLU F 425 28.22 26.88 -1.19
N ILE F 426 27.44 26.02 -1.82
CA ILE F 426 27.75 24.58 -1.83
C ILE F 426 29.14 24.34 -2.38
N MET F 427 29.39 24.83 -3.60
CA MET F 427 30.68 24.68 -4.25
C MET F 427 31.84 25.16 -3.35
N ARG F 428 31.57 26.14 -2.50
CA ARG F 428 32.60 26.65 -1.61
C ARG F 428 32.87 25.62 -0.52
N ASN F 429 31.84 24.90 -0.11
CA ASN F 429 32.00 23.86 0.91
C ASN F 429 32.68 22.67 0.24
N ILE F 430 32.31 22.43 -1.01
CA ILE F 430 32.92 21.32 -1.74
C ILE F 430 34.43 21.60 -1.77
N PHE F 431 34.80 22.86 -1.93
CA PHE F 431 36.21 23.20 -1.96
C PHE F 431 36.88 22.99 -0.60
N ILE F 432 36.19 23.38 0.45
CA ILE F 432 36.71 23.25 1.80
C ILE F 432 36.94 21.78 2.21
N ALA F 433 35.98 20.91 1.91
CA ALA F 433 36.13 19.49 2.27
C ALA F 433 37.33 18.89 1.55
N CYS F 434 37.31 18.95 0.21
CA CYS F 434 38.42 18.43 -0.58
C CYS F 434 39.77 18.98 -0.09
N SER F 435 39.85 20.30 0.09
CA SER F 435 41.08 20.92 0.55
C SER F 435 41.50 20.38 1.90
N GLU F 436 40.68 20.61 2.91
CA GLU F 436 40.99 20.14 4.26
C GLU F 436 41.50 18.71 4.20
N ASN F 437 40.64 17.81 3.74
CA ASN F 437 40.98 16.39 3.62
C ASN F 437 42.31 16.14 2.90
N ALA F 438 42.49 16.75 1.73
CA ALA F 438 43.71 16.59 0.98
C ALA F 438 44.92 16.84 1.87
N LEU F 439 44.91 18.02 2.49
CA LEU F 439 45.98 18.45 3.40
C LEU F 439 46.18 17.44 4.53
N LYS F 440 45.08 17.06 5.17
CA LYS F 440 45.14 16.12 6.28
C LYS F 440 45.63 14.72 5.93
N TYR F 441 45.28 14.23 4.74
CA TYR F 441 45.69 12.88 4.35
C TYR F 441 46.85 12.78 3.38
N THR F 442 47.11 13.83 2.61
CA THR F 442 48.20 13.78 1.63
C THR F 442 49.13 14.99 1.70
N LYS F 443 48.88 15.86 2.68
CA LYS F 443 49.73 17.04 2.85
C LYS F 443 49.83 17.93 1.59
N ASN F 444 48.98 17.68 0.58
CA ASN F 444 49.04 18.46 -0.66
C ASN F 444 48.08 19.65 -0.68
N LYS F 445 47.00 19.59 0.10
CA LYS F 445 46.06 20.71 0.15
C LYS F 445 45.46 21.12 -1.20
N TYR F 446 46.12 20.77 -2.31
CA TYR F 446 45.59 21.10 -3.62
C TYR F 446 45.56 19.86 -4.51
N ASP F 447 45.62 18.72 -3.83
CA ASP F 447 45.52 17.43 -4.48
C ASP F 447 44.03 17.19 -4.32
N LEU F 448 43.26 17.99 -5.06
CA LEU F 448 41.80 17.96 -5.02
C LEU F 448 41.23 16.61 -5.45
N GLN F 449 41.95 15.89 -6.30
CA GLN F 449 41.48 14.58 -6.74
C GLN F 449 41.33 13.64 -5.54
N ALA F 450 42.22 13.77 -4.57
CA ALA F 450 42.18 12.94 -3.37
C ALA F 450 41.23 13.53 -2.36
N GLY F 451 41.27 14.85 -2.22
CA GLY F 451 40.38 15.51 -1.30
C GLY F 451 38.95 15.08 -1.56
N ALA F 452 38.57 15.08 -2.83
CA ALA F 452 37.25 14.70 -3.26
C ALA F 452 36.85 13.29 -2.82
N ASN F 453 37.65 12.29 -3.18
CA ASN F 453 37.36 10.89 -2.82
C ASN F 453 37.30 10.70 -1.32
N ILE F 454 38.37 11.10 -0.64
CA ILE F 454 38.43 10.95 0.81
C ILE F 454 37.28 11.63 1.53
N ALA F 455 36.76 12.71 0.98
CA ALA F 455 35.66 13.42 1.62
C ALA F 455 34.30 12.86 1.19
N GLY F 456 34.22 12.43 -0.06
CA GLY F 456 32.98 11.87 -0.56
C GLY F 456 32.73 10.52 0.08
N PHE F 457 33.77 9.69 0.13
CA PHE F 457 33.66 8.38 0.72
C PHE F 457 33.44 8.45 2.24
N LEU F 458 34.15 9.31 2.95
CA LEU F 458 33.98 9.36 4.40
C LEU F 458 32.57 9.55 4.92
N LYS F 459 31.88 10.60 4.47
CA LYS F 459 30.51 10.86 4.95
C LYS F 459 29.65 9.63 4.70
N VAL F 460 29.98 8.92 3.64
CA VAL F 460 29.26 7.74 3.29
C VAL F 460 29.57 6.60 4.24
N ALA F 461 30.85 6.24 4.32
CA ALA F 461 31.32 5.13 5.16
C ALA F 461 30.98 5.24 6.64
N GLU F 462 31.16 6.42 7.22
CA GLU F 462 30.84 6.60 8.63
C GLU F 462 29.34 6.32 8.75
N SER F 463 28.53 7.07 7.98
CA SER F 463 27.07 6.91 7.98
C SER F 463 26.67 5.44 7.89
N TYR F 464 27.27 4.73 6.93
CA TYR F 464 26.97 3.31 6.75
C TYR F 464 27.16 2.57 8.08
N ILE F 465 28.34 2.75 8.69
CA ILE F 465 28.67 2.11 9.96
C ILE F 465 27.62 2.47 11.02
N GLU F 466 27.27 3.75 11.07
CA GLU F 466 26.30 4.22 12.04
C GLU F 466 24.91 3.62 11.79
N GLN F 467 24.59 3.37 10.51
CA GLN F 467 23.28 2.84 10.16
C GLN F 467 23.11 1.34 10.42
N GLY F 468 24.21 0.61 10.55
CA GLY F 468 24.11 -0.81 10.86
C GLY F 468 24.29 -1.79 9.73
N CYS F 469 24.14 -3.07 10.04
CA CYS F 469 24.31 -4.11 9.05
C CYS F 469 23.09 -4.29 8.12
N PHE F 470 23.16 -3.67 6.94
CA PHE F 470 22.10 -3.76 5.93
C PHE F 470 22.67 -3.88 4.52
#